data_8QPK
#
_entry.id   8QPK
#
_cell.length_a   1.00
_cell.length_b   1.00
_cell.length_c   1.00
_cell.angle_alpha   90.00
_cell.angle_beta   90.00
_cell.angle_gamma   90.00
#
_symmetry.space_group_name_H-M   'P 1'
#
loop_
_entity.id
_entity.type
_entity.pdbx_description
1 polymer 'Probable ATP-dependent RNA helicase DDX23'
2 polymer 'Thioredoxin-like protein 4A'
3 polymer 'U4/U6 small nuclear ribonucleoprotein Prp31'
4 polymer 'Pre-mRNA-processing-splicing factor 8'
5 polymer 'RNA-binding protein 42'
6 polymer 'Ubiquitin carboxyl-terminal hydrolase 39'
7 polymer 'U4/U6.U5 tri-snRNP-associated protein 1'
8 polymer '116 kDa U5 small nuclear ribonucleoprotein component'
9 polymer 'U5 snRNA'
10 polymer 'U4 snRNA'
11 polymer 'U4/U6.U5 small nuclear ribonucleoprotein 27 kDa protein'
12 polymer "5'ss oligo"
13 polymer 'U6 snRNA'
14 polymer 'Pre-mRNA-processing factor 6'
15 polymer 'U5 small nuclear ribonucleoprotein 200 kDa helicase'
16 polymer 'Splicing factor 3A subunit 1'
17 non-polymer 'INOSITOL HEXAKISPHOSPHATE'
#
loop_
_entity_poly.entity_id
_entity_poly.type
_entity_poly.pdbx_seq_one_letter_code
_entity_poly.pdbx_strand_id
1 'polypeptide(L)'
;MAGELADKKDRDASPSKEERKRSRTPDRERDRDRDRKSSPSKDRKRHRSRDRRRGGSRSRSRSRSKSAERERRHKERERD
KERDRNKKDRDRDKDGHRRDKDRKRSSLSPGRGKDFKSRKDRDSKKDEEDEHGDKKPKAQPLSLEELLAKKKAEEEAEAK
PKFLSKAEREAEALKRRQQEVEERQRMLEEERKKRKQFQDLGRKMLEDPQERERRERRERMERETNGNEDEEGRQKIREE
KDKSKELHAIKERYLGGIKKRRRTRHLNDRKFVFEWDASEDTSIDYNPLYKERHQVQLLGRGFIAGIDLKQQKREQSRFY
GDLMEKRRTLEEKEQEEARLRKLRKKEAKQRWDDRHWSQKKLDEMTDRDWRIFREDYSITTKGGKIPNPIRSWKDSSLPP
HILEVIDKCGYKEPTPIQRQAIPIGLQNRDIIGVAETGSGKTAAFLIPLLVWITTLPKIDRIEESDQGPYAIILAPTREL
AQQIEEETIKFGKPLGIRTVAVIGGISREDQGFRLRMGCEIVIATPGRLIDVLENRYLVLSRCTYVVLDEADRMIDMGFE
PDVQKILEHMPVSNQKPDTDEAEDPEKMLANFESGKHKYRQTVMFTATMPPAVERLARSYLRRPAVVYIGSAGKPHERVE
QKVFLMSESEKRKKLLAILEQGFDPPIIIFVNQKKGCDVLAKSLEKMGYNACTLHGGKGQEQREFALSNLKAGAKDILVA
TDVAGRGIDIQDVSMVVNYDMAKNIEDYIHRIGRTGRAGKSGVAITFLTKEDSAVFYELKQAILESPVSSCPPELANHPD
AQHKPGTILTKKRREETIFA
;
G
2 'polypeptide(L)'
;MSYMLPHLHNGWQVDQAILSEEDRVVVIRFGHDWDPTCMKMDEVLYSIAEKVKNFAVIYLVDITEVPDFNKMYELYDPCT
VMFFFRNKHIMIDLGTGNNNKINWAMEDKQEMVDIIETVYRGARKGRGLVVSPKDYSTKYRY
;
D
3 'polypeptide(L)'
;MSLADELLADLEEAAEEEEGGSYGEEEEEPAIEDVQEETQLDLSGDSVKTIAKLWDSKMFAEIMMKIEEYISKQAKASEV
MGPVEAAPEYRVIVDANNLTVEIENELNIIHKFIRDKYSKRFPELESLVPNALDYIRTVKELGNSLDKCKNNENLQQILT
NATIMVVSVTASTTQGQQLSEEELERLEEACDMALELNASKHRIYEYVESRMSFIAPNLSIIIGASTAAKIMGVAGGLTN
LSKMPACNIMLLGAQRKTLSGFSSTSVLPHTGYIYHSDIVQSLPPDLRRKAARLVAAKCTLAARVDSFHESTEGKVGYEL
KDEIERKFDKWQEPPPVKQVKPLPAPLDGQRKKRGGRRYRKMKERLGLTEIRKQANRMSFGEIEEDAYQEDLGFSLGHLG
KSGSGRVRQTQVNEATKARISKTLQRTLQKQSVVYGGKSTIRDRSSGTASSVAFTPLQGLEIVNPQAAEKKVAEANQKYF
SSMAEFLKVKGEKSGLMST
;
L
4 'polypeptide(L)'
;MAGVFPYRGPGNPVPGPLAPLPDYMSEEKLQEKARKWQQLQAKRYAEKRKFGFVDAQKEDMPPEHVRKIIRDHGDMTNRK
FRHDKRVYLGALKYMPHAVLKLLENMPMPWEQIRDVPVLYHITGAISFVNEIPWVIEPVYISQWGSMWIMMRREKRDRRH
FKRMRFPPFDDEEPPLDYADNILDVEPLEAIQLELDPEEDAPVLDWFYDHQPLRDSRKYVNGSTYQRWQFTLPMMSTLYR
LANQLLTDLVDDNYFYLFDLKAFFTSKALNMAIPGGPKFEPLVRDINLQDEDWNEFNDINKIIIRQPIRTEYKIAFPYLY
NNLPHHVHLTWYHTPNVVFIKTEDPDLPAFYFDPLINPISHRHSVKSQEPLPDDDEEFELPEFVEPFLKDTPLYTDNTAN
GIALLWAPRPFNLRSGRTRRALDIPLVKNWYREHCPAGQPVKVRVSYQKLLKYYVLNALKHRPPKAQKKRYLFRSFKATK
FFQSTKLDWVEVGLQVCRQGYNMLNLLIHRKNLNYLHLDYNFNLKPVKTLTTKERKKSRFGNAFHLCREVLRLTKLVVDS
HVQYRLGNVDAFQLADGLQYIFAHVGQLTGMYRYKYKLMRQIRMCKDLKHLIYYRFNTGPVGKGPGCGFWAAGWRVWLFF
MRGITPLLERWLGNLLARQFEGRHSKGVAKTVTKQRVESHFDLELRAAVMHDILDMMPEGIKQNKARTILQHLSEAWRCW
KANIPWKVPGLPTPIENMILRYVKAKADWWTNTAHYNRERIRRGATVDKTVCKKNLGRLTRLYLKAEQERQHNYLKDGPY
ITAEEAVAVYTTTVHWLESRRFSPIPFPPLSYKHDTKLLILALERLKEAYSVKSRLNQSQREELGLIEQAYDNPHEALSR
IKRHLLTQRAFKEVGIEFMDLYSHLVPVYDVEPLEKITDAYLDQYLWYEADKRRLFPPWIKPADTEPPPLLVYKWCQGIN
NLQDVWETSEGECNVMLESRFEKMYEKIDLTLLNRLLRLIVDHNIADYMTAKNNVVINYKDMNHTNSYGIIRGLQFASFI
VQYYGLVMDLLVLGLHRASEMAGPPQMPNDFLSFQDIATEAAHPIRLFCRYIDRIHIFFRFTADEARDLIQRYLTEHPDP
NNENIVGYNNKKCWPRDARMRLMKHDVNLGRAVFWDIKNRLPRSVTTVQWENSFVSVYSKDNPNLLFNMCGFECRILPKC
RTSYEEFTHKDGVWNLQNEVTKERTAQCFLRVDDESMQRFHNRVRQILMASGSTTFTKIVNKWNTALIGLMTYFREAVVN
TQELLDLLVKCENKIQTRIKIGLNSKMPSRFPPVVFYTPKELGGLGMLSMGHVLIPQSDLRWSKQTDVGITHFRSGMSHE
EDQLIPNLYRYIQPWESEFIDSQRVWAEYALKRQEAIAQNRRLTLEDLEDSWDRGIPRINTLFQKDRHTLAYDKGWRVRT
DFKQYQVLKQNPFWWTHQRHDGKLWNLNNYRTDMIQALGGVEGILEHTLFKGTYFPTWEGLFWEKASGFEESMKWKKLTN
AQRSGLNQIPNRRFTLWWSPTINRANVYVGFQVQLDLTGIFMHGKIPTLKISLIQIFRAHLWQKIHESIVMDLCQVFDQE
LDALEIETVQKETIHPRKSYKMNSSCADILLFASYKWNVSRPSLLADSKDVMDSTTTQKYWIDIQLRWGDYDSHDIERYA
RAKFLDYTTDNMSIYPSPTGVLIAIDLAYNLHSAYGNWFPGSKPLIQQAMAKIMKANPALYVLRERIRKGLQLYSSEPTE
PYLSSQNYGELFSNQIIWFVDDTNVYRVTIHKTFEGNLTTKPINGAIFIFNPRTGQLFLKIIHTSVWAGQKRLGQLAKWK
TAEEVAALIRSLPVEEQPKQIIVTRKGMLDPLEVHLLDFPNIVIKGSELQLPFQACLKVEKFGDLILKATEPQMVLFNLY
DDWLKTISSYTAFSRLILILRALHVNNDRAKVILKPDKTTITEPHHIWPTLTDEEWIKVEVQLKDLILADYGKKNNVNVA
SLTQSEIRDIILGMEISAPSQQRQQIAEIEKQTKEQSQLTATQTRTVNKHGDEIITSTTSNYETQTFSSKTEWRVRAISA
ANLHLRTNHIYVSSDDIKETGYTYILPKNVLKKFICISDLRAQIAGYLYGVSPPDNPQVKEIRCIVMVPQWGTHQTVHLP
GQLPQHEYLKEMEPLGWIHTQPNESPQLSPQDVTTHAKIMADNPSWDGEKTIIITCSFTPGSCTLTAYKLTPSGYEWGRQ
NTDKGNNPKGYLPSHYERVQMLLSDRFLGFFMVPAQSSWNYNFMGVRHDPNMKYELQLANPKEFYHEVHRPSHFLNFALL
QEGEVYSADREDLYA
;
A
5 'polypeptide(L)'
;MAGAGPAPGLPGAGGPVVPGPGAGIPGKSGEERLKEMEAEMALFEQEVLGAPVPGIPTAVPAVPTVPTVPTVEAMQVPAA
PVIRPIIATNTYQQVQQTLEARAAAAATVVPPMVGGPPFVGPVGFGPGDRSHLDSPEAREAMFLRRAAVAPQRAPILRPA
FVPHVLQRADSALSSAAAGPRPMALRPPHQALVGPPLPGPPGPPMMLPPMARAPGPPLGSMAALRPPLEEPAAPRELGLG
LGLGLKEKEEAVVAAAAGLEEASAAVAVGAGGAPAGPAVIGPSLPLALAMPLPEPEPLPLPLEVVRGLLPPLRIPELLSL
RPRPRPPRPEPPPGLMALEVPEPLGEDKKKGKPEKLKRCIRTAAGSSWEDPSLLEWDADDFRIFCGDLGNEVNDDILARA
FSRFPSFLKAKVIRDKRTGKTKGYGFVSFKDPSDYVRAMREMNGKYVGSRPIKLRKSMWKDRNLDVVRKKQKEKKKLGLR
;
R
6 'polypeptide(L)'
;MSGRSKRESRGSTRGKRESESRGSSGRVKRERDREREPEAASSRGSPVRVKREFEPASAREAPASVVPFVRVKREREVDE
DSEPEREVRAKNGRVDSEDRRSRHCPYLDTINRSVLDFDFEKLCSISLSHINAYACLVCGKYFQGRGLKSHAYIHSVQFS
HHVFLNLHTLKFYCLPDNYEIIDSSLEDITYVLKPTFTKQQIANLDKQAKLSRAYDGTTYLPGIVGLNNIKANDYANAVL
QALSNVPPLRNYFLEEDNYKNIKRPPGDIMFLLVQRFGELMRKLWNPRNFKAHVSPHEMLQAVVLCSKKTFQITKQGDGV
DFLSWFLNALHSALGGTKKKKKTIVTDVFQGSMRIFTKKLPHPDLPAEEKEQLLHNDEYQETMVESTFMYLTLDLPTAPL
YKDEKEQLIIPQVPLFNILAKFNGITEKEYKTYKENFLKRFQLTKLPPYLIFCIKRFTKNNFFVEKNPTIVNFPITNVDL
REYLSEEVQAVHKNTTYDLIANIVHDGKPSEGSYRIHVLHHGTGKWYELQDLQVTDILPQMITLSEAYIQIWKRRDNDET
NQQGA
;
U
7 'polypeptide(L)'
;MGSSKKHRGEKEAAGTTAAAGTGGATEQPPRHREHKKHKHRSGGSGGSGGERRKRSRERGGERGSGRRGAEAEARSSTHG
RERSQAEPSERRVKREKRDDGYEAAASSKTSSGDASSLSIEETNKLRAKLGLKPLEVNAIKKEAGTKEEPVTADVINPMA
LRQREELREKLAAAKEKRLLNQKLGKIKTLGEDDPWLDDTAAWIERSRQLQKEKDLAEKRAKLLEEMDQEFGVSTLVEEE
FGQRRQDLYSARDLQGLTVEHAIDSFREGETMILTLKDKGVLQEEEDVLVNVNLVDKERAEKNVELRKKKPDYLPYAEDE
SVDDLAQQKPRSILSKYDEELEGERPHSFRLEQGGTADGLRERELEEIRAKLRLQAQSLSTVGPRLASEYLTPEEMVTFK
KTKRRVKKIRKKEKEVVVRADDLLPLGDQTQDGDFGSRLRGRGRRRVSEVEEEKEPVPQPLPSDDTRVENMDISDEEEGG
APPPGSPQVLEEDEAELELQKQLEKGRRLRQLQQLQQLRDSGEKVVEIVKKLESRQRGWEEDEDPERKGAIVFNATSEFC
RTLGEIPTYGLAGNREEQEELMDFERDEERSANGGSESDGEENIGWSTVNLDEEKQQQDFSASSTTILDEEPIVNRGLAA
ALLLCQNKGLLETTVQKVARVKAPNKSLPSAVYCIEDKMAIDDKYSRREEYRGFTQDFKEKDGYKPDVKIEYVDETGRKL
TPKEAFRQLSHRFHGKGSGKMKTERRMKKLDEEALLKKMSSSDTPLGTVALLQEKQKAQKTPYIVLSGSGKSMNANTITK
;
S
8 'polypeptide(L)'
;MDTDLYDEFGNYIGPELDSDEDDDELGRETKDLDEMDDDDDDDDVGDHDDDHPGMEVVLHEDKKYYPTAEEVYGPEVETI
VQEEDTQPLTEPIIKPVKTKKFTLMEQTLPVTVYEMDFLADLMDNSELIRNVTLCGHLHHGKTCFVDCLIEQTHPEIRKR
YDQDLCYTDILFTEQERGVGIKSTPVTVVLPDTKGKSYLFNIMDTPGHVNFSDEVTAGLRISDGVVLFIDAAEGVMLNTE
RLIKHAVQERLAVTVCINKIDRLILELKLPPTDAYYKLRHIVDEVNGLISMYSTDENLILSPLLGNVCFSSSQYSICFTL
GSFAKIYADTFGDINYQEFAKRLWGDIYFNPKTRKFTKKAPTSSSQRSFVEFILEPLYKILAQVVGDVDTSLPRTLDELG
IHLTKEELKLNIRPLLRLVCKKFFGEFTGFVDMCVQHIPSPKVGAKPKIEHTYTGGVDSDLGEAMSDCDPDGPLMCHTTK
MYSTDDGVQFHAFGRVLSGTIHAGQPVKVLGENYTLEDEEDSQICTVGRLWISVARYHIEVNRVPAGNWVLIEGVDQPIV
KTATITEPRGNEEAQIFRPLKFNTTSVIKIAVEPVNPSELPKMLDGLRKVNKSYPSLTTKVEESGEHVILGTGELYLDCV
MHDLRKMYSEIDIKVADPVVTFCETVVETSSLKCFAETPNKKNKITMIAEPLEKGLAEDIENEVVQITWNRKKLGEFFQT
KYDWDLLAARSIWAFGPDATGPNILVDDTLPSEVDKALLGSVKDSIVQGFQWGTREGPLCDELIRNVKFKILDAVVAQEP
LHRGGGQIIPTARRVVYSAFLMATPRLMEPYYFVEVQAPADCVSAVYTVLARRRGHVTQDAPIPGSPLYTIKAFIPAIDS
FGFETDLRTHTQGQAFSLSVFHHWQIVPGDPLDKSIVIRPLEPQPAPHLAREFMIKTRRRKGLSEDVSISKFFDDPMLLE
LAKQDVVLNYPM
;
C
9 'polyribonucleotide'
;AUACUCUGGUUUCUCUUCAGAUCGCAUAAAUCUUUCGCCUUUUACUAAAGAUUUCCGUGGAGAGGAACAACUCUGAGUCU
UAACCCAAUUUUUUGAGGCCUUGCUUUGGCAAGGCUA
;
5
10 'polyribonucleotide'
;AGCUUUGCGCAGUGGCAGUAUCGUAGCCAAUGAGGUCUAUCCGAGGCGCGAUUAUUGCUAAUUGAAAACUUUUCCCAAUA
CCCCGCCGUGACGACUUGCAAUAUAGUCGGCACUGGCAAUUUUUGACAGUCUCUACGGAGACUG
;
4
11 'polypeptide(L)'
;MGRSRSRSPRRERRRSRSTSRERERRRRERSRSRERDRRRSRSRSPHRRRSRSPRRHRSTSPSPSRLKERRDEEKKETKE
TKSKERQITEEDLEGKTEEEIEMMKLMGFASFDSTKGKKVDGSVNAYAINVSQKRKYRQYMNRKGGFNRPLDFIA
;
X
12 'polyribonucleotide' AAGGUAAGUAU z
13 'polyribonucleotide'
;GUGCUCGCUUCGGCAGCACAUAUACUAAAAUUGGAACGAUACAGAGAAGAUUAGCAUGGCCCCUGCGCAAGGAUGACACG
CAAAUUCGUGAAGCGUUCCAUAUUUU
;
6
14 'polypeptide(L)'
;MNKKKKPFLGMPAPLGYVPGLGRGATGFTTRSDIGPARDANDPVDDRHAPPGKRTVGDQMKKNQAADDDDEDLNDTNYDE
FNGYAGSLFSSGPYEKDDEEADAIYAALDKRMDERRKERREQREKEEIEKYRMERPKIQQQFSDLKRKLAEVTEEEWLSI
PEVGDARNKRQRNPRYEKLTPVPDSFFAKHLQTGENHTSVDPRQTQFGGLNTPYPGGLNTPYPGGMTPGLMTPGTGELDM
RKIGQARNTLMDMRLSQVSDSVSGQTVVDPKGYLTDLNSMIPTHGGDINDIKKARLLLKSVRETNPHHPPAWIASARLEE
VTGKLQVARNLIMKGTEMCPKSEDVWLEAARLQPGDTAKAVVAQAVRHLPQSVRIYIRAAELETDIRAKKRVLRKALEHV
PNSVRLWKAAVELEEPEDARIMLSRAVECCPTSVELWLALARLETYENARKVLNKARENIPTDRHIWITAAKLEEANGNT
QMVEKIIDRAITSLRANGVEINREQWIQDAEECDRAGSVATCQAVMRAVIGIGIEEEDRKHTWMEDADSCVAHNALECAR
AIYAYALQVFPSKKSVWLRAAYFEKNHGTRESLEALLQRAVAHCPKAEVLWLMGAKSKWLAGDVPAARSILALAFQANPN
SEEIWLAAVKLESENDEYERARRLLAKARSSAPTARVFMKSVKLEWVQDNIRAAQDLCEEALRHYEDFPKLWMMKGQIEE
QKEMMEKAREAYNQGLKKCPHSTPLWLLLSRLEEKIGQLTRARAILEKSRLKNPKNPGLWLESVRLEYRAGLKNIANTLM
AKALQECPNSGILWSEAIFLEARPQRRTKSVDALKKCEHDPHVLLAVAKLFWSQRKITKAREWFHRTVKIDSDLGDAWAF
FYKFELQHGTEEQQEEVRKRCESAEPRHGELWCAVSKDIANWQKKIGDILRLVAGRIKNTF
;
N
15 'polypeptide(L)'
;MADVTARSLQYEYKANSNLVLQADRSLIDRTRRDEPTGEVLSLVGKLEGTRMGDKAQRTKPQMQEERRAKRRKRDEDRHD
INKMKGYTLLSEGIDEMVGIIYKPKTKETRETYEVLLSFIQAALGDQPRDILCGAADEVLAVLKNEKLRDKERRKEIDLL
LGQTDDTRYHVLVNLGKKITDYGGDKEIQNMDDNIDETYGVNVQFESDEEEGDEDVYGEVREEASDDDMEGDEAVVRCTL
SANLVASGELMSSKKKDLHPRDIDAFWLQRQLSRFYDDAIVSQKKADEVLEILKTASDDRECENQLVLLLGFNTFDFIKV
LRQHRMMILYCTLLASAQSEAEKERIMGKMEADPELSKFLYQLHETEKEDLIREERSRRERVRQSRMDTDLETMDLDQGG
EALAPRQVLDLEDLVFTQGSHFMANKRCQLPDGSFRRQRKGYEEVHVPALKPKPFGSEEQLLPVEKLPKYAQAGFEGFKT
LNRIQSKLYRAALETDENLLLCAPTGAGKTNVALMCMLREIGKHINMDGTINVDDFKIIYIAPMRSLVQEMVGSFGKRLA
TYGITVAELTGDHQLCKEEISATQIIVCTPEKWDIITRKGGERTYTQLVRLIILDEIHLLHDDRGPVLEALVARAIRNIE
MTQEDVRLIGLSATLPNYEDVATFLRVDPAKGLFYFDNSFRPVPLEQTYVGITEKKAIKRFQIMNEIVYEKIMEHAGKNQ
VLVFVHSRKETGKTARAIRDMCLEKDTLGLFLREGSASTEVLRTEAEQCKNLELKDLLPYGFAIHHAGMTRVDRTLVEDL
FADKHIQVLVSTATLAWGVNLPAHTVIIKGTQVYSPEKGRWTELGALDILQMLGRAGRPQYDTKGEGILITSHGELQYYL
SLLNQQLPIESQMVSKLPDMLNAEIVLGNVQNAKDAVNWLGYAYLYIRMLRSPTLYGISHDDLKGDPLLDQRRLDLVHTA
ALMLDKNNLVKYDKKTGNFQVTELGRIASHYYITNDTVQTYNQLLKPTLSEIELFRVFSLSSEFKNITVREEEKLELQKL
LERVPIPVKESIEEPSAKINVLLQAFISQLKLEGFALMADMVYVTQSAGRLMRAIFEIVLNRGWAQLTDKTLNLCKMIDK
RMWQSMCPLRQFRKLPEEVVKKIEKKNFPFERLYDLNHNEIGELIRMPKMGKTIHKYVHLFPKLELSVHLQPITRSTLKV
ELTITPDFQWDEKVHGSSEAFWILVEDVDSEVILHHEYFLLKAKYAQDEHLITFFVPVFEPLPPQYFIRVVSDRWLSCET
QLPVSFRHLILPEKYPPPTELLDLQPLPVSALRNSAFESLYQDKFPFFNPIQTQVFNTVYNSDDNVFVGAPTGSGKTICA
EFAILRMLLQSSEGRCVYITPMEALAEQVYMDWYEKFQDRLNKKVVLLTGETSTDLKLLGKGNIIISTPEKWDILSRRWK
QRKNVQNINLFVVDEVHLIGGENGPVLEVICSRMRYISSQIERPIRIVALSSSLSNAKDVAHWLGCSATSTFNFHPNVRP
VPLELHIQGFNISHTQTRLLSMAKPVYHAITKHSPKKPVIVFVPSRKQTRLTAIDILTTCAADIQRQRFLHCTEKDLIPY
LEKLSDSTLKETLLNGVGYLHEGLSPMERRLVEQLFSSGAIQVVVASRSLCWGMNVAAHLVIIMDTQYYNGKIHAYVDYP
IYDVLQMVGHANRPLQDDEGRCVIMCQGSKKDFFKKFLYEPLPVESHLDHCMHDHFNAEIVTKTIENKQDAVDYLTWTFL
YRRMTQNPNYYNLQGISHRHLSDHLSELVEQTLSDLEQSKCISIEDEMDVAPLNLGMIAAYYYINYTTIELFSMSLNAKT
KVRGLIEIISNAAEYENIPIRHHEDNLLRQLAQKVPHKLNNPKFNDPHVKTNLLLQAHLSRMQLSAELQSDTEEILSKAI
RLIQACVDVLSSNGWLSPALAAMELAQMVTQAMWSKDSYLKQLPHFTSEHIKRCTDKGVESVFDIMEMEDEERNALLQLT
DSQIADVARFCNRYPNIELSYEVVDKDSIRSGGPVVVLVQLEREEEVTGPVIAPLFPQKREEGWWVVIGDAKSNSLISIK
RLTLQQKAKVKLDFVAPATGAHNYTLYFMSDAYMGCDQEYKFSVDVKEAETDSDSD
;
B
16 'polypeptide(L)'
;MPAGPVQAVPPPPPVPTEPKQPTEEEASSKEDSAPSKPVVGIIYPPPEVRNIVDKTASFVARNGPEFEARIRQNEINNPK
FNFLNPNDPYHAYYRHKVSEFKEGKAQEPSAAIPKVMQQQQQTTQQQLPQKVQAQVIQETIVPKEPPPEFEFIADPPSIS
AFDLDVVKLTAQFVARNGRQFLTQLMQKEQRNYQFDFLRPQHSLFNYFTKLVEQYTKILIPPKGLFSKLKKEAENPREVL
DQVCYRVEWAKFQERERKKEEEEKEKERVAYAQIDWHDFVVVETVDFQPNEQGNFPPPTTPEELGARILIQERYEKFGES
EEVEMEVESDEEDDKQEKAEEPPSQLDQDTQVQDMDEGSDDEEEGQKVPPPPETPMPPPLPPTPDQVIVRKDYDPKASKP
LPPAPAPDEYLVSPITGEKIPASKMQEHMRIGLLDPRWLEQRDRSIREKQSDDEVYAPGLDIESSLKQLAERRTDIFGVE
ETAIGKKIGEEEIQKPEEKVTWDGHSGSMARTQQAAQANITLQEQIEAIHKAKGLVPEDDTKEKIGPSKPNEIPQQPPPP
SSATNIPSSAPPITSVPRPPTMPPPVRTTVVSAVPVMPRPPMASVVRLPPGSVIAPMPPIIHAPRINVVPMPPSAPPIMA
PRPPPMIVPTAFVPAPPVAPVPAPAPMPPVHPPPPMEDEPTSKKLKTEDSLMPEEEFLRRNKGPVSIKVQVPNMQDKTEW
KLNGQVLVFTLPLTDQVSVIKVKIHEATGMPAGKQKLQYEGIFIKDSNSLAYYNMANGAVIHLALKERGGRKK
;
7
#
loop_
_chem_comp.id
_chem_comp.type
_chem_comp.name
_chem_comp.formula
A RNA linking ADENOSINE-5'-MONOPHOSPHATE 'C10 H14 N5 O7 P'
C RNA linking CYTIDINE-5'-MONOPHOSPHATE 'C9 H14 N3 O8 P'
G RNA linking GUANOSINE-5'-MONOPHOSPHATE 'C10 H14 N5 O8 P'
IHP non-polymer 'INOSITOL HEXAKISPHOSPHATE' 'C6 H18 O24 P6'
U RNA linking URIDINE-5'-MONOPHOSPHATE 'C9 H13 N2 O9 P'
#
# COMPACT_ATOMS: atom_id res chain seq x y z
N LYS A 241 -33.05 -9.15 16.36
CA LYS A 241 -31.93 -9.23 15.43
C LYS A 241 -31.93 -8.05 14.46
N ASP A 242 -33.13 -7.69 13.98
CA ASP A 242 -33.25 -6.58 13.04
C ASP A 242 -32.81 -5.27 13.66
N LYS A 243 -33.18 -5.03 14.92
CA LYS A 243 -32.75 -3.81 15.61
C LYS A 243 -31.23 -3.79 15.75
N SER A 244 -30.64 -4.91 16.16
CA SER A 244 -29.18 -4.99 16.24
C SER A 244 -28.54 -4.89 14.86
N LYS A 245 -29.22 -5.41 13.84
CA LYS A 245 -28.70 -5.28 12.48
C LYS A 245 -28.62 -3.81 12.06
N GLU A 246 -29.69 -3.05 12.31
CA GLU A 246 -29.65 -1.62 12.04
C GLU A 246 -28.59 -0.94 12.89
N LEU A 247 -28.44 -1.38 14.14
CA LEU A 247 -27.44 -0.78 15.02
C LEU A 247 -26.04 -0.91 14.43
N HIS A 248 -25.64 -2.12 14.05
CA HIS A 248 -24.27 -2.27 13.55
C HIS A 248 -24.14 -1.69 12.15
N ALA A 249 -25.23 -1.65 11.37
CA ALA A 249 -25.18 -0.97 10.08
C ALA A 249 -24.87 0.51 10.24
N ILE A 250 -25.55 1.17 11.18
CA ILE A 250 -25.28 2.58 11.42
C ILE A 250 -23.88 2.77 12.01
N LYS A 251 -23.45 1.85 12.88
CA LYS A 251 -22.09 1.92 13.40
C LYS A 251 -21.06 1.83 12.29
N GLU A 252 -21.24 0.91 11.34
CA GLU A 252 -20.32 0.79 10.23
C GLU A 252 -20.38 2.01 9.32
N ARG A 253 -21.57 2.60 9.15
CA ARG A 253 -21.70 3.80 8.35
C ARG A 253 -20.94 4.97 8.95
N TYR A 254 -21.11 5.19 10.26
CA TYR A 254 -20.50 6.33 10.94
C TYR A 254 -19.16 5.98 11.59
N LEU A 255 -19.16 5.03 12.52
CA LEU A 255 -17.95 4.65 13.24
C LEU A 255 -17.13 3.65 12.43
N ARG A 270 -0.77 -19.72 -8.54
CA ARG A 270 -1.30 -19.24 -7.27
C ARG A 270 -2.36 -20.19 -6.74
N LYS A 271 -3.13 -19.72 -5.75
CA LYS A 271 -4.22 -20.52 -5.17
C LYS A 271 -5.40 -20.47 -6.14
N PHE A 272 -5.38 -21.38 -7.11
CA PHE A 272 -6.40 -21.40 -8.15
C PHE A 272 -7.76 -21.78 -7.56
N VAL A 273 -8.82 -21.22 -8.13
CA VAL A 273 -10.18 -21.45 -7.67
C VAL A 273 -11.00 -21.97 -8.84
N PHE A 274 -11.83 -22.99 -8.58
CA PHE A 274 -12.58 -23.65 -9.63
C PHE A 274 -13.75 -22.78 -10.11
N GLU A 275 -14.46 -22.16 -9.18
CA GLU A 275 -15.64 -21.35 -9.53
C GLU A 275 -15.81 -20.27 -8.47
N TRP A 276 -16.88 -19.49 -8.63
CA TRP A 276 -17.15 -18.39 -7.72
C TRP A 276 -17.44 -18.91 -6.31
N ASP A 277 -17.29 -18.01 -5.35
CA ASP A 277 -17.56 -18.30 -3.94
C ASP A 277 -18.73 -17.45 -3.45
N ALA A 278 -19.47 -17.99 -2.49
CA ALA A 278 -20.65 -17.32 -1.98
C ALA A 278 -20.34 -16.19 -1.01
N SER A 279 -19.07 -15.99 -0.65
CA SER A 279 -18.69 -14.92 0.27
C SER A 279 -18.81 -13.54 -0.36
N GLU A 280 -18.99 -13.45 -1.67
CA GLU A 280 -19.07 -12.17 -2.36
C GLU A 280 -20.50 -11.68 -2.53
N ASP A 281 -21.49 -12.40 -2.02
CA ASP A 281 -22.88 -11.98 -2.17
C ASP A 281 -23.13 -10.69 -1.41
N THR A 282 -23.86 -9.77 -2.06
CA THR A 282 -24.17 -8.47 -1.48
C THR A 282 -25.66 -8.28 -1.20
N SER A 283 -26.51 -9.20 -1.65
CA SER A 283 -27.96 -9.03 -1.54
C SER A 283 -28.47 -9.11 -0.11
N ILE A 284 -27.63 -9.49 0.85
CA ILE A 284 -28.08 -9.66 2.23
C ILE A 284 -28.31 -8.29 2.86
N ASP A 285 -29.57 -7.87 2.90
CA ASP A 285 -29.97 -6.62 3.53
C ASP A 285 -31.00 -6.92 4.61
N TYR A 286 -30.77 -6.41 5.82
CA TYR A 286 -31.65 -6.71 6.94
C TYR A 286 -33.01 -6.06 6.77
N ASN A 287 -33.07 -4.90 6.09
CA ASN A 287 -34.32 -4.16 5.92
C ASN A 287 -35.37 -5.02 5.24
N PRO A 288 -36.44 -5.40 5.96
CA PRO A 288 -37.43 -6.31 5.36
C PRO A 288 -38.07 -5.76 4.11
N LEU A 289 -38.29 -4.44 4.02
CA LEU A 289 -38.85 -3.87 2.80
C LEU A 289 -37.91 -4.08 1.63
N TYR A 290 -36.62 -3.81 1.82
CA TYR A 290 -35.65 -4.05 0.76
C TYR A 290 -35.38 -5.54 0.57
N LYS A 291 -35.31 -6.29 1.67
CA LYS A 291 -35.06 -7.72 1.57
C LYS A 291 -36.20 -8.44 0.87
N GLU A 292 -37.44 -8.10 1.22
CA GLU A 292 -38.63 -8.70 0.62
C GLU A 292 -39.27 -7.64 -0.26
N ARG A 293 -38.92 -7.66 -1.55
CA ARG A 293 -39.42 -6.70 -2.53
C ARG A 293 -40.59 -7.31 -3.28
N HIS A 294 -41.67 -6.55 -3.39
CA HIS A 294 -42.87 -7.02 -4.09
C HIS A 294 -42.55 -7.27 -5.56
N GLN A 295 -42.75 -8.50 -6.00
CA GLN A 295 -42.48 -8.86 -7.38
C GLN A 295 -43.42 -8.11 -8.30
N VAL A 296 -42.87 -7.58 -9.40
CA VAL A 296 -43.63 -6.70 -10.31
C VAL A 296 -44.37 -7.62 -11.29
N GLN A 297 -45.60 -7.97 -10.93
CA GLN A 297 -46.41 -8.86 -11.76
C GLN A 297 -47.14 -8.12 -12.88
N LEU A 298 -47.06 -6.79 -12.92
CA LEU A 298 -47.67 -5.98 -13.97
C LEU A 298 -49.17 -6.21 -14.06
N LEU A 299 -49.80 -6.55 -12.93
CA LEU A 299 -51.24 -6.83 -12.85
C LEU A 299 -51.63 -7.94 -13.82
N GLY A 300 -51.03 -9.11 -13.58
CA GLY A 300 -51.27 -10.27 -14.40
C GLY A 300 -50.57 -10.28 -15.73
N ARG A 301 -49.74 -9.28 -16.01
CA ARG A 301 -49.06 -9.17 -17.29
C ARG A 301 -47.56 -9.39 -17.17
N GLY A 302 -47.05 -9.68 -15.98
CA GLY A 302 -45.64 -9.91 -15.78
C GLY A 302 -45.24 -11.35 -16.05
N PHE A 303 -44.51 -11.58 -17.12
CA PHE A 303 -44.06 -12.92 -17.52
C PHE A 303 -42.54 -12.88 -17.68
N ILE A 304 -41.83 -13.33 -16.64
CA ILE A 304 -40.38 -13.38 -16.71
C ILE A 304 -39.96 -14.38 -17.79
N ALA A 305 -38.80 -14.14 -18.39
CA ALA A 305 -38.36 -14.95 -19.53
C ALA A 305 -38.16 -16.41 -19.12
N GLY A 306 -37.24 -16.67 -18.19
CA GLY A 306 -36.90 -18.04 -17.85
C GLY A 306 -37.93 -18.75 -17.01
N ILE A 307 -38.77 -17.99 -16.29
CA ILE A 307 -39.78 -18.60 -15.44
C ILE A 307 -40.81 -19.31 -16.30
N ASP A 308 -41.16 -20.54 -15.89
CA ASP A 308 -42.13 -21.33 -16.64
C ASP A 308 -43.47 -20.61 -16.73
N LEU A 309 -44.04 -20.58 -17.93
CA LEU A 309 -45.30 -19.87 -18.14
C LEU A 309 -46.41 -20.45 -17.29
N LYS A 310 -46.58 -21.77 -17.30
CA LYS A 310 -47.59 -22.40 -16.48
C LYS A 310 -47.31 -22.20 -15.00
N GLN A 311 -46.04 -22.36 -14.59
CA GLN A 311 -45.68 -22.12 -13.20
C GLN A 311 -45.90 -20.66 -12.81
N GLN A 312 -45.54 -19.74 -13.71
CA GLN A 312 -45.75 -18.32 -13.42
C GLN A 312 -47.23 -18.01 -13.25
N LYS A 313 -48.08 -18.61 -14.09
CA LYS A 313 -49.52 -18.47 -13.91
C LYS A 313 -49.95 -19.02 -12.55
N ARG A 314 -49.42 -20.20 -12.18
CA ARG A 314 -49.67 -20.72 -10.84
C ARG A 314 -49.03 -19.84 -9.78
N GLU A 315 -47.80 -19.37 -10.02
CA GLU A 315 -47.10 -18.54 -9.04
C GLU A 315 -47.66 -17.12 -9.00
N GLN A 316 -48.49 -16.73 -9.96
CA GLN A 316 -49.08 -15.40 -9.96
C GLN A 316 -49.98 -15.23 -8.73
N SER A 317 -49.95 -14.02 -8.17
CA SER A 317 -50.74 -13.73 -6.98
C SER A 317 -52.24 -13.76 -7.24
N ARG A 318 -52.66 -13.76 -8.50
CA ARG A 318 -54.06 -13.84 -8.93
C ARG A 318 -54.90 -12.67 -8.41
N PHE A 319 -54.28 -11.64 -7.85
CA PHE A 319 -55.02 -10.45 -7.45
C PHE A 319 -55.65 -9.78 -8.66
N TYR A 320 -54.85 -9.56 -9.71
CA TYR A 320 -55.38 -8.97 -10.93
C TYR A 320 -56.41 -9.88 -11.58
N GLY A 321 -56.16 -11.18 -11.59
CA GLY A 321 -57.12 -12.11 -12.16
C GLY A 321 -58.45 -12.09 -11.42
N ASP A 322 -58.39 -12.13 -10.09
CA ASP A 322 -59.61 -12.08 -9.29
C ASP A 322 -60.36 -10.77 -9.49
N LEU A 323 -59.62 -9.65 -9.52
CA LEU A 323 -60.25 -8.36 -9.73
C LEU A 323 -60.92 -8.28 -11.10
N MET A 324 -60.25 -8.81 -12.13
CA MET A 324 -60.85 -8.83 -13.46
C MET A 324 -62.09 -9.73 -13.51
N GLU A 325 -62.04 -10.86 -12.83
CA GLU A 325 -63.21 -11.74 -12.77
C GLU A 325 -64.38 -11.05 -12.09
N LYS A 326 -64.12 -10.34 -10.99
CA LYS A 326 -65.19 -9.62 -10.30
C LYS A 326 -65.73 -8.49 -11.18
N ARG A 327 -64.85 -7.74 -11.83
CA ARG A 327 -65.27 -6.62 -12.65
C ARG A 327 -65.86 -7.04 -13.99
N ARG A 328 -65.57 -8.25 -14.45
CA ARG A 328 -66.10 -8.71 -15.72
C ARG A 328 -67.62 -8.86 -15.66
N THR A 329 -68.29 -8.41 -16.73
CA THR A 329 -69.73 -8.53 -16.82
C THR A 329 -70.12 -9.96 -17.17
N LEU A 330 -71.44 -10.19 -17.26
CA LEU A 330 -71.92 -11.53 -17.58
C LEU A 330 -71.46 -11.95 -18.98
N GLU A 331 -71.54 -11.05 -19.96
CA GLU A 331 -71.02 -11.34 -21.28
C GLU A 331 -69.52 -11.53 -21.26
N GLU A 332 -68.81 -10.67 -20.52
CA GLU A 332 -67.36 -10.83 -20.39
C GLU A 332 -67.02 -12.14 -19.70
N LYS A 333 -67.78 -12.51 -18.68
CA LYS A 333 -67.55 -13.79 -18.00
C LYS A 333 -67.77 -14.95 -18.96
N GLU A 334 -68.82 -14.88 -19.79
CA GLU A 334 -69.07 -15.95 -20.75
C GLU A 334 -67.94 -16.06 -21.77
N GLN A 335 -67.45 -14.92 -22.27
CA GLN A 335 -66.36 -14.94 -23.22
C GLN A 335 -65.09 -15.51 -22.59
N GLU A 336 -64.81 -15.11 -21.34
CA GLU A 336 -63.64 -15.65 -20.65
C GLU A 336 -63.77 -17.15 -20.43
N GLU A 337 -64.97 -17.61 -20.06
CA GLU A 337 -65.18 -19.04 -19.87
C GLU A 337 -64.97 -19.80 -21.16
N ALA A 338 -65.47 -19.28 -22.28
CA ALA A 338 -65.26 -19.93 -23.57
C ALA A 338 -63.78 -19.96 -23.93
N ARG A 339 -63.07 -18.85 -23.70
CA ARG A 339 -61.65 -18.80 -24.02
C ARG A 339 -60.85 -19.79 -23.20
N LEU A 340 -61.13 -19.87 -21.90
CA LEU A 340 -60.43 -20.84 -21.05
C LEU A 340 -60.81 -22.27 -21.39
N ARG A 341 -62.06 -22.51 -21.81
CA ARG A 341 -62.43 -23.86 -22.25
C ARG A 341 -61.65 -24.25 -23.50
N LYS A 342 -61.52 -23.33 -24.45
CA LYS A 342 -60.74 -23.62 -25.65
C LYS A 342 -59.26 -23.82 -25.30
N LEU A 343 -58.74 -23.03 -24.37
CA LEU A 343 -57.35 -23.21 -23.94
C LEU A 343 -57.15 -24.56 -23.28
N ARG A 344 -58.11 -25.00 -22.45
CA ARG A 344 -58.02 -26.31 -21.82
C ARG A 344 -58.09 -27.42 -22.85
N LYS A 345 -58.95 -27.27 -23.86
CA LYS A 345 -59.00 -28.26 -24.93
C LYS A 345 -57.68 -28.33 -25.68
N LYS A 346 -57.07 -27.18 -25.96
CA LYS A 346 -55.77 -27.16 -26.62
C LYS A 346 -54.70 -27.83 -25.75
N GLU A 347 -54.73 -27.54 -24.44
CA GLU A 347 -53.76 -28.16 -23.53
C GLU A 347 -53.94 -29.67 -23.48
N ALA A 348 -55.18 -30.14 -23.49
CA ALA A 348 -55.44 -31.58 -23.58
C ALA A 348 -54.91 -32.16 -24.88
N LYS A 349 -55.07 -31.42 -25.98
CA LYS A 349 -54.54 -31.87 -27.26
C LYS A 349 -53.03 -32.01 -27.21
N GLN A 350 -52.32 -31.04 -26.61
CA GLN A 350 -50.87 -31.15 -26.50
C GLN A 350 -50.46 -32.28 -25.57
N ARG A 351 -51.13 -32.42 -24.43
CA ARG A 351 -50.75 -33.48 -23.48
C ARG A 351 -51.04 -34.86 -24.05
N TRP A 352 -52.00 -34.98 -24.97
CA TRP A 352 -52.25 -36.26 -25.62
C TRP A 352 -51.04 -36.71 -26.43
N ASP A 353 -50.41 -35.77 -27.14
CA ASP A 353 -49.21 -36.12 -27.90
C ASP A 353 -48.07 -36.53 -26.99
N ASP A 354 -47.87 -35.82 -25.88
CA ASP A 354 -46.79 -36.12 -24.97
C ASP A 354 -47.08 -37.41 -24.21
N ARG A 355 -46.08 -38.29 -24.14
CA ARG A 355 -46.20 -39.58 -23.44
C ARG A 355 -47.39 -40.38 -23.96
N HIS A 356 -47.57 -40.38 -25.27
CA HIS A 356 -48.68 -41.09 -25.90
C HIS A 356 -48.41 -42.60 -25.93
N SER B 2 32.64 3.52 -20.57
CA SER B 2 31.91 3.88 -21.77
C SER B 2 32.17 2.87 -22.90
N TYR B 3 32.15 1.59 -22.54
CA TYR B 3 32.33 0.48 -23.49
C TYR B 3 33.67 0.61 -24.23
N MET B 4 34.74 0.63 -23.45
CA MET B 4 36.09 0.63 -23.99
C MET B 4 36.75 -0.74 -23.94
N LEU B 5 36.01 -1.77 -23.54
CA LEU B 5 36.54 -3.11 -23.52
C LEU B 5 36.76 -3.61 -24.96
N PRO B 6 37.69 -4.54 -25.16
CA PRO B 6 37.91 -5.06 -26.52
C PRO B 6 36.66 -5.74 -27.05
N HIS B 7 36.39 -5.52 -28.34
CA HIS B 7 35.21 -6.04 -28.99
C HIS B 7 35.59 -6.78 -30.27
N LEU B 8 34.92 -7.90 -30.52
CA LEU B 8 35.20 -8.72 -31.70
C LEU B 8 34.47 -8.11 -32.90
N HIS B 9 35.24 -7.49 -33.80
CA HIS B 9 34.66 -6.95 -35.02
C HIS B 9 34.13 -8.07 -35.92
N ASN B 10 34.87 -9.17 -36.01
CA ASN B 10 34.50 -10.30 -36.85
C ASN B 10 34.21 -11.52 -35.99
N GLY B 11 33.29 -12.36 -36.47
CA GLY B 11 32.91 -13.54 -35.72
C GLY B 11 34.04 -14.54 -35.56
N TRP B 12 34.77 -14.80 -36.65
CA TRP B 12 35.88 -15.74 -36.58
C TRP B 12 36.99 -15.23 -35.67
N GLN B 13 37.15 -13.91 -35.56
CA GLN B 13 38.14 -13.35 -34.65
C GLN B 13 37.83 -13.73 -33.21
N VAL B 14 36.55 -13.70 -32.83
CA VAL B 14 36.16 -14.12 -31.49
C VAL B 14 36.47 -15.60 -31.28
N ASP B 15 36.26 -16.42 -32.32
CA ASP B 15 36.51 -17.85 -32.21
C ASP B 15 37.98 -18.12 -31.90
N GLN B 16 38.89 -17.52 -32.67
CA GLN B 16 40.31 -17.74 -32.43
C GLN B 16 40.78 -17.05 -31.15
N ALA B 17 40.14 -15.95 -30.76
CA ALA B 17 40.48 -15.31 -29.49
C ALA B 17 40.13 -16.22 -28.32
N ILE B 18 38.97 -16.88 -28.38
CA ILE B 18 38.61 -17.85 -27.34
C ILE B 18 39.53 -19.07 -27.42
N LEU B 19 39.90 -19.48 -28.63
CA LEU B 19 40.81 -20.61 -28.78
C LEU B 19 42.19 -20.28 -28.24
N SER B 20 42.65 -19.05 -28.44
CA SER B 20 43.98 -18.62 -27.98
C SER B 20 43.90 -18.23 -26.50
N GLU B 21 43.72 -19.24 -25.66
CA GLU B 21 43.65 -19.07 -24.22
C GLU B 21 44.56 -20.09 -23.54
N GLU B 22 45.16 -19.69 -22.43
CA GLU B 22 46.07 -20.54 -21.67
C GLU B 22 45.99 -20.15 -20.20
N ASP B 23 45.46 -21.06 -19.38
CA ASP B 23 45.35 -20.85 -17.93
C ASP B 23 44.55 -19.59 -17.59
N ARG B 24 43.64 -19.21 -18.48
CA ARG B 24 42.82 -18.03 -18.29
C ARG B 24 41.38 -18.34 -18.68
N VAL B 25 40.45 -17.57 -18.12
CA VAL B 25 39.03 -17.68 -18.42
C VAL B 25 38.65 -16.58 -19.41
N VAL B 26 37.97 -16.97 -20.49
CA VAL B 26 37.58 -16.05 -21.56
C VAL B 26 36.09 -15.78 -21.39
N VAL B 27 35.75 -14.63 -20.82
CA VAL B 27 34.36 -14.23 -20.63
C VAL B 27 33.93 -13.49 -21.89
N ILE B 28 33.20 -14.18 -22.76
CA ILE B 28 32.67 -13.57 -23.97
C ILE B 28 31.25 -13.07 -23.67
N ARG B 29 31.08 -11.76 -23.65
CA ARG B 29 29.80 -11.13 -23.34
C ARG B 29 29.09 -10.81 -24.64
N PHE B 30 28.11 -11.65 -25.00
CA PHE B 30 27.33 -11.44 -26.20
C PHE B 30 26.24 -10.40 -25.94
N GLY B 31 25.93 -9.62 -26.96
CA GLY B 31 24.88 -8.63 -26.87
C GLY B 31 25.23 -7.41 -27.69
N HIS B 32 24.60 -6.29 -27.33
CA HIS B 32 24.78 -5.02 -28.02
C HIS B 32 25.07 -3.93 -27.01
N ASP B 33 26.03 -3.07 -27.34
CA ASP B 33 26.45 -2.02 -26.41
C ASP B 33 25.36 -0.98 -26.20
N TRP B 34 24.53 -0.73 -27.21
CA TRP B 34 23.52 0.32 -27.11
C TRP B 34 22.36 -0.05 -26.20
N ASP B 35 22.21 -1.33 -25.86
CA ASP B 35 21.17 -1.72 -24.91
C ASP B 35 21.49 -1.15 -23.53
N PRO B 36 20.47 -0.72 -22.78
CA PRO B 36 20.76 -0.12 -21.46
C PRO B 36 21.17 -1.14 -20.42
N THR B 37 20.48 -2.28 -20.35
CA THR B 37 20.89 -3.34 -19.43
C THR B 37 22.25 -3.89 -19.84
N CYS B 38 22.47 -4.07 -21.14
CA CYS B 38 23.79 -4.50 -21.60
C CYS B 38 24.84 -3.43 -21.35
N MET B 39 24.46 -2.15 -21.37
CA MET B 39 25.39 -1.10 -20.99
C MET B 39 25.79 -1.22 -19.52
N LYS B 40 24.82 -1.51 -18.65
CA LYS B 40 25.14 -1.72 -17.25
C LYS B 40 26.05 -2.94 -17.07
N MET B 41 25.77 -4.02 -17.81
CA MET B 41 26.63 -5.20 -17.74
C MET B 41 28.04 -4.89 -18.21
N ASP B 42 28.17 -4.11 -19.28
CA ASP B 42 29.48 -3.72 -19.77
C ASP B 42 30.22 -2.85 -18.77
N GLU B 43 29.50 -1.95 -18.09
CA GLU B 43 30.12 -1.15 -17.05
C GLU B 43 30.62 -2.01 -15.90
N VAL B 44 29.83 -3.00 -15.50
CA VAL B 44 30.25 -3.91 -14.44
C VAL B 44 31.48 -4.69 -14.86
N LEU B 45 31.49 -5.18 -16.11
CA LEU B 45 32.65 -5.92 -16.61
C LEU B 45 33.89 -5.04 -16.66
N TYR B 46 33.72 -3.78 -17.06
CA TYR B 46 34.84 -2.84 -17.05
C TYR B 46 35.38 -2.63 -15.65
N SER B 47 34.48 -2.49 -14.66
CA SER B 47 34.92 -2.34 -13.28
C SER B 47 35.69 -3.57 -12.81
N ILE B 48 35.22 -4.76 -13.18
CA ILE B 48 35.90 -5.99 -12.77
C ILE B 48 37.24 -6.15 -13.48
N ALA B 49 37.35 -5.66 -14.72
CA ALA B 49 38.47 -6.02 -15.58
C ALA B 49 39.81 -5.64 -14.97
N GLU B 50 39.90 -4.46 -14.35
CA GLU B 50 41.17 -4.03 -13.77
C GLU B 50 41.59 -4.93 -12.62
N LYS B 51 40.62 -5.37 -11.80
CA LYS B 51 40.96 -6.14 -10.60
C LYS B 51 41.34 -7.57 -10.89
N VAL B 52 40.81 -8.17 -11.96
CA VAL B 52 41.01 -9.60 -12.20
C VAL B 52 41.58 -9.85 -13.59
N LYS B 53 42.36 -8.88 -14.09
CA LYS B 53 42.93 -9.02 -15.43
C LYS B 53 43.99 -10.11 -15.50
N ASN B 54 44.50 -10.58 -14.36
CA ASN B 54 45.57 -11.57 -14.37
C ASN B 54 45.10 -12.90 -14.97
N PHE B 55 43.92 -13.36 -14.58
CA PHE B 55 43.38 -14.61 -15.13
C PHE B 55 42.06 -14.45 -15.85
N ALA B 56 41.31 -13.36 -15.61
CA ALA B 56 40.02 -13.15 -16.25
C ALA B 56 40.18 -12.10 -17.34
N VAL B 57 39.90 -12.50 -18.58
CA VAL B 57 39.93 -11.61 -19.73
C VAL B 57 38.50 -11.50 -20.27
N ILE B 58 38.04 -10.27 -20.48
CA ILE B 58 36.72 -9.99 -20.99
C ILE B 58 36.83 -9.51 -22.44
N TYR B 59 35.99 -10.07 -23.31
CA TYR B 59 36.11 -9.81 -24.74
C TYR B 59 34.70 -9.76 -25.32
N LEU B 60 34.16 -8.55 -25.46
CA LEU B 60 32.78 -8.38 -25.87
C LEU B 60 32.62 -8.68 -27.37
N VAL B 61 31.37 -8.81 -27.79
CA VAL B 61 31.04 -9.09 -29.18
C VAL B 61 29.65 -8.56 -29.45
N ASP B 62 29.36 -8.28 -30.72
CA ASP B 62 28.06 -7.78 -31.16
C ASP B 62 27.32 -8.87 -31.91
N ILE B 63 26.06 -9.08 -31.56
CA ILE B 63 25.26 -10.10 -32.23
C ILE B 63 25.07 -9.76 -33.70
N THR B 64 24.79 -8.49 -34.00
CA THR B 64 24.64 -8.07 -35.39
C THR B 64 25.94 -8.26 -36.17
N GLU B 65 27.06 -7.89 -35.55
CA GLU B 65 28.36 -8.08 -36.22
C GLU B 65 28.68 -9.55 -36.41
N VAL B 66 28.36 -10.38 -35.43
CA VAL B 66 28.68 -11.81 -35.48
C VAL B 66 27.42 -12.62 -35.22
N PRO B 67 26.53 -12.76 -36.21
CA PRO B 67 25.29 -13.52 -35.99
C PRO B 67 25.45 -15.03 -36.14
N ASP B 68 26.61 -15.51 -36.56
CA ASP B 68 26.80 -16.95 -36.75
C ASP B 68 26.76 -17.70 -35.42
N PHE B 69 27.17 -17.07 -34.33
CA PHE B 69 27.15 -17.70 -33.02
C PHE B 69 25.83 -17.50 -32.29
N ASN B 70 24.89 -16.75 -32.86
CA ASN B 70 23.60 -16.56 -32.20
C ASN B 70 22.85 -17.88 -32.05
N LYS B 71 22.85 -18.70 -33.10
CA LYS B 71 22.18 -20.00 -33.06
C LYS B 71 23.03 -21.09 -32.44
N MET B 72 24.34 -20.88 -32.29
CA MET B 72 25.22 -21.92 -31.74
C MET B 72 24.88 -22.21 -30.29
N TYR B 73 24.80 -21.16 -29.46
CA TYR B 73 24.49 -21.31 -28.05
C TYR B 73 23.14 -20.70 -27.70
N GLU B 74 22.27 -20.50 -28.69
CA GLU B 74 20.95 -19.91 -28.50
C GLU B 74 21.05 -18.52 -27.88
N LEU B 75 21.66 -17.60 -28.64
CA LEU B 75 21.86 -16.23 -28.19
C LEU B 75 20.65 -15.40 -28.64
N TYR B 76 19.63 -15.32 -27.79
CA TYR B 76 18.42 -14.60 -28.14
C TYR B 76 17.91 -13.78 -26.97
N ASP B 77 18.81 -13.35 -26.09
CA ASP B 77 18.48 -12.52 -24.94
C ASP B 77 19.59 -11.49 -24.78
N PRO B 78 19.30 -10.36 -24.12
CA PRO B 78 20.36 -9.39 -23.82
C PRO B 78 21.17 -9.81 -22.59
N CYS B 79 22.33 -9.18 -22.45
CA CYS B 79 23.21 -9.32 -21.31
C CYS B 79 23.79 -10.72 -21.15
N THR B 80 23.70 -11.55 -22.18
CA THR B 80 24.17 -12.93 -22.07
C THR B 80 25.68 -12.98 -21.88
N VAL B 81 26.13 -13.88 -20.99
CA VAL B 81 27.55 -14.08 -20.72
C VAL B 81 27.81 -15.57 -20.73
N MET B 82 28.84 -15.98 -21.49
CA MET B 82 29.23 -17.38 -21.61
C MET B 82 30.69 -17.51 -21.22
N PHE B 83 30.96 -18.19 -20.10
CA PHE B 83 32.32 -18.36 -19.60
C PHE B 83 32.99 -19.48 -20.38
N PHE B 84 33.36 -19.16 -21.62
CA PHE B 84 34.01 -20.12 -22.50
C PHE B 84 35.48 -20.19 -22.13
N PHE B 85 35.80 -21.06 -21.16
CA PHE B 85 37.14 -21.16 -20.59
C PHE B 85 37.79 -22.49 -20.94
N ARG B 86 39.10 -22.45 -21.19
CA ARG B 86 39.89 -23.64 -21.45
C ARG B 86 39.34 -24.41 -22.65
N ASN B 87 38.81 -23.66 -23.62
CA ASN B 87 38.16 -24.24 -24.80
C ASN B 87 37.06 -25.22 -24.41
N LYS B 88 36.31 -24.87 -23.37
CA LYS B 88 35.25 -25.72 -22.88
C LYS B 88 34.16 -24.85 -22.24
N HIS B 89 32.95 -24.95 -22.78
CA HIS B 89 31.82 -24.19 -22.26
C HIS B 89 31.44 -24.73 -20.89
N ILE B 90 31.72 -23.96 -19.85
CA ILE B 90 31.54 -24.42 -18.47
C ILE B 90 30.07 -24.38 -18.09
N MET B 91 29.70 -25.22 -17.11
CA MET B 91 28.34 -25.33 -16.61
C MET B 91 28.27 -24.59 -15.27
N ILE B 92 27.98 -23.30 -15.33
CA ILE B 92 27.87 -22.48 -14.11
C ILE B 92 26.42 -22.52 -13.62
N ASP B 93 26.21 -23.16 -12.47
CA ASP B 93 24.87 -23.31 -11.91
C ASP B 93 24.70 -22.31 -10.79
N LEU B 94 23.67 -21.47 -10.91
CA LEU B 94 23.35 -20.43 -9.93
C LEU B 94 21.86 -20.40 -9.66
N GLY B 95 21.24 -21.56 -9.56
CA GLY B 95 19.81 -21.64 -9.30
C GLY B 95 18.95 -21.11 -10.42
N THR B 96 19.33 -21.37 -11.67
CA THR B 96 18.57 -20.93 -12.83
C THR B 96 18.39 -22.10 -13.79
N GLY B 97 17.35 -21.98 -14.63
CA GLY B 97 17.07 -23.04 -15.59
C GLY B 97 18.19 -23.23 -16.59
N ASN B 98 18.71 -22.13 -17.13
CA ASN B 98 19.82 -22.17 -18.08
C ASN B 98 21.11 -21.95 -17.30
N ASN B 99 21.77 -23.04 -16.92
CA ASN B 99 22.97 -23.01 -16.11
C ASN B 99 24.25 -22.90 -16.96
N ASN B 100 24.15 -22.32 -18.15
CA ASN B 100 25.32 -22.04 -18.96
C ASN B 100 25.33 -20.62 -19.51
N LYS B 101 24.51 -19.73 -18.98
CA LYS B 101 24.37 -18.39 -19.53
C LYS B 101 23.88 -17.46 -18.45
N ILE B 102 24.60 -16.37 -18.23
CA ILE B 102 24.19 -15.30 -17.34
C ILE B 102 23.71 -14.15 -18.21
N ASN B 103 22.40 -13.95 -18.27
CA ASN B 103 21.78 -13.02 -19.20
C ASN B 103 21.15 -11.83 -18.50
N TRP B 104 21.81 -11.31 -17.46
CA TRP B 104 21.37 -10.10 -16.79
C TRP B 104 22.55 -9.52 -16.01
N ALA B 105 22.59 -8.20 -15.96
CA ALA B 105 23.70 -7.50 -15.31
C ALA B 105 23.71 -7.79 -13.82
N MET B 106 24.90 -8.07 -13.30
CA MET B 106 25.05 -8.35 -11.87
C MET B 106 24.76 -7.09 -11.05
N GLU B 107 24.07 -7.27 -9.93
CA GLU B 107 23.73 -6.14 -9.08
C GLU B 107 24.98 -5.51 -8.48
N ASP B 108 25.94 -6.33 -8.06
CA ASP B 108 27.15 -5.85 -7.42
C ASP B 108 28.38 -6.43 -8.11
N LYS B 109 29.46 -5.65 -8.11
CA LYS B 109 30.70 -6.09 -8.76
C LYS B 109 31.35 -7.23 -8.01
N GLN B 110 31.31 -7.18 -6.67
CA GLN B 110 31.96 -8.21 -5.86
C GLN B 110 31.36 -9.58 -6.12
N GLU B 111 30.04 -9.64 -6.33
CA GLU B 111 29.41 -10.90 -6.67
C GLU B 111 29.95 -11.46 -7.97
N MET B 112 30.11 -10.60 -8.99
CA MET B 112 30.66 -11.05 -10.25
C MET B 112 32.11 -11.50 -10.10
N VAL B 113 32.89 -10.81 -9.28
CA VAL B 113 34.28 -11.22 -9.04
C VAL B 113 34.33 -12.59 -8.39
N ASP B 114 33.48 -12.82 -7.39
CA ASP B 114 33.43 -14.13 -6.75
C ASP B 114 33.01 -15.20 -7.75
N ILE B 115 32.02 -14.90 -8.59
CA ILE B 115 31.57 -15.87 -9.59
C ILE B 115 32.70 -16.22 -10.54
N ILE B 116 33.41 -15.22 -11.03
CA ILE B 116 34.44 -15.47 -12.04
C ILE B 116 35.62 -16.22 -11.42
N GLU B 117 35.96 -15.93 -10.16
CA GLU B 117 37.05 -16.68 -9.54
C GLU B 117 36.63 -18.12 -9.25
N THR B 118 35.37 -18.35 -8.89
CA THR B 118 34.88 -19.71 -8.75
C THR B 118 34.93 -20.45 -10.09
N VAL B 119 34.56 -19.76 -11.18
CA VAL B 119 34.65 -20.37 -12.51
C VAL B 119 36.09 -20.73 -12.84
N TYR B 120 37.03 -19.83 -12.52
CA TYR B 120 38.44 -20.13 -12.76
C TYR B 120 38.90 -21.35 -11.97
N ARG B 121 38.51 -21.43 -10.71
CA ARG B 121 38.88 -22.59 -9.89
C ARG B 121 38.31 -23.88 -10.48
N GLY B 122 37.04 -23.85 -10.87
CA GLY B 122 36.43 -25.04 -11.44
C GLY B 122 37.08 -25.45 -12.75
N ALA B 123 37.39 -24.47 -13.61
CA ALA B 123 38.04 -24.78 -14.88
C ALA B 123 39.43 -25.36 -14.66
N ARG B 124 40.19 -24.79 -13.73
CA ARG B 124 41.52 -25.30 -13.45
C ARG B 124 41.47 -26.70 -12.87
N LYS B 125 40.47 -26.98 -12.03
CA LYS B 125 40.30 -28.32 -11.49
C LYS B 125 39.96 -29.34 -12.58
N GLY B 126 39.47 -28.89 -13.73
CA GLY B 126 39.16 -29.75 -14.84
C GLY B 126 37.71 -30.13 -14.95
N ARG B 127 36.91 -29.87 -13.92
CA ARG B 127 35.48 -30.18 -13.99
C ARG B 127 34.79 -29.26 -15.00
N GLY B 128 33.84 -29.85 -15.74
CA GLY B 128 33.04 -29.08 -16.68
C GLY B 128 31.84 -28.40 -16.09
N LEU B 129 31.56 -28.64 -14.81
CA LEU B 129 30.43 -28.03 -14.12
C LEU B 129 30.89 -27.49 -12.78
N VAL B 130 30.22 -26.46 -12.31
CA VAL B 130 30.54 -25.83 -11.03
C VAL B 130 29.34 -25.03 -10.58
N VAL B 131 29.14 -24.96 -9.27
CA VAL B 131 27.99 -24.30 -8.69
C VAL B 131 28.40 -22.91 -8.20
N SER B 132 27.40 -22.10 -7.87
CA SER B 132 27.63 -20.75 -7.37
C SER B 132 27.35 -20.68 -5.88
N PRO B 133 28.18 -19.95 -5.12
CA PRO B 133 27.88 -19.79 -3.68
C PRO B 133 26.60 -19.05 -3.40
N LYS B 134 26.11 -18.26 -4.36
CA LYS B 134 24.87 -17.49 -4.19
C LYS B 134 23.87 -17.96 -5.25
N ASP B 135 22.76 -18.54 -4.80
CA ASP B 135 21.73 -18.96 -5.73
C ASP B 135 20.92 -17.75 -6.20
N TYR B 136 20.59 -17.74 -7.49
CA TYR B 136 19.83 -16.65 -8.08
C TYR B 136 18.41 -17.06 -8.45
N SER B 137 17.91 -18.14 -7.85
CA SER B 137 16.50 -18.50 -8.06
C SER B 137 15.57 -17.43 -7.52
N THR B 138 16.00 -16.69 -6.50
CA THR B 138 15.27 -15.56 -5.97
C THR B 138 16.15 -14.31 -6.08
N LYS B 139 15.51 -13.17 -6.31
CA LYS B 139 16.21 -11.90 -6.43
C LYS B 139 16.37 -11.19 -5.10
N TYR B 140 15.92 -11.80 -3.99
CA TYR B 140 15.95 -11.17 -2.67
C TYR B 140 15.27 -9.80 -2.72
N ARG B 141 14.13 -9.75 -3.42
CA ARG B 141 13.43 -8.48 -3.60
C ARG B 141 12.98 -7.89 -2.26
N TYR B 142 12.43 -8.74 -1.39
CA TYR B 142 11.95 -8.28 -0.09
C TYR B 142 13.11 -7.88 0.82
N LYS C 341 46.25 -2.36 -8.96
CA LYS C 341 46.61 -3.49 -8.13
C LYS C 341 45.66 -4.65 -8.34
N PRO C 342 45.89 -5.45 -9.39
CA PRO C 342 45.02 -6.59 -9.65
C PRO C 342 45.08 -7.61 -8.53
N LEU C 343 43.95 -8.26 -8.28
CA LEU C 343 43.88 -9.28 -7.25
C LEU C 343 44.69 -10.51 -7.67
N PRO C 344 45.32 -11.19 -6.71
CA PRO C 344 46.10 -12.38 -7.05
C PRO C 344 45.23 -13.50 -7.58
N ALA C 345 45.82 -14.31 -8.45
CA ALA C 345 45.10 -15.44 -9.03
C ALA C 345 44.94 -16.53 -7.98
N PRO C 346 43.71 -16.98 -7.69
CA PRO C 346 43.53 -18.01 -6.66
C PRO C 346 43.97 -19.38 -7.12
N LEU C 347 45.29 -19.62 -7.13
CA LEU C 347 45.80 -20.94 -7.49
C LEU C 347 45.44 -21.96 -6.42
N ASP C 348 45.33 -23.21 -6.84
CA ASP C 348 45.01 -24.29 -5.91
C ASP C 348 46.09 -24.40 -4.83
N GLY C 349 45.65 -24.56 -3.59
CA GLY C 349 46.57 -24.62 -2.46
C GLY C 349 47.55 -25.76 -2.54
N GLN C 350 48.84 -25.45 -2.30
CA GLN C 350 49.91 -26.44 -2.28
C GLN C 350 50.42 -26.56 -0.86
N ARG C 351 50.40 -27.79 -0.33
CA ARG C 351 50.87 -28.02 1.03
C ARG C 351 52.39 -27.86 1.10
N LYS C 352 52.89 -27.74 2.33
CA LYS C 352 54.33 -27.62 2.54
C LYS C 352 55.03 -28.88 2.04
N LYS C 353 56.11 -28.67 1.28
CA LYS C 353 56.85 -29.80 0.74
C LYS C 353 57.47 -30.64 1.85
N ARG C 354 58.01 -29.99 2.87
CA ARG C 354 58.62 -30.69 4.00
C ARG C 354 58.41 -29.86 5.26
N GLY C 355 57.71 -30.41 6.23
CA GLY C 355 57.47 -29.71 7.48
C GLY C 355 58.75 -29.52 8.28
N GLY C 356 59.22 -28.29 8.36
CA GLY C 356 60.45 -27.98 9.05
C GLY C 356 60.21 -27.47 10.46
N ARG C 357 61.27 -27.54 11.27
CA ARG C 357 61.19 -27.02 12.63
C ARG C 357 60.93 -25.52 12.63
N ARG C 358 61.59 -24.79 11.74
CA ARG C 358 61.28 -23.37 11.57
C ARG C 358 59.84 -23.19 11.08
N TYR C 359 59.41 -24.03 10.15
CA TYR C 359 57.99 -24.04 9.77
C TYR C 359 57.12 -24.44 10.95
N ARG C 360 57.58 -25.43 11.74
CA ARG C 360 56.86 -25.80 12.96
C ARG C 360 56.90 -24.66 13.97
N LYS C 361 58.01 -23.92 14.02
CA LYS C 361 58.08 -22.76 14.90
C LYS C 361 57.04 -21.71 14.51
N MET C 362 56.87 -21.47 13.21
CA MET C 362 55.80 -20.59 12.76
C MET C 362 54.43 -21.16 13.11
N LYS C 363 54.26 -22.48 12.95
CA LYS C 363 53.03 -23.13 13.38
C LYS C 363 52.84 -23.01 14.88
N GLU C 364 53.93 -23.14 15.65
CA GLU C 364 53.85 -22.91 17.08
C GLU C 364 53.53 -21.45 17.38
N ARG C 365 54.13 -20.52 16.63
CA ARG C 365 53.87 -19.11 16.84
C ARG C 365 52.46 -18.73 16.41
N LEU C 366 52.04 -19.18 15.23
CA LEU C 366 50.73 -18.85 14.68
C LEU C 366 49.98 -20.14 14.32
N GLY C 367 48.74 -20.23 14.77
CA GLY C 367 47.96 -21.43 14.49
C GLY C 367 46.63 -21.37 15.20
N LEU C 368 46.01 -22.53 15.35
CA LEU C 368 44.71 -22.68 15.98
C LEU C 368 44.81 -23.52 17.25
N THR C 369 45.88 -23.32 18.02
CA THR C 369 46.05 -24.09 19.25
C THR C 369 45.05 -23.65 20.32
N GLU C 370 44.84 -22.34 20.47
CA GLU C 370 43.91 -21.85 21.48
C GLU C 370 42.46 -22.13 21.08
N ILE C 371 42.15 -22.06 19.79
CA ILE C 371 40.79 -22.34 19.33
C ILE C 371 40.43 -23.79 19.55
N ARG C 372 41.41 -24.69 19.39
CA ARG C 372 41.14 -26.12 19.60
C ARG C 372 40.80 -26.42 21.05
N LYS C 373 41.32 -25.63 21.99
CA LYS C 373 41.00 -25.83 23.39
C LYS C 373 39.52 -25.61 23.66
N GLN C 374 38.95 -24.56 23.06
CA GLN C 374 37.52 -24.28 23.21
C GLN C 374 36.73 -25.25 22.33
N ALA C 375 36.05 -26.20 22.97
CA ALA C 375 35.29 -27.22 22.25
C ALA C 375 33.96 -26.65 21.80
N ASN C 376 33.66 -26.80 20.51
CA ASN C 376 32.40 -26.36 19.95
C ASN C 376 31.31 -27.42 20.02
N ARG C 377 31.60 -28.56 20.64
CA ARG C 377 30.60 -29.62 20.76
C ARG C 377 29.42 -29.16 21.60
N MET C 378 28.23 -29.56 21.19
CA MET C 378 26.99 -29.22 21.88
C MET C 378 26.25 -30.49 22.25
N SER C 379 25.80 -30.57 23.50
CA SER C 379 25.08 -31.75 23.97
C SER C 379 23.74 -31.87 23.27
N PHE C 380 23.34 -33.11 23.01
CA PHE C 380 22.03 -33.35 22.38
C PHE C 380 20.90 -32.88 23.28
N GLY C 381 21.04 -33.08 24.59
CA GLY C 381 20.05 -32.57 25.51
C GLY C 381 20.07 -31.06 25.61
N GLU C 382 18.96 -30.51 26.10
CA GLU C 382 18.84 -29.06 26.22
C GLU C 382 19.80 -28.51 27.25
N ILE C 383 20.32 -27.31 26.99
CA ILE C 383 21.22 -26.64 27.92
C ILE C 383 20.41 -25.85 28.93
N GLU C 384 21.04 -25.44 30.03
CA GLU C 384 20.33 -24.68 31.05
C GLU C 384 20.04 -23.25 30.63
N GLU C 385 20.74 -22.74 29.62
CA GLU C 385 20.49 -21.38 29.15
C GLU C 385 19.18 -21.29 28.39
N ASP C 386 18.68 -20.06 28.25
CA ASP C 386 17.44 -19.83 27.54
C ASP C 386 17.61 -20.08 26.04
N ALA C 387 16.50 -19.97 25.32
CA ALA C 387 16.53 -20.22 23.87
C ALA C 387 17.41 -19.21 23.16
N TYR C 388 17.32 -17.93 23.53
CA TYR C 388 18.06 -16.85 22.89
C TYR C 388 18.97 -16.13 23.88
N GLN C 389 19.69 -16.90 24.70
CA GLN C 389 20.61 -16.29 25.65
C GLN C 389 21.73 -15.55 24.94
N GLU C 390 22.28 -16.15 23.87
CA GLU C 390 23.35 -15.54 23.07
C GLU C 390 24.55 -15.17 23.93
N ALA D 56 -8.68 -9.03 -64.09
CA ALA D 56 -9.94 -9.74 -64.29
C ALA D 56 -10.59 -10.06 -62.94
N GLN D 57 -10.95 -11.33 -62.76
CA GLN D 57 -11.60 -11.78 -61.54
C GLN D 57 -11.35 -13.27 -61.37
N LYS D 58 -11.60 -13.75 -60.15
CA LYS D 58 -11.43 -15.16 -59.82
C LYS D 58 -12.76 -15.75 -59.39
N GLU D 59 -12.90 -17.07 -59.57
CA GLU D 59 -14.13 -17.76 -59.23
C GLU D 59 -13.86 -18.94 -58.30
N ASP D 60 -14.90 -19.74 -58.03
CA ASP D 60 -14.79 -20.87 -57.14
C ASP D 60 -14.27 -22.09 -57.89
N MET D 61 -14.02 -23.16 -57.14
CA MET D 61 -13.50 -24.42 -57.67
C MET D 61 -14.25 -25.58 -57.03
N PRO D 62 -14.36 -26.71 -57.73
CA PRO D 62 -15.08 -27.84 -57.17
C PRO D 62 -14.35 -28.40 -55.96
N PRO D 63 -15.08 -28.97 -54.99
CA PRO D 63 -14.43 -29.53 -53.80
C PRO D 63 -13.60 -30.77 -54.08
N GLU D 64 -13.73 -31.38 -55.26
CA GLU D 64 -13.00 -32.62 -55.54
C GLU D 64 -11.49 -32.41 -55.51
N HIS D 65 -11.02 -31.29 -56.07
CA HIS D 65 -9.58 -31.03 -56.06
C HIS D 65 -9.08 -30.69 -54.66
N VAL D 66 -9.91 -30.02 -53.85
CA VAL D 66 -9.53 -29.78 -52.45
C VAL D 66 -9.39 -31.09 -51.71
N ARG D 67 -10.35 -32.01 -51.93
CA ARG D 67 -10.26 -33.33 -51.31
C ARG D 67 -9.02 -34.08 -51.77
N LYS D 68 -8.70 -33.99 -53.07
CA LYS D 68 -7.49 -34.62 -53.58
C LYS D 68 -6.25 -34.03 -52.92
N ILE D 69 -6.22 -32.72 -52.74
CA ILE D 69 -5.05 -32.07 -52.15
C ILE D 69 -4.88 -32.51 -50.69
N ILE D 70 -5.97 -32.50 -49.93
CA ILE D 70 -5.85 -32.86 -48.51
C ILE D 70 -5.51 -34.34 -48.37
N ARG D 71 -6.05 -35.19 -49.25
CA ARG D 71 -5.69 -36.60 -49.22
C ARG D 71 -4.22 -36.81 -49.56
N ASP D 72 -3.71 -36.07 -50.55
CA ASP D 72 -2.30 -36.17 -50.89
C ASP D 72 -1.42 -35.71 -49.74
N HIS D 73 -1.71 -34.53 -49.19
CA HIS D 73 -0.99 -34.01 -48.03
C HIS D 73 -1.70 -34.39 -46.73
N GLY D 74 -2.01 -35.69 -46.58
CA GLY D 74 -2.64 -36.14 -45.36
C GLY D 74 -1.74 -36.03 -44.14
N ASP D 75 -0.48 -36.42 -44.30
CA ASP D 75 0.49 -36.35 -43.22
C ASP D 75 1.81 -35.82 -43.76
N MET D 76 2.46 -34.96 -42.97
CA MET D 76 3.75 -34.38 -43.35
C MET D 76 4.93 -35.21 -42.87
N THR D 77 4.67 -36.35 -42.22
CA THR D 77 5.75 -37.22 -41.74
C THR D 77 6.50 -37.91 -42.87
N ASN D 78 5.94 -37.91 -44.09
CA ASN D 78 6.57 -38.51 -45.24
C ASN D 78 7.24 -37.42 -46.09
N ARG D 79 7.74 -37.83 -47.26
CA ARG D 79 8.40 -36.90 -48.17
C ARG D 79 7.45 -36.26 -49.17
N LYS D 80 6.15 -36.51 -49.02
CA LYS D 80 5.16 -35.92 -49.92
C LYS D 80 5.17 -34.39 -49.84
N PHE D 81 4.46 -33.84 -48.87
CA PHE D 81 4.37 -32.38 -48.76
C PHE D 81 5.52 -31.79 -47.95
N ARG D 82 6.76 -32.07 -48.35
CA ARG D 82 7.91 -31.52 -47.66
C ARG D 82 8.47 -30.36 -48.47
N HIS D 83 8.23 -30.37 -49.77
CA HIS D 83 8.73 -29.32 -50.64
C HIS D 83 8.08 -27.97 -50.35
N ASP D 84 6.90 -28.00 -49.73
CA ASP D 84 6.18 -26.77 -49.47
C ASP D 84 7.08 -25.80 -48.72
N LYS D 85 7.81 -26.28 -47.73
CA LYS D 85 8.76 -25.44 -47.02
C LYS D 85 8.16 -24.14 -46.51
N ARG D 86 8.76 -23.01 -46.87
CA ARG D 86 8.29 -21.71 -46.37
C ARG D 86 6.85 -21.43 -46.73
N VAL D 87 6.45 -21.81 -47.94
CA VAL D 87 5.08 -21.57 -48.37
C VAL D 87 4.14 -22.18 -47.36
N TYR D 88 4.38 -23.44 -47.00
CA TYR D 88 3.55 -24.12 -46.03
C TYR D 88 3.58 -23.36 -44.73
N LEU D 89 4.78 -23.06 -44.26
CA LEU D 89 4.91 -22.39 -42.97
C LEU D 89 4.19 -21.05 -42.94
N GLY D 90 4.29 -20.29 -44.03
CA GLY D 90 3.66 -18.99 -44.07
C GLY D 90 2.23 -19.04 -43.57
N ALA D 91 1.45 -20.00 -44.07
CA ALA D 91 0.06 -20.10 -43.67
C ALA D 91 -0.07 -20.34 -42.17
N LEU D 92 0.89 -21.06 -41.58
CA LEU D 92 0.82 -21.39 -40.18
C LEU D 92 0.76 -20.13 -39.32
N LYS D 93 1.36 -19.03 -39.79
CA LYS D 93 1.35 -17.80 -39.00
C LYS D 93 -0.06 -17.36 -38.67
N TYR D 94 -1.02 -17.65 -39.55
CA TYR D 94 -2.40 -17.26 -39.34
C TYR D 94 -3.30 -18.46 -39.03
N MET D 95 -2.72 -19.51 -38.44
CA MET D 95 -3.54 -20.65 -38.04
C MET D 95 -4.64 -20.31 -37.04
N PRO D 96 -4.39 -19.58 -35.95
CA PRO D 96 -5.49 -19.32 -35.00
C PRO D 96 -6.66 -18.55 -35.60
N HIS D 97 -6.38 -17.64 -36.55
CA HIS D 97 -7.45 -16.81 -37.12
C HIS D 97 -8.56 -17.67 -37.70
N ALA D 98 -8.21 -18.68 -38.50
CA ALA D 98 -9.21 -19.58 -39.07
C ALA D 98 -10.05 -20.22 -37.97
N VAL D 99 -9.42 -20.57 -36.85
CA VAL D 99 -10.15 -21.17 -35.74
C VAL D 99 -11.28 -20.25 -35.31
N LEU D 100 -11.00 -18.95 -35.21
CA LEU D 100 -12.03 -17.97 -34.88
C LEU D 100 -13.23 -18.13 -35.80
N LYS D 101 -12.99 -18.22 -37.10
CA LYS D 101 -14.08 -18.39 -38.05
C LYS D 101 -14.85 -19.68 -37.77
N LEU D 102 -14.12 -20.76 -37.47
CA LEU D 102 -14.79 -22.03 -37.19
C LEU D 102 -15.57 -21.99 -35.88
N LEU D 103 -15.30 -21.01 -35.01
CA LEU D 103 -16.10 -20.82 -33.81
C LEU D 103 -17.18 -19.78 -34.03
N GLU D 104 -17.14 -19.05 -35.15
CA GLU D 104 -18.18 -18.08 -35.48
C GLU D 104 -19.17 -18.61 -36.51
N ASN D 105 -18.73 -19.46 -37.42
CA ASN D 105 -19.60 -20.02 -38.46
C ASN D 105 -20.23 -21.34 -38.04
N MET D 106 -19.95 -21.83 -36.83
CA MET D 106 -20.47 -23.13 -36.43
C MET D 106 -22.00 -23.09 -36.36
N PRO D 107 -22.67 -24.16 -36.77
CA PRO D 107 -24.12 -24.09 -36.99
C PRO D 107 -24.91 -23.94 -35.70
N MET D 108 -26.04 -23.25 -35.81
CA MET D 108 -27.04 -23.19 -34.77
C MET D 108 -27.88 -24.46 -34.79
N PRO D 109 -28.65 -24.74 -33.73
CA PRO D 109 -29.46 -25.96 -33.73
C PRO D 109 -30.40 -26.08 -34.93
N TRP D 110 -30.99 -24.97 -35.38
CA TRP D 110 -31.88 -25.04 -36.55
C TRP D 110 -31.10 -25.34 -37.82
N GLU D 111 -29.83 -24.94 -37.87
CA GLU D 111 -29.01 -25.16 -39.06
C GLU D 111 -28.63 -26.64 -39.13
N GLN D 112 -29.44 -27.42 -39.85
CA GLN D 112 -29.12 -28.83 -40.05
C GLN D 112 -27.82 -28.99 -40.83
N ILE D 113 -27.62 -28.15 -41.85
CA ILE D 113 -26.39 -28.18 -42.64
C ILE D 113 -26.19 -26.79 -43.23
N ARG D 114 -24.93 -26.44 -43.48
CA ARG D 114 -24.57 -25.16 -44.07
C ARG D 114 -23.45 -25.37 -45.05
N ASP D 115 -23.46 -24.58 -46.12
CA ASP D 115 -22.52 -24.74 -47.22
C ASP D 115 -21.66 -23.50 -47.42
N VAL D 116 -21.14 -22.97 -46.32
CA VAL D 116 -20.38 -21.72 -46.35
C VAL D 116 -19.10 -21.93 -47.17
N PRO D 117 -18.76 -21.02 -48.08
CA PRO D 117 -17.52 -21.17 -48.84
C PRO D 117 -16.30 -20.91 -47.96
N VAL D 118 -15.14 -21.29 -48.49
CA VAL D 118 -13.88 -21.20 -47.76
C VAL D 118 -12.78 -20.67 -48.68
N LEU D 119 -11.73 -20.14 -48.04
CA LEU D 119 -10.46 -19.80 -48.69
C LEU D 119 -9.43 -20.81 -48.22
N TYR D 120 -9.06 -21.73 -49.11
CA TYR D 120 -8.11 -22.79 -48.82
C TYR D 120 -6.74 -22.42 -49.36
N HIS D 121 -5.73 -23.13 -48.86
CA HIS D 121 -4.36 -22.95 -49.33
C HIS D 121 -4.14 -23.71 -50.64
N ILE D 122 -3.28 -23.15 -51.49
CA ILE D 122 -2.97 -23.82 -52.76
C ILE D 122 -2.31 -25.17 -52.51
N THR D 123 -1.64 -25.31 -51.37
CA THR D 123 -1.09 -26.59 -50.94
C THR D 123 -2.00 -27.32 -49.96
N GLY D 124 -3.15 -26.73 -49.61
CA GLY D 124 -4.05 -27.33 -48.66
C GLY D 124 -3.62 -27.21 -47.21
N ALA D 125 -2.62 -26.39 -46.92
CA ALA D 125 -2.12 -26.27 -45.55
C ALA D 125 -3.20 -25.72 -44.62
N ILE D 126 -3.91 -24.68 -45.06
CA ILE D 126 -4.91 -24.01 -44.22
C ILE D 126 -6.15 -23.72 -45.05
N SER D 127 -7.27 -23.55 -44.35
CA SER D 127 -8.54 -23.19 -44.97
C SER D 127 -9.19 -22.09 -44.14
N PHE D 128 -9.65 -21.04 -44.81
CA PHE D 128 -10.20 -19.86 -44.14
C PHE D 128 -11.67 -19.70 -44.52
N VAL D 129 -12.53 -19.60 -43.51
CA VAL D 129 -13.95 -19.40 -43.71
C VAL D 129 -14.21 -17.91 -43.93
N ASN D 130 -14.58 -17.54 -45.16
CA ASN D 130 -14.83 -16.15 -45.51
C ASN D 130 -16.28 -15.75 -45.28
N GLU D 131 -16.78 -15.98 -44.08
CA GLU D 131 -18.17 -15.65 -43.78
C GLU D 131 -18.26 -14.97 -42.42
N ILE D 132 -18.81 -13.77 -42.40
CA ILE D 132 -19.13 -13.07 -41.16
C ILE D 132 -20.53 -13.51 -40.74
N PRO D 133 -20.70 -14.05 -39.54
CA PRO D 133 -22.03 -14.59 -39.18
C PRO D 133 -23.05 -13.48 -38.99
N TRP D 134 -23.95 -13.34 -39.96
CA TRP D 134 -24.94 -12.26 -39.99
C TRP D 134 -26.32 -12.88 -39.81
N VAL D 135 -27.03 -12.47 -38.77
CA VAL D 135 -28.43 -12.82 -38.56
C VAL D 135 -29.15 -11.59 -38.00
N ILE D 136 -30.32 -11.27 -38.57
CA ILE D 136 -31.11 -10.16 -38.04
C ILE D 136 -31.48 -10.45 -36.59
N GLU D 137 -31.48 -9.41 -35.76
CA GLU D 137 -31.71 -9.61 -34.33
C GLU D 137 -33.08 -10.19 -34.00
N PRO D 138 -34.21 -9.62 -34.48
CA PRO D 138 -35.51 -10.20 -34.12
C PRO D 138 -35.68 -11.65 -34.55
N VAL D 139 -35.23 -12.03 -35.74
CA VAL D 139 -35.42 -13.42 -36.18
C VAL D 139 -34.55 -14.35 -35.35
N TYR D 140 -33.34 -13.92 -35.00
CA TYR D 140 -32.48 -14.74 -34.16
C TYR D 140 -33.08 -14.93 -32.77
N ILE D 141 -33.64 -13.85 -32.19
CA ILE D 141 -34.26 -13.95 -30.88
C ILE D 141 -35.49 -14.85 -30.94
N SER D 142 -36.28 -14.73 -32.01
CA SER D 142 -37.44 -15.61 -32.17
C SER D 142 -37.03 -17.06 -32.30
N GLN D 143 -36.00 -17.34 -33.10
CA GLN D 143 -35.53 -18.71 -33.25
C GLN D 143 -35.05 -19.28 -31.92
N TRP D 144 -34.29 -18.50 -31.16
CA TRP D 144 -33.76 -19.03 -29.91
C TRP D 144 -34.83 -19.12 -28.84
N GLY D 145 -35.88 -18.29 -28.90
CA GLY D 145 -37.02 -18.49 -28.02
C GLY D 145 -37.78 -19.76 -28.35
N SER D 146 -37.95 -20.06 -29.63
CA SER D 146 -38.54 -21.33 -30.02
C SER D 146 -37.70 -22.50 -29.51
N MET D 147 -36.38 -22.38 -29.63
CA MET D 147 -35.51 -23.43 -29.11
C MET D 147 -35.60 -23.51 -27.59
N TRP D 148 -35.76 -22.39 -26.90
CA TRP D 148 -35.91 -22.40 -25.46
C TRP D 148 -37.15 -23.22 -25.07
N ILE D 149 -38.28 -22.91 -25.69
CA ILE D 149 -39.52 -23.63 -25.40
C ILE D 149 -39.36 -25.12 -25.74
N MET D 150 -38.74 -25.41 -26.88
CA MET D 150 -38.60 -26.80 -27.32
C MET D 150 -37.67 -27.59 -26.41
N MET D 151 -36.58 -26.97 -25.95
CA MET D 151 -35.68 -27.64 -25.01
C MET D 151 -36.37 -27.90 -23.68
N ARG D 152 -37.14 -26.92 -23.20
CA ARG D 152 -37.89 -27.14 -21.96
C ARG D 152 -38.89 -28.29 -22.12
N ARG D 153 -39.59 -28.34 -23.25
CA ARG D 153 -40.53 -29.43 -23.50
C ARG D 153 -39.82 -30.77 -23.56
N GLU D 154 -38.66 -30.83 -24.23
CA GLU D 154 -37.92 -32.07 -24.33
C GLU D 154 -37.42 -32.54 -22.97
N LYS D 155 -36.94 -31.61 -22.14
CA LYS D 155 -36.52 -31.98 -20.80
C LYS D 155 -37.69 -32.49 -19.98
N ARG D 156 -38.86 -31.87 -20.13
CA ARG D 156 -40.05 -32.37 -19.45
C ARG D 156 -40.40 -33.78 -19.90
N ASP D 157 -40.31 -34.04 -21.21
CA ASP D 157 -40.70 -35.34 -21.73
C ASP D 157 -39.68 -36.43 -21.43
N ARG D 158 -38.39 -36.11 -21.52
CA ARG D 158 -37.35 -37.12 -21.39
C ARG D 158 -37.14 -37.47 -19.93
N ARG D 159 -37.37 -38.74 -19.61
CA ARG D 159 -37.19 -39.22 -18.24
C ARG D 159 -35.73 -39.38 -17.84
N HIS D 160 -34.85 -39.81 -18.74
CA HIS D 160 -33.41 -39.86 -18.46
C HIS D 160 -32.65 -39.23 -19.61
N PHE D 161 -31.81 -38.25 -19.31
CA PHE D 161 -31.01 -37.57 -20.32
C PHE D 161 -29.60 -38.15 -20.35
N LYS D 162 -28.96 -38.06 -21.51
CA LYS D 162 -27.64 -38.63 -21.73
C LYS D 162 -26.69 -37.56 -22.23
N ARG D 163 -25.53 -37.46 -21.59
CA ARG D 163 -24.45 -36.62 -22.07
C ARG D 163 -23.40 -37.48 -22.78
N MET D 164 -22.85 -36.93 -23.86
CA MET D 164 -21.91 -37.72 -24.65
C MET D 164 -20.56 -37.80 -23.94
N ARG D 165 -19.61 -38.45 -24.61
CA ARG D 165 -18.29 -38.71 -24.03
C ARG D 165 -17.38 -37.52 -24.28
N PHE D 166 -16.54 -37.21 -23.29
CA PHE D 166 -15.61 -36.09 -23.42
C PHE D 166 -14.70 -36.23 -24.64
N PRO D 167 -14.08 -37.37 -24.91
CA PRO D 167 -13.46 -37.56 -26.22
C PRO D 167 -14.47 -38.05 -27.23
N PRO D 168 -14.76 -37.27 -28.27
CA PRO D 168 -15.75 -37.72 -29.27
C PRO D 168 -15.36 -39.00 -29.96
N PHE D 169 -14.07 -39.29 -30.08
CA PHE D 169 -13.59 -40.54 -30.64
C PHE D 169 -12.39 -40.98 -29.83
N ASP D 170 -11.65 -41.96 -30.36
CA ASP D 170 -10.43 -42.41 -29.71
C ASP D 170 -9.39 -41.29 -29.70
N ASP D 171 -8.51 -41.33 -28.70
CA ASP D 171 -7.47 -40.32 -28.59
C ASP D 171 -6.51 -40.33 -29.77
N GLU D 172 -6.49 -41.42 -30.53
CA GLU D 172 -5.66 -41.54 -31.73
C GLU D 172 -6.52 -41.71 -32.96
N GLU D 173 -7.63 -40.99 -33.02
CA GLU D 173 -8.54 -41.11 -34.16
C GLU D 173 -7.96 -40.38 -35.38
N PRO D 174 -7.79 -41.05 -36.52
CA PRO D 174 -7.23 -40.38 -37.69
C PRO D 174 -8.19 -39.35 -38.25
N PRO D 175 -7.69 -38.35 -38.97
CA PRO D 175 -8.58 -37.35 -39.59
C PRO D 175 -9.55 -38.02 -40.55
N LEU D 176 -10.84 -37.94 -40.21
CA LEU D 176 -11.86 -38.63 -40.98
C LEU D 176 -11.95 -38.05 -42.39
N ASP D 177 -11.98 -38.92 -43.39
CA ASP D 177 -12.06 -38.50 -44.78
C ASP D 177 -13.46 -38.03 -45.10
N TYR D 178 -13.55 -36.84 -45.72
CA TYR D 178 -14.86 -36.26 -46.02
C TYR D 178 -15.65 -37.15 -46.96
N ALA D 179 -14.99 -37.71 -47.98
CA ALA D 179 -15.68 -38.55 -48.94
C ALA D 179 -16.08 -39.90 -48.34
N ASP D 180 -15.47 -40.32 -47.23
CA ASP D 180 -15.71 -41.65 -46.70
C ASP D 180 -16.99 -41.71 -45.88
N ASN D 181 -17.05 -40.97 -44.77
CA ASN D 181 -18.18 -41.04 -43.86
C ASN D 181 -18.89 -39.71 -43.63
N ILE D 182 -18.23 -38.58 -43.86
CA ILE D 182 -18.92 -37.30 -43.82
C ILE D 182 -19.94 -37.20 -44.95
N LEU D 183 -19.64 -37.78 -46.11
CA LEU D 183 -20.59 -37.80 -47.21
C LEU D 183 -21.80 -38.70 -46.95
N ASP D 184 -21.97 -39.26 -45.75
CA ASP D 184 -23.13 -40.07 -45.45
C ASP D 184 -24.41 -39.26 -45.62
N VAL D 185 -25.42 -39.88 -46.22
CA VAL D 185 -26.65 -39.17 -46.56
C VAL D 185 -27.38 -38.73 -45.28
N GLU D 186 -27.48 -39.63 -44.30
CA GLU D 186 -28.31 -39.43 -43.11
C GLU D 186 -27.93 -38.17 -42.35
N PRO D 187 -28.78 -37.14 -42.38
CA PRO D 187 -28.48 -35.88 -41.66
C PRO D 187 -29.13 -35.76 -40.29
N LEU D 188 -29.77 -36.80 -39.78
CA LEU D 188 -30.59 -36.75 -38.56
C LEU D 188 -31.68 -35.69 -38.79
N GLU D 189 -31.99 -34.86 -37.80
CA GLU D 189 -33.05 -33.88 -37.94
C GLU D 189 -32.79 -32.72 -37.00
N ALA D 190 -32.68 -31.52 -37.56
CA ALA D 190 -32.49 -30.32 -36.75
C ALA D 190 -33.73 -30.03 -35.91
N ILE D 191 -33.53 -29.33 -34.80
CA ILE D 191 -34.62 -29.06 -33.86
C ILE D 191 -35.54 -28.02 -34.46
N GLN D 192 -36.65 -28.45 -35.05
CA GLN D 192 -37.58 -27.58 -35.73
C GLN D 192 -38.97 -27.69 -35.11
N LEU D 193 -39.60 -26.55 -34.89
CA LEU D 193 -40.91 -26.48 -34.24
C LEU D 193 -42.03 -26.64 -35.27
N GLU D 194 -43.24 -26.84 -34.76
CA GLU D 194 -44.45 -26.94 -35.56
C GLU D 194 -45.35 -25.77 -35.18
N LEU D 195 -45.14 -24.63 -35.83
CA LEU D 195 -45.91 -23.44 -35.56
C LEU D 195 -47.27 -23.52 -36.24
N ASP D 196 -48.22 -22.74 -35.72
CA ASP D 196 -49.57 -22.71 -36.28
C ASP D 196 -49.53 -22.13 -37.68
N PRO D 197 -50.03 -22.85 -38.70
CA PRO D 197 -49.97 -22.32 -40.07
C PRO D 197 -50.70 -21.00 -40.25
N GLU D 198 -51.80 -20.78 -39.52
CA GLU D 198 -52.53 -19.53 -39.64
C GLU D 198 -51.73 -18.36 -39.08
N GLU D 199 -51.18 -18.53 -37.87
CA GLU D 199 -50.45 -17.45 -37.23
C GLU D 199 -49.06 -17.28 -37.82
N ASP D 200 -48.40 -18.38 -38.18
CA ASP D 200 -47.05 -18.34 -38.72
C ASP D 200 -47.02 -18.29 -40.24
N ALA D 201 -48.05 -17.73 -40.86
CA ALA D 201 -48.03 -17.58 -42.31
C ALA D 201 -46.85 -16.73 -42.81
N PRO D 202 -46.50 -15.58 -42.19
CA PRO D 202 -45.29 -14.87 -42.66
C PRO D 202 -44.01 -15.42 -42.08
N VAL D 203 -44.06 -16.64 -41.56
CA VAL D 203 -42.93 -17.24 -40.83
C VAL D 203 -42.38 -18.45 -41.59
N LEU D 204 -43.20 -19.48 -41.78
CA LEU D 204 -42.72 -20.78 -42.23
C LEU D 204 -42.18 -20.76 -43.66
N ASP D 205 -42.41 -19.70 -44.41
CA ASP D 205 -41.91 -19.64 -45.78
C ASP D 205 -40.38 -19.63 -45.83
N TRP D 206 -39.74 -18.98 -44.85
CA TRP D 206 -38.29 -18.87 -44.83
C TRP D 206 -37.66 -19.13 -43.46
N PHE D 207 -38.45 -19.49 -42.46
CA PHE D 207 -37.93 -19.62 -41.11
C PHE D 207 -37.02 -20.83 -41.00
N TYR D 208 -36.19 -20.82 -39.95
CA TYR D 208 -35.22 -21.90 -39.70
C TYR D 208 -34.27 -22.08 -40.89
N ASP D 209 -33.71 -20.96 -41.35
CA ASP D 209 -32.75 -20.97 -42.45
C ASP D 209 -31.48 -20.25 -42.01
N HIS D 210 -30.37 -20.60 -42.66
CA HIS D 210 -29.09 -19.98 -42.32
C HIS D 210 -29.13 -18.48 -42.60
N GLN D 211 -29.55 -18.09 -43.79
CA GLN D 211 -29.69 -16.69 -44.18
C GLN D 211 -31.08 -16.49 -44.75
N PRO D 212 -32.08 -16.32 -43.89
CA PRO D 212 -33.46 -16.24 -44.38
C PRO D 212 -33.69 -15.00 -45.23
N LEU D 213 -34.65 -15.14 -46.16
CA LEU D 213 -35.11 -14.06 -47.04
C LEU D 213 -34.03 -13.55 -47.98
N ARG D 214 -32.98 -14.34 -48.22
CA ARG D 214 -31.93 -13.92 -49.14
C ARG D 214 -32.48 -13.79 -50.56
N ASP D 215 -31.91 -12.84 -51.31
CA ASP D 215 -32.30 -12.57 -52.69
C ASP D 215 -33.77 -12.17 -52.80
N SER D 216 -34.32 -11.60 -51.74
CA SER D 216 -35.67 -11.04 -51.73
C SER D 216 -35.53 -9.54 -51.50
N ARG D 217 -35.39 -8.80 -52.61
CA ARG D 217 -35.11 -7.37 -52.51
C ARG D 217 -36.21 -6.60 -51.80
N LYS D 218 -37.44 -7.14 -51.76
CA LYS D 218 -38.52 -6.49 -51.04
C LYS D 218 -38.28 -6.47 -49.53
N TYR D 219 -37.42 -7.35 -49.03
CA TYR D 219 -37.24 -7.49 -47.59
C TYR D 219 -35.83 -7.20 -47.11
N VAL D 220 -34.80 -7.67 -47.82
CA VAL D 220 -33.41 -7.42 -47.45
C VAL D 220 -32.62 -7.05 -48.70
N ASN D 221 -31.38 -6.61 -48.48
CA ASN D 221 -30.53 -6.22 -49.59
C ASN D 221 -30.18 -7.40 -50.48
N GLY D 222 -29.83 -8.54 -49.87
CA GLY D 222 -29.45 -9.71 -50.64
C GLY D 222 -28.15 -10.33 -50.19
N SER D 223 -27.15 -10.33 -51.08
CA SER D 223 -25.87 -10.96 -50.77
C SER D 223 -25.16 -10.26 -49.62
N THR D 224 -25.21 -8.92 -49.59
CA THR D 224 -24.63 -8.21 -48.46
C THR D 224 -25.38 -8.54 -47.18
N TYR D 225 -26.71 -8.61 -47.25
CA TYR D 225 -27.54 -9.08 -46.15
C TYR D 225 -27.33 -8.20 -44.92
N GLN D 226 -27.18 -6.90 -45.16
CA GLN D 226 -26.83 -5.93 -44.12
C GLN D 226 -28.04 -5.19 -43.55
N ARG D 227 -28.99 -4.79 -44.37
CA ARG D 227 -30.18 -4.09 -43.90
C ARG D 227 -31.43 -4.86 -44.29
N TRP D 228 -32.41 -4.84 -43.38
CA TRP D 228 -33.66 -5.57 -43.55
C TRP D 228 -34.83 -4.60 -43.46
N GLN D 229 -35.71 -4.65 -44.44
CA GLN D 229 -36.94 -3.87 -44.45
C GLN D 229 -38.13 -4.83 -44.42
N PHE D 230 -38.89 -4.81 -43.33
CA PHE D 230 -39.92 -5.80 -43.10
C PHE D 230 -41.29 -5.18 -42.89
N THR D 231 -42.27 -5.99 -42.48
CA THR D 231 -43.64 -5.54 -42.27
C THR D 231 -44.04 -5.74 -40.81
N LEU D 232 -45.10 -5.04 -40.41
CA LEU D 232 -45.58 -5.10 -39.04
C LEU D 232 -46.03 -6.50 -38.62
N PRO D 233 -46.82 -7.25 -39.40
CA PRO D 233 -47.23 -8.58 -38.93
C PRO D 233 -46.06 -9.52 -38.66
N MET D 234 -44.96 -9.37 -39.39
CA MET D 234 -43.81 -10.22 -39.13
C MET D 234 -43.21 -9.91 -37.76
N MET D 235 -43.12 -8.64 -37.39
CA MET D 235 -42.75 -8.29 -36.02
C MET D 235 -43.75 -8.86 -35.01
N SER D 236 -45.04 -8.81 -35.33
CA SER D 236 -46.03 -9.33 -34.38
C SER D 236 -45.79 -10.81 -34.11
N THR D 237 -45.61 -11.60 -35.17
CA THR D 237 -45.44 -13.04 -34.99
C THR D 237 -44.08 -13.37 -34.38
N LEU D 238 -43.03 -12.63 -34.76
CA LEU D 238 -41.72 -12.87 -34.15
C LEU D 238 -41.73 -12.55 -32.66
N TYR D 239 -42.39 -11.45 -32.28
CA TYR D 239 -42.54 -11.13 -30.86
C TYR D 239 -43.35 -12.19 -30.15
N ARG D 240 -44.41 -12.69 -30.79
CA ARG D 240 -45.19 -13.79 -30.21
C ARG D 240 -44.29 -14.98 -29.93
N LEU D 241 -43.46 -15.36 -30.90
CA LEU D 241 -42.58 -16.52 -30.72
C LEU D 241 -41.53 -16.26 -29.65
N ALA D 242 -40.99 -15.05 -29.59
CA ALA D 242 -39.88 -14.72 -28.70
C ALA D 242 -40.36 -14.21 -27.34
N ASN D 243 -41.65 -14.22 -27.06
CA ASN D 243 -42.14 -13.88 -25.73
C ASN D 243 -41.47 -14.72 -24.65
N GLN D 244 -41.12 -15.97 -24.98
CA GLN D 244 -40.48 -16.84 -24.00
C GLN D 244 -39.13 -16.30 -23.55
N LEU D 245 -38.33 -15.80 -24.49
CA LEU D 245 -37.00 -15.30 -24.17
C LEU D 245 -36.97 -13.82 -23.77
N LEU D 246 -38.08 -13.11 -23.94
CA LEU D 246 -38.15 -11.68 -23.65
C LEU D 246 -39.00 -11.44 -22.42
N THR D 247 -38.51 -10.59 -21.52
CA THR D 247 -39.27 -10.23 -20.34
C THR D 247 -40.45 -9.33 -20.72
N ASP D 248 -41.42 -9.27 -19.82
CA ASP D 248 -42.64 -8.48 -20.05
C ASP D 248 -42.49 -7.03 -19.63
N LEU D 249 -41.34 -6.63 -19.08
CA LEU D 249 -41.15 -5.25 -18.66
C LEU D 249 -41.15 -4.33 -19.88
N VAL D 250 -41.90 -3.24 -19.79
CA VAL D 250 -42.00 -2.27 -20.87
C VAL D 250 -41.55 -0.87 -20.47
N ASP D 251 -41.61 -0.51 -19.19
CA ASP D 251 -41.24 0.82 -18.73
C ASP D 251 -39.85 0.79 -18.11
N ASP D 252 -39.05 1.81 -18.43
CA ASP D 252 -37.69 1.90 -17.91
C ASP D 252 -37.66 2.15 -16.41
N ASN D 253 -38.79 2.51 -15.79
CA ASN D 253 -38.81 2.69 -14.34
C ASN D 253 -38.54 1.38 -13.60
N TYR D 254 -38.73 0.24 -14.26
CA TYR D 254 -38.39 -1.03 -13.64
C TYR D 254 -36.89 -1.12 -13.37
N PHE D 255 -36.08 -0.59 -14.29
CA PHE D 255 -34.63 -0.45 -14.06
C PHE D 255 -34.36 0.86 -13.31
N TYR D 256 -34.94 0.95 -12.11
CA TYR D 256 -34.78 2.16 -11.31
C TYR D 256 -33.32 2.37 -10.91
N LEU D 257 -32.77 1.45 -10.13
CA LEU D 257 -31.40 1.55 -9.65
C LEU D 257 -30.52 0.45 -10.22
N PHE D 258 -30.90 -0.09 -11.38
CA PHE D 258 -30.09 -1.10 -12.06
C PHE D 258 -29.65 -0.66 -13.44
N ASP D 259 -29.94 0.58 -13.84
CA ASP D 259 -29.39 1.09 -15.08
C ASP D 259 -27.90 1.35 -14.95
N LEU D 260 -27.23 1.50 -16.09
CA LEU D 260 -25.78 1.60 -16.10
C LEU D 260 -25.27 2.77 -15.28
N LYS D 261 -26.05 3.85 -15.19
CA LYS D 261 -25.60 5.02 -14.44
C LYS D 261 -25.60 4.75 -12.94
N ALA D 262 -26.58 3.99 -12.45
CA ALA D 262 -26.60 3.64 -11.03
C ALA D 262 -25.39 2.79 -10.66
N PHE D 263 -25.05 1.82 -11.51
CA PHE D 263 -23.85 1.02 -11.25
C PHE D 263 -22.59 1.85 -11.40
N PHE D 264 -22.60 2.83 -12.31
CA PHE D 264 -21.43 3.71 -12.46
C PHE D 264 -21.19 4.51 -11.18
N THR D 265 -22.25 5.12 -10.65
CA THR D 265 -22.07 5.90 -9.42
C THR D 265 -21.88 5.02 -8.19
N SER D 266 -22.28 3.75 -8.26
CA SER D 266 -21.94 2.82 -7.18
C SER D 266 -20.46 2.46 -7.22
N LYS D 267 -19.94 2.18 -8.42
CA LYS D 267 -18.52 1.86 -8.57
C LYS D 267 -17.65 3.05 -8.20
N ALA D 268 -18.08 4.26 -8.57
CA ALA D 268 -17.35 5.47 -8.22
C ALA D 268 -17.30 5.73 -6.72
N LEU D 269 -17.95 4.90 -5.92
CA LEU D 269 -17.95 5.02 -4.47
C LEU D 269 -17.62 3.67 -3.85
N ASN D 270 -17.34 3.69 -2.55
CA ASN D 270 -17.10 2.43 -1.84
C ASN D 270 -18.38 1.62 -1.70
N MET D 271 -19.51 2.30 -1.48
CA MET D 271 -20.77 1.61 -1.23
C MET D 271 -21.28 0.92 -2.49
N ALA D 272 -21.70 -0.33 -2.35
CA ALA D 272 -22.33 -1.09 -3.42
C ALA D 272 -23.74 -1.46 -2.99
N ILE D 273 -24.71 -1.26 -3.89
CA ILE D 273 -26.11 -1.56 -3.59
C ILE D 273 -26.27 -3.07 -3.41
N PRO D 274 -27.23 -3.52 -2.60
CA PRO D 274 -27.37 -4.98 -2.38
C PRO D 274 -27.55 -5.77 -3.65
N GLY D 275 -28.30 -5.24 -4.62
CA GLY D 275 -28.41 -5.90 -5.90
C GLY D 275 -27.22 -5.69 -6.82
N GLY D 276 -26.34 -4.76 -6.47
CA GLY D 276 -25.19 -4.45 -7.30
C GLY D 276 -23.92 -5.11 -6.80
N PRO D 277 -23.02 -5.41 -7.73
CA PRO D 277 -21.76 -6.05 -7.36
C PRO D 277 -20.84 -5.12 -6.59
N LYS D 278 -19.95 -5.73 -5.81
CA LYS D 278 -18.89 -4.98 -5.14
C LYS D 278 -17.83 -4.57 -6.15
N PHE D 279 -16.97 -3.64 -5.73
CA PHE D 279 -15.92 -3.15 -6.60
C PHE D 279 -14.68 -2.83 -5.77
N GLU D 280 -13.53 -2.87 -6.45
CA GLU D 280 -12.30 -2.36 -5.86
C GLU D 280 -12.24 -0.85 -6.04
N PRO D 281 -12.06 -0.07 -4.98
CA PRO D 281 -12.06 1.39 -5.13
C PRO D 281 -10.96 1.86 -6.08
N LEU D 282 -11.27 2.92 -6.83
CA LEU D 282 -10.33 3.42 -7.81
C LEU D 282 -9.04 3.89 -7.16
N VAL D 283 -9.14 4.59 -6.02
CA VAL D 283 -7.98 5.04 -5.26
C VAL D 283 -8.14 4.56 -3.82
N ARG D 284 -7.09 4.79 -3.03
CA ARG D 284 -7.16 4.43 -1.62
C ARG D 284 -8.24 5.22 -0.89
N ASP D 285 -8.37 6.50 -1.20
CA ASP D 285 -9.40 7.38 -0.63
C ASP D 285 -9.34 7.36 0.90
N ILE D 286 -8.14 7.44 1.46
CA ILE D 286 -7.98 7.46 2.90
C ILE D 286 -8.58 8.72 3.51
N ASN D 287 -8.69 9.79 2.72
CA ASN D 287 -9.25 11.04 3.22
C ASN D 287 -10.72 10.86 3.62
N LEU D 288 -11.49 10.17 2.80
CA LEU D 288 -12.90 9.93 3.06
C LEU D 288 -13.16 8.60 3.77
N GLN D 289 -12.11 7.83 4.09
CA GLN D 289 -12.30 6.53 4.72
C GLN D 289 -12.81 6.69 6.15
N ASP D 290 -12.03 7.34 7.01
CA ASP D 290 -12.41 7.56 8.41
C ASP D 290 -12.01 9.00 8.78
N GLU D 291 -12.92 9.93 8.60
CA GLU D 291 -12.68 11.31 8.97
C GLU D 291 -12.79 11.49 10.47
N ASP D 292 -12.00 12.41 11.00
CA ASP D 292 -12.03 12.70 12.43
C ASP D 292 -13.33 13.39 12.80
N TRP D 293 -13.71 13.24 14.06
CA TRP D 293 -14.91 13.90 14.55
C TRP D 293 -14.74 15.41 14.52
N ASN D 294 -15.74 16.11 14.04
CA ASN D 294 -15.72 17.57 13.92
C ASN D 294 -16.82 18.18 14.78
N GLU D 295 -16.95 19.49 14.69
CA GLU D 295 -17.96 20.19 15.49
C GLU D 295 -19.37 19.83 15.05
N PHE D 296 -19.59 19.72 13.74
CA PHE D 296 -20.89 19.36 13.21
C PHE D 296 -20.98 17.89 12.79
N ASN D 297 -19.86 17.27 12.44
CA ASN D 297 -19.86 15.87 12.03
C ASN D 297 -20.09 14.92 13.19
N ASP D 298 -20.09 15.41 14.43
CA ASP D 298 -20.27 14.55 15.59
C ASP D 298 -21.62 13.85 15.54
N ILE D 299 -21.62 12.55 15.83
CA ILE D 299 -22.86 11.77 15.86
C ILE D 299 -23.74 12.15 17.04
N ASN D 300 -23.18 12.85 18.02
CA ASN D 300 -23.98 13.28 19.17
C ASN D 300 -25.12 14.21 18.75
N LYS D 301 -24.96 14.90 17.63
CA LYS D 301 -25.98 15.83 17.14
C LYS D 301 -26.78 15.27 15.97
N ILE D 302 -26.19 14.41 15.15
CA ILE D 302 -26.90 13.85 14.00
C ILE D 302 -27.98 12.89 14.50
N ILE D 303 -29.19 13.06 14.00
CA ILE D 303 -30.32 12.21 14.36
C ILE D 303 -30.64 11.31 13.17
N ILE D 304 -30.67 10.00 13.41
CA ILE D 304 -30.91 9.03 12.36
C ILE D 304 -32.23 8.31 12.61
N ARG D 305 -33.32 8.83 12.05
CA ARG D 305 -34.60 8.14 12.14
C ARG D 305 -34.57 6.80 11.42
N GLN D 306 -34.00 6.77 10.21
CA GLN D 306 -33.87 5.57 9.41
C GLN D 306 -32.44 5.46 8.91
N PRO D 307 -31.96 4.23 8.68
CA PRO D 307 -30.59 4.08 8.17
C PRO D 307 -30.45 4.74 6.80
N ILE D 308 -29.28 5.33 6.56
CA ILE D 308 -28.96 5.95 5.28
C ILE D 308 -28.36 4.83 4.43
N ARG D 309 -29.23 4.06 3.80
CA ARG D 309 -28.80 2.91 3.02
C ARG D 309 -28.14 3.36 1.72
N THR D 310 -27.51 2.39 1.03
CA THR D 310 -26.86 2.68 -0.23
C THR D 310 -27.86 3.18 -1.28
N GLU D 311 -29.13 2.80 -1.16
CA GLU D 311 -30.14 3.31 -2.09
C GLU D 311 -30.25 4.83 -2.00
N TYR D 312 -30.21 5.37 -0.78
CA TYR D 312 -30.29 6.81 -0.61
C TYR D 312 -29.10 7.50 -1.25
N LYS D 313 -27.90 6.96 -1.07
CA LYS D 313 -26.71 7.57 -1.64
C LYS D 313 -26.71 7.49 -3.16
N ILE D 314 -27.11 6.36 -3.72
CA ILE D 314 -27.11 6.22 -5.18
C ILE D 314 -28.18 7.10 -5.81
N ALA D 315 -29.34 7.22 -5.15
CA ALA D 315 -30.42 8.01 -5.71
C ALA D 315 -30.03 9.47 -5.84
N PHE D 316 -29.49 10.05 -4.77
CA PHE D 316 -29.08 11.46 -4.74
C PHE D 316 -27.62 11.53 -4.34
N PRO D 317 -26.70 11.24 -5.26
CA PRO D 317 -25.27 11.23 -4.91
C PRO D 317 -24.75 12.57 -4.46
N TYR D 318 -25.37 13.66 -4.88
CA TYR D 318 -24.88 15.01 -4.57
C TYR D 318 -25.43 15.53 -3.24
N LEU D 319 -26.29 14.79 -2.57
CA LEU D 319 -26.84 15.22 -1.28
C LEU D 319 -26.43 14.31 -0.14
N TYR D 320 -26.72 13.01 -0.22
CA TYR D 320 -26.47 12.08 0.86
C TYR D 320 -25.05 11.55 0.88
N ASN D 321 -24.10 12.22 0.22
CA ASN D 321 -22.73 11.73 0.13
C ASN D 321 -21.78 12.90 0.29
N ASN D 322 -21.10 12.96 1.43
CA ASN D 322 -20.02 13.93 1.60
C ASN D 322 -18.92 13.64 0.57
N LEU D 323 -18.46 14.69 -0.10
CA LEU D 323 -17.45 14.62 -1.15
C LEU D 323 -17.88 13.56 -2.17
N PRO D 324 -18.89 13.86 -3.01
CA PRO D 324 -19.24 12.89 -4.05
C PRO D 324 -18.18 12.77 -5.12
N HIS D 325 -17.60 13.89 -5.55
CA HIS D 325 -16.48 13.93 -6.50
C HIS D 325 -16.97 13.34 -7.83
N HIS D 326 -16.17 12.54 -8.52
CA HIS D 326 -16.50 12.05 -9.85
C HIS D 326 -17.59 10.99 -9.74
N VAL D 327 -18.82 11.38 -10.06
CA VAL D 327 -19.97 10.48 -10.06
C VAL D 327 -20.70 10.63 -11.39
N HIS D 328 -21.76 9.84 -11.56
CA HIS D 328 -22.63 9.90 -12.72
C HIS D 328 -24.04 10.28 -12.25
N LEU D 329 -24.85 10.71 -13.21
CA LEU D 329 -26.21 11.16 -12.93
C LEU D 329 -27.20 10.13 -13.44
N THR D 330 -28.17 9.77 -12.60
CA THR D 330 -29.17 8.77 -12.92
C THR D 330 -30.47 9.44 -13.35
N TRP D 331 -31.20 8.78 -14.25
CA TRP D 331 -32.50 9.28 -14.67
C TRP D 331 -33.47 9.22 -13.51
N TYR D 332 -34.27 10.27 -13.34
CA TYR D 332 -35.16 10.35 -12.21
C TYR D 332 -36.39 9.45 -12.39
N HIS D 333 -37.20 9.74 -13.40
CA HIS D 333 -38.45 9.02 -13.57
C HIS D 333 -38.87 9.04 -15.03
N THR D 334 -39.69 8.05 -15.39
CA THR D 334 -40.33 7.93 -16.68
C THR D 334 -41.83 7.76 -16.43
N PRO D 335 -42.69 8.41 -17.22
CA PRO D 335 -44.14 8.25 -17.01
C PRO D 335 -44.54 6.79 -17.08
N ASN D 336 -45.41 6.40 -16.15
CA ASN D 336 -45.83 5.00 -16.04
C ASN D 336 -46.48 4.55 -17.34
N VAL D 337 -45.88 3.54 -17.97
CA VAL D 337 -46.42 3.01 -19.22
C VAL D 337 -47.75 2.34 -18.90
N VAL D 338 -48.84 2.95 -19.33
CA VAL D 338 -50.18 2.43 -19.08
C VAL D 338 -50.56 1.66 -20.34
N PHE D 339 -50.20 0.38 -20.37
CA PHE D 339 -50.45 -0.47 -21.53
C PHE D 339 -51.15 -1.74 -21.08
N ILE D 340 -52.05 -2.24 -21.94
CA ILE D 340 -52.77 -3.48 -21.68
C ILE D 340 -52.40 -4.46 -22.79
N LYS D 341 -51.75 -5.55 -22.41
CA LYS D 341 -51.36 -6.58 -23.38
C LYS D 341 -52.59 -7.36 -23.82
N THR D 342 -52.68 -7.62 -25.12
CA THR D 342 -53.82 -8.35 -25.67
C THR D 342 -53.90 -9.74 -25.08
N GLU D 343 -55.10 -10.15 -24.65
CA GLU D 343 -55.32 -11.45 -24.03
C GLU D 343 -55.98 -12.44 -24.98
N ASP D 344 -56.99 -12.00 -25.74
CA ASP D 344 -57.66 -12.84 -26.72
C ASP D 344 -57.74 -12.11 -28.05
N PRO D 345 -57.20 -12.66 -29.13
CA PRO D 345 -57.21 -11.95 -30.42
C PRO D 345 -58.61 -11.67 -30.95
N ASP D 346 -59.57 -12.55 -30.69
CA ASP D 346 -60.92 -12.36 -31.23
C ASP D 346 -61.57 -11.11 -30.68
N LEU D 347 -61.38 -10.83 -29.40
CA LEU D 347 -61.99 -9.66 -28.78
C LEU D 347 -61.41 -8.38 -29.39
N PRO D 348 -62.24 -7.37 -29.63
CA PRO D 348 -61.74 -6.15 -30.28
C PRO D 348 -60.70 -5.43 -29.45
N ALA D 349 -59.75 -4.80 -30.12
CA ALA D 349 -58.67 -4.09 -29.44
C ALA D 349 -59.19 -2.89 -28.65
N PHE D 350 -59.99 -2.04 -29.30
CA PHE D 350 -60.53 -0.84 -28.66
C PHE D 350 -61.72 -1.25 -27.78
N TYR D 351 -61.39 -1.88 -26.66
CA TYR D 351 -62.39 -2.37 -25.73
C TYR D 351 -62.00 -1.96 -24.32
N PHE D 352 -63.00 -1.59 -23.52
CA PHE D 352 -62.77 -1.19 -22.13
C PHE D 352 -62.39 -2.42 -21.33
N ASP D 353 -61.09 -2.61 -21.11
CA ASP D 353 -60.61 -3.79 -20.39
C ASP D 353 -61.10 -3.74 -18.94
N PRO D 354 -61.45 -4.88 -18.36
CA PRO D 354 -61.92 -4.87 -16.96
C PRO D 354 -60.93 -4.30 -15.97
N LEU D 355 -59.62 -4.45 -16.23
CA LEU D 355 -58.63 -3.90 -15.30
C LEU D 355 -58.70 -2.38 -15.25
N ILE D 356 -59.07 -1.73 -16.35
CA ILE D 356 -59.22 -0.29 -16.35
C ILE D 356 -60.32 0.11 -15.39
N ASN D 357 -60.03 1.09 -14.53
CA ASN D 357 -60.98 1.49 -13.50
C ASN D 357 -62.21 2.11 -14.14
N PRO D 358 -63.41 1.83 -13.61
CA PRO D 358 -64.61 2.47 -14.14
C PRO D 358 -64.66 3.95 -13.79
N ILE D 359 -65.37 4.70 -14.62
CA ILE D 359 -65.53 6.14 -14.43
C ILE D 359 -66.98 6.45 -14.10
N SER D 360 -67.19 7.56 -13.42
CA SER D 360 -68.52 7.96 -12.96
C SER D 360 -69.35 8.43 -14.15
N HIS D 361 -70.24 7.58 -14.64
CA HIS D 361 -71.18 7.96 -15.69
C HIS D 361 -72.37 8.70 -15.07
N ARG D 362 -72.05 9.83 -14.45
CA ARG D 362 -73.08 10.64 -13.80
C ARG D 362 -74.02 11.24 -14.83
N HIS D 363 -75.31 11.20 -14.53
CA HIS D 363 -76.31 11.77 -15.44
C HIS D 363 -76.07 13.26 -15.64
N SER D 364 -75.88 14.00 -14.53
CA SER D 364 -75.57 15.42 -14.55
C SER D 364 -76.60 16.19 -15.39
N VAL D 365 -77.85 16.17 -14.92
CA VAL D 365 -78.92 16.89 -15.60
C VAL D 365 -78.66 18.38 -15.63
N LYS D 366 -77.81 18.88 -14.73
CA LYS D 366 -77.45 20.30 -14.74
C LYS D 366 -76.68 20.64 -16.01
N SER D 367 -76.75 21.91 -16.40
CA SER D 367 -76.14 22.35 -17.66
C SER D 367 -75.17 23.50 -17.42
N GLN D 368 -74.28 23.34 -16.44
CA GLN D 368 -73.26 24.36 -16.19
C GLN D 368 -72.38 24.58 -17.41
N GLU D 369 -72.14 23.53 -18.20
CA GLU D 369 -71.40 23.68 -19.43
C GLU D 369 -72.23 24.44 -20.45
N PRO D 370 -71.59 25.20 -21.35
CA PRO D 370 -72.35 25.95 -22.36
C PRO D 370 -73.10 25.01 -23.29
N LEU D 371 -74.25 25.49 -23.77
CA LEU D 371 -75.11 24.71 -24.62
C LEU D 371 -75.40 25.48 -25.92
N PRO D 372 -75.52 24.77 -27.04
CA PRO D 372 -75.80 25.46 -28.31
C PRO D 372 -77.28 25.65 -28.56
N ASP D 373 -77.63 26.22 -29.71
CA ASP D 373 -79.02 26.43 -30.05
C ASP D 373 -79.72 25.10 -30.34
N ASP D 374 -81.04 25.10 -30.14
CA ASP D 374 -81.86 23.91 -30.32
C ASP D 374 -82.52 23.97 -31.70
N ASP D 375 -81.95 23.23 -32.66
CA ASP D 375 -82.50 23.12 -34.01
C ASP D 375 -82.72 24.49 -34.64
N GLU D 376 -81.74 25.38 -34.48
CA GLU D 376 -81.82 26.73 -35.01
C GLU D 376 -80.62 27.13 -35.86
N GLU D 377 -79.50 26.42 -35.79
CA GLU D 377 -78.31 26.80 -36.54
C GLU D 377 -77.54 25.52 -36.88
N PHE D 378 -76.27 25.67 -37.26
CA PHE D 378 -75.39 24.57 -37.61
C PHE D 378 -75.94 23.76 -38.78
N GLU D 379 -76.07 24.44 -39.92
CA GLU D 379 -76.53 23.82 -41.16
C GLU D 379 -75.29 23.32 -41.90
N LEU D 380 -75.06 22.01 -41.85
CA LEU D 380 -73.85 21.42 -42.41
C LEU D 380 -74.15 20.76 -43.75
N PRO D 381 -73.32 20.97 -44.76
CA PRO D 381 -73.54 20.33 -46.06
C PRO D 381 -73.44 18.81 -45.95
N GLU D 382 -74.20 18.12 -46.81
CA GLU D 382 -74.18 16.67 -46.80
C GLU D 382 -72.89 16.11 -47.38
N PHE D 383 -72.21 16.89 -48.24
CA PHE D 383 -70.94 16.45 -48.80
C PHE D 383 -69.81 16.46 -47.78
N VAL D 384 -70.01 17.10 -46.62
CA VAL D 384 -68.99 17.18 -45.59
C VAL D 384 -69.13 15.95 -44.70
N GLU D 385 -68.33 14.94 -44.97
CA GLU D 385 -68.27 13.71 -44.18
C GLU D 385 -67.34 13.90 -43.00
N PRO D 386 -67.47 13.08 -41.95
CA PRO D 386 -66.54 13.18 -40.81
C PRO D 386 -65.14 12.70 -41.17
N PHE D 387 -64.56 13.27 -42.22
CA PHE D 387 -63.21 12.96 -42.66
C PHE D 387 -63.03 11.48 -42.96
N LEU D 388 -62.32 10.77 -42.09
CA LEU D 388 -62.03 9.36 -42.32
C LEU D 388 -63.31 8.55 -42.14
N LYS D 389 -63.90 8.15 -43.26
CA LYS D 389 -65.12 7.36 -43.27
C LYS D 389 -64.95 6.18 -44.21
N ASP D 390 -65.86 5.21 -44.08
CA ASP D 390 -65.82 3.97 -44.86
C ASP D 390 -64.52 3.21 -44.62
N THR D 391 -63.92 3.42 -43.45
CA THR D 391 -62.68 2.75 -43.06
C THR D 391 -62.87 2.16 -41.68
N PRO D 392 -62.55 0.89 -41.48
CA PRO D 392 -62.77 0.27 -40.17
C PRO D 392 -61.96 0.95 -39.08
N LEU D 393 -62.65 1.40 -38.03
CA LEU D 393 -61.97 2.01 -36.89
C LEU D 393 -61.05 1.00 -36.20
N TYR D 394 -61.51 -0.23 -36.04
CA TYR D 394 -60.72 -1.31 -35.45
C TYR D 394 -60.52 -2.39 -36.50
N THR D 395 -59.26 -2.74 -36.74
CA THR D 395 -58.91 -3.81 -37.66
C THR D 395 -58.16 -4.90 -36.92
N ASP D 396 -57.98 -6.05 -37.59
CA ASP D 396 -57.33 -7.18 -36.96
C ASP D 396 -55.87 -6.89 -36.63
N ASN D 397 -55.22 -6.01 -37.40
CA ASN D 397 -53.81 -5.71 -37.21
C ASN D 397 -53.57 -4.58 -36.21
N THR D 398 -54.63 -3.94 -35.69
CA THR D 398 -54.45 -2.86 -34.74
C THR D 398 -53.82 -3.37 -33.44
N ALA D 399 -54.32 -4.48 -32.91
CA ALA D 399 -53.79 -5.01 -31.66
C ALA D 399 -52.33 -5.39 -31.79
N ASN D 400 -51.97 -6.06 -32.90
CA ASN D 400 -50.59 -6.47 -33.10
C ASN D 400 -49.65 -5.26 -33.15
N GLY D 401 -50.02 -4.25 -33.93
CA GLY D 401 -49.18 -3.08 -34.04
C GLY D 401 -49.07 -2.30 -32.73
N ILE D 402 -50.18 -2.16 -32.01
CA ILE D 402 -50.13 -1.39 -30.77
C ILE D 402 -49.37 -2.17 -29.70
N ALA D 403 -49.33 -3.49 -29.82
CA ALA D 403 -48.49 -4.28 -28.91
C ALA D 403 -47.02 -4.15 -29.28
N LEU D 404 -46.71 -4.13 -30.57
CA LEU D 404 -45.34 -3.96 -31.03
C LEU D 404 -44.81 -2.58 -30.68
N LEU D 405 -45.69 -1.59 -30.57
CA LEU D 405 -45.24 -0.22 -30.27
C LEU D 405 -44.56 -0.14 -28.91
N TRP D 406 -44.82 -1.08 -28.00
CA TRP D 406 -44.21 -1.10 -26.68
C TRP D 406 -43.33 -2.35 -26.50
N ALA D 407 -42.78 -2.85 -27.59
CA ALA D 407 -41.88 -4.00 -27.55
C ALA D 407 -40.52 -3.60 -27.01
N PRO D 408 -39.67 -4.56 -26.66
CA PRO D 408 -38.28 -4.23 -26.33
C PRO D 408 -37.51 -3.66 -27.52
N ARG D 409 -36.24 -3.34 -27.32
CA ARG D 409 -35.44 -2.69 -28.36
C ARG D 409 -35.41 -3.43 -29.70
N PRO D 410 -35.15 -4.75 -29.76
CA PRO D 410 -35.03 -5.39 -31.08
C PRO D 410 -36.31 -5.32 -31.91
N PHE D 411 -37.48 -5.36 -31.29
CA PHE D 411 -38.74 -5.42 -32.02
C PHE D 411 -39.45 -4.08 -32.14
N ASN D 412 -38.99 -3.05 -31.42
CA ASN D 412 -39.57 -1.72 -31.58
C ASN D 412 -39.28 -1.12 -32.95
N LEU D 413 -38.18 -1.53 -33.58
CA LEU D 413 -37.80 -0.98 -34.87
C LEU D 413 -38.51 -1.73 -36.00
N ARG D 414 -39.18 -0.99 -36.86
CA ARG D 414 -39.85 -1.61 -38.01
C ARG D 414 -38.84 -2.23 -38.95
N SER D 415 -37.73 -1.54 -39.20
CA SER D 415 -36.72 -2.01 -40.15
C SER D 415 -35.41 -1.28 -39.85
N GLY D 416 -34.32 -2.03 -39.84
CA GLY D 416 -33.01 -1.49 -39.54
C GLY D 416 -31.90 -2.28 -40.19
N ARG D 417 -30.74 -2.28 -39.56
CA ARG D 417 -29.55 -2.95 -40.07
C ARG D 417 -29.26 -4.20 -39.25
N THR D 418 -28.56 -5.14 -39.88
CA THR D 418 -28.29 -6.42 -39.25
C THR D 418 -27.21 -6.27 -38.16
N ARG D 419 -27.15 -7.28 -37.30
CA ARG D 419 -26.07 -7.42 -36.34
C ARG D 419 -25.49 -8.82 -36.47
N ARG D 420 -24.23 -8.98 -36.07
CA ARG D 420 -23.56 -10.26 -36.21
C ARG D 420 -24.18 -11.27 -35.25
N ALA D 421 -23.87 -12.55 -35.50
CA ALA D 421 -24.46 -13.61 -34.67
C ALA D 421 -23.89 -13.58 -33.26
N LEU D 422 -22.58 -13.34 -33.12
CA LEU D 422 -21.91 -13.48 -31.84
C LEU D 422 -22.15 -12.30 -30.90
N ASP D 423 -22.62 -11.16 -31.41
CA ASP D 423 -22.83 -9.98 -30.57
C ASP D 423 -24.32 -9.70 -30.38
N ILE D 424 -25.12 -10.74 -30.22
CA ILE D 424 -26.51 -10.61 -29.84
C ILE D 424 -26.71 -11.34 -28.51
N PRO D 425 -26.54 -10.65 -27.39
CA PRO D 425 -26.64 -11.31 -26.07
C PRO D 425 -28.09 -11.55 -25.68
N LEU D 426 -28.52 -12.80 -25.73
CA LEU D 426 -29.90 -13.14 -25.35
C LEU D 426 -30.08 -13.03 -23.85
N VAL D 427 -29.12 -13.52 -23.07
CA VAL D 427 -29.21 -13.48 -21.61
C VAL D 427 -29.03 -12.06 -21.08
N LYS D 428 -28.68 -11.11 -21.94
CA LYS D 428 -28.36 -9.77 -21.47
C LYS D 428 -29.50 -9.15 -20.69
N ASN D 429 -30.72 -9.28 -21.20
CA ASN D 429 -31.88 -8.70 -20.51
C ASN D 429 -32.21 -9.42 -19.21
N TRP D 430 -31.60 -10.57 -18.94
CA TRP D 430 -31.96 -11.35 -17.76
C TRP D 430 -31.33 -10.78 -16.50
N TYR D 431 -30.00 -10.74 -16.43
CA TYR D 431 -29.34 -10.19 -15.26
C TYR D 431 -29.56 -8.69 -15.10
N ARG D 432 -29.88 -7.99 -16.20
CA ARG D 432 -30.18 -6.57 -16.09
C ARG D 432 -31.46 -6.33 -15.31
N GLU D 433 -32.30 -7.35 -15.15
CA GLU D 433 -33.46 -7.25 -14.28
C GLU D 433 -33.02 -7.13 -12.82
N HIS D 434 -33.97 -6.79 -11.94
CA HIS D 434 -33.65 -6.55 -10.55
C HIS D 434 -33.06 -7.80 -9.89
N CYS D 435 -33.74 -8.94 -10.00
CA CYS D 435 -33.26 -10.18 -9.44
C CYS D 435 -34.13 -11.35 -9.87
N PRO D 436 -33.55 -12.53 -10.13
CA PRO D 436 -34.38 -13.73 -10.29
C PRO D 436 -34.91 -14.20 -8.95
N ALA D 437 -36.00 -13.58 -8.50
CA ALA D 437 -36.50 -13.81 -7.14
C ALA D 437 -36.81 -15.28 -6.91
N GLY D 438 -36.47 -15.77 -5.72
CA GLY D 438 -36.66 -17.16 -5.38
C GLY D 438 -35.54 -18.03 -5.93
N GLN D 439 -34.31 -17.66 -5.64
CA GLN D 439 -33.13 -18.33 -6.17
C GLN D 439 -32.14 -18.61 -5.04
N PRO D 440 -31.28 -19.61 -5.20
CA PRO D 440 -30.25 -19.86 -4.19
C PRO D 440 -29.17 -18.79 -4.22
N VAL D 441 -28.35 -18.79 -3.17
CA VAL D 441 -27.34 -17.75 -2.99
C VAL D 441 -26.34 -17.78 -4.14
N LYS D 442 -26.00 -18.97 -4.62
CA LYS D 442 -25.02 -19.09 -5.70
C LYS D 442 -25.52 -18.40 -6.98
N VAL D 443 -26.83 -18.47 -7.24
CA VAL D 443 -27.39 -17.76 -8.39
C VAL D 443 -27.21 -16.25 -8.24
N ARG D 444 -27.44 -15.76 -7.02
CA ARG D 444 -27.25 -14.34 -6.77
C ARG D 444 -25.81 -13.97 -7.04
N VAL D 445 -24.88 -14.74 -6.49
CA VAL D 445 -23.46 -14.43 -6.65
C VAL D 445 -23.08 -14.42 -8.13
N SER D 446 -23.56 -15.40 -8.88
CA SER D 446 -23.27 -15.43 -10.32
C SER D 446 -23.83 -14.20 -11.03
N TYR D 447 -25.06 -13.82 -10.70
CA TYR D 447 -25.66 -12.65 -11.32
C TYR D 447 -24.87 -11.38 -10.98
N GLN D 448 -24.48 -11.24 -9.71
CA GLN D 448 -23.73 -10.06 -9.30
C GLN D 448 -22.38 -10.00 -10.00
N LYS D 449 -21.68 -11.12 -10.07
CA LYS D 449 -20.37 -11.13 -10.73
C LYS D 449 -20.48 -10.82 -12.22
N LEU D 450 -21.49 -11.38 -12.88
CA LEU D 450 -21.63 -11.11 -14.31
C LEU D 450 -22.07 -9.67 -14.56
N LEU D 451 -22.87 -9.10 -13.66
CA LEU D 451 -23.20 -7.68 -13.75
C LEU D 451 -21.96 -6.82 -13.56
N LYS D 452 -21.06 -7.23 -12.65
CA LYS D 452 -19.79 -6.53 -12.49
C LYS D 452 -19.00 -6.56 -13.79
N TYR D 453 -18.92 -7.73 -14.43
CA TYR D 453 -18.20 -7.83 -15.69
C TYR D 453 -18.83 -6.92 -16.75
N TYR D 454 -20.17 -6.91 -16.82
CA TYR D 454 -20.84 -6.09 -17.81
C TYR D 454 -20.60 -4.60 -17.56
N VAL D 455 -20.66 -4.16 -16.31
CA VAL D 455 -20.47 -2.74 -16.03
C VAL D 455 -19.03 -2.33 -16.27
N LEU D 456 -18.06 -3.20 -15.98
CA LEU D 456 -16.67 -2.90 -16.32
C LEU D 456 -16.49 -2.82 -17.84
N ASN D 457 -17.18 -3.68 -18.59
CA ASN D 457 -17.15 -3.56 -20.04
C ASN D 457 -17.75 -2.23 -20.50
N ALA D 458 -18.81 -1.79 -19.82
CA ALA D 458 -19.49 -0.57 -20.20
C ALA D 458 -18.67 0.68 -19.89
N LEU D 459 -17.88 0.64 -18.81
CA LEU D 459 -17.10 1.80 -18.41
C LEU D 459 -16.12 2.22 -19.50
N LYS D 460 -15.16 1.34 -19.81
CA LYS D 460 -14.13 1.65 -20.80
C LYS D 460 -14.64 1.29 -22.18
N HIS D 461 -15.22 2.28 -22.88
CA HIS D 461 -15.74 2.05 -24.23
C HIS D 461 -15.56 3.33 -25.04
N ARG D 462 -14.40 3.44 -25.70
CA ARG D 462 -14.07 4.52 -26.61
C ARG D 462 -13.14 3.96 -27.67
N PRO D 463 -13.52 3.93 -28.94
CA PRO D 463 -12.61 3.50 -30.00
C PRO D 463 -11.83 4.67 -30.59
N PRO D 464 -10.51 4.70 -30.42
CA PRO D 464 -9.68 5.57 -31.28
C PRO D 464 -9.47 5.03 -32.68
N LYS D 465 -10.00 3.85 -32.99
CA LYS D 465 -9.56 3.07 -34.16
C LYS D 465 -10.11 3.69 -35.44
N ALA D 466 -9.46 4.78 -35.86
CA ALA D 466 -9.74 5.38 -37.18
C ALA D 466 -8.92 4.64 -38.24
N GLN D 467 -9.35 3.41 -38.51
CA GLN D 467 -8.60 2.53 -39.39
C GLN D 467 -8.76 2.95 -40.85
N LYS D 468 -7.87 2.41 -41.69
CA LYS D 468 -7.91 2.63 -43.13
C LYS D 468 -8.73 1.57 -43.86
N LYS D 469 -9.46 0.73 -43.12
CA LYS D 469 -10.29 -0.33 -43.70
C LYS D 469 -9.46 -1.27 -44.56
N ARG D 470 -8.25 -1.58 -44.10
CA ARG D 470 -7.38 -2.53 -44.79
C ARG D 470 -7.84 -3.94 -44.44
N TYR D 471 -8.62 -4.54 -45.34
CA TYR D 471 -9.15 -5.89 -45.13
C TYR D 471 -8.03 -6.89 -45.38
N LEU D 472 -7.34 -7.27 -44.30
CA LEU D 472 -6.24 -8.23 -44.42
C LEU D 472 -6.75 -9.58 -44.90
N PHE D 473 -7.93 -10.00 -44.44
CA PHE D 473 -8.50 -11.26 -44.88
C PHE D 473 -8.79 -11.24 -46.38
N ARG D 474 -9.35 -10.13 -46.87
CA ARG D 474 -9.61 -10.01 -48.30
C ARG D 474 -8.31 -10.01 -49.10
N SER D 475 -7.28 -9.35 -48.59
CA SER D 475 -5.99 -9.36 -49.28
C SER D 475 -5.42 -10.77 -49.33
N PHE D 476 -5.52 -11.52 -48.23
CA PHE D 476 -5.08 -12.91 -48.22
C PHE D 476 -5.87 -13.74 -49.23
N LYS D 477 -7.16 -13.48 -49.34
CA LYS D 477 -7.98 -14.15 -50.35
C LYS D 477 -7.47 -13.82 -51.75
N ALA D 478 -7.12 -12.56 -51.99
CA ALA D 478 -6.60 -12.15 -53.29
C ALA D 478 -5.19 -12.64 -53.54
N THR D 479 -4.49 -13.14 -52.52
CA THR D 479 -3.13 -13.61 -52.70
C THR D 479 -3.12 -14.88 -53.55
N LYS D 480 -2.14 -14.96 -54.45
CA LYS D 480 -2.03 -16.11 -55.34
C LYS D 480 -1.73 -17.40 -54.58
N PHE D 481 -1.17 -17.31 -53.37
CA PHE D 481 -0.86 -18.50 -52.60
C PHE D 481 -2.08 -19.20 -52.04
N PHE D 482 -3.26 -18.57 -52.10
CA PHE D 482 -4.49 -19.16 -51.62
C PHE D 482 -5.56 -19.05 -52.71
N GLN D 483 -6.53 -19.95 -52.64
CA GLN D 483 -7.64 -19.98 -53.60
C GLN D 483 -8.95 -20.09 -52.83
N SER D 484 -10.06 -19.93 -53.56
CA SER D 484 -11.38 -19.95 -52.97
C SER D 484 -12.17 -21.13 -53.52
N THR D 485 -13.06 -21.66 -52.68
CA THR D 485 -13.93 -22.77 -53.09
C THR D 485 -15.14 -22.78 -52.16
N LYS D 486 -16.02 -23.76 -52.35
CA LYS D 486 -17.19 -23.93 -51.50
C LYS D 486 -17.21 -25.37 -50.98
N LEU D 487 -17.53 -25.53 -49.70
CA LEU D 487 -17.56 -26.83 -49.08
C LEU D 487 -18.43 -26.77 -47.83
N ASP D 488 -18.78 -27.94 -47.32
CA ASP D 488 -19.59 -28.03 -46.12
C ASP D 488 -18.80 -27.54 -44.91
N TRP D 489 -19.54 -27.10 -43.89
CA TRP D 489 -18.90 -26.60 -42.68
C TRP D 489 -18.15 -27.69 -41.95
N VAL D 490 -18.69 -28.91 -41.92
CA VAL D 490 -18.03 -30.01 -41.24
C VAL D 490 -16.72 -30.37 -41.96
N GLU D 491 -16.71 -30.31 -43.29
CA GLU D 491 -15.48 -30.53 -44.03
C GLU D 491 -14.44 -29.48 -43.68
N VAL D 492 -14.85 -28.21 -43.57
CA VAL D 492 -13.93 -27.17 -43.17
C VAL D 492 -13.41 -27.41 -41.75
N GLY D 493 -14.29 -27.90 -40.87
CA GLY D 493 -13.87 -28.18 -39.51
C GLY D 493 -12.82 -29.28 -39.45
N LEU D 494 -13.02 -30.36 -40.20
CA LEU D 494 -12.02 -31.43 -40.21
C LEU D 494 -10.73 -30.96 -40.88
N GLN D 495 -10.84 -30.11 -41.90
CA GLN D 495 -9.64 -29.52 -42.51
C GLN D 495 -8.86 -28.71 -41.48
N VAL D 496 -9.56 -27.91 -40.68
CA VAL D 496 -8.88 -27.10 -39.67
C VAL D 496 -8.28 -27.98 -38.58
N CYS D 497 -8.96 -29.06 -38.21
CA CYS D 497 -8.39 -29.98 -37.23
C CYS D 497 -7.11 -30.61 -37.76
N ARG D 498 -7.11 -31.06 -39.02
CA ARG D 498 -5.90 -31.63 -39.59
C ARG D 498 -4.79 -30.59 -39.68
N GLN D 499 -5.14 -29.35 -40.06
CA GLN D 499 -4.15 -28.29 -40.14
C GLN D 499 -3.55 -27.97 -38.77
N GLY D 500 -4.38 -27.95 -37.74
CA GLY D 500 -3.87 -27.72 -36.40
C GLY D 500 -2.99 -28.85 -35.90
N TYR D 501 -3.35 -30.09 -36.25
CA TYR D 501 -2.47 -31.21 -35.91
C TYR D 501 -1.14 -31.09 -36.60
N ASN D 502 -1.13 -30.69 -37.87
CA ASN D 502 0.13 -30.47 -38.57
C ASN D 502 0.92 -29.34 -37.93
N MET D 503 0.24 -28.27 -37.52
CA MET D 503 0.90 -27.16 -36.85
C MET D 503 1.61 -27.64 -35.60
N LEU D 504 0.89 -28.35 -34.74
CA LEU D 504 1.50 -28.84 -33.50
C LEU D 504 2.58 -29.88 -33.78
N ASN D 505 2.43 -30.68 -34.83
CA ASN D 505 3.43 -31.68 -35.17
C ASN D 505 4.75 -31.01 -35.55
N LEU D 506 4.70 -30.01 -36.44
CA LEU D 506 5.92 -29.29 -36.78
C LEU D 506 6.48 -28.53 -35.58
N LEU D 507 5.61 -27.87 -34.81
CA LEU D 507 6.08 -27.11 -33.66
C LEU D 507 6.75 -28.00 -32.62
N ILE D 508 6.33 -29.27 -32.52
CA ILE D 508 6.95 -30.19 -31.59
C ILE D 508 8.23 -30.78 -32.18
N HIS D 509 8.11 -31.46 -33.32
CA HIS D 509 9.28 -32.07 -33.96
C HIS D 509 9.93 -31.12 -34.95
N ARG D 510 10.16 -29.88 -34.52
CA ARG D 510 10.95 -28.96 -35.31
C ARG D 510 12.45 -29.18 -35.11
N LYS D 511 12.86 -29.57 -33.90
CA LYS D 511 14.26 -29.86 -33.59
C LYS D 511 14.57 -31.36 -33.64
N ASN D 512 13.77 -32.13 -34.37
CA ASN D 512 13.97 -33.57 -34.52
C ASN D 512 13.95 -34.29 -33.17
N LEU D 513 13.13 -33.80 -32.25
CA LEU D 513 13.00 -34.38 -30.91
C LEU D 513 11.76 -35.25 -30.87
N ASN D 514 11.93 -36.54 -30.56
CA ASN D 514 10.83 -37.49 -30.46
C ASN D 514 10.41 -37.73 -29.01
N TYR D 515 10.94 -36.95 -28.07
CA TYR D 515 10.61 -37.17 -26.67
C TYR D 515 9.13 -36.90 -26.39
N LEU D 516 8.58 -35.84 -26.98
CA LEU D 516 7.20 -35.43 -26.75
C LEU D 516 6.37 -35.75 -27.98
N HIS D 517 5.21 -36.38 -27.78
CA HIS D 517 4.30 -36.73 -28.85
C HIS D 517 2.91 -36.21 -28.54
N LEU D 518 2.30 -35.54 -29.51
CA LEU D 518 0.95 -35.01 -29.37
C LEU D 518 -0.03 -35.93 -30.09
N ASP D 519 -0.99 -36.47 -29.35
CA ASP D 519 -1.94 -37.41 -29.91
C ASP D 519 -2.92 -36.69 -30.84
N TYR D 520 -3.66 -37.50 -31.62
CA TYR D 520 -4.68 -36.95 -32.51
C TYR D 520 -5.76 -36.18 -31.75
N ASN D 521 -5.93 -36.46 -30.45
CA ASN D 521 -6.85 -35.71 -29.61
C ASN D 521 -6.21 -34.46 -29.02
N PHE D 522 -5.08 -34.02 -29.57
CA PHE D 522 -4.38 -32.81 -29.14
C PHE D 522 -3.98 -32.88 -27.67
N ASN D 523 -3.55 -34.05 -27.23
CA ASN D 523 -2.99 -34.25 -25.90
C ASN D 523 -1.54 -34.69 -26.06
N LEU D 524 -0.62 -33.91 -25.48
CA LEU D 524 0.79 -34.25 -25.54
C LEU D 524 1.10 -35.38 -24.57
N LYS D 525 2.02 -36.26 -24.97
CA LYS D 525 2.39 -37.38 -24.13
C LYS D 525 3.78 -37.88 -24.51
N PRO D 526 4.67 -38.08 -23.54
CA PRO D 526 5.99 -38.62 -23.86
C PRO D 526 5.92 -40.06 -24.35
N VAL D 527 6.85 -40.41 -25.24
CA VAL D 527 6.89 -41.77 -25.78
C VAL D 527 7.52 -42.76 -24.81
N LYS D 528 8.08 -42.30 -23.71
CA LYS D 528 8.69 -43.15 -22.69
C LYS D 528 8.90 -42.29 -21.45
N THR D 529 9.61 -42.83 -20.46
CA THR D 529 9.97 -42.07 -19.27
C THR D 529 11.07 -41.08 -19.65
N LEU D 530 10.69 -39.83 -19.83
CA LEU D 530 11.63 -38.82 -20.33
C LEU D 530 12.72 -38.55 -19.31
N THR D 531 13.96 -38.49 -19.79
CA THR D 531 15.08 -38.14 -18.93
C THR D 531 15.00 -36.68 -18.53
N THR D 532 15.62 -36.36 -17.39
CA THR D 532 15.57 -34.98 -16.88
C THR D 532 16.22 -34.02 -17.87
N LYS D 533 17.37 -34.39 -18.43
CA LYS D 533 17.97 -33.59 -19.49
C LYS D 533 17.06 -33.53 -20.70
N GLU D 534 16.46 -34.66 -21.07
CA GLU D 534 15.49 -34.67 -22.17
C GLU D 534 14.24 -33.86 -21.82
N ARG D 535 13.82 -33.89 -20.57
CA ARG D 535 12.68 -33.07 -20.15
C ARG D 535 12.99 -31.59 -20.31
N LYS D 536 14.20 -31.16 -19.93
CA LYS D 536 14.60 -29.78 -20.14
C LYS D 536 14.69 -29.47 -21.64
N LYS D 537 15.18 -30.41 -22.43
CA LYS D 537 15.26 -30.19 -23.87
C LYS D 537 13.88 -30.04 -24.48
N SER D 538 12.91 -30.84 -24.02
CA SER D 538 11.54 -30.80 -24.55
C SER D 538 10.67 -29.98 -23.61
N ARG D 539 10.68 -28.66 -23.81
CA ARG D 539 9.89 -27.74 -23.02
C ARG D 539 9.32 -26.67 -23.92
N PHE D 540 8.07 -26.28 -23.66
CA PHE D 540 7.38 -25.28 -24.46
C PHE D 540 6.80 -24.21 -23.55
N GLY D 541 6.61 -23.02 -24.11
CA GLY D 541 6.14 -21.89 -23.34
C GLY D 541 4.67 -21.97 -22.99
N ASN D 542 4.24 -21.01 -22.15
CA ASN D 542 2.85 -20.97 -21.72
C ASN D 542 1.90 -20.68 -22.87
N ALA D 543 2.29 -19.80 -23.78
CA ALA D 543 1.43 -19.49 -24.93
C ALA D 543 1.27 -20.72 -25.82
N PHE D 544 2.28 -21.58 -25.87
CA PHE D 544 2.12 -22.86 -26.57
C PHE D 544 1.09 -23.73 -25.87
N HIS D 545 1.06 -23.69 -24.53
CA HIS D 545 0.03 -24.39 -23.79
C HIS D 545 -1.35 -23.85 -24.15
N LEU D 546 -1.47 -22.52 -24.26
CA LEU D 546 -2.73 -21.91 -24.67
C LEU D 546 -3.13 -22.33 -26.08
N CYS D 547 -2.17 -22.34 -27.00
CA CYS D 547 -2.46 -22.75 -28.38
C CYS D 547 -2.92 -24.19 -28.45
N ARG D 548 -2.25 -25.08 -27.72
CA ARG D 548 -2.65 -26.48 -27.70
C ARG D 548 -4.05 -26.62 -27.10
N GLU D 549 -4.34 -25.88 -26.03
CA GLU D 549 -5.66 -25.95 -25.41
C GLU D 549 -6.76 -25.47 -26.36
N VAL D 550 -6.53 -24.35 -27.05
CA VAL D 550 -7.57 -23.83 -27.93
C VAL D 550 -7.76 -24.74 -29.14
N LEU D 551 -6.66 -25.31 -29.65
CA LEU D 551 -6.78 -26.30 -30.72
C LEU D 551 -7.54 -27.53 -30.25
N ARG D 552 -7.30 -27.96 -29.01
CA ARG D 552 -8.05 -29.08 -28.44
C ARG D 552 -9.54 -28.75 -28.38
N LEU D 553 -9.87 -27.52 -27.95
CA LEU D 553 -11.27 -27.14 -27.84
C LEU D 553 -11.96 -27.15 -29.20
N THR D 554 -11.34 -26.51 -30.20
CA THR D 554 -11.96 -26.46 -31.52
C THR D 554 -12.03 -27.85 -32.13
N LYS D 555 -11.01 -28.69 -31.91
CA LYS D 555 -11.03 -30.04 -32.45
C LYS D 555 -12.12 -30.87 -31.82
N LEU D 556 -12.33 -30.75 -30.51
CA LEU D 556 -13.37 -31.53 -29.85
C LEU D 556 -14.75 -31.05 -30.28
N VAL D 557 -14.92 -29.74 -30.48
CA VAL D 557 -16.21 -29.24 -30.97
C VAL D 557 -16.48 -29.79 -32.37
N VAL D 558 -15.49 -29.72 -33.24
CA VAL D 558 -15.66 -30.22 -34.60
C VAL D 558 -15.96 -31.72 -34.59
N ASP D 559 -15.26 -32.48 -33.77
CA ASP D 559 -15.49 -33.92 -33.70
C ASP D 559 -16.87 -34.23 -33.13
N SER D 560 -17.35 -33.41 -32.19
CA SER D 560 -18.70 -33.60 -31.67
C SER D 560 -19.74 -33.39 -32.76
N HIS D 561 -19.57 -32.34 -33.57
CA HIS D 561 -20.47 -32.16 -34.71
C HIS D 561 -20.33 -33.30 -35.71
N VAL D 562 -19.12 -33.83 -35.88
CA VAL D 562 -18.90 -34.94 -36.80
C VAL D 562 -19.69 -36.16 -36.34
N GLN D 563 -19.57 -36.50 -35.05
CA GLN D 563 -20.27 -37.68 -34.55
C GLN D 563 -21.78 -37.47 -34.54
N TYR D 564 -22.23 -36.23 -34.34
CA TYR D 564 -23.65 -35.94 -34.49
C TYR D 564 -24.11 -36.19 -35.92
N ARG D 565 -23.36 -35.68 -36.90
CA ARG D 565 -23.74 -35.84 -38.29
C ARG D 565 -23.73 -37.31 -38.69
N LEU D 566 -22.76 -38.07 -38.20
CA LEU D 566 -22.66 -39.51 -38.48
C LEU D 566 -23.55 -40.28 -37.52
N GLY D 567 -24.83 -39.91 -37.49
CA GLY D 567 -25.80 -40.56 -36.63
C GLY D 567 -25.47 -40.41 -35.15
N ASN D 568 -25.24 -41.54 -34.49
CA ASN D 568 -24.89 -41.58 -33.07
C ASN D 568 -25.96 -40.94 -32.20
N VAL D 569 -25.63 -39.82 -31.57
CA VAL D 569 -26.49 -39.19 -30.57
C VAL D 569 -27.31 -38.10 -31.24
N ASP D 570 -28.54 -37.89 -30.73
CA ASP D 570 -29.47 -36.97 -31.35
C ASP D 570 -29.01 -35.52 -31.16
N ALA D 571 -29.76 -34.60 -31.78
CA ALA D 571 -29.37 -33.19 -31.81
C ALA D 571 -29.63 -32.47 -30.49
N PHE D 572 -30.64 -32.91 -29.73
CA PHE D 572 -30.89 -32.31 -28.42
C PHE D 572 -29.67 -32.47 -27.52
N GLN D 573 -29.16 -33.70 -27.44
CA GLN D 573 -27.95 -33.94 -26.68
C GLN D 573 -26.76 -33.24 -27.31
N LEU D 574 -26.76 -33.04 -28.62
CA LEU D 574 -25.70 -32.25 -29.25
C LEU D 574 -25.68 -30.84 -28.69
N ALA D 575 -26.84 -30.19 -28.61
CA ALA D 575 -26.91 -28.85 -28.06
C ALA D 575 -26.52 -28.85 -26.58
N ASP D 576 -26.96 -29.87 -25.84
CA ASP D 576 -26.60 -29.95 -24.42
C ASP D 576 -25.09 -30.08 -24.23
N GLY D 577 -24.46 -30.94 -25.04
CA GLY D 577 -23.02 -31.09 -24.96
C GLY D 577 -22.27 -29.85 -25.39
N LEU D 578 -22.79 -29.15 -26.40
CA LEU D 578 -22.21 -27.86 -26.78
C LEU D 578 -22.26 -26.88 -25.61
N GLN D 579 -23.42 -26.80 -24.97
CA GLN D 579 -23.57 -25.91 -23.84
C GLN D 579 -22.56 -26.27 -22.79
N TYR D 580 -22.48 -27.55 -22.44
CA TYR D 580 -21.58 -27.98 -21.38
C TYR D 580 -20.13 -27.65 -21.71
N ILE D 581 -19.68 -27.99 -22.91
CA ILE D 581 -18.29 -27.75 -23.27
C ILE D 581 -17.98 -26.26 -23.22
N PHE D 582 -18.87 -25.44 -23.74
CA PHE D 582 -18.66 -24.00 -23.71
C PHE D 582 -18.59 -23.49 -22.29
N ALA D 583 -19.34 -24.12 -21.39
CA ALA D 583 -19.37 -23.66 -20.00
C ALA D 583 -18.55 -24.55 -19.07
N HIS D 584 -17.75 -25.45 -19.62
CA HIS D 584 -16.90 -26.29 -18.77
C HIS D 584 -15.49 -26.43 -19.34
N VAL D 585 -15.08 -25.50 -20.20
CA VAL D 585 -13.73 -25.55 -20.77
C VAL D 585 -12.72 -25.54 -19.64
N GLY D 586 -13.00 -24.78 -18.59
CA GLY D 586 -12.08 -24.72 -17.47
C GLY D 586 -11.84 -26.11 -16.92
N GLN D 587 -12.90 -26.89 -16.75
CA GLN D 587 -12.74 -28.26 -16.29
C GLN D 587 -12.15 -29.14 -17.39
N LEU D 588 -12.64 -28.98 -18.61
CA LEU D 588 -12.19 -29.81 -19.71
C LEU D 588 -10.71 -29.61 -20.05
N THR D 589 -10.27 -28.37 -20.16
CA THR D 589 -8.89 -28.10 -20.54
C THR D 589 -8.04 -27.59 -19.39
N GLY D 590 -8.67 -26.95 -18.41
CA GLY D 590 -7.92 -26.37 -17.31
C GLY D 590 -7.00 -25.26 -17.77
N MET D 591 -7.55 -24.26 -18.43
CA MET D 591 -6.73 -23.16 -18.94
C MET D 591 -6.05 -22.40 -17.82
N TYR D 592 -6.48 -22.64 -16.59
CA TYR D 592 -5.90 -21.92 -15.45
C TYR D 592 -4.39 -21.76 -15.60
N ARG D 593 -3.68 -22.88 -15.72
CA ARG D 593 -2.22 -22.81 -15.82
C ARG D 593 -1.77 -22.19 -17.14
N TYR D 594 -2.45 -22.53 -18.24
CA TYR D 594 -2.08 -21.98 -19.53
C TYR D 594 -2.17 -20.47 -19.49
N LYS D 595 -3.22 -19.95 -18.86
CA LYS D 595 -3.38 -18.51 -18.72
C LYS D 595 -4.27 -18.19 -17.54
N TYR D 596 -3.79 -17.34 -16.64
CA TYR D 596 -4.57 -17.02 -15.44
C TYR D 596 -5.83 -16.24 -15.78
N LYS D 597 -5.74 -15.31 -16.72
CA LYS D 597 -6.90 -14.47 -17.05
C LYS D 597 -8.07 -15.30 -17.58
N LEU D 598 -7.79 -16.36 -18.33
CA LEU D 598 -8.85 -17.18 -18.89
C LEU D 598 -9.76 -17.69 -17.81
N MET D 599 -9.24 -17.80 -16.59
CA MET D 599 -10.05 -18.25 -15.48
C MET D 599 -11.28 -17.36 -15.36
N ARG D 600 -11.10 -16.07 -15.59
CA ARG D 600 -12.22 -15.15 -15.51
C ARG D 600 -13.29 -15.55 -16.50
N GLN D 601 -12.89 -15.85 -17.73
CA GLN D 601 -13.85 -16.23 -18.75
C GLN D 601 -14.60 -17.49 -18.33
N ILE D 602 -13.86 -18.50 -17.94
CA ILE D 602 -14.51 -19.77 -17.59
C ILE D 602 -15.42 -19.60 -16.38
N ARG D 603 -14.98 -18.80 -15.41
CA ARG D 603 -15.78 -18.63 -14.20
C ARG D 603 -17.07 -17.90 -14.52
N MET D 604 -17.02 -16.91 -15.41
CA MET D 604 -18.23 -16.20 -15.80
C MET D 604 -19.09 -17.12 -16.66
N CYS D 605 -18.47 -17.99 -17.43
CA CYS D 605 -19.23 -18.95 -18.22
C CYS D 605 -20.05 -19.79 -17.29
N LYS D 606 -19.45 -20.18 -16.18
CA LYS D 606 -20.19 -20.95 -15.18
C LYS D 606 -21.36 -20.11 -14.70
N ASP D 607 -21.12 -18.81 -14.51
CA ASP D 607 -22.17 -17.92 -14.02
C ASP D 607 -23.33 -17.85 -15.00
N LEU D 608 -23.04 -17.69 -16.28
CA LEU D 608 -24.09 -17.64 -17.28
C LEU D 608 -24.81 -18.98 -17.32
N LYS D 609 -24.05 -20.07 -17.30
CA LYS D 609 -24.65 -21.39 -17.28
C LYS D 609 -25.49 -21.53 -16.02
N HIS D 610 -24.99 -20.96 -14.94
CA HIS D 610 -25.73 -21.00 -13.68
C HIS D 610 -27.12 -20.46 -13.90
N LEU D 611 -27.22 -19.36 -14.62
CA LEU D 611 -28.52 -18.77 -14.92
C LEU D 611 -29.27 -19.60 -15.95
N ILE D 612 -28.56 -20.07 -16.97
CA ILE D 612 -29.21 -20.82 -18.04
C ILE D 612 -29.93 -22.05 -17.49
N TYR D 613 -29.22 -22.88 -16.74
CA TYR D 613 -29.83 -24.07 -16.17
C TYR D 613 -30.93 -23.68 -15.21
N TYR D 614 -30.70 -22.62 -14.44
CA TYR D 614 -31.70 -22.17 -13.48
C TYR D 614 -33.02 -21.93 -14.19
N ARG D 615 -32.97 -21.23 -15.31
CA ARG D 615 -34.18 -20.93 -16.06
C ARG D 615 -34.72 -22.15 -16.82
N PHE D 616 -33.82 -22.90 -17.44
CA PHE D 616 -34.24 -24.07 -18.20
C PHE D 616 -34.98 -25.03 -17.29
N ASN D 617 -34.46 -25.21 -16.09
CA ASN D 617 -35.08 -26.13 -15.15
C ASN D 617 -35.97 -25.37 -14.18
N THR D 618 -36.49 -24.23 -14.62
CA THR D 618 -37.32 -23.41 -13.74
C THR D 618 -38.58 -24.11 -13.27
N GLY D 619 -39.27 -24.80 -14.18
CA GLY D 619 -40.53 -25.42 -13.82
C GLY D 619 -40.65 -26.91 -14.11
N PRO D 620 -41.61 -27.28 -14.97
CA PRO D 620 -41.84 -28.70 -15.26
C PRO D 620 -40.59 -29.37 -15.81
N VAL D 621 -39.73 -28.61 -16.48
CA VAL D 621 -38.49 -29.18 -16.97
C VAL D 621 -37.74 -29.78 -15.80
N GLY D 622 -37.13 -30.94 -16.00
CA GLY D 622 -36.44 -31.61 -14.90
C GLY D 622 -35.25 -30.84 -14.36
N LYS D 623 -34.75 -31.25 -13.21
CA LYS D 623 -33.58 -30.61 -12.64
C LYS D 623 -32.32 -31.33 -13.08
N GLY D 624 -32.42 -32.08 -14.18
CA GLY D 624 -31.28 -32.83 -14.67
C GLY D 624 -30.32 -32.01 -15.51
N PRO D 625 -29.53 -32.67 -16.35
CA PRO D 625 -28.53 -31.96 -17.16
C PRO D 625 -29.08 -31.51 -18.50
N GLY D 626 -30.38 -31.66 -18.71
CA GLY D 626 -30.97 -31.32 -20.00
C GLY D 626 -31.15 -29.84 -20.27
N CYS D 627 -30.06 -29.12 -20.50
CA CYS D 627 -30.16 -27.71 -20.83
C CYS D 627 -29.40 -27.42 -22.12
N GLY D 628 -30.03 -26.70 -23.04
CA GLY D 628 -29.41 -26.43 -24.32
C GLY D 628 -29.40 -24.98 -24.76
N PHE D 629 -28.59 -24.16 -24.10
CA PHE D 629 -28.46 -22.76 -24.51
C PHE D 629 -26.99 -22.43 -24.59
N TRP D 630 -26.29 -23.04 -25.53
CA TRP D 630 -24.84 -22.85 -25.62
C TRP D 630 -24.41 -21.49 -26.15
N ALA D 631 -25.31 -20.77 -26.82
CA ALA D 631 -24.90 -19.51 -27.42
C ALA D 631 -24.35 -18.53 -26.39
N ALA D 632 -24.88 -18.54 -25.17
CA ALA D 632 -24.49 -17.55 -24.17
C ALA D 632 -23.02 -17.67 -23.82
N GLY D 633 -22.52 -18.89 -23.63
CA GLY D 633 -21.09 -19.07 -23.44
C GLY D 633 -20.29 -19.14 -24.71
N TRP D 634 -20.94 -19.51 -25.81
CA TRP D 634 -20.26 -19.57 -27.11
C TRP D 634 -19.78 -18.19 -27.53
N ARG D 635 -20.61 -17.16 -27.32
CA ARG D 635 -20.20 -15.81 -27.68
C ARG D 635 -19.04 -15.34 -26.80
N VAL D 636 -19.06 -15.68 -25.51
CA VAL D 636 -17.97 -15.27 -24.62
C VAL D 636 -16.67 -15.94 -25.04
N TRP D 637 -16.71 -17.24 -25.34
CA TRP D 637 -15.51 -17.91 -25.82
C TRP D 637 -15.04 -17.37 -27.17
N LEU D 638 -15.98 -17.00 -28.04
CA LEU D 638 -15.58 -16.40 -29.31
C LEU D 638 -14.87 -15.06 -29.08
N PHE D 639 -15.38 -14.25 -28.16
CA PHE D 639 -14.75 -12.97 -27.86
C PHE D 639 -13.36 -13.16 -27.26
N PHE D 640 -13.24 -14.09 -26.31
CA PHE D 640 -11.93 -14.33 -25.70
C PHE D 640 -10.94 -14.89 -26.71
N MET D 641 -11.40 -15.77 -27.61
CA MET D 641 -10.51 -16.26 -28.66
C MET D 641 -10.09 -15.13 -29.58
N ARG D 642 -11.01 -14.22 -29.92
CA ARG D 642 -10.65 -13.07 -30.75
C ARG D 642 -9.60 -12.21 -30.07
N GLY D 643 -9.72 -12.03 -28.75
CA GLY D 643 -8.69 -11.29 -28.03
C GLY D 643 -7.36 -12.03 -27.99
N ILE D 644 -7.40 -13.36 -27.88
CA ILE D 644 -6.17 -14.14 -27.71
C ILE D 644 -5.39 -14.23 -29.02
N THR D 645 -6.08 -14.47 -30.14
CA THR D 645 -5.46 -14.80 -31.42
C THR D 645 -4.33 -13.88 -31.89
N PRO D 646 -4.33 -12.57 -31.57
CA PRO D 646 -3.13 -11.78 -31.90
C PRO D 646 -1.85 -12.33 -31.30
N LEU D 647 -1.89 -12.81 -30.06
CA LEU D 647 -0.69 -13.35 -29.43
C LEU D 647 -0.21 -14.60 -30.14
N LEU D 648 -1.13 -15.52 -30.43
CA LEU D 648 -0.76 -16.75 -31.11
C LEU D 648 -0.23 -16.47 -32.51
N GLU D 649 -0.86 -15.54 -33.22
CA GLU D 649 -0.37 -15.18 -34.55
C GLU D 649 1.03 -14.58 -34.48
N ARG D 650 1.27 -13.70 -33.50
CA ARG D 650 2.59 -13.08 -33.37
C ARG D 650 3.65 -14.14 -33.06
N TRP D 651 3.35 -15.07 -32.17
CA TRP D 651 4.36 -16.07 -31.81
C TRP D 651 4.60 -17.03 -32.97
N LEU D 652 3.52 -17.43 -33.67
CA LEU D 652 3.68 -18.32 -34.82
C LEU D 652 4.48 -17.65 -35.92
N GLY D 653 4.31 -16.33 -36.10
CA GLY D 653 5.14 -15.61 -37.04
C GLY D 653 6.59 -15.54 -36.59
N ASN D 654 6.82 -15.38 -35.27
CA ASN D 654 8.18 -15.40 -34.75
C ASN D 654 8.86 -16.73 -35.05
N LEU D 655 8.15 -17.84 -34.81
CA LEU D 655 8.73 -19.16 -35.14
C LEU D 655 8.93 -19.32 -36.64
N LEU D 656 7.96 -18.88 -37.44
CA LEU D 656 8.07 -19.06 -38.88
C LEU D 656 9.23 -18.25 -39.46
N ALA D 657 9.59 -17.14 -38.81
CA ALA D 657 10.72 -16.33 -39.25
C ALA D 657 12.03 -16.99 -38.81
N ARG D 658 13.15 -16.29 -39.01
CA ARG D 658 14.46 -16.82 -38.67
C ARG D 658 15.01 -16.25 -37.37
N GLN D 659 14.36 -15.25 -36.79
CA GLN D 659 14.82 -14.58 -35.57
C GLN D 659 14.09 -15.08 -34.33
N PHE D 660 13.76 -16.36 -34.29
CA PHE D 660 13.05 -16.94 -33.15
C PHE D 660 13.91 -16.90 -31.89
N GLN D 675 17.01 -3.57 -13.10
CA GLN D 675 17.55 -2.30 -12.61
C GLN D 675 18.53 -1.70 -13.62
N ARG D 676 18.01 -0.84 -14.50
CA ARG D 676 18.85 -0.24 -15.54
C ARG D 676 18.67 1.26 -15.72
N VAL D 677 17.62 1.88 -15.17
CA VAL D 677 17.32 3.27 -15.49
C VAL D 677 18.45 4.18 -15.04
N GLU D 678 18.86 4.06 -13.77
CA GLU D 678 19.99 4.86 -13.29
C GLU D 678 21.27 4.48 -14.02
N SER D 679 21.48 3.18 -14.23
CA SER D 679 22.65 2.75 -15.01
C SER D 679 22.57 3.25 -16.44
N HIS D 680 21.36 3.24 -17.02
CA HIS D 680 21.21 3.77 -18.37
C HIS D 680 21.59 5.25 -18.44
N PHE D 681 21.15 6.04 -17.47
CA PHE D 681 21.46 7.46 -17.51
C PHE D 681 22.94 7.72 -17.25
N ASP D 682 23.56 6.96 -16.34
CA ASP D 682 24.99 7.10 -16.11
C ASP D 682 25.79 6.75 -17.35
N LEU D 683 25.42 5.63 -18.00
CA LEU D 683 26.10 5.24 -19.23
C LEU D 683 25.89 6.28 -20.32
N GLU D 684 24.68 6.84 -20.42
CA GLU D 684 24.43 7.88 -21.41
C GLU D 684 25.30 9.10 -21.15
N LEU D 685 25.40 9.54 -19.89
CA LEU D 685 26.24 10.69 -19.56
C LEU D 685 27.69 10.43 -19.94
N ARG D 686 28.24 9.31 -19.48
CA ARG D 686 29.65 9.05 -19.72
C ARG D 686 29.95 8.85 -21.21
N ALA D 687 29.09 8.12 -21.92
CA ALA D 687 29.29 7.91 -23.35
C ALA D 687 29.17 9.21 -24.12
N ALA D 688 28.19 10.05 -23.78
CA ALA D 688 28.04 11.33 -24.47
C ALA D 688 29.24 12.24 -24.24
N VAL D 689 29.74 12.30 -23.00
CA VAL D 689 30.90 13.13 -22.71
C VAL D 689 32.13 12.59 -23.43
N MET D 690 32.30 11.26 -23.46
CA MET D 690 33.43 10.68 -24.17
C MET D 690 33.35 10.98 -25.67
N HIS D 691 32.15 10.88 -26.25
CA HIS D 691 31.98 11.16 -27.66
C HIS D 691 32.26 12.62 -27.96
N ASP D 692 31.79 13.53 -27.10
CA ASP D 692 32.06 14.95 -27.29
C ASP D 692 33.56 15.23 -27.20
N ILE D 693 34.25 14.59 -26.26
CA ILE D 693 35.70 14.76 -26.14
C ILE D 693 36.39 14.26 -27.41
N LEU D 694 36.00 13.08 -27.88
CA LEU D 694 36.62 12.53 -29.08
C LEU D 694 36.31 13.36 -30.32
N ASP D 695 35.19 14.07 -30.33
CA ASP D 695 34.93 15.03 -31.39
C ASP D 695 35.88 16.23 -31.27
N MET D 696 36.00 16.78 -30.07
CA MET D 696 36.90 17.92 -29.86
C MET D 696 38.36 17.48 -29.95
N MET D 697 38.72 16.41 -29.26
CA MET D 697 40.09 15.93 -29.26
C MET D 697 40.37 15.19 -30.56
N PRO D 698 41.39 15.57 -31.33
CA PRO D 698 41.59 14.98 -32.65
C PRO D 698 42.12 13.56 -32.60
N GLU D 699 41.21 12.59 -32.52
CA GLU D 699 41.60 11.19 -32.47
C GLU D 699 42.44 10.77 -33.67
N GLY D 700 42.33 11.46 -34.79
CA GLY D 700 43.19 11.19 -35.94
C GLY D 700 44.65 11.47 -35.71
N ILE D 701 44.98 12.22 -34.65
CA ILE D 701 46.37 12.53 -34.30
C ILE D 701 46.76 11.90 -32.97
N LYS D 702 46.08 12.26 -31.89
CA LYS D 702 46.34 11.72 -30.57
C LYS D 702 45.34 10.62 -30.28
N GLN D 703 45.83 9.48 -29.78
CA GLN D 703 44.98 8.33 -29.50
C GLN D 703 45.01 7.91 -28.03
N ASN D 704 46.19 7.76 -27.44
CA ASN D 704 46.30 7.19 -26.10
C ASN D 704 45.71 8.12 -25.05
N LYS D 705 46.10 9.39 -25.09
CA LYS D 705 45.75 10.32 -24.01
C LYS D 705 44.24 10.42 -23.80
N ALA D 706 43.46 10.22 -24.86
CA ALA D 706 42.01 10.27 -24.74
C ALA D 706 41.52 9.28 -23.68
N ARG D 707 42.06 8.06 -23.68
CA ARG D 707 41.69 7.10 -22.64
C ARG D 707 42.04 7.63 -21.27
N THR D 708 43.25 8.21 -21.13
CA THR D 708 43.63 8.82 -19.86
C THR D 708 42.67 9.94 -19.48
N ILE D 709 42.06 10.59 -20.47
CA ILE D 709 41.08 11.62 -20.18
C ILE D 709 39.98 11.06 -19.29
N LEU D 710 39.51 9.84 -19.61
CA LEU D 710 38.47 9.21 -18.80
C LEU D 710 38.86 9.16 -17.34
N GLN D 711 40.14 8.93 -17.05
CA GLN D 711 40.61 8.90 -15.68
C GLN D 711 40.23 10.18 -14.95
N HIS D 712 40.57 11.33 -15.54
CA HIS D 712 40.20 12.61 -14.92
C HIS D 712 38.70 12.66 -14.67
N LEU D 713 37.90 12.22 -15.64
CA LEU D 713 36.46 12.10 -15.44
C LEU D 713 36.17 11.46 -14.10
N SER D 714 36.62 10.22 -13.93
CA SER D 714 36.39 9.51 -12.68
C SER D 714 36.95 10.31 -11.51
N GLU D 715 38.18 10.82 -11.66
CA GLU D 715 38.76 11.66 -10.62
C GLU D 715 37.83 12.81 -10.29
N ALA D 716 37.42 13.56 -11.32
CA ALA D 716 36.49 14.67 -11.08
C ALA D 716 35.28 14.18 -10.32
N TRP D 717 34.72 13.05 -10.76
CA TRP D 717 33.52 12.53 -10.11
C TRP D 717 33.78 12.27 -8.64
N ARG D 718 34.88 11.56 -8.33
CA ARG D 718 35.15 11.31 -6.92
C ARG D 718 35.53 12.60 -6.21
N CYS D 719 36.18 13.52 -6.92
CA CYS D 719 36.46 14.82 -6.34
C CYS D 719 35.17 15.54 -5.95
N TRP D 720 34.08 15.29 -6.68
CA TRP D 720 32.79 15.81 -6.26
C TRP D 720 32.23 15.01 -5.10
N LYS D 721 32.42 13.69 -5.12
CA LYS D 721 31.84 12.85 -4.06
C LYS D 721 32.53 13.11 -2.73
N ALA D 722 33.86 13.22 -2.73
CA ALA D 722 34.58 13.53 -1.51
C ALA D 722 34.40 14.96 -1.06
N ASN D 723 33.80 15.81 -1.89
CA ASN D 723 33.63 17.24 -1.58
C ASN D 723 34.98 17.89 -1.30
N ILE D 724 36.00 17.51 -2.06
CA ILE D 724 37.35 18.03 -1.90
C ILE D 724 37.66 18.93 -3.10
N PRO D 725 38.54 19.91 -2.95
CA PRO D 725 38.88 20.77 -4.10
C PRO D 725 39.48 19.96 -5.24
N TRP D 726 39.14 20.35 -6.47
CA TRP D 726 39.63 19.69 -7.67
C TRP D 726 40.11 20.77 -8.64
N LYS D 727 41.43 20.86 -8.82
CA LYS D 727 42.02 21.82 -9.74
C LYS D 727 43.12 21.12 -10.53
N VAL D 728 43.00 21.11 -11.85
CA VAL D 728 44.01 20.51 -12.71
C VAL D 728 44.51 21.57 -13.68
N PRO D 729 45.56 22.32 -13.32
CA PRO D 729 46.06 23.36 -14.23
C PRO D 729 46.54 22.82 -15.56
N GLY D 730 46.99 21.58 -15.62
CA GLY D 730 47.46 21.02 -16.88
C GLY D 730 46.35 20.92 -17.92
N LEU D 731 45.13 20.63 -17.48
CA LEU D 731 44.02 20.50 -18.40
C LEU D 731 43.61 21.87 -18.95
N PRO D 732 43.16 21.92 -20.20
CA PRO D 732 42.72 23.19 -20.78
C PRO D 732 41.46 23.72 -20.09
N THR D 733 41.31 25.05 -20.13
CA THR D 733 40.14 25.68 -19.52
C THR D 733 38.82 25.24 -20.13
N PRO D 734 38.65 25.18 -21.45
CA PRO D 734 37.39 24.63 -21.99
C PRO D 734 37.14 23.20 -21.55
N ILE D 735 38.20 22.39 -21.47
CA ILE D 735 38.04 21.03 -20.96
C ILE D 735 37.55 21.06 -19.52
N GLU D 736 38.10 21.97 -18.71
CA GLU D 736 37.65 22.09 -17.32
C GLU D 736 36.18 22.51 -17.25
N ASN D 737 35.76 23.40 -18.14
CA ASN D 737 34.35 23.80 -18.17
C ASN D 737 33.44 22.63 -18.54
N MET D 738 33.85 21.85 -19.53
CA MET D 738 33.08 20.67 -19.91
C MET D 738 33.01 19.67 -18.77
N ILE D 739 34.12 19.47 -18.06
CA ILE D 739 34.13 18.59 -16.90
C ILE D 739 33.20 19.12 -15.82
N LEU D 740 33.19 20.44 -15.61
CA LEU D 740 32.31 21.01 -14.60
C LEU D 740 30.85 20.80 -14.95
N ARG D 741 30.50 20.97 -16.23
CA ARG D 741 29.11 20.73 -16.65
C ARG D 741 28.74 19.27 -16.45
N TYR D 742 29.63 18.35 -16.86
CA TYR D 742 29.37 16.92 -16.67
C TYR D 742 29.18 16.60 -15.19
N VAL D 743 30.04 17.12 -14.33
CA VAL D 743 29.99 16.77 -12.93
C VAL D 743 28.78 17.39 -12.25
N LYS D 744 28.36 18.59 -12.67
CA LYS D 744 27.16 19.19 -12.09
C LYS D 744 25.92 18.40 -12.50
N ALA D 745 25.84 17.98 -13.77
CA ALA D 745 24.71 17.16 -14.18
C ALA D 745 24.70 15.82 -13.45
N LYS D 746 25.87 15.19 -13.34
CA LYS D 746 25.95 13.90 -12.67
C LYS D 746 25.59 14.04 -11.19
N ALA D 747 26.04 15.10 -10.53
CA ALA D 747 25.73 15.29 -9.11
C ALA D 747 24.24 15.54 -8.92
N ASP D 748 23.63 16.35 -9.78
CA ASP D 748 22.19 16.58 -9.67
C ASP D 748 21.41 15.28 -9.83
N TRP D 749 21.74 14.51 -10.88
CA TRP D 749 21.05 13.24 -11.11
C TRP D 749 21.30 12.27 -9.95
N TRP D 750 22.52 12.23 -9.44
CA TRP D 750 22.90 11.31 -8.39
C TRP D 750 22.15 11.62 -7.10
N THR D 751 22.09 12.90 -6.72
CA THR D 751 21.31 13.28 -5.54
C THR D 751 19.83 12.98 -5.74
N ASN D 752 19.31 13.26 -6.95
CA ASN D 752 17.90 13.01 -7.21
C ASN D 752 17.56 11.53 -7.04
N THR D 753 18.34 10.66 -7.68
CA THR D 753 18.07 9.23 -7.59
C THR D 753 18.33 8.71 -6.18
N ALA D 754 19.31 9.28 -5.48
CA ALA D 754 19.57 8.87 -4.10
C ALA D 754 18.36 9.13 -3.22
N HIS D 755 17.83 10.35 -3.25
CA HIS D 755 16.69 10.63 -2.40
C HIS D 755 15.44 9.90 -2.88
N TYR D 756 15.30 9.68 -4.19
CA TYR D 756 14.16 8.94 -4.71
C TYR D 756 14.19 7.48 -4.22
N ASN D 757 15.36 6.84 -4.28
CA ASN D 757 15.47 5.47 -3.80
C ASN D 757 15.31 5.39 -2.29
N ARG D 758 15.79 6.41 -1.57
CA ARG D 758 15.56 6.45 -0.12
C ARG D 758 14.08 6.54 0.20
N GLU D 759 13.35 7.39 -0.54
CA GLU D 759 11.91 7.50 -0.34
C GLU D 759 11.21 6.18 -0.68
N ARG D 760 11.64 5.53 -1.76
CA ARG D 760 11.07 4.24 -2.12
C ARG D 760 11.30 3.21 -1.02
N ILE D 761 12.50 3.18 -0.45
CA ILE D 761 12.81 2.21 0.60
C ILE D 761 12.00 2.49 1.85
N ARG D 762 11.90 3.76 2.25
CA ARG D 762 11.20 4.07 3.49
C ARG D 762 9.69 3.93 3.34
N ARG D 763 9.16 4.12 2.13
CA ARG D 763 7.73 3.98 1.91
C ARG D 763 7.27 2.54 2.17
N GLY D 764 8.05 1.57 1.72
CA GLY D 764 7.70 0.18 1.91
C GLY D 764 7.99 -0.67 0.69
N ALA D 765 8.47 -0.04 -0.38
CA ALA D 765 8.79 -0.77 -1.59
C ALA D 765 9.94 -1.73 -1.35
N THR D 766 9.86 -2.90 -1.97
CA THR D 766 10.88 -3.92 -1.81
C THR D 766 12.14 -3.55 -2.58
N VAL D 767 13.30 -3.71 -1.92
CA VAL D 767 14.59 -3.36 -2.51
C VAL D 767 15.59 -4.48 -2.25
N ASP D 768 16.64 -4.50 -3.05
CA ASP D 768 17.69 -5.51 -2.94
C ASP D 768 18.78 -5.05 -1.98
N LYS D 769 19.63 -6.00 -1.59
CA LYS D 769 20.70 -5.70 -0.63
C LYS D 769 21.73 -4.75 -1.21
N THR D 770 22.18 -5.03 -2.44
CA THR D 770 23.16 -4.15 -3.07
C THR D 770 22.58 -2.76 -3.32
N VAL D 771 21.32 -2.70 -3.76
CA VAL D 771 20.67 -1.42 -3.98
C VAL D 771 20.53 -0.66 -2.67
N CYS D 772 20.19 -1.35 -1.58
CA CYS D 772 20.08 -0.70 -0.28
C CYS D 772 21.42 -0.17 0.17
N LYS D 773 22.49 -0.94 -0.01
CA LYS D 773 23.82 -0.48 0.38
C LYS D 773 24.25 0.74 -0.44
N LYS D 774 23.99 0.71 -1.74
CA LYS D 774 24.33 1.86 -2.58
C LYS D 774 23.55 3.09 -2.17
N ASN D 775 22.25 2.93 -1.89
CA ASN D 775 21.44 4.06 -1.45
C ASN D 775 21.93 4.60 -0.12
N LEU D 776 22.33 3.72 0.80
CA LEU D 776 22.87 4.18 2.07
C LEU D 776 24.17 4.95 1.87
N GLY D 777 25.05 4.47 1.00
CA GLY D 777 26.28 5.20 0.73
C GLY D 777 26.01 6.57 0.14
N ARG D 778 25.08 6.64 -0.81
CA ARG D 778 24.74 7.93 -1.42
C ARG D 778 24.14 8.88 -0.38
N LEU D 779 23.27 8.36 0.48
CA LEU D 779 22.68 9.20 1.53
C LEU D 779 23.74 9.70 2.49
N THR D 780 24.70 8.84 2.85
CA THR D 780 25.78 9.25 3.73
C THR D 780 26.59 10.38 3.10
N ARG D 781 26.93 10.23 1.81
CA ARG D 781 27.68 11.27 1.12
C ARG D 781 26.90 12.58 1.08
N LEU D 782 25.61 12.51 0.76
CA LEU D 782 24.79 13.72 0.68
C LEU D 782 24.68 14.39 2.04
N TYR D 783 24.46 13.62 3.11
CA TYR D 783 24.36 14.21 4.44
C TYR D 783 25.69 14.82 4.87
N LEU D 784 26.80 14.16 4.55
CA LEU D 784 28.10 14.71 4.89
C LEU D 784 28.31 16.06 4.20
N LYS D 785 28.00 16.13 2.90
CA LYS D 785 28.10 17.40 2.20
C LYS D 785 27.22 18.45 2.86
N ALA D 786 25.95 18.11 3.11
CA ALA D 786 25.00 19.08 3.67
C ALA D 786 25.47 19.59 5.02
N GLU D 787 25.96 18.70 5.88
CA GLU D 787 26.51 19.12 7.16
C GLU D 787 27.72 20.03 6.95
N GLN D 788 28.49 19.79 5.89
CA GLN D 788 29.63 20.66 5.60
C GLN D 788 29.17 22.09 5.34
N GLU D 789 28.23 22.28 4.41
CA GLU D 789 27.86 23.69 4.19
C GLU D 789 27.06 24.24 5.36
N ARG D 790 26.39 23.38 6.14
CA ARG D 790 25.72 23.89 7.34
C ARG D 790 26.71 24.43 8.34
N GLN D 791 27.80 23.69 8.59
CA GLN D 791 28.84 24.18 9.50
C GLN D 791 29.50 25.43 8.96
N HIS D 792 29.73 25.48 7.64
CA HIS D 792 30.31 26.68 7.04
C HIS D 792 29.39 27.88 7.21
N ASN D 793 28.08 27.68 7.02
CA ASN D 793 27.13 28.77 7.19
C ASN D 793 27.05 29.21 8.64
N TYR D 794 27.13 28.27 9.58
CA TYR D 794 27.18 28.65 10.98
C TYR D 794 28.43 29.48 11.29
N LEU D 795 29.56 29.09 10.73
CA LEU D 795 30.80 29.83 10.96
C LEU D 795 30.71 31.24 10.38
N LYS D 796 30.19 31.36 9.15
CA LYS D 796 30.13 32.68 8.51
C LYS D 796 29.11 33.58 9.18
N ASP D 797 27.91 33.07 9.43
CA ASP D 797 26.83 33.87 10.01
C ASP D 797 26.95 34.01 11.51
N GLY D 798 27.82 33.23 12.16
CA GLY D 798 28.01 33.34 13.59
C GLY D 798 26.98 32.55 14.37
N PRO D 799 27.17 32.48 15.69
CA PRO D 799 26.20 31.76 16.52
C PRO D 799 24.82 32.39 16.46
N TYR D 800 23.80 31.53 16.52
CA TYR D 800 22.42 31.98 16.47
C TYR D 800 21.87 32.34 17.84
N ILE D 801 22.61 32.11 18.91
CA ILE D 801 22.19 32.52 20.24
C ILE D 801 22.14 34.04 20.27
N THR D 802 20.93 34.59 20.43
CA THR D 802 20.76 36.03 20.38
C THR D 802 21.49 36.70 21.54
N ALA D 803 21.99 37.91 21.28
CA ALA D 803 22.71 38.66 22.30
C ALA D 803 21.82 38.89 23.52
N GLU D 804 22.36 38.59 24.70
CA GLU D 804 21.71 38.75 25.99
C GLU D 804 20.60 37.73 26.19
N GLU D 805 20.27 36.95 25.15
CA GLU D 805 19.27 35.90 25.30
C GLU D 805 19.89 34.65 25.94
N ALA D 806 21.02 34.20 25.41
CA ALA D 806 21.78 33.17 26.10
C ALA D 806 22.23 33.63 27.47
N VAL D 807 22.51 34.93 27.61
CA VAL D 807 22.85 35.48 28.92
C VAL D 807 21.67 35.36 29.87
N ALA D 808 20.46 35.65 29.40
CA ALA D 808 19.28 35.52 30.24
C ALA D 808 19.04 34.06 30.62
N VAL D 809 19.23 33.15 29.67
CA VAL D 809 19.07 31.72 29.96
C VAL D 809 20.08 31.29 31.02
N TYR D 810 21.33 31.74 30.90
CA TYR D 810 22.34 31.41 31.88
C TYR D 810 22.00 32.00 33.25
N THR D 811 21.47 33.21 33.27
CA THR D 811 21.08 33.81 34.55
C THR D 811 19.96 33.01 35.21
N THR D 812 18.97 32.57 34.41
CA THR D 812 17.92 31.73 34.97
C THR D 812 18.50 30.43 35.51
N THR D 813 19.41 29.81 34.76
CA THR D 813 20.01 28.55 35.20
C THR D 813 20.77 28.73 36.51
N VAL D 814 21.58 29.77 36.60
CA VAL D 814 22.39 29.97 37.80
C VAL D 814 21.51 30.36 38.99
N HIS D 815 20.43 31.11 38.75
CA HIS D 815 19.48 31.38 39.83
C HIS D 815 18.84 30.11 40.33
N TRP D 816 18.45 29.22 39.43
CA TRP D 816 17.87 27.94 39.85
C TRP D 816 18.87 27.12 40.64
N LEU D 817 20.13 27.10 40.19
CA LEU D 817 21.16 26.34 40.91
C LEU D 817 21.42 26.93 42.29
N GLU D 818 21.45 28.26 42.39
CA GLU D 818 21.63 28.91 43.69
C GLU D 818 20.47 28.60 44.62
N SER D 819 19.24 28.57 44.08
CA SER D 819 18.10 28.15 44.87
C SER D 819 18.27 26.71 45.34
N ARG D 820 18.76 25.83 44.46
CA ARG D 820 19.10 24.48 44.87
C ARG D 820 20.23 24.48 45.89
N ARG D 821 21.23 25.35 45.69
CA ARG D 821 22.35 25.52 46.62
C ARG D 821 23.12 24.21 46.79
N PHE D 822 23.73 23.76 45.70
CA PHE D 822 24.53 22.54 45.69
C PHE D 822 25.98 22.90 45.39
N SER D 823 26.88 22.07 45.92
CA SER D 823 28.31 22.28 45.69
C SER D 823 28.68 21.82 44.29
N PRO D 824 29.26 22.69 43.46
CA PRO D 824 29.62 22.28 42.10
C PRO D 824 30.69 21.20 42.10
N ILE D 825 30.66 20.37 41.06
CA ILE D 825 31.62 19.26 40.98
C ILE D 825 33.01 19.80 40.74
N PRO D 826 34.00 19.43 41.56
CA PRO D 826 35.36 19.93 41.36
C PRO D 826 36.17 19.07 40.41
N PHE D 827 37.45 19.42 40.24
CA PHE D 827 38.35 18.61 39.43
C PHE D 827 38.55 17.25 40.07
N PRO D 828 38.91 16.24 39.29
CA PRO D 828 39.11 14.89 39.84
C PRO D 828 40.15 14.90 40.95
N PRO D 829 39.75 14.59 42.18
CA PRO D 829 40.70 14.63 43.30
C PRO D 829 41.68 13.47 43.24
N LEU D 830 42.79 13.64 43.96
CA LEU D 830 43.77 12.57 44.07
C LEU D 830 43.18 11.34 44.76
N SER D 831 42.38 11.56 45.81
CA SER D 831 41.74 10.49 46.56
C SER D 831 40.25 10.45 46.22
N TYR D 832 39.76 9.26 45.85
CA TYR D 832 38.36 9.07 45.55
C TYR D 832 37.88 7.79 46.22
N LYS D 833 36.56 7.73 46.46
CA LYS D 833 35.99 6.60 47.17
C LYS D 833 36.18 5.30 46.41
N HIS D 834 35.79 5.28 45.13
CA HIS D 834 35.83 4.08 44.30
C HIS D 834 36.40 4.41 42.92
N ASP D 835 37.54 5.11 42.91
CA ASP D 835 38.12 5.55 41.64
C ASP D 835 38.44 4.39 40.73
N THR D 836 39.05 3.32 41.27
CA THR D 836 39.37 2.16 40.45
C THR D 836 38.10 1.44 39.99
N LYS D 837 37.03 1.51 40.77
CA LYS D 837 35.78 0.88 40.36
C LYS D 837 35.23 1.53 39.09
N LEU D 838 35.34 2.85 38.97
CA LEU D 838 34.91 3.53 37.76
C LEU D 838 35.71 3.07 36.55
N LEU D 839 37.02 2.91 36.73
CA LEU D 839 37.86 2.40 35.64
C LEU D 839 37.45 0.98 35.25
N ILE D 840 37.14 0.14 36.25
CA ILE D 840 36.70 -1.22 35.95
C ILE D 840 35.39 -1.21 35.17
N LEU D 841 34.44 -0.36 35.59
CA LEU D 841 33.17 -0.27 34.88
C LEU D 841 33.36 0.24 33.45
N ALA D 842 34.22 1.24 33.26
CA ALA D 842 34.47 1.74 31.93
C ALA D 842 35.13 0.68 31.05
N LEU D 843 36.09 -0.07 31.62
CA LEU D 843 36.72 -1.14 30.85
C LEU D 843 35.70 -2.20 30.45
N GLU D 844 34.80 -2.56 31.37
CA GLU D 844 33.76 -3.52 31.03
C GLU D 844 32.84 -2.98 29.94
N ARG D 845 32.47 -1.70 30.02
CA ARG D 845 31.59 -1.11 29.02
C ARG D 845 32.24 -1.10 27.65
N LEU D 846 33.52 -0.73 27.58
CA LEU D 846 34.21 -0.76 26.29
C LEU D 846 34.40 -2.18 25.78
N LYS D 847 34.67 -3.13 26.67
CA LYS D 847 34.83 -4.52 26.25
C LYS D 847 33.52 -5.08 25.69
N GLU D 848 32.39 -4.69 26.28
CA GLU D 848 31.10 -5.25 25.88
C GLU D 848 30.77 -4.97 24.43
N ALA D 849 31.43 -3.98 23.80
CA ALA D 849 31.16 -3.68 22.41
C ALA D 849 31.51 -4.84 21.50
N TYR D 850 32.65 -5.50 21.74
CA TYR D 850 33.08 -6.57 20.86
C TYR D 850 33.65 -7.78 21.60
N SER D 851 33.39 -7.91 22.90
CA SER D 851 33.91 -9.07 23.64
C SER D 851 33.30 -10.37 23.13
N VAL D 852 31.98 -10.37 22.87
CA VAL D 852 31.31 -11.57 22.41
C VAL D 852 31.54 -11.85 20.93
N LYS D 853 32.09 -10.89 20.19
CA LYS D 853 32.33 -11.08 18.77
C LYS D 853 33.38 -12.16 18.55
N SER D 854 33.20 -12.91 17.45
CA SER D 854 34.15 -13.97 17.12
C SER D 854 35.52 -13.41 16.79
N ARG D 855 35.56 -12.30 16.05
CA ARG D 855 36.82 -11.68 15.65
C ARG D 855 36.67 -10.16 15.75
N LEU D 856 37.81 -9.48 15.77
CA LEU D 856 37.86 -8.04 15.90
C LEU D 856 38.80 -7.46 14.84
N ASN D 857 38.47 -6.26 14.37
CA ASN D 857 39.29 -5.60 13.38
C ASN D 857 40.62 -5.16 13.98
N GLN D 858 41.53 -4.70 13.11
CA GLN D 858 42.84 -4.25 13.57
C GLN D 858 42.71 -3.08 14.54
N SER D 859 41.86 -2.11 14.21
CA SER D 859 41.58 -1.03 15.15
C SER D 859 40.88 -1.58 16.40
N GLN D 860 39.95 -2.52 16.22
CA GLN D 860 39.31 -3.15 17.37
C GLN D 860 40.31 -3.95 18.18
N ARG D 861 41.24 -4.63 17.52
CA ARG D 861 42.29 -5.36 18.24
C ARG D 861 43.16 -4.41 19.06
N GLU D 862 43.52 -3.26 18.48
CA GLU D 862 44.30 -2.28 19.21
C GLU D 862 43.52 -1.74 20.40
N GLU D 863 42.22 -1.50 20.22
CA GLU D 863 41.38 -1.04 21.32
C GLU D 863 41.31 -2.08 22.43
N LEU D 864 41.17 -3.36 22.06
CA LEU D 864 41.14 -4.42 23.06
C LEU D 864 42.47 -4.50 23.81
N GLY D 865 43.59 -4.38 23.10
CA GLY D 865 44.88 -4.36 23.76
C GLY D 865 45.04 -3.20 24.71
N LEU D 866 44.56 -2.01 24.30
CA LEU D 866 44.62 -0.85 25.17
C LEU D 866 43.76 -1.06 26.42
N ILE D 867 42.57 -1.65 26.25
CA ILE D 867 41.71 -1.93 27.39
C ILE D 867 42.37 -2.91 28.35
N GLU D 868 43.00 -3.95 27.80
CA GLU D 868 43.70 -4.92 28.65
C GLU D 868 44.85 -4.26 29.40
N GLN D 869 45.61 -3.39 28.71
CA GLN D 869 46.70 -2.68 29.37
C GLN D 869 46.19 -1.78 30.48
N ALA D 870 45.08 -1.08 30.24
CA ALA D 870 44.50 -0.22 31.27
C ALA D 870 44.03 -1.04 32.46
N TYR D 871 43.43 -2.20 32.20
CA TYR D 871 43.00 -3.07 33.29
C TYR D 871 44.19 -3.59 34.09
N ASP D 872 45.29 -3.90 33.41
CA ASP D 872 46.47 -4.43 34.09
C ASP D 872 47.07 -3.41 35.05
N ASN D 873 47.12 -2.15 34.64
CA ASN D 873 47.75 -1.08 35.43
C ASN D 873 46.73 0.03 35.63
N PRO D 874 45.81 -0.13 36.58
CA PRO D 874 44.78 0.91 36.80
C PRO D 874 45.36 2.27 37.16
N HIS D 875 46.43 2.32 37.95
CA HIS D 875 46.96 3.61 38.39
C HIS D 875 47.59 4.39 37.24
N GLU D 876 48.35 3.70 36.38
CA GLU D 876 48.95 4.36 35.23
C GLU D 876 47.86 4.88 34.28
N ALA D 877 46.83 4.08 34.05
CA ALA D 877 45.74 4.51 33.19
C ALA D 877 45.01 5.71 33.77
N LEU D 878 44.77 5.70 35.09
CA LEU D 878 44.11 6.84 35.72
C LEU D 878 44.96 8.10 35.62
N SER D 879 46.28 7.97 35.84
CA SER D 879 47.16 9.13 35.71
C SER D 879 47.15 9.67 34.28
N ARG D 880 47.20 8.77 33.28
CA ARG D 880 47.15 9.20 31.90
C ARG D 880 45.83 9.90 31.58
N ILE D 881 44.72 9.37 32.10
CA ILE D 881 43.42 9.98 31.86
C ILE D 881 43.35 11.37 32.47
N LYS D 882 43.84 11.52 33.69
CA LYS D 882 43.85 12.84 34.33
C LYS D 882 44.74 13.82 33.57
N ARG D 883 45.90 13.35 33.12
CA ARG D 883 46.79 14.21 32.34
C ARG D 883 46.13 14.65 31.04
N HIS D 884 45.46 13.72 30.35
CA HIS D 884 44.74 14.09 29.13
C HIS D 884 43.64 15.09 29.42
N LEU D 885 42.92 14.91 30.53
CA LEU D 885 41.88 15.85 30.91
C LEU D 885 42.43 17.25 31.14
N LEU D 886 43.49 17.36 31.94
CA LEU D 886 44.00 18.67 32.34
C LEU D 886 44.96 19.29 31.33
N THR D 887 45.47 18.51 30.38
CA THR D 887 46.43 19.05 29.40
C THR D 887 45.92 18.94 27.97
N GLN D 888 45.49 17.76 27.53
CA GLN D 888 45.14 17.56 26.14
C GLN D 888 43.86 18.31 25.78
N ARG D 889 43.90 19.04 24.67
CA ARG D 889 42.73 19.74 24.16
C ARG D 889 42.51 19.55 22.67
N ALA D 890 43.33 18.71 22.01
CA ALA D 890 43.19 18.42 20.60
C ALA D 890 43.07 16.91 20.41
N PHE D 891 42.00 16.47 19.76
CA PHE D 891 41.75 15.05 19.53
C PHE D 891 42.00 14.70 18.08
N LYS D 892 41.88 13.40 17.79
CA LYS D 892 42.12 12.88 16.46
C LYS D 892 40.83 12.92 15.65
N GLU D 893 40.82 12.26 14.49
CA GLU D 893 39.67 12.25 13.59
C GLU D 893 38.77 11.08 13.95
N VAL D 894 37.57 11.37 14.44
CA VAL D 894 36.59 10.36 14.78
C VAL D 894 35.79 10.03 13.52
N GLY D 895 35.80 8.77 13.12
CA GLY D 895 35.07 8.36 11.93
C GLY D 895 33.58 8.34 12.17
N ILE D 896 32.82 8.63 11.11
CA ILE D 896 31.36 8.71 11.18
C ILE D 896 30.78 7.75 10.16
N GLU D 897 30.03 6.77 10.63
CA GLU D 897 29.26 5.87 9.78
C GLU D 897 27.77 6.05 10.07
N PHE D 898 26.94 5.48 9.21
CA PHE D 898 25.50 5.64 9.34
C PHE D 898 24.83 4.28 9.28
N MET D 899 23.94 4.02 10.23
CA MET D 899 23.12 2.81 10.23
C MET D 899 21.75 3.17 9.68
N ASP D 900 21.29 2.36 8.72
CA ASP D 900 20.02 2.60 8.04
C ASP D 900 18.92 1.81 8.75
N LEU D 901 18.07 2.51 9.49
CA LEU D 901 16.87 1.91 10.06
C LEU D 901 15.73 1.83 9.07
N TYR D 902 16.01 2.04 7.77
CA TYR D 902 15.08 2.00 6.66
C TYR D 902 14.07 3.13 6.69
N SER D 903 14.08 3.97 7.73
CA SER D 903 13.31 5.20 7.75
C SER D 903 14.17 6.44 7.91
N HIS D 904 15.40 6.30 8.36
CA HIS D 904 16.33 7.40 8.54
C HIS D 904 17.72 6.81 8.75
N LEU D 905 18.72 7.68 8.77
CA LEU D 905 20.10 7.27 9.01
C LEU D 905 20.50 7.75 10.41
N VAL D 906 20.93 6.84 11.25
CA VAL D 906 21.36 7.15 12.61
C VAL D 906 22.89 7.15 12.64
N PRO D 907 23.51 8.18 13.23
CA PRO D 907 24.98 8.26 13.20
C PRO D 907 25.63 7.37 14.25
N VAL D 908 26.75 6.77 13.86
CA VAL D 908 27.63 6.07 14.78
C VAL D 908 29.03 6.65 14.61
N TYR D 909 29.72 6.87 15.73
CA TYR D 909 30.99 7.57 15.74
C TYR D 909 32.06 6.71 16.38
N ASP D 910 33.13 6.43 15.64
CA ASP D 910 34.28 5.70 16.16
C ASP D 910 35.35 6.70 16.57
N VAL D 911 35.71 6.68 17.84
CA VAL D 911 36.70 7.60 18.40
C VAL D 911 37.98 6.84 18.70
N GLU D 912 39.02 7.60 19.04
CA GLU D 912 40.29 6.98 19.41
C GLU D 912 40.14 6.17 20.69
N PRO D 913 40.71 4.96 20.75
CA PRO D 913 40.51 4.12 21.94
C PRO D 913 40.96 4.78 23.24
N LEU D 914 42.08 5.49 23.23
CA LEU D 914 42.51 6.21 24.42
C LEU D 914 41.53 7.35 24.75
N GLU D 915 41.16 8.11 23.73
CA GLU D 915 40.15 9.15 23.92
C GLU D 915 38.83 8.53 24.36
N LYS D 916 38.47 7.38 23.80
CA LYS D 916 37.23 6.71 24.17
C LYS D 916 37.22 6.32 25.64
N ILE D 917 38.31 5.71 26.12
CA ILE D 917 38.34 5.27 27.51
C ILE D 917 38.41 6.47 28.46
N THR D 918 39.15 7.51 28.09
CA THR D 918 39.17 8.71 28.93
C THR D 918 37.78 9.34 29.01
N ASP D 919 37.07 9.42 27.89
CA ASP D 919 35.73 9.98 27.89
C ASP D 919 34.77 9.10 28.69
N ALA D 920 34.93 7.79 28.61
CA ALA D 920 34.08 6.89 29.39
C ALA D 920 34.28 7.10 30.88
N TYR D 921 35.54 7.18 31.32
CA TYR D 921 35.81 7.45 32.73
C TYR D 921 35.27 8.82 33.13
N LEU D 922 35.42 9.81 32.26
CA LEU D 922 34.90 11.15 32.54
C LEU D 922 33.40 11.11 32.73
N ASP D 923 32.68 10.42 31.84
CA ASP D 923 31.24 10.35 31.93
C ASP D 923 30.80 9.61 33.18
N GLN D 924 31.47 8.50 33.51
CA GLN D 924 31.13 7.77 34.72
C GLN D 924 31.34 8.62 35.97
N TYR D 925 32.45 9.34 36.03
CA TYR D 925 32.73 10.20 37.18
C TYR D 925 31.69 11.31 37.28
N LEU D 926 31.35 11.93 36.15
CA LEU D 926 30.33 12.98 36.18
C LEU D 926 28.99 12.45 36.64
N TRP D 927 28.60 11.28 36.13
CA TRP D 927 27.31 10.70 36.53
C TRP D 927 27.28 10.38 38.01
N TYR D 928 28.37 9.79 38.53
CA TYR D 928 28.41 9.46 39.95
C TYR D 928 28.36 10.72 40.81
N GLU D 929 29.10 11.76 40.43
CA GLU D 929 29.10 12.98 41.22
C GLU D 929 27.75 13.69 41.15
N ALA D 930 27.09 13.66 39.98
CA ALA D 930 25.78 14.28 39.86
C ALA D 930 24.73 13.53 40.68
N ASP D 931 24.76 12.19 40.63
CA ASP D 931 23.81 11.41 41.43
C ASP D 931 24.06 11.57 42.91
N LYS D 932 25.33 11.70 43.31
CA LYS D 932 25.65 11.84 44.73
C LYS D 932 25.24 13.20 45.29
N ARG D 933 24.96 14.18 44.43
CA ARG D 933 24.62 15.53 44.88
C ARG D 933 23.27 15.99 44.35
N ARG D 934 22.47 15.11 43.75
CA ARG D 934 21.15 15.45 43.24
C ARG D 934 21.21 16.61 42.26
N LEU D 935 22.24 16.62 41.41
CA LEU D 935 22.41 17.69 40.43
C LEU D 935 21.39 17.63 39.30
N PHE D 936 20.65 16.52 39.19
CA PHE D 936 19.63 16.37 38.16
C PHE D 936 18.29 16.05 38.82
N PRO D 937 17.24 16.82 38.53
CA PRO D 937 15.95 16.60 39.21
C PRO D 937 15.33 15.29 38.81
N PRO D 938 14.47 14.73 39.66
CA PRO D 938 13.86 13.41 39.34
C PRO D 938 13.01 13.41 38.08
N TRP D 939 12.42 14.54 37.71
CA TRP D 939 11.41 14.54 36.65
C TRP D 939 11.96 14.14 35.28
N ILE D 940 13.28 14.13 35.11
CA ILE D 940 13.85 13.69 33.83
C ILE D 940 13.45 12.25 33.58
N LYS D 941 12.84 12.00 32.42
CA LYS D 941 12.23 10.70 32.16
C LYS D 941 13.22 9.54 32.23
N PRO D 942 14.40 9.58 31.59
CA PRO D 942 15.31 8.42 31.69
C PRO D 942 15.94 8.32 33.08
N ALA D 943 15.48 7.36 33.86
CA ALA D 943 15.98 7.13 35.21
C ALA D 943 16.26 5.64 35.39
N ASP D 944 17.40 5.32 36.00
CA ASP D 944 17.79 3.94 36.19
C ASP D 944 16.84 3.19 37.11
N THR D 945 16.06 3.89 37.93
CA THR D 945 15.18 3.22 38.87
C THR D 945 14.06 2.46 38.16
N GLU D 946 13.49 3.05 37.11
CA GLU D 946 12.31 2.48 36.46
C GLU D 946 12.57 2.28 34.97
N PRO D 947 12.25 1.12 34.42
CA PRO D 947 12.32 0.93 32.97
C PRO D 947 11.26 1.74 32.26
N PRO D 948 11.37 1.89 30.94
CA PRO D 948 10.40 2.74 30.20
C PRO D 948 8.96 2.32 30.42
N PRO D 949 8.62 1.02 30.38
CA PRO D 949 7.21 0.67 30.66
C PRO D 949 6.77 1.02 32.07
N LEU D 950 7.63 0.78 33.06
CA LEU D 950 7.32 1.20 34.41
C LEU D 950 7.19 2.71 34.49
N LEU D 951 8.01 3.43 33.74
CA LEU D 951 7.90 4.88 33.69
C LEU D 951 6.54 5.31 33.15
N VAL D 952 6.08 4.67 32.07
CA VAL D 952 4.79 5.01 31.50
C VAL D 952 3.66 4.72 32.47
N TYR D 953 3.72 3.57 33.14
CA TYR D 953 2.66 3.22 34.07
C TYR D 953 2.66 4.14 35.28
N LYS D 954 3.85 4.51 35.78
CA LYS D 954 3.92 5.48 36.87
C LYS D 954 3.39 6.84 36.43
N TRP D 955 3.66 7.21 35.16
CA TRP D 955 3.12 8.44 34.61
C TRP D 955 1.61 8.43 34.62
N CYS D 956 1.01 7.32 34.18
CA CYS D 956 -0.45 7.21 34.16
C CYS D 956 -1.02 7.24 35.57
N GLN D 957 -0.37 6.55 36.50
CA GLN D 957 -0.85 6.55 37.89
C GLN D 957 -0.76 7.94 38.50
N GLY D 958 0.32 8.68 38.20
CA GLY D 958 0.42 10.04 38.68
C GLY D 958 -0.62 10.95 38.08
N ILE D 959 -0.93 10.75 36.79
CA ILE D 959 -2.02 11.50 36.16
C ILE D 959 -3.33 11.23 36.90
N ASN D 960 -3.63 9.96 37.16
CA ASN D 960 -4.84 9.61 37.88
C ASN D 960 -4.82 10.06 39.33
N ASN D 961 -3.63 10.34 39.88
CA ASN D 961 -3.51 10.72 41.29
C ASN D 961 -3.90 12.18 41.54
N LEU D 962 -3.99 13.01 40.50
CA LEU D 962 -4.36 14.40 40.70
C LEU D 962 -5.77 14.51 41.27
N GLN D 963 -5.98 15.51 42.13
CA GLN D 963 -7.28 15.67 42.78
C GLN D 963 -8.38 15.96 41.76
N ASP D 964 -8.14 16.92 40.87
CA ASP D 964 -9.10 17.29 39.84
C ASP D 964 -8.73 16.68 38.49
N VAL D 965 -8.20 15.46 38.50
CA VAL D 965 -7.72 14.83 37.28
C VAL D 965 -8.87 14.60 36.30
N TRP D 966 -10.00 14.10 36.81
CA TRP D 966 -11.09 13.67 35.94
C TRP D 966 -12.39 14.43 36.13
N GLU D 967 -12.70 14.89 37.35
CA GLU D 967 -13.87 15.72 37.54
C GLU D 967 -13.74 17.09 36.89
N THR D 968 -12.54 17.45 36.44
CA THR D 968 -12.33 18.75 35.80
C THR D 968 -13.23 18.94 34.59
N SER D 969 -13.61 17.85 33.92
CA SER D 969 -14.49 17.97 32.75
C SER D 969 -15.83 18.57 33.11
N GLU D 970 -16.20 18.56 34.39
CA GLU D 970 -17.43 19.23 34.81
C GLU D 970 -17.35 20.73 34.55
N GLY D 971 -16.20 21.36 34.82
CA GLY D 971 -16.11 22.80 34.68
C GLY D 971 -14.79 23.34 34.18
N GLU D 972 -13.92 22.47 33.67
CA GLU D 972 -12.61 22.89 33.19
C GLU D 972 -12.15 21.89 32.13
N CYS D 973 -10.88 21.99 31.75
CA CYS D 973 -10.34 21.15 30.68
C CYS D 973 -8.97 20.62 31.10
N ASN D 974 -8.52 19.59 30.39
CA ASN D 974 -7.20 19.01 30.61
C ASN D 974 -6.49 18.88 29.28
N VAL D 975 -5.21 19.22 29.26
CA VAL D 975 -4.40 19.22 28.04
C VAL D 975 -3.18 18.35 28.28
N MET D 976 -2.88 17.45 27.34
CA MET D 976 -1.69 16.62 27.38
C MET D 976 -0.92 16.83 26.09
N LEU D 977 0.26 17.45 26.19
CA LEU D 977 1.06 17.79 25.03
C LEU D 977 2.36 16.98 25.05
N GLU D 978 2.61 16.25 23.97
CA GLU D 978 3.84 15.49 23.80
C GLU D 978 4.52 15.97 22.51
N SER D 979 5.79 16.30 22.61
CA SER D 979 6.51 16.87 21.47
C SER D 979 7.98 16.50 21.56
N ARG D 980 8.75 16.96 20.57
CA ARG D 980 10.18 16.70 20.52
C ARG D 980 10.88 17.94 19.98
N PHE D 981 12.02 18.26 20.59
CA PHE D 981 12.87 19.34 20.11
C PHE D 981 13.60 18.81 18.87
N GLU D 982 13.14 19.25 17.69
CA GLU D 982 13.77 18.79 16.45
C GLU D 982 15.20 19.32 16.32
N LYS D 983 15.48 20.53 16.80
CA LYS D 983 16.83 21.11 16.74
C LYS D 983 17.55 20.88 18.07
N MET D 984 18.13 19.69 18.19
CA MET D 984 18.97 19.35 19.34
C MET D 984 20.42 19.08 18.94
N TYR D 985 20.64 18.42 17.81
CA TYR D 985 21.99 18.01 17.48
C TYR D 985 22.76 19.13 16.79
N GLU D 986 22.23 19.65 15.69
CA GLU D 986 22.96 20.57 14.83
C GLU D 986 22.48 22.01 14.94
N LYS D 987 22.02 22.42 16.12
CA LYS D 987 21.55 23.80 16.31
C LYS D 987 21.96 24.34 17.68
N ILE D 988 23.20 24.12 18.08
CA ILE D 988 23.70 24.54 19.38
C ILE D 988 24.95 25.38 19.20
N ASP D 989 25.11 26.38 20.07
CA ASP D 989 26.32 27.19 20.13
C ASP D 989 27.18 26.71 21.28
N LEU D 990 28.45 26.39 20.98
CA LEU D 990 29.33 25.81 21.98
C LEU D 990 29.71 26.79 23.07
N THR D 991 29.54 28.10 22.85
CA THR D 991 29.83 29.07 23.90
C THR D 991 28.87 28.91 25.07
N LEU D 992 27.58 28.73 24.79
CA LEU D 992 26.61 28.52 25.86
C LEU D 992 26.88 27.21 26.60
N LEU D 993 27.25 26.16 25.86
CA LEU D 993 27.61 24.90 26.50
C LEU D 993 28.83 25.08 27.40
N ASN D 994 29.84 25.82 26.93
CA ASN D 994 31.02 26.11 27.74
C ASN D 994 30.61 26.82 29.03
N ARG D 995 29.80 27.87 28.92
CA ARG D 995 29.42 28.65 30.09
C ARG D 995 28.63 27.80 31.08
N LEU D 996 27.65 27.06 30.59
CA LEU D 996 26.82 26.24 31.47
C LEU D 996 27.64 25.14 32.14
N LEU D 997 28.51 24.46 31.39
CA LEU D 997 29.32 23.40 31.96
C LEU D 997 30.29 23.96 32.99
N ARG D 998 30.90 25.11 32.71
CA ARG D 998 31.76 25.75 33.70
C ARG D 998 30.98 26.14 34.94
N LEU D 999 29.71 26.52 34.78
CA LEU D 999 28.87 26.79 35.93
C LEU D 999 28.45 25.52 36.65
N ILE D 1000 28.56 24.36 36.00
CA ILE D 1000 28.12 23.10 36.61
C ILE D 1000 29.28 22.21 37.04
N VAL D 1001 30.48 22.37 36.48
CA VAL D 1001 31.59 21.47 36.79
C VAL D 1001 32.89 22.28 36.72
N ASP D 1002 34.01 21.63 37.03
CA ASP D 1002 35.31 22.29 36.95
C ASP D 1002 35.57 22.76 35.52
N HIS D 1003 36.20 23.94 35.42
CA HIS D 1003 36.33 24.60 34.13
C HIS D 1003 37.22 23.82 33.17
N ASN D 1004 38.26 23.17 33.69
CA ASN D 1004 39.16 22.41 32.82
C ASN D 1004 38.45 21.23 32.17
N ILE D 1005 37.69 20.47 32.95
CA ILE D 1005 36.97 19.33 32.41
C ILE D 1005 35.92 19.79 31.39
N ALA D 1006 35.22 20.87 31.70
CA ALA D 1006 34.23 21.41 30.77
C ALA D 1006 34.89 21.85 29.47
N ASP D 1007 36.04 22.52 29.56
CA ASP D 1007 36.75 22.94 28.36
C ASP D 1007 37.19 21.75 27.54
N TYR D 1008 37.70 20.70 28.19
CA TYR D 1008 38.09 19.50 27.46
C TYR D 1008 36.90 18.85 26.78
N MET D 1009 35.75 18.78 27.47
CA MET D 1009 34.57 18.19 26.88
C MET D 1009 34.10 18.98 25.66
N THR D 1010 34.08 20.30 25.77
CA THR D 1010 33.66 21.13 24.65
C THR D 1010 34.65 21.03 23.49
N ALA D 1011 35.94 20.97 23.78
CA ALA D 1011 36.93 20.79 22.72
C ALA D 1011 36.75 19.45 22.03
N LYS D 1012 36.46 18.39 22.79
CA LYS D 1012 36.15 17.10 22.18
C LYS D 1012 34.89 17.19 21.34
N ASN D 1013 33.93 18.01 21.74
CA ASN D 1013 32.75 18.26 20.92
C ASN D 1013 33.08 19.05 19.65
N ASN D 1014 34.24 19.70 19.59
CA ASN D 1014 34.68 20.45 18.42
C ASN D 1014 35.94 19.78 17.89
N VAL D 1015 35.74 18.77 17.03
CA VAL D 1015 36.82 17.98 16.49
C VAL D 1015 36.59 17.81 14.99
N VAL D 1016 37.48 17.03 14.36
CA VAL D 1016 37.41 16.76 12.93
C VAL D 1016 36.73 15.42 12.72
N ILE D 1017 35.78 15.38 11.78
CA ILE D 1017 35.00 14.19 11.47
C ILE D 1017 35.47 13.67 10.12
N ASN D 1018 35.78 12.37 10.07
CA ASN D 1018 36.28 11.72 8.86
C ASN D 1018 35.26 10.72 8.34
N TYR D 1019 35.44 10.35 7.08
CA TYR D 1019 34.55 9.40 6.41
C TYR D 1019 35.39 8.61 5.41
N LYS D 1020 34.74 7.95 4.46
CA LYS D 1020 35.45 7.17 3.46
C LYS D 1020 36.42 8.04 2.68
N ASP D 1021 35.95 9.22 2.24
CA ASP D 1021 36.83 10.16 1.54
C ASP D 1021 36.56 11.61 1.91
N MET D 1022 35.66 11.88 2.85
CA MET D 1022 35.27 13.24 3.20
C MET D 1022 35.60 13.53 4.66
N ASN D 1023 36.15 14.72 4.91
CA ASN D 1023 36.46 15.15 6.26
C ASN D 1023 36.03 16.60 6.42
N HIS D 1024 35.48 16.90 7.60
CA HIS D 1024 35.03 18.26 7.90
C HIS D 1024 35.25 18.53 9.38
N THR D 1025 34.84 19.72 9.83
CA THR D 1025 34.97 20.10 11.23
C THR D 1025 33.59 20.41 11.80
N ASN D 1026 33.33 19.88 13.00
CA ASN D 1026 32.06 20.11 13.68
C ASN D 1026 32.25 21.19 14.73
N SER D 1027 31.48 22.26 14.61
CA SER D 1027 31.54 23.38 15.55
C SER D 1027 30.21 23.68 16.21
N TYR D 1028 29.11 23.58 15.48
CA TYR D 1028 27.78 23.79 16.07
C TYR D 1028 27.17 22.50 16.58
N GLY D 1029 27.35 21.40 15.86
CA GLY D 1029 26.80 20.12 16.26
C GLY D 1029 27.60 19.48 17.39
N ILE D 1030 27.07 18.37 17.88
CA ILE D 1030 27.67 17.62 18.99
C ILE D 1030 27.78 16.17 18.57
N ILE D 1031 28.97 15.58 18.76
CA ILE D 1031 29.19 14.18 18.46
C ILE D 1031 28.40 13.33 19.44
N ARG D 1032 27.36 12.64 18.95
CA ARG D 1032 26.58 11.76 19.80
C ARG D 1032 27.38 10.54 20.23
N GLY D 1033 28.46 10.22 19.52
CA GLY D 1033 29.30 9.08 19.87
C GLY D 1033 30.25 9.31 21.02
N LEU D 1034 30.31 10.54 21.52
CA LEU D 1034 31.13 10.82 22.70
C LEU D 1034 30.58 10.08 23.90
N GLN D 1035 31.49 9.51 24.71
CA GLN D 1035 31.06 8.77 25.89
C GLN D 1035 30.37 9.67 26.91
N PHE D 1036 30.73 10.95 26.94
CA PHE D 1036 30.13 11.92 27.84
C PHE D 1036 29.01 12.72 27.19
N ALA D 1037 28.66 12.42 25.93
CA ALA D 1037 27.59 13.15 25.27
C ALA D 1037 26.26 12.98 25.99
N SER D 1038 26.04 11.82 26.61
CA SER D 1038 24.79 11.59 27.33
C SER D 1038 24.63 12.61 28.46
N PHE D 1039 25.70 12.86 29.21
CA PHE D 1039 25.61 13.80 30.32
C PHE D 1039 25.31 15.22 29.84
N ILE D 1040 25.98 15.67 28.79
CA ILE D 1040 25.78 17.04 28.32
C ILE D 1040 24.39 17.19 27.71
N VAL D 1041 23.91 16.17 26.98
CA VAL D 1041 22.57 16.22 26.43
C VAL D 1041 21.52 16.26 27.55
N GLN D 1042 21.70 15.43 28.58
CA GLN D 1042 20.77 15.45 29.70
C GLN D 1042 20.78 16.80 30.41
N TYR D 1043 21.97 17.37 30.61
CA TYR D 1043 22.07 18.66 31.30
C TYR D 1043 21.44 19.78 30.47
N TYR D 1044 21.64 19.77 29.16
CA TYR D 1044 21.08 20.84 28.35
C TYR D 1044 19.56 20.69 28.25
N GLY D 1045 19.07 19.45 28.16
CA GLY D 1045 17.64 19.23 28.25
C GLY D 1045 17.07 19.70 29.58
N LEU D 1046 17.85 19.53 30.65
CA LEU D 1046 17.47 20.13 31.93
C LEU D 1046 17.42 21.64 31.83
N VAL D 1047 18.33 22.24 31.07
CA VAL D 1047 18.31 23.69 30.89
C VAL D 1047 17.02 24.13 30.23
N MET D 1048 16.63 23.48 29.12
CA MET D 1048 15.36 23.81 28.50
C MET D 1048 14.18 23.52 29.42
N ASP D 1049 14.25 22.44 30.20
CA ASP D 1049 13.17 22.12 31.12
C ASP D 1049 12.98 23.24 32.14
N LEU D 1050 14.09 23.72 32.71
CA LEU D 1050 14.02 24.79 33.70
C LEU D 1050 13.55 26.09 33.06
N LEU D 1051 13.98 26.35 31.82
CA LEU D 1051 13.56 27.58 31.15
C LEU D 1051 12.06 27.57 30.85
N VAL D 1052 11.56 26.48 30.25
CA VAL D 1052 10.16 26.41 29.85
C VAL D 1052 9.26 26.32 31.07
N LEU D 1053 9.62 25.46 32.02
CA LEU D 1053 8.73 25.19 33.16
C LEU D 1053 8.58 26.40 34.07
N GLY D 1054 9.63 27.19 34.21
CA GLY D 1054 9.57 28.33 35.12
C GLY D 1054 10.20 28.02 36.47
N LEU D 1055 10.78 29.06 37.07
CA LEU D 1055 11.57 28.87 38.30
C LEU D 1055 10.71 28.32 39.43
N HIS D 1056 9.56 28.95 39.69
CA HIS D 1056 8.69 28.47 40.75
C HIS D 1056 8.17 27.08 40.47
N ARG D 1057 7.76 26.83 39.22
CA ARG D 1057 7.26 25.51 38.86
C ARG D 1057 8.39 24.47 38.92
N ALA D 1058 9.60 24.86 38.53
CA ALA D 1058 10.74 23.95 38.66
C ALA D 1058 11.00 23.59 40.12
N SER D 1059 10.92 24.59 41.01
CA SER D 1059 11.11 24.32 42.43
C SER D 1059 10.02 23.40 42.95
N GLU D 1060 8.77 23.62 42.53
CA GLU D 1060 7.68 22.75 42.97
C GLU D 1060 7.87 21.33 42.47
N MET D 1061 8.28 21.16 41.21
CA MET D 1061 8.46 19.83 40.64
C MET D 1061 9.73 19.16 41.11
N ALA D 1062 10.66 19.90 41.71
CA ALA D 1062 11.86 19.32 42.29
C ALA D 1062 11.86 19.34 43.81
N GLY D 1063 10.96 20.09 44.44
CA GLY D 1063 10.90 20.18 45.87
C GLY D 1063 11.95 21.11 46.43
N PRO D 1064 11.82 21.48 47.70
CA PRO D 1064 12.85 22.29 48.33
C PRO D 1064 14.14 21.52 48.42
N PRO D 1065 15.28 22.22 48.42
CA PRO D 1065 16.56 21.50 48.49
C PRO D 1065 16.71 20.65 49.74
N GLN D 1066 16.17 21.10 50.87
CA GLN D 1066 16.25 20.31 52.09
C GLN D 1066 15.28 19.13 52.09
N MET D 1067 14.22 19.19 51.29
CA MET D 1067 13.21 18.12 51.23
C MET D 1067 12.95 17.75 49.78
N PRO D 1068 13.81 16.93 49.20
CA PRO D 1068 13.57 16.48 47.81
C PRO D 1068 12.30 15.64 47.70
N ASN D 1069 11.69 15.69 46.53
CA ASN D 1069 10.45 14.99 46.25
C ASN D 1069 10.69 13.84 45.28
N ASP D 1070 9.65 13.04 45.06
CA ASP D 1070 9.73 11.88 44.18
C ASP D 1070 9.61 12.33 42.73
N PHE D 1071 9.50 11.35 41.82
CA PHE D 1071 9.39 11.68 40.40
C PHE D 1071 8.12 12.46 40.09
N LEU D 1072 6.97 11.84 40.34
CA LEU D 1072 5.67 12.46 40.07
C LEU D 1072 4.94 12.62 41.41
N SER D 1073 5.12 13.78 42.03
CA SER D 1073 4.49 14.07 43.32
C SER D 1073 4.50 15.59 43.50
N PHE D 1074 4.09 16.03 44.69
CA PHE D 1074 4.08 17.45 45.01
C PHE D 1074 4.07 17.61 46.52
N GLN D 1075 4.43 18.82 46.96
CA GLN D 1075 4.37 19.12 48.39
C GLN D 1075 2.93 19.08 48.90
N ASP D 1076 2.00 19.61 48.11
CA ASP D 1076 0.59 19.58 48.46
C ASP D 1076 -0.24 19.64 47.20
N ILE D 1077 -1.51 19.26 47.32
CA ILE D 1077 -2.41 19.29 46.17
C ILE D 1077 -2.61 20.72 45.68
N ALA D 1078 -2.79 21.67 46.61
CA ALA D 1078 -2.98 23.06 46.22
C ALA D 1078 -1.75 23.61 45.51
N THR D 1079 -0.55 23.25 46.00
CA THR D 1079 0.68 23.76 45.39
C THR D 1079 0.82 23.28 43.96
N GLU D 1080 0.51 22.01 43.70
CA GLU D 1080 0.59 21.49 42.34
C GLU D 1080 -0.51 22.08 41.45
N ALA D 1081 -1.72 22.20 41.98
CA ALA D 1081 -2.85 22.66 41.18
C ALA D 1081 -2.88 24.18 40.99
N ALA D 1082 -2.12 24.93 41.77
CA ALA D 1082 -2.13 26.39 41.63
C ALA D 1082 -1.58 26.82 40.28
N HIS D 1083 -0.48 26.23 39.85
CA HIS D 1083 0.14 26.59 38.59
C HIS D 1083 -0.55 25.89 37.43
N PRO D 1084 -0.46 26.46 36.22
CA PRO D 1084 -1.08 25.81 35.05
C PRO D 1084 -0.57 24.41 34.79
N ILE D 1085 0.70 24.15 35.05
CA ILE D 1085 1.31 22.85 34.78
C ILE D 1085 1.15 21.97 36.01
N ARG D 1086 0.86 20.68 35.77
CA ARG D 1086 0.73 19.71 36.85
C ARG D 1086 1.64 18.50 36.69
N LEU D 1087 2.25 18.30 35.53
CA LEU D 1087 3.14 17.15 35.33
C LEU D 1087 4.10 17.47 34.19
N PHE D 1088 5.36 17.13 34.38
CA PHE D 1088 6.39 17.32 33.35
C PHE D 1088 7.28 16.10 33.29
N CYS D 1089 7.56 15.64 32.07
CA CYS D 1089 8.46 14.53 31.82
C CYS D 1089 9.39 14.89 30.69
N ARG D 1090 10.70 14.76 30.92
CA ARG D 1090 11.72 15.11 29.94
C ARG D 1090 12.54 13.88 29.61
N TYR D 1091 12.33 13.33 28.41
CA TYR D 1091 13.14 12.23 27.91
C TYR D 1091 14.42 12.82 27.32
N ILE D 1092 15.19 12.01 26.60
CA ILE D 1092 16.42 12.50 25.97
C ILE D 1092 16.09 13.61 24.98
N ASP D 1093 14.98 13.48 24.26
CA ASP D 1093 14.48 14.54 23.40
C ASP D 1093 12.98 14.74 23.48
N ARG D 1094 12.21 13.80 24.02
CA ARG D 1094 10.77 13.93 24.09
C ARG D 1094 10.36 14.71 25.34
N ILE D 1095 9.37 15.58 25.18
CA ILE D 1095 8.84 16.41 26.25
C ILE D 1095 7.35 16.12 26.38
N HIS D 1096 6.90 15.90 27.62
CA HIS D 1096 5.50 15.61 27.90
C HIS D 1096 5.03 16.50 29.04
N ILE D 1097 3.91 17.19 28.83
CA ILE D 1097 3.38 18.15 29.78
C ILE D 1097 1.87 17.98 29.87
N PHE D 1098 1.31 18.33 31.02
CA PHE D 1098 -0.12 18.14 31.28
C PHE D 1098 -0.64 19.29 32.12
N PHE D 1099 -1.64 19.99 31.61
CA PHE D 1099 -2.28 21.10 32.29
C PHE D 1099 -3.72 20.75 32.65
N ARG D 1100 -4.19 21.32 33.75
CA ARG D 1100 -5.61 21.31 34.12
C ARG D 1100 -6.05 22.78 34.10
N PHE D 1101 -6.60 23.21 32.97
CA PHE D 1101 -6.91 24.61 32.73
C PHE D 1101 -8.34 24.92 33.15
N THR D 1102 -8.50 25.98 33.94
CA THR D 1102 -9.81 26.49 34.29
C THR D 1102 -10.46 27.16 33.08
N ALA D 1103 -11.78 27.29 33.14
CA ALA D 1103 -12.52 27.84 32.01
C ALA D 1103 -12.12 29.29 31.74
N ASP D 1104 -11.98 30.10 32.78
CA ASP D 1104 -11.60 31.50 32.59
C ASP D 1104 -10.18 31.61 32.03
N GLU D 1105 -9.25 30.82 32.57
CA GLU D 1105 -7.89 30.83 32.05
C GLU D 1105 -7.85 30.35 30.60
N ALA D 1106 -8.63 29.32 30.28
CA ALA D 1106 -8.70 28.84 28.91
C ALA D 1106 -9.24 29.91 27.97
N ARG D 1107 -10.28 30.62 28.39
CA ARG D 1107 -10.83 31.69 27.56
C ARG D 1107 -9.81 32.81 27.36
N ASP D 1108 -9.09 33.17 28.43
CA ASP D 1108 -8.08 34.22 28.31
C ASP D 1108 -6.97 33.80 27.36
N LEU D 1109 -6.52 32.55 27.46
CA LEU D 1109 -5.48 32.06 26.55
C LEU D 1109 -5.98 32.03 25.12
N ILE D 1110 -7.23 31.63 24.90
CA ILE D 1110 -7.80 31.61 23.55
C ILE D 1110 -7.85 33.01 22.98
N GLN D 1111 -8.29 33.98 23.79
CA GLN D 1111 -8.34 35.37 23.33
C GLN D 1111 -6.95 35.90 23.00
N ARG D 1112 -5.96 35.58 23.84
CA ARG D 1112 -4.59 36.02 23.59
C ARG D 1112 -4.06 35.42 22.29
N TYR D 1113 -4.30 34.13 22.06
CA TYR D 1113 -3.85 33.50 20.83
C TYR D 1113 -4.55 34.09 19.61
N LEU D 1114 -5.85 34.34 19.72
CA LEU D 1114 -6.59 34.95 18.61
C LEU D 1114 -6.05 36.33 18.29
N THR D 1115 -5.71 37.11 19.33
CA THR D 1115 -5.07 38.40 19.10
C THR D 1115 -3.72 38.23 18.41
N GLU D 1116 -2.94 37.25 18.86
CA GLU D 1116 -1.64 36.99 18.22
C GLU D 1116 -1.83 36.41 16.81
N HIS D 1117 -2.71 35.42 16.69
CA HIS D 1117 -2.99 34.79 15.39
C HIS D 1117 -4.49 34.63 15.24
N PRO D 1118 -5.15 35.43 14.39
CA PRO D 1118 -6.59 35.32 14.23
C PRO D 1118 -6.99 34.05 13.51
N ASP D 1119 -8.21 33.58 13.80
CA ASP D 1119 -8.80 32.42 13.16
C ASP D 1119 -10.21 32.76 12.69
N PRO D 1120 -10.35 33.61 11.68
CA PRO D 1120 -11.68 34.00 11.22
C PRO D 1120 -12.32 32.94 10.34
N ASN D 1121 -11.50 32.21 9.58
CA ASN D 1121 -11.99 31.18 8.67
C ASN D 1121 -12.08 29.81 9.34
N ASN D 1122 -11.81 29.72 10.64
CA ASN D 1122 -11.84 28.46 11.38
C ASN D 1122 -10.93 27.42 10.72
N GLU D 1123 -9.74 27.85 10.32
CA GLU D 1123 -8.77 26.99 9.67
C GLU D 1123 -7.78 26.36 10.64
N ASN D 1124 -8.03 26.48 11.94
CA ASN D 1124 -7.12 25.90 12.94
C ASN D 1124 -7.10 24.38 12.82
N ILE D 1125 -8.26 23.76 12.61
CA ILE D 1125 -8.36 22.30 12.59
C ILE D 1125 -8.08 21.78 11.19
N VAL D 1126 -7.65 22.66 10.28
CA VAL D 1126 -7.38 22.24 8.92
C VAL D 1126 -6.17 21.31 8.87
N GLY D 1127 -5.14 21.61 9.65
CA GLY D 1127 -3.93 20.80 9.65
C GLY D 1127 -3.57 20.25 11.01
N TYR D 1128 -4.57 19.82 11.77
CA TYR D 1128 -4.33 19.28 13.10
C TYR D 1128 -3.67 17.91 13.01
N ASN D 1129 -3.04 17.51 14.11
CA ASN D 1129 -2.35 16.23 14.21
C ASN D 1129 -3.11 15.32 15.16
N ASN D 1130 -3.45 14.13 14.69
CA ASN D 1130 -4.16 13.14 15.48
C ASN D 1130 -3.64 11.75 15.16
N LYS D 1131 -3.86 10.83 16.10
CA LYS D 1131 -3.40 9.45 15.94
C LYS D 1131 -4.43 8.68 15.12
N LYS D 1132 -4.06 8.29 13.90
CA LYS D 1132 -4.96 7.54 13.03
C LYS D 1132 -5.11 6.08 13.44
N CYS D 1133 -4.22 5.58 14.29
CA CYS D 1133 -4.29 4.17 14.69
C CYS D 1133 -5.55 3.89 15.50
N TRP D 1134 -5.92 4.80 16.39
CA TRP D 1134 -7.09 4.58 17.24
C TRP D 1134 -8.37 4.65 16.41
N PRO D 1135 -9.44 3.99 16.87
CA PRO D 1135 -10.70 4.03 16.13
C PRO D 1135 -11.30 5.44 16.12
N ARG D 1136 -12.28 5.61 15.24
CA ARG D 1136 -12.87 6.93 15.01
C ARG D 1136 -13.53 7.49 16.26
N ASP D 1137 -14.23 6.65 17.02
CA ASP D 1137 -14.99 7.11 18.16
C ASP D 1137 -14.14 7.55 19.34
N ALA D 1138 -12.83 7.25 19.32
CA ALA D 1138 -11.99 7.52 20.49
C ALA D 1138 -10.68 8.22 20.18
N ARG D 1139 -10.30 8.38 18.91
CA ARG D 1139 -8.99 8.94 18.58
C ARG D 1139 -8.84 10.36 19.10
N MET D 1140 -9.63 11.30 18.57
CA MET D 1140 -9.55 12.68 18.99
C MET D 1140 -10.78 13.46 18.54
N ARG D 1141 -11.42 14.16 19.46
CA ARG D 1141 -12.61 14.96 19.16
C ARG D 1141 -12.15 16.35 18.72
N LEU D 1142 -12.08 16.56 17.40
CA LEU D 1142 -11.57 17.81 16.84
C LEU D 1142 -12.64 18.91 16.89
N MET D 1143 -13.13 19.17 18.10
CA MET D 1143 -14.04 20.28 18.32
C MET D 1143 -13.30 21.60 18.15
N LYS D 1144 -14.04 22.63 17.77
CA LYS D 1144 -13.42 23.94 17.54
C LYS D 1144 -12.77 24.47 18.80
N HIS D 1145 -13.45 24.34 19.94
CA HIS D 1145 -12.90 24.82 21.20
C HIS D 1145 -11.64 24.06 21.58
N ASP D 1146 -11.66 22.73 21.45
CA ASP D 1146 -10.50 21.93 21.80
C ASP D 1146 -9.32 22.23 20.88
N VAL D 1147 -9.58 22.36 19.58
CA VAL D 1147 -8.50 22.68 18.64
C VAL D 1147 -7.92 24.05 18.96
N ASN D 1148 -8.80 25.03 19.25
CA ASN D 1148 -8.33 26.37 19.58
C ASN D 1148 -7.45 26.35 20.82
N LEU D 1149 -7.87 25.63 21.86
CA LEU D 1149 -7.07 25.54 23.07
C LEU D 1149 -5.73 24.83 22.81
N GLY D 1150 -5.74 23.77 22.01
CA GLY D 1150 -4.50 23.09 21.70
C GLY D 1150 -3.52 24.00 20.97
N ARG D 1151 -4.01 24.73 19.97
CA ARG D 1151 -3.15 25.66 19.25
C ARG D 1151 -2.65 26.78 20.16
N ALA D 1152 -3.51 27.26 21.05
CA ALA D 1152 -3.09 28.32 21.98
C ALA D 1152 -2.00 27.83 22.91
N VAL D 1153 -2.13 26.61 23.45
CA VAL D 1153 -1.11 26.08 24.34
C VAL D 1153 0.19 25.85 23.57
N PHE D 1154 0.10 25.34 22.35
CA PHE D 1154 1.32 25.15 21.55
C PHE D 1154 2.00 26.47 21.27
N TRP D 1155 1.23 27.51 20.94
CA TRP D 1155 1.80 28.83 20.71
C TRP D 1155 2.45 29.38 21.98
N ASP D 1156 1.81 29.18 23.13
CA ASP D 1156 2.39 29.63 24.39
C ASP D 1156 3.73 28.93 24.67
N ILE D 1157 3.77 27.62 24.44
CA ILE D 1157 5.01 26.87 24.65
C ILE D 1157 6.10 27.35 23.70
N LYS D 1158 5.73 27.54 22.42
CA LYS D 1158 6.72 28.00 21.45
C LYS D 1158 7.22 29.40 21.79
N ASN D 1159 6.35 30.25 22.38
CA ASN D 1159 6.78 31.58 22.78
C ASN D 1159 7.66 31.54 24.02
N ARG D 1160 7.41 30.58 24.92
CA ARG D 1160 8.20 30.50 26.15
C ARG D 1160 9.57 29.87 25.92
N LEU D 1161 9.84 29.35 24.72
CA LEU D 1161 11.13 28.77 24.38
C LEU D 1161 11.71 29.52 23.19
N PRO D 1162 12.91 30.09 23.29
CA PRO D 1162 13.47 30.84 22.16
C PRO D 1162 13.65 29.96 20.93
N ARG D 1163 13.39 30.54 19.77
CA ARG D 1163 13.51 29.80 18.52
C ARG D 1163 14.95 29.52 18.13
N SER D 1164 15.92 30.11 18.82
CA SER D 1164 17.33 29.90 18.50
C SER D 1164 17.91 28.71 19.25
N VAL D 1165 17.71 28.65 20.56
CA VAL D 1165 18.28 27.57 21.37
C VAL D 1165 17.67 26.23 20.95
N THR D 1166 16.36 26.19 20.81
CA THR D 1166 15.66 24.97 20.42
C THR D 1166 14.41 25.36 19.66
N THR D 1167 13.55 24.38 19.36
CA THR D 1167 12.32 24.63 18.65
C THR D 1167 11.34 23.50 18.94
N VAL D 1168 10.06 23.78 18.74
CA VAL D 1168 8.99 22.81 18.89
C VAL D 1168 8.11 22.93 17.65
N GLN D 1169 8.37 22.09 16.66
CA GLN D 1169 7.61 22.13 15.40
C GLN D 1169 6.24 21.51 15.60
N TRP D 1170 5.22 22.12 15.00
CA TRP D 1170 3.86 21.58 15.09
C TRP D 1170 3.66 20.38 14.18
N GLU D 1171 4.37 20.32 13.05
CA GLU D 1171 4.21 19.22 12.12
C GLU D 1171 4.66 17.89 12.71
N ASN D 1172 5.46 17.91 13.77
CA ASN D 1172 5.96 16.70 14.42
C ASN D 1172 5.70 16.75 15.92
N SER D 1173 4.48 17.12 16.29
CA SER D 1173 4.07 17.21 17.69
C SER D 1173 2.73 16.50 17.86
N PHE D 1174 2.24 16.49 19.10
CA PHE D 1174 0.98 15.83 19.41
C PHE D 1174 0.33 16.51 20.61
N VAL D 1175 -0.97 16.77 20.51
CA VAL D 1175 -1.74 17.40 21.57
C VAL D 1175 -3.04 16.62 21.75
N SER D 1176 -3.44 16.40 23.00
CA SER D 1176 -4.68 15.74 23.33
C SER D 1176 -5.44 16.59 24.35
N VAL D 1177 -6.76 16.58 24.23
CA VAL D 1177 -7.64 17.42 25.03
C VAL D 1177 -8.72 16.54 25.65
N TYR D 1178 -8.99 16.75 26.94
CA TYR D 1178 -10.07 16.06 27.64
C TYR D 1178 -10.97 17.11 28.28
N SER D 1179 -12.25 17.07 27.95
CA SER D 1179 -13.21 18.05 28.46
C SER D 1179 -14.61 17.48 28.28
N LYS D 1180 -15.61 18.34 28.44
CA LYS D 1180 -16.99 17.92 28.20
C LYS D 1180 -17.23 17.46 26.77
N ASP D 1181 -16.37 17.87 25.84
CA ASP D 1181 -16.47 17.43 24.45
C ASP D 1181 -15.66 16.16 24.21
N ASN D 1182 -14.35 16.21 24.49
CA ASN D 1182 -13.46 15.08 24.27
C ASN D 1182 -13.28 14.31 25.56
N PRO D 1183 -13.66 13.02 25.62
CA PRO D 1183 -13.54 12.26 26.87
C PRO D 1183 -12.26 11.42 27.01
N ASN D 1184 -11.29 11.56 26.11
CA ASN D 1184 -10.12 10.68 26.11
C ASN D 1184 -8.84 11.51 26.12
N LEU D 1185 -7.75 10.88 26.54
CA LEU D 1185 -6.43 11.48 26.39
C LEU D 1185 -5.49 10.51 25.69
N LEU D 1186 -4.65 11.04 24.80
CA LEU D 1186 -3.71 10.27 24.01
C LEU D 1186 -2.29 10.58 24.45
N PHE D 1187 -1.51 9.54 24.75
CA PHE D 1187 -0.09 9.67 25.05
C PHE D 1187 0.70 8.81 24.07
N ASN D 1188 1.84 9.32 23.63
CA ASN D 1188 2.76 8.53 22.82
C ASN D 1188 3.76 7.77 23.66
N MET D 1189 3.98 8.20 24.90
CA MET D 1189 4.84 7.51 25.86
C MET D 1189 6.22 7.20 25.29
N CYS D 1190 6.77 6.05 25.65
CA CYS D 1190 8.08 5.62 25.15
C CYS D 1190 7.87 4.67 23.97
N GLY D 1191 7.37 5.24 22.88
CA GLY D 1191 7.06 4.44 21.70
C GLY D 1191 5.90 3.49 21.89
N PHE D 1192 4.86 3.91 22.59
CA PHE D 1192 3.67 3.09 22.80
C PHE D 1192 2.47 4.01 22.96
N GLU D 1193 1.52 3.91 22.04
CA GLU D 1193 0.36 4.80 22.04
C GLU D 1193 -0.67 4.28 23.03
N CYS D 1194 -0.98 5.09 24.05
CA CYS D 1194 -1.92 4.68 25.09
C CYS D 1194 -2.96 5.79 25.28
N ARG D 1195 -4.23 5.40 25.28
CA ARG D 1195 -5.33 6.33 25.53
C ARG D 1195 -5.92 6.04 26.90
N ILE D 1196 -6.07 7.08 27.71
CA ILE D 1196 -6.69 6.99 29.02
C ILE D 1196 -8.13 7.49 28.91
N LEU D 1197 -9.05 6.73 29.50
CA LEU D 1197 -10.47 7.05 29.52
C LEU D 1197 -10.98 6.89 30.95
N PRO D 1198 -11.50 7.95 31.57
CA PRO D 1198 -12.07 7.79 32.92
C PRO D 1198 -13.33 6.94 32.90
N LYS D 1199 -13.53 6.21 34.00
CA LYS D 1199 -14.74 5.40 34.13
C LYS D 1199 -15.96 6.25 34.47
N CYS D 1200 -15.77 7.36 35.18
CA CYS D 1200 -16.87 8.20 35.62
C CYS D 1200 -17.53 8.96 34.48
N ARG D 1201 -16.93 8.99 33.29
CA ARG D 1201 -17.50 9.73 32.17
C ARG D 1201 -18.43 8.86 31.34
N THR D 1202 -17.92 7.77 30.77
CA THR D 1202 -18.70 6.89 29.92
C THR D 1202 -18.54 5.44 30.41
N SER D 1203 -19.64 4.68 30.32
CA SER D 1203 -19.60 3.26 30.66
C SER D 1203 -19.36 2.40 29.43
N TYR D 1204 -20.24 2.50 28.43
CA TYR D 1204 -20.10 1.76 27.18
C TYR D 1204 -19.95 0.26 27.41
N GLU D 1205 -20.80 -0.27 28.31
CA GLU D 1205 -20.80 -1.68 28.68
C GLU D 1205 -19.42 -2.11 29.21
N GLU D 1206 -19.03 -1.50 30.32
CA GLU D 1206 -17.73 -1.77 30.93
C GLU D 1206 -17.68 -3.22 31.41
N PHE D 1207 -16.56 -3.88 31.12
CA PHE D 1207 -16.38 -5.27 31.49
C PHE D 1207 -14.89 -5.58 31.54
N THR D 1208 -14.56 -6.70 32.17
CA THR D 1208 -13.18 -7.17 32.30
C THR D 1208 -13.04 -8.44 31.45
N HIS D 1209 -12.74 -8.24 30.17
CA HIS D 1209 -12.60 -9.35 29.23
C HIS D 1209 -11.20 -9.46 28.65
N LYS D 1210 -10.65 -8.37 28.12
CA LYS D 1210 -9.34 -8.37 27.49
C LYS D 1210 -8.28 -7.87 28.46
N ASP D 1211 -7.04 -8.28 28.19
CA ASP D 1211 -5.89 -7.91 29.01
C ASP D 1211 -5.13 -6.72 28.44
N GLY D 1212 -5.60 -6.12 27.34
CA GLY D 1212 -4.93 -4.99 26.73
C GLY D 1212 -5.12 -3.66 27.42
N VAL D 1213 -5.94 -3.61 28.47
CA VAL D 1213 -6.17 -2.39 29.21
C VAL D 1213 -5.49 -2.49 30.58
N TRP D 1214 -5.41 -1.37 31.27
CA TRP D 1214 -4.79 -1.29 32.59
C TRP D 1214 -5.77 -0.67 33.57
N ASN D 1215 -5.94 -1.32 34.71
CA ASN D 1215 -6.85 -0.84 35.75
C ASN D 1215 -6.10 0.11 36.67
N LEU D 1216 -6.53 1.36 36.72
CA LEU D 1216 -5.89 2.39 37.53
C LEU D 1216 -6.90 2.93 38.54
N GLN D 1217 -6.46 3.07 39.78
CA GLN D 1217 -7.33 3.45 40.89
C GLN D 1217 -6.76 4.67 41.60
N ASN D 1218 -7.52 5.17 42.56
CA ASN D 1218 -7.11 6.28 43.39
C ASN D 1218 -6.67 5.78 44.77
N GLU D 1219 -5.79 6.54 45.41
CA GLU D 1219 -5.29 6.14 46.72
C GLU D 1219 -6.41 6.10 47.76
N VAL D 1220 -7.28 7.09 47.75
CA VAL D 1220 -8.37 7.16 48.72
C VAL D 1220 -9.60 6.40 48.24
N THR D 1221 -10.01 6.63 46.99
CA THR D 1221 -11.22 5.98 46.47
C THR D 1221 -11.04 4.48 46.32
N LYS D 1222 -9.80 3.99 46.24
CA LYS D 1222 -9.46 2.57 46.11
C LYS D 1222 -10.37 1.82 45.13
N GLU D 1223 -10.76 2.49 44.05
CA GLU D 1223 -11.61 1.89 43.03
C GLU D 1223 -11.11 2.28 41.65
N ARG D 1224 -11.38 1.44 40.67
CA ARG D 1224 -10.91 1.64 39.30
C ARG D 1224 -11.58 2.87 38.71
N THR D 1225 -10.84 3.97 38.63
CA THR D 1225 -11.40 5.24 38.19
C THR D 1225 -11.17 5.54 36.72
N ALA D 1226 -10.16 4.92 36.10
CA ALA D 1226 -9.87 5.17 34.70
C ALA D 1226 -9.13 3.96 34.14
N GLN D 1227 -9.32 3.72 32.84
CA GLN D 1227 -8.69 2.60 32.16
C GLN D 1227 -7.80 3.11 31.03
N CYS D 1228 -6.61 2.54 30.94
CA CYS D 1228 -5.61 2.91 29.95
C CYS D 1228 -5.51 1.77 28.93
N PHE D 1229 -5.94 2.04 27.70
CA PHE D 1229 -5.84 1.08 26.61
C PHE D 1229 -4.61 1.43 25.79
N LEU D 1230 -3.66 0.50 25.72
CA LEU D 1230 -2.37 0.76 25.13
C LEU D 1230 -2.10 -0.17 23.95
N ARG D 1231 -1.24 0.30 23.05
CA ARG D 1231 -0.95 -0.40 21.81
C ARG D 1231 0.45 0.02 21.37
N VAL D 1232 1.11 -0.85 20.58
CA VAL D 1232 2.40 -0.50 20.01
C VAL D 1232 2.23 0.74 19.13
N ASP D 1233 3.17 1.68 19.26
CA ASP D 1233 3.12 2.88 18.45
C ASP D 1233 3.38 2.53 16.99
N ASP D 1234 2.83 3.35 16.09
CA ASP D 1234 3.06 3.16 14.66
C ASP D 1234 4.55 3.25 14.34
N GLU D 1235 5.25 4.20 14.97
CA GLU D 1235 6.68 4.32 14.77
C GLU D 1235 7.41 3.06 15.27
N SER D 1236 7.01 2.55 16.43
CA SER D 1236 7.65 1.35 16.95
C SER D 1236 7.40 0.14 16.05
N MET D 1237 6.16 -0.02 15.57
CA MET D 1237 5.86 -1.12 14.67
C MET D 1237 6.64 -0.99 13.36
N GLN D 1238 6.74 0.23 12.83
CA GLN D 1238 7.51 0.44 11.61
C GLN D 1238 8.99 0.13 11.84
N ARG D 1239 9.53 0.52 12.99
CA ARG D 1239 10.93 0.21 13.30
C ARG D 1239 11.15 -1.28 13.40
N PHE D 1240 10.21 -1.99 14.05
CA PHE D 1240 10.35 -3.45 14.14
C PHE D 1240 10.27 -4.10 12.77
N HIS D 1241 9.35 -3.64 11.92
CA HIS D 1241 9.26 -4.19 10.58
C HIS D 1241 10.52 -3.90 9.77
N ASN D 1242 11.10 -2.71 9.95
CA ASN D 1242 12.35 -2.40 9.28
C ASN D 1242 13.48 -3.27 9.78
N ARG D 1243 13.50 -3.57 11.08
CA ARG D 1243 14.50 -4.50 11.61
C ARG D 1243 14.32 -5.89 11.00
N VAL D 1244 13.08 -6.35 10.86
CA VAL D 1244 12.83 -7.65 10.23
C VAL D 1244 13.29 -7.63 8.78
N ARG D 1245 13.04 -6.53 8.08
CA ARG D 1245 13.50 -6.40 6.69
C ARG D 1245 15.02 -6.44 6.62
N GLN D 1246 15.69 -5.79 7.57
CA GLN D 1246 17.15 -5.84 7.61
C GLN D 1246 17.65 -7.26 7.85
N ILE D 1247 17.01 -7.98 8.77
CA ILE D 1247 17.42 -9.35 9.06
C ILE D 1247 17.24 -10.23 7.82
N LEU D 1248 16.09 -10.11 7.16
CA LEU D 1248 15.87 -10.87 5.93
C LEU D 1248 16.77 -10.40 4.79
N MET D 1249 17.28 -9.18 4.87
CA MET D 1249 18.14 -8.66 3.80
C MET D 1249 19.48 -9.35 3.79
N ALA D 1250 20.11 -9.50 4.95
CA ALA D 1250 21.41 -10.14 5.07
C ALA D 1250 21.25 -11.66 5.13
N SER D 1251 20.63 -12.20 4.09
CA SER D 1251 20.39 -13.64 3.97
C SER D 1251 21.04 -14.24 2.73
N GLY D 1252 21.92 -13.50 2.06
CA GLY D 1252 22.56 -14.03 0.86
C GLY D 1252 23.46 -15.22 1.15
N SER D 1253 24.27 -15.11 2.21
CA SER D 1253 25.16 -16.21 2.58
C SER D 1253 25.22 -16.44 4.09
N THR D 1254 24.40 -15.74 4.87
CA THR D 1254 24.40 -15.94 6.31
C THR D 1254 23.85 -17.32 6.66
N THR D 1255 24.34 -17.86 7.78
CA THR D 1255 23.89 -19.16 8.24
C THR D 1255 22.43 -19.12 8.64
N PHE D 1256 21.75 -20.25 8.47
CA PHE D 1256 20.35 -20.36 8.86
C PHE D 1256 20.19 -20.14 10.36
N THR D 1257 21.12 -20.70 11.15
CA THR D 1257 21.07 -20.51 12.60
C THR D 1257 21.21 -19.04 12.97
N LYS D 1258 22.08 -18.30 12.27
CA LYS D 1258 22.22 -16.88 12.55
C LYS D 1258 20.92 -16.13 12.28
N ILE D 1259 20.27 -16.43 11.16
CA ILE D 1259 19.03 -15.76 10.80
C ILE D 1259 17.94 -16.06 11.83
N VAL D 1260 17.79 -17.34 12.19
CA VAL D 1260 16.73 -17.71 13.11
C VAL D 1260 17.03 -17.14 14.50
N ASN D 1261 18.30 -17.06 14.90
CA ASN D 1261 18.62 -16.45 16.19
C ASN D 1261 18.37 -14.95 16.18
N LYS D 1262 18.62 -14.28 15.05
CA LYS D 1262 18.29 -12.86 14.95
C LYS D 1262 16.78 -12.65 15.08
N TRP D 1263 15.98 -13.49 14.42
CA TRP D 1263 14.54 -13.44 14.61
C TRP D 1263 14.12 -13.72 16.04
N ASN D 1264 14.74 -14.71 16.69
CA ASN D 1264 14.41 -14.99 18.07
C ASN D 1264 14.69 -13.79 18.96
N THR D 1265 15.84 -13.15 18.75
CA THR D 1265 16.18 -11.96 19.54
C THR D 1265 15.19 -10.84 19.29
N ALA D 1266 14.83 -10.60 18.04
CA ALA D 1266 13.92 -9.50 17.71
C ALA D 1266 12.55 -9.73 18.33
N LEU D 1267 11.98 -10.93 18.13
CA LEU D 1267 10.66 -11.23 18.67
C LEU D 1267 10.68 -11.20 20.20
N ILE D 1268 11.73 -11.74 20.82
CA ILE D 1268 11.83 -11.73 22.27
C ILE D 1268 11.92 -10.30 22.78
N GLY D 1269 12.69 -9.45 22.10
CA GLY D 1269 12.79 -8.05 22.51
C GLY D 1269 11.45 -7.34 22.44
N LEU D 1270 10.74 -7.51 21.32
CA LEU D 1270 9.44 -6.85 21.18
C LEU D 1270 8.45 -7.34 22.22
N MET D 1271 8.39 -8.65 22.45
CA MET D 1271 7.45 -9.20 23.42
C MET D 1271 7.79 -8.75 24.83
N THR D 1272 9.07 -8.87 25.21
CA THR D 1272 9.49 -8.44 26.54
C THR D 1272 9.27 -6.95 26.74
N TYR D 1273 9.33 -6.16 25.66
CA TYR D 1273 9.10 -4.73 25.80
C TYR D 1273 7.62 -4.45 26.03
N PHE D 1274 6.77 -4.81 25.06
CA PHE D 1274 5.32 -4.61 25.23
C PHE D 1274 4.54 -5.86 24.86
N ARG D 1275 4.47 -6.82 25.79
CA ARG D 1275 3.58 -7.96 25.61
C ARG D 1275 2.11 -7.53 25.58
N GLU D 1276 1.73 -6.63 26.50
CA GLU D 1276 0.34 -6.19 26.54
C GLU D 1276 -0.04 -5.48 25.25
N ALA D 1277 0.84 -4.63 24.73
CA ALA D 1277 0.56 -3.94 23.48
C ALA D 1277 0.56 -4.89 22.30
N VAL D 1278 1.43 -5.90 22.32
CA VAL D 1278 1.42 -6.90 21.26
C VAL D 1278 0.09 -7.65 21.25
N VAL D 1279 -0.39 -8.04 22.43
CA VAL D 1279 -1.67 -8.75 22.51
C VAL D 1279 -2.81 -7.84 22.06
N ASN D 1280 -2.78 -6.57 22.48
CA ASN D 1280 -3.90 -5.68 22.18
C ASN D 1280 -3.92 -5.29 20.70
N THR D 1281 -2.76 -4.95 20.13
CA THR D 1281 -2.70 -4.45 18.77
C THR D 1281 -2.88 -5.60 17.78
N GLN D 1282 -4.02 -5.63 17.11
CA GLN D 1282 -4.25 -6.63 16.07
C GLN D 1282 -3.29 -6.45 14.90
N GLU D 1283 -2.98 -5.20 14.55
CA GLU D 1283 -2.05 -4.94 13.46
C GLU D 1283 -0.67 -5.48 13.77
N LEU D 1284 -0.23 -5.36 15.02
CA LEU D 1284 1.08 -5.90 15.40
C LEU D 1284 1.11 -7.42 15.21
N LEU D 1285 0.05 -8.11 15.65
CA LEU D 1285 -0.03 -9.55 15.44
C LEU D 1285 0.00 -9.90 13.95
N ASP D 1286 -0.78 -9.18 13.15
CA ASP D 1286 -0.82 -9.46 11.73
C ASP D 1286 0.55 -9.28 11.09
N LEU D 1287 1.24 -8.18 11.42
CA LEU D 1287 2.53 -7.92 10.79
C LEU D 1287 3.58 -8.91 11.26
N LEU D 1288 3.55 -9.30 12.55
CA LEU D 1288 4.55 -10.24 13.04
C LEU D 1288 4.34 -11.62 12.42
N VAL D 1289 3.08 -12.04 12.28
CA VAL D 1289 2.83 -13.32 11.61
C VAL D 1289 3.25 -13.24 10.14
N LYS D 1290 3.01 -12.10 9.49
CA LYS D 1290 3.38 -11.96 8.08
C LYS D 1290 4.88 -12.06 7.89
N CYS D 1291 5.66 -11.34 8.73
CA CYS D 1291 7.11 -11.41 8.57
C CYS D 1291 7.68 -12.74 9.08
N GLU D 1292 7.00 -13.39 10.03
CA GLU D 1292 7.41 -14.74 10.44
C GLU D 1292 7.27 -15.71 9.27
N ASN D 1293 6.14 -15.63 8.55
CA ASN D 1293 5.97 -16.41 7.33
C ASN D 1293 6.98 -16.02 6.26
N LYS D 1294 7.35 -14.74 6.21
CA LYS D 1294 8.37 -14.30 5.26
C LYS D 1294 9.70 -15.01 5.52
N ILE D 1295 10.12 -15.03 6.79
CA ILE D 1295 11.38 -15.69 7.14
C ILE D 1295 11.28 -17.20 6.95
N GLN D 1296 10.12 -17.79 7.27
CA GLN D 1296 9.94 -19.22 7.02
C GLN D 1296 10.06 -19.54 5.54
N THR D 1297 9.46 -18.72 4.68
CA THR D 1297 9.59 -18.91 3.24
C THR D 1297 11.01 -18.67 2.77
N ARG D 1298 11.74 -17.74 3.40
CA ARG D 1298 13.14 -17.55 3.06
C ARG D 1298 13.95 -18.80 3.37
N ILE D 1299 13.70 -19.42 4.53
CA ILE D 1299 14.37 -20.66 4.88
C ILE D 1299 14.00 -21.75 3.88
N LYS D 1300 12.72 -21.84 3.52
CA LYS D 1300 12.28 -22.86 2.58
C LYS D 1300 12.94 -22.71 1.22
N ILE D 1301 13.01 -21.47 0.70
CA ILE D 1301 13.64 -21.26 -0.59
C ILE D 1301 15.14 -21.47 -0.50
N GLY D 1302 15.74 -21.21 0.67
CA GLY D 1302 17.12 -21.58 0.86
C GLY D 1302 17.33 -23.08 0.79
N LEU D 1303 16.36 -23.85 1.30
CA LEU D 1303 16.43 -25.30 1.21
C LEU D 1303 16.33 -25.76 -0.25
N ASN D 1304 15.31 -25.29 -0.97
CA ASN D 1304 15.11 -25.67 -2.35
C ASN D 1304 14.42 -24.54 -3.09
N SER D 1305 14.60 -24.51 -4.42
CA SER D 1305 14.05 -23.42 -5.22
C SER D 1305 12.53 -23.42 -5.19
N LYS D 1306 11.90 -24.59 -5.26
CA LYS D 1306 10.46 -24.68 -5.26
C LYS D 1306 9.90 -24.42 -3.86
N MET D 1307 8.58 -24.52 -3.74
CA MET D 1307 7.91 -24.30 -2.47
C MET D 1307 7.29 -25.60 -1.98
N PRO D 1308 7.57 -26.00 -0.73
CA PRO D 1308 6.97 -27.24 -0.21
C PRO D 1308 5.46 -27.18 -0.21
N SER D 1309 4.84 -28.31 -0.56
CA SER D 1309 3.38 -28.40 -0.53
C SER D 1309 2.86 -28.37 0.91
N ARG D 1310 3.56 -29.05 1.82
CA ARG D 1310 3.16 -29.12 3.22
C ARG D 1310 4.02 -28.31 4.15
N PHE D 1311 5.35 -28.28 3.92
CA PHE D 1311 6.29 -27.55 4.74
C PHE D 1311 6.15 -27.92 6.21
N PRO D 1312 6.57 -29.11 6.61
CA PRO D 1312 6.38 -29.55 8.01
C PRO D 1312 7.04 -28.61 8.98
N PRO D 1313 6.43 -28.35 10.14
CA PRO D 1313 6.96 -27.38 11.09
C PRO D 1313 7.91 -27.95 12.14
N VAL D 1314 8.28 -29.23 12.03
CA VAL D 1314 9.21 -29.81 12.99
C VAL D 1314 10.59 -29.18 12.85
N VAL D 1315 11.00 -28.90 11.61
CA VAL D 1315 12.34 -28.35 11.37
C VAL D 1315 12.47 -26.96 11.99
N PHE D 1316 11.44 -26.12 11.83
CA PHE D 1316 11.54 -24.72 12.22
C PHE D 1316 11.34 -24.49 13.70
N TYR D 1317 10.98 -25.52 14.48
CA TYR D 1317 10.72 -25.32 15.89
C TYR D 1317 11.48 -26.27 16.81
N THR D 1318 12.24 -27.21 16.27
CA THR D 1318 13.07 -28.05 17.11
C THR D 1318 14.24 -27.23 17.64
N PRO D 1319 14.48 -27.22 18.95
CA PRO D 1319 15.57 -26.41 19.50
C PRO D 1319 16.92 -26.84 18.95
N LYS D 1320 17.84 -25.89 18.88
CA LYS D 1320 19.18 -26.15 18.35
C LYS D 1320 19.91 -27.23 19.14
N GLU D 1321 19.54 -27.44 20.41
CA GLU D 1321 20.11 -28.54 21.17
C GLU D 1321 19.77 -29.89 20.53
N LEU D 1322 18.54 -30.03 20.05
CA LEU D 1322 18.11 -31.24 19.36
C LEU D 1322 18.43 -31.20 17.86
N GLY D 1323 19.03 -30.13 17.38
CA GLY D 1323 19.41 -30.05 15.98
C GLY D 1323 18.36 -29.44 15.07
N GLY D 1324 17.91 -28.23 15.41
CA GLY D 1324 16.92 -27.56 14.59
C GLY D 1324 17.06 -26.06 14.69
N LEU D 1325 16.27 -25.36 13.86
CA LEU D 1325 16.30 -23.90 13.86
C LEU D 1325 15.84 -23.34 15.20
N GLY D 1326 14.78 -23.91 15.78
CA GLY D 1326 14.27 -23.45 17.05
C GLY D 1326 13.73 -22.04 17.03
N MET D 1327 12.92 -21.72 16.02
CA MET D 1327 12.37 -20.38 15.87
C MET D 1327 11.26 -20.16 16.89
N LEU D 1328 11.49 -19.27 17.85
CA LEU D 1328 10.42 -18.86 18.75
C LEU D 1328 9.43 -18.00 17.97
N SER D 1329 8.15 -18.33 18.09
CA SER D 1329 7.10 -17.69 17.31
C SER D 1329 5.95 -17.29 18.22
N MET D 1330 5.32 -16.16 17.88
CA MET D 1330 4.12 -15.69 18.57
C MET D 1330 2.84 -16.13 17.87
N GLY D 1331 2.94 -16.93 16.80
CA GLY D 1331 1.79 -17.39 16.08
C GLY D 1331 1.18 -18.63 16.73
N HIS D 1332 0.22 -19.21 16.01
CA HIS D 1332 -0.50 -20.41 16.47
C HIS D 1332 -0.64 -21.35 15.28
N VAL D 1333 0.30 -22.27 15.15
CA VAL D 1333 0.30 -23.28 14.10
C VAL D 1333 0.04 -24.64 14.75
N LEU D 1334 -0.98 -25.34 14.29
CA LEU D 1334 -1.35 -26.64 14.83
C LEU D 1334 -0.57 -27.73 14.12
N ILE D 1335 0.28 -28.43 14.86
CA ILE D 1335 1.08 -29.51 14.27
C ILE D 1335 0.17 -30.65 13.86
N PRO D 1336 0.24 -31.11 12.62
CA PRO D 1336 -0.65 -32.20 12.18
C PRO D 1336 -0.36 -33.49 12.93
N GLN D 1337 -1.43 -34.26 13.16
CA GLN D 1337 -1.29 -35.55 13.83
C GLN D 1337 -0.56 -36.57 12.97
N SER D 1338 -0.58 -36.41 11.64
CA SER D 1338 0.11 -37.36 10.78
C SER D 1338 1.61 -37.33 11.00
N ASP D 1339 2.16 -36.19 11.39
CA ASP D 1339 3.58 -36.06 11.67
C ASP D 1339 3.90 -36.21 13.15
N LEU D 1340 2.91 -36.52 13.98
CA LEU D 1340 3.11 -36.67 15.41
C LEU D 1340 3.37 -38.12 15.83
N ARG D 1341 3.44 -39.05 14.89
CA ARG D 1341 3.69 -40.45 15.17
C ARG D 1341 5.18 -40.75 15.10
N TRP D 1342 5.58 -41.82 15.77
CA TRP D 1342 6.97 -42.26 15.77
C TRP D 1342 7.02 -43.77 15.99
N SER D 1343 8.17 -44.35 15.70
CA SER D 1343 8.36 -45.79 15.77
C SER D 1343 9.55 -46.11 16.67
N LYS D 1344 9.73 -47.40 16.93
CA LYS D 1344 10.86 -47.88 17.73
C LYS D 1344 11.12 -49.33 17.34
N GLN D 1345 12.30 -49.59 16.77
CA GLN D 1345 12.64 -50.92 16.25
C GLN D 1345 13.27 -51.76 17.36
N THR D 1346 12.42 -52.15 18.31
CA THR D 1346 12.85 -53.05 19.36
C THR D 1346 13.10 -54.45 18.82
N ASP D 1347 13.90 -55.22 19.55
CA ASP D 1347 14.22 -56.58 19.12
C ASP D 1347 12.98 -57.46 19.08
N VAL D 1348 12.10 -57.32 20.08
CA VAL D 1348 10.88 -58.12 20.10
C VAL D 1348 9.98 -57.76 18.92
N GLY D 1349 9.83 -56.47 18.64
CA GLY D 1349 8.99 -56.04 17.54
C GLY D 1349 9.12 -54.55 17.32
N ILE D 1350 8.56 -54.09 16.21
CA ILE D 1350 8.59 -52.69 15.83
C ILE D 1350 7.36 -52.02 16.44
N THR D 1351 7.57 -51.30 17.54
CA THR D 1351 6.48 -50.63 18.22
C THR D 1351 6.24 -49.25 17.59
N HIS D 1352 5.00 -48.77 17.72
CA HIS D 1352 4.61 -47.47 17.19
C HIS D 1352 3.84 -46.70 18.26
N PHE D 1353 4.11 -45.40 18.33
CA PHE D 1353 3.49 -44.53 19.32
C PHE D 1353 3.06 -43.23 18.64
N ARG D 1354 2.14 -42.53 19.30
CA ARG D 1354 1.65 -41.23 18.83
C ARG D 1354 1.49 -40.33 20.05
N SER D 1355 2.40 -39.37 20.20
CA SER D 1355 2.35 -38.48 21.35
C SER D 1355 1.10 -37.61 21.34
N GLY D 1356 0.75 -37.08 20.18
CA GLY D 1356 -0.42 -36.21 20.07
C GLY D 1356 -1.70 -36.96 19.76
N MET D 1357 -1.99 -38.00 20.52
CA MET D 1357 -3.19 -38.81 20.34
C MET D 1357 -4.34 -38.39 21.25
N SER D 1358 -4.17 -37.32 22.02
CA SER D 1358 -5.22 -36.89 22.93
C SER D 1358 -6.44 -36.40 22.15
N HIS D 1359 -7.63 -36.70 22.68
CA HIS D 1359 -8.90 -36.32 22.05
C HIS D 1359 -9.24 -34.88 22.43
N GLU D 1360 -8.48 -33.96 21.84
CA GLU D 1360 -8.67 -32.53 22.08
C GLU D 1360 -8.23 -31.79 20.82
N GLU D 1361 -8.00 -30.49 20.95
CA GLU D 1361 -7.49 -29.71 19.83
C GLU D 1361 -6.12 -30.22 19.41
N ASP D 1362 -5.85 -30.17 18.11
CA ASP D 1362 -4.58 -30.64 17.59
C ASP D 1362 -3.42 -29.89 18.22
N GLN D 1363 -2.33 -30.61 18.48
CA GLN D 1363 -1.18 -30.02 19.14
C GLN D 1363 -0.65 -28.82 18.37
N LEU D 1364 -0.48 -27.70 19.05
CA LEU D 1364 -0.01 -26.47 18.44
C LEU D 1364 1.15 -25.92 19.25
N ILE D 1365 2.16 -25.42 18.54
CA ILE D 1365 3.33 -24.82 19.18
C ILE D 1365 2.88 -23.59 19.97
N PRO D 1366 3.18 -23.51 21.26
CA PRO D 1366 2.73 -22.37 22.05
C PRO D 1366 3.37 -21.07 21.59
N ASN D 1367 2.59 -19.99 21.70
CA ASN D 1367 3.06 -18.68 21.27
C ASN D 1367 3.87 -18.02 22.39
N LEU D 1368 4.54 -16.93 22.03
CA LEU D 1368 5.45 -16.27 22.96
C LEU D 1368 4.72 -15.69 24.17
N TYR D 1369 3.55 -15.07 23.94
CA TYR D 1369 2.89 -14.35 25.02
C TYR D 1369 2.35 -15.29 26.10
N ARG D 1370 2.27 -16.59 25.82
CA ARG D 1370 1.76 -17.54 26.80
C ARG D 1370 2.67 -17.66 28.02
N TYR D 1371 3.92 -17.22 27.92
CA TYR D 1371 4.88 -17.29 29.01
C TYR D 1371 5.56 -15.95 29.23
N ILE D 1372 4.82 -14.85 29.06
CA ILE D 1372 5.32 -13.51 29.28
C ILE D 1372 4.42 -12.83 30.31
N GLN D 1373 5.01 -12.36 31.40
CA GLN D 1373 4.24 -11.75 32.46
C GLN D 1373 3.62 -10.43 31.98
N PRO D 1374 2.35 -10.18 32.26
CA PRO D 1374 1.75 -8.88 31.93
C PRO D 1374 2.48 -7.75 32.64
N TRP D 1375 2.56 -6.60 31.96
CA TRP D 1375 3.32 -5.48 32.48
C TRP D 1375 2.72 -4.93 33.77
N GLU D 1376 1.39 -4.81 33.83
CA GLU D 1376 0.75 -4.42 35.07
C GLU D 1376 1.00 -5.46 36.16
N SER D 1377 0.93 -6.75 35.79
CA SER D 1377 1.28 -7.80 36.73
C SER D 1377 2.73 -7.70 37.15
N GLU D 1378 3.62 -7.37 36.21
CA GLU D 1378 5.03 -7.18 36.55
C GLU D 1378 5.20 -6.08 37.58
N PHE D 1379 4.53 -4.95 37.38
CA PHE D 1379 4.65 -3.83 38.32
C PHE D 1379 4.09 -4.19 39.69
N ILE D 1380 2.93 -4.86 39.72
CA ILE D 1380 2.32 -5.23 41.00
C ILE D 1380 3.22 -6.22 41.74
N ASP D 1381 3.74 -7.22 41.01
CA ASP D 1381 4.64 -8.18 41.64
C ASP D 1381 5.92 -7.52 42.12
N SER D 1382 6.45 -6.56 41.35
CA SER D 1382 7.64 -5.83 41.78
C SER D 1382 7.38 -5.08 43.08
N GLN D 1383 6.25 -4.38 43.16
CA GLN D 1383 5.93 -3.64 44.37
C GLN D 1383 5.80 -4.59 45.57
N ARG D 1384 5.04 -5.68 45.39
CA ARG D 1384 4.83 -6.62 46.49
C ARG D 1384 6.14 -7.26 46.95
N VAL D 1385 6.96 -7.71 46.00
CA VAL D 1385 8.19 -8.40 46.33
C VAL D 1385 9.19 -7.44 46.97
N TRP D 1386 9.24 -6.19 46.50
CA TRP D 1386 10.14 -5.23 47.12
C TRP D 1386 9.70 -4.88 48.52
N ALA D 1387 8.38 -4.76 48.75
CA ALA D 1387 7.90 -4.55 50.11
C ALA D 1387 8.29 -5.72 51.01
N GLU D 1388 8.12 -6.95 50.52
CA GLU D 1388 8.49 -8.13 51.30
C GLU D 1388 9.99 -8.15 51.59
N TYR D 1389 10.81 -7.80 50.60
CA TYR D 1389 12.25 -7.77 50.79
C TYR D 1389 12.66 -6.71 51.80
N ALA D 1390 12.02 -5.53 51.75
CA ALA D 1390 12.30 -4.50 52.75
C ALA D 1390 11.93 -4.97 54.14
N LEU D 1391 10.77 -5.63 54.27
CA LEU D 1391 10.37 -6.16 55.58
C LEU D 1391 11.37 -7.20 56.07
N LYS D 1392 11.82 -8.08 55.17
CA LYS D 1392 12.79 -9.11 55.55
C LYS D 1392 14.11 -8.49 55.98
N ARG D 1393 14.57 -7.46 55.27
CA ARG D 1393 15.81 -6.79 55.64
C ARG D 1393 15.67 -6.11 57.00
N GLN D 1394 14.53 -5.46 57.24
CA GLN D 1394 14.30 -4.83 58.54
C GLN D 1394 14.29 -5.87 59.66
N GLU D 1395 13.66 -7.02 59.41
CA GLU D 1395 13.64 -8.07 60.43
C GLU D 1395 15.04 -8.63 60.68
N ALA D 1396 15.81 -8.87 59.62
CA ALA D 1396 17.14 -9.46 59.75
C ALA D 1396 18.18 -8.48 60.24
N ILE D 1397 17.90 -7.17 60.23
CA ILE D 1397 18.82 -6.20 60.79
C ILE D 1397 19.08 -6.50 62.26
N ALA D 1398 18.02 -6.87 62.99
CA ALA D 1398 18.15 -7.23 64.40
C ALA D 1398 18.67 -8.64 64.61
N GLN D 1399 18.82 -9.42 63.55
CA GLN D 1399 19.31 -10.79 63.67
C GLN D 1399 20.82 -10.87 63.84
N ASN D 1400 21.51 -9.74 63.93
CA ASN D 1400 22.97 -9.69 64.10
C ASN D 1400 23.70 -10.38 62.96
N ARG D 1401 23.09 -10.39 61.77
CA ARG D 1401 23.69 -11.03 60.61
C ARG D 1401 23.05 -10.44 59.36
N ARG D 1402 23.64 -10.77 58.21
CA ARG D 1402 23.10 -10.34 56.94
C ARG D 1402 21.75 -11.00 56.68
N LEU D 1403 21.13 -10.61 55.57
CA LEU D 1403 19.83 -11.18 55.20
C LEU D 1403 19.96 -12.69 54.98
N THR D 1404 18.82 -13.37 55.13
CA THR D 1404 18.83 -14.84 55.06
C THR D 1404 19.29 -15.32 53.69
N LEU D 1405 18.81 -14.69 52.62
CA LEU D 1405 19.13 -15.03 51.24
C LEU D 1405 18.74 -16.46 50.88
N GLU D 1406 18.03 -17.16 51.77
CA GLU D 1406 17.51 -18.50 51.50
C GLU D 1406 15.98 -18.53 51.57
N ASP D 1407 15.40 -17.97 52.62
CA ASP D 1407 13.95 -17.80 52.67
C ASP D 1407 13.47 -16.79 51.65
N LEU D 1408 14.34 -15.89 51.20
CA LEU D 1408 14.01 -14.95 50.14
C LEU D 1408 13.81 -15.63 48.79
N GLU D 1409 14.19 -16.91 48.67
CA GLU D 1409 13.98 -17.64 47.42
C GLU D 1409 12.50 -17.77 47.07
N ASP D 1410 11.60 -17.57 48.03
CA ASP D 1410 10.18 -17.52 47.72
C ASP D 1410 9.83 -16.33 46.83
N SER D 1411 10.70 -15.33 46.78
CA SER D 1411 10.53 -14.17 45.91
C SER D 1411 11.52 -14.17 44.76
N TRP D 1412 11.94 -15.36 44.34
CA TRP D 1412 12.93 -15.47 43.27
C TRP D 1412 12.33 -15.11 41.92
N ASP D 1413 13.18 -14.56 41.05
CA ASP D 1413 12.80 -14.22 39.67
C ASP D 1413 11.57 -13.31 39.63
N ARG D 1414 11.58 -12.30 40.50
CA ARG D 1414 10.47 -11.36 40.60
C ARG D 1414 11.01 -9.94 40.69
N GLY D 1415 10.11 -8.98 40.43
CA GLY D 1415 10.46 -7.58 40.53
C GLY D 1415 11.10 -7.01 39.29
N ILE D 1416 10.66 -5.81 38.88
CA ILE D 1416 11.30 -5.15 37.74
C ILE D 1416 12.77 -4.88 38.00
N PRO D 1417 13.19 -4.36 39.15
CA PRO D 1417 14.62 -4.37 39.47
C PRO D 1417 15.14 -5.78 39.69
N ARG D 1418 16.45 -5.93 39.56
CA ARG D 1418 17.07 -7.25 39.63
C ARG D 1418 17.08 -7.79 41.05
N ILE D 1419 15.90 -8.15 41.56
CA ILE D 1419 15.82 -8.77 42.88
C ILE D 1419 16.46 -10.15 42.87
N ASN D 1420 16.33 -10.87 41.76
CA ASN D 1420 17.04 -12.14 41.61
C ASN D 1420 18.54 -11.91 41.68
N THR D 1421 19.01 -10.76 41.23
CA THR D 1421 20.42 -10.38 41.32
C THR D 1421 20.71 -9.47 42.52
N LEU D 1422 19.74 -9.29 43.42
CA LEU D 1422 19.98 -8.49 44.61
C LEU D 1422 21.05 -9.10 45.51
N PHE D 1423 21.28 -10.40 45.40
CA PHE D 1423 22.33 -11.08 46.15
C PHE D 1423 23.57 -11.36 45.31
N GLN D 1424 23.69 -10.72 44.15
CA GLN D 1424 24.84 -10.94 43.29
C GLN D 1424 26.11 -10.39 43.91
N LYS D 1425 27.25 -10.97 43.51
CA LYS D 1425 28.53 -10.56 44.08
C LYS D 1425 28.98 -9.20 43.54
N ASP D 1426 28.68 -8.93 42.28
CA ASP D 1426 29.11 -7.68 41.63
C ASP D 1426 28.26 -6.48 42.03
N ARG D 1427 27.32 -6.64 42.96
CA ARG D 1427 26.44 -5.53 43.33
C ARG D 1427 27.24 -4.34 43.84
N HIS D 1428 28.24 -4.59 44.69
CA HIS D 1428 29.10 -3.51 45.14
C HIS D 1428 29.80 -2.84 43.96
N THR D 1429 30.23 -3.64 42.98
CA THR D 1429 30.74 -3.07 41.75
C THR D 1429 29.65 -2.36 40.96
N LEU D 1430 28.44 -2.93 40.95
CA LEU D 1430 27.35 -2.36 40.18
C LEU D 1430 26.77 -1.11 40.83
N ALA D 1431 26.88 -0.98 42.15
CA ALA D 1431 26.33 0.18 42.84
C ALA D 1431 27.02 1.47 42.45
N TYR D 1432 28.26 1.40 41.96
CA TYR D 1432 28.97 2.62 41.57
C TYR D 1432 28.35 3.24 40.33
N ASP D 1433 27.89 2.43 39.38
CA ASP D 1433 27.30 2.96 38.17
C ASP D 1433 25.97 3.65 38.46
N LYS D 1434 25.76 4.80 37.82
CA LYS D 1434 24.54 5.57 38.00
C LYS D 1434 24.00 5.96 36.63
N GLY D 1435 22.70 5.73 36.42
CA GLY D 1435 22.04 6.15 35.20
C GLY D 1435 22.58 5.52 33.93
N TRP D 1436 22.80 4.20 33.96
CA TRP D 1436 23.30 3.51 32.77
C TRP D 1436 22.29 3.47 31.63
N ARG D 1437 21.02 3.80 31.90
CA ARG D 1437 20.01 3.74 30.85
C ARG D 1437 20.34 4.67 29.69
N VAL D 1438 20.77 5.89 30.00
CA VAL D 1438 21.10 6.84 28.94
C VAL D 1438 22.31 6.37 28.14
N ARG D 1439 23.29 5.78 28.82
CA ARG D 1439 24.46 5.24 28.12
C ARG D 1439 24.05 4.09 27.20
N THR D 1440 23.18 3.20 27.69
CA THR D 1440 22.72 2.10 26.85
C THR D 1440 21.93 2.61 25.66
N ASP D 1441 21.14 3.67 25.85
CA ASP D 1441 20.41 4.26 24.74
C ASP D 1441 21.36 4.85 23.71
N PHE D 1442 22.34 5.63 24.16
CA PHE D 1442 23.31 6.24 23.25
C PHE D 1442 24.30 5.24 22.67
N LYS D 1443 24.29 4.00 23.16
CA LYS D 1443 25.10 2.96 22.54
C LYS D 1443 24.78 2.78 21.07
N GLN D 1444 23.57 3.15 20.63
CA GLN D 1444 23.27 3.11 19.20
C GLN D 1444 24.18 4.06 18.42
N TYR D 1445 24.45 5.25 18.97
CA TYR D 1445 25.45 6.13 18.39
C TYR D 1445 26.86 5.68 18.71
N GLN D 1446 27.05 4.86 19.74
CA GLN D 1446 28.37 4.32 20.05
C GLN D 1446 28.66 3.04 19.28
N VAL D 1447 27.76 2.05 19.37
CA VAL D 1447 27.96 0.76 18.71
C VAL D 1447 27.29 0.79 17.35
N LEU D 1448 27.99 0.28 16.33
CA LEU D 1448 27.49 0.29 14.97
C LEU D 1448 26.36 -0.71 14.74
N LYS D 1449 26.09 -1.59 15.70
CA LYS D 1449 25.05 -2.60 15.57
C LYS D 1449 23.86 -2.23 16.44
N GLN D 1450 22.66 -2.56 15.95
CA GLN D 1450 21.44 -2.26 16.70
C GLN D 1450 21.36 -3.12 17.96
N ASN D 1451 20.86 -2.51 19.03
CA ASN D 1451 20.72 -3.18 20.32
C ASN D 1451 19.24 -3.29 20.68
N PRO D 1452 18.59 -4.42 20.40
CA PRO D 1452 17.16 -4.55 20.74
C PRO D 1452 16.87 -4.40 22.23
N PHE D 1453 17.79 -4.82 23.08
CA PHE D 1453 17.57 -4.79 24.53
C PHE D 1453 18.05 -3.48 25.14
N TRP D 1454 17.56 -2.36 24.61
CA TRP D 1454 17.90 -1.04 25.14
C TRP D 1454 16.95 -0.59 26.24
N TRP D 1455 15.86 -1.33 26.48
CA TRP D 1455 14.98 -0.99 27.60
C TRP D 1455 15.70 -1.14 28.93
N THR D 1456 16.47 -2.21 29.08
CA THR D 1456 17.27 -2.43 30.28
C THR D 1456 18.49 -3.25 29.91
N HIS D 1457 19.55 -3.09 30.69
CA HIS D 1457 20.81 -3.78 30.43
C HIS D 1457 20.82 -5.15 31.09
N GLN D 1458 21.32 -6.14 30.36
CA GLN D 1458 21.48 -7.48 30.92
C GLN D 1458 22.45 -7.46 32.09
N ARG D 1459 22.18 -8.30 33.08
CA ARG D 1459 22.94 -8.39 34.32
C ARG D 1459 22.94 -7.10 35.12
N HIS D 1460 22.08 -6.14 34.77
CA HIS D 1460 21.90 -4.92 35.54
C HIS D 1460 20.51 -4.82 36.12
N ASP D 1461 19.48 -4.96 35.29
CA ASP D 1461 18.10 -5.07 35.75
C ASP D 1461 17.65 -6.51 35.88
N GLY D 1462 18.51 -7.47 35.56
CA GLY D 1462 18.19 -8.87 35.68
C GLY D 1462 17.40 -9.40 34.49
N LYS D 1463 17.35 -10.72 34.40
CA LYS D 1463 16.57 -11.39 33.36
C LYS D 1463 15.11 -11.37 33.78
N LEU D 1464 14.41 -10.29 33.39
CA LEU D 1464 13.02 -10.12 33.78
C LEU D 1464 12.15 -11.24 33.22
N TRP D 1465 12.35 -11.60 31.96
CA TRP D 1465 11.54 -12.63 31.32
C TRP D 1465 12.13 -13.99 31.62
N ASN D 1466 11.33 -14.86 32.23
CA ASN D 1466 11.73 -16.23 32.51
C ASN D 1466 11.27 -17.10 31.33
N LEU D 1467 12.22 -17.51 30.50
CA LEU D 1467 11.94 -18.40 29.38
C LEU D 1467 12.76 -19.67 29.61
N ASN D 1468 12.21 -20.56 30.43
CA ASN D 1468 12.76 -21.89 30.63
C ASN D 1468 11.73 -22.97 30.29
N ASN D 1469 10.50 -22.82 30.78
CA ASN D 1469 9.43 -23.76 30.47
C ASN D 1469 9.05 -23.74 29.00
N TYR D 1470 9.38 -22.67 28.28
CA TYR D 1470 9.00 -22.60 26.87
C TYR D 1470 9.68 -23.68 26.05
N ARG D 1471 10.96 -23.95 26.32
CA ARG D 1471 11.67 -24.97 25.57
C ARG D 1471 11.04 -26.35 25.80
N THR D 1472 10.75 -26.68 27.07
CA THR D 1472 10.14 -27.97 27.36
C THR D 1472 8.75 -28.08 26.74
N ASP D 1473 7.96 -27.01 26.84
CA ASP D 1473 6.62 -27.03 26.26
C ASP D 1473 6.67 -27.21 24.74
N MET D 1474 7.61 -26.52 24.08
CA MET D 1474 7.71 -26.63 22.63
C MET D 1474 8.19 -28.02 22.22
N ILE D 1475 9.15 -28.59 22.94
CA ILE D 1475 9.67 -29.90 22.53
C ILE D 1475 8.64 -30.99 22.79
N GLN D 1476 7.91 -30.91 23.91
CA GLN D 1476 6.91 -31.92 24.20
C GLN D 1476 5.66 -31.76 23.35
N ALA D 1477 5.30 -30.53 22.98
CA ALA D 1477 4.15 -30.31 22.13
C ALA D 1477 4.42 -30.67 20.68
N LEU D 1478 5.69 -30.76 20.29
CA LEU D 1478 6.05 -31.20 18.94
C LEU D 1478 6.00 -32.71 18.80
N GLY D 1479 5.81 -33.44 19.90
CA GLY D 1479 5.74 -34.89 19.87
C GLY D 1479 6.76 -35.55 20.77
N GLY D 1480 7.34 -34.77 21.67
CA GLY D 1480 8.37 -35.28 22.56
C GLY D 1480 9.73 -35.36 21.87
N VAL D 1481 10.74 -35.70 22.66
CA VAL D 1481 12.10 -35.79 22.12
C VAL D 1481 12.18 -36.91 21.08
N GLU D 1482 11.63 -38.07 21.41
CA GLU D 1482 11.64 -39.20 20.48
C GLU D 1482 10.81 -38.89 19.23
N GLY D 1483 9.65 -38.26 19.42
CA GLY D 1483 8.83 -37.91 18.27
C GLY D 1483 9.51 -36.94 17.34
N ILE D 1484 10.21 -35.94 17.90
CA ILE D 1484 10.96 -35.00 17.08
C ILE D 1484 12.09 -35.72 16.36
N LEU D 1485 12.85 -36.55 17.09
CA LEU D 1485 14.01 -37.21 16.51
C LEU D 1485 13.63 -38.28 15.50
N GLU D 1486 12.37 -38.72 15.48
CA GLU D 1486 11.95 -39.75 14.56
C GLU D 1486 12.12 -39.35 13.10
N HIS D 1487 12.17 -38.05 12.80
CA HIS D 1487 12.32 -37.57 11.43
C HIS D 1487 13.66 -36.88 11.20
N THR D 1488 14.67 -37.18 12.02
CA THR D 1488 15.93 -36.45 11.99
C THR D 1488 17.12 -37.37 11.78
N LEU D 1489 16.91 -38.53 11.15
CA LEU D 1489 17.95 -39.51 10.87
C LEU D 1489 18.64 -40.03 12.14
N PHE D 1490 18.06 -39.78 13.32
CA PHE D 1490 18.65 -40.26 14.55
C PHE D 1490 18.67 -41.78 14.59
N LYS D 1491 17.61 -42.42 14.08
CA LYS D 1491 17.56 -43.87 14.00
C LYS D 1491 18.57 -44.44 13.02
N GLY D 1492 19.21 -43.61 12.21
CA GLY D 1492 20.26 -44.05 11.32
C GLY D 1492 21.60 -44.29 11.98
N THR D 1493 21.72 -43.99 13.26
CA THR D 1493 22.93 -44.25 14.03
C THR D 1493 22.62 -45.34 15.06
N TYR D 1494 23.41 -46.43 15.01
CA TYR D 1494 23.12 -47.58 15.87
C TYR D 1494 23.29 -47.25 17.34
N PHE D 1495 24.17 -46.32 17.68
CA PHE D 1495 24.39 -45.98 19.07
C PHE D 1495 23.16 -45.29 19.66
N PRO D 1496 22.65 -45.74 20.80
CA PRO D 1496 21.50 -45.08 21.44
C PRO D 1496 21.89 -43.79 22.15
N THR D 1497 22.42 -42.84 21.39
CA THR D 1497 22.90 -41.58 21.95
C THR D 1497 21.76 -40.61 22.18
N TRP D 1498 20.72 -41.05 22.90
CA TRP D 1498 19.62 -40.15 23.24
C TRP D 1498 20.09 -39.02 24.14
N GLU D 1499 20.99 -39.32 25.07
CA GLU D 1499 21.58 -38.31 25.94
C GLU D 1499 23.09 -38.52 25.97
N GLY D 1500 23.82 -37.41 26.14
CA GLY D 1500 25.26 -37.44 26.18
C GLY D 1500 25.96 -37.29 24.84
N LEU D 1501 25.20 -37.27 23.75
CA LEU D 1501 25.81 -37.09 22.43
C LEU D 1501 26.32 -35.66 22.28
N PHE D 1502 27.40 -35.52 21.51
CA PHE D 1502 28.03 -34.23 21.27
C PHE D 1502 27.81 -33.83 19.81
N TRP D 1503 27.32 -32.62 19.60
CA TRP D 1503 27.10 -32.06 18.27
C TRP D 1503 28.14 -30.97 18.02
N GLU D 1504 28.99 -31.19 17.01
CA GLU D 1504 30.08 -30.27 16.72
C GLU D 1504 29.53 -29.08 15.96
N LYS D 1505 29.35 -27.95 16.66
CA LYS D 1505 28.90 -26.73 16.00
C LYS D 1505 29.93 -26.24 14.99
N ALA D 1506 31.21 -26.30 15.35
CA ALA D 1506 32.30 -25.92 14.45
C ALA D 1506 33.21 -27.12 14.25
N SER D 1507 33.49 -27.43 12.98
CA SER D 1507 34.32 -28.56 12.63
C SER D 1507 35.75 -28.09 12.35
N GLY D 1508 36.61 -29.05 11.97
CA GLY D 1508 37.99 -28.70 11.62
C GLY D 1508 38.08 -27.81 10.41
N PHE D 1509 37.18 -27.99 9.44
CA PHE D 1509 37.16 -27.13 8.26
C PHE D 1509 36.93 -25.67 8.64
N GLU D 1510 36.12 -25.43 9.68
CA GLU D 1510 35.92 -24.06 10.15
C GLU D 1510 37.22 -23.46 10.66
N GLU D 1511 37.99 -24.23 11.44
CA GLU D 1511 39.27 -23.75 11.92
C GLU D 1511 40.24 -23.50 10.77
N SER D 1512 40.25 -24.40 9.78
CA SER D 1512 41.12 -24.21 8.63
C SER D 1512 40.74 -22.95 7.85
N MET D 1513 39.45 -22.70 7.66
CA MET D 1513 39.00 -21.50 6.97
C MET D 1513 39.36 -20.24 7.75
N LYS D 1514 39.20 -20.28 9.08
CA LYS D 1514 39.54 -19.12 9.90
C LYS D 1514 41.04 -18.84 9.86
N TRP D 1515 41.86 -19.88 9.86
CA TRP D 1515 43.31 -19.68 9.88
C TRP D 1515 43.83 -19.26 8.51
N LYS D 1516 43.26 -19.80 7.43
CA LYS D 1516 43.81 -19.62 6.09
C LYS D 1516 43.53 -18.25 5.49
N LYS D 1517 42.69 -17.43 6.11
CA LYS D 1517 42.29 -16.12 5.58
C LYS D 1517 41.71 -16.27 4.18
N LEU D 1518 40.57 -16.98 4.13
CA LEU D 1518 39.97 -17.39 2.88
C LEU D 1518 39.45 -16.18 2.09
N THR D 1519 39.24 -16.40 0.80
CA THR D 1519 38.70 -15.38 -0.08
C THR D 1519 37.18 -15.28 0.11
N ASN D 1520 36.55 -14.44 -0.73
CA ASN D 1520 35.11 -14.22 -0.60
C ASN D 1520 34.32 -15.48 -0.91
N ALA D 1521 34.59 -16.11 -2.06
CA ALA D 1521 33.88 -17.34 -2.41
C ALA D 1521 34.19 -18.46 -1.42
N GLN D 1522 35.45 -18.56 -1.00
CA GLN D 1522 35.82 -19.55 0.01
C GLN D 1522 35.11 -19.26 1.34
N ARG D 1523 34.99 -17.98 1.70
CA ARG D 1523 34.27 -17.63 2.92
C ARG D 1523 32.80 -18.02 2.83
N SER D 1524 32.18 -17.79 1.67
CA SER D 1524 30.79 -18.20 1.50
C SER D 1524 30.64 -19.71 1.57
N GLY D 1525 31.57 -20.45 0.95
CA GLY D 1525 31.53 -21.90 1.03
C GLY D 1525 31.70 -22.41 2.44
N LEU D 1526 32.58 -21.78 3.22
CA LEU D 1526 32.76 -22.18 4.61
C LEU D 1526 31.54 -21.84 5.45
N ASN D 1527 30.88 -20.71 5.15
CA ASN D 1527 29.70 -20.32 5.90
C ASN D 1527 28.47 -21.16 5.53
N GLN D 1528 28.46 -21.75 4.34
CA GLN D 1528 27.34 -22.59 3.91
C GLN D 1528 27.45 -24.03 4.42
N ILE D 1529 28.31 -24.29 5.40
CA ILE D 1529 28.50 -25.64 5.93
C ILE D 1529 27.37 -26.04 6.88
N PRO D 1530 27.03 -25.25 7.91
CA PRO D 1530 25.97 -25.69 8.83
C PRO D 1530 24.63 -25.91 8.16
N ASN D 1531 24.32 -25.15 7.10
CA ASN D 1531 23.09 -25.37 6.36
C ASN D 1531 23.03 -26.78 5.80
N ARG D 1532 24.09 -27.18 5.08
CA ARG D 1532 24.19 -28.54 4.60
C ARG D 1532 24.11 -29.53 5.76
N ARG D 1533 24.74 -29.18 6.88
CA ARG D 1533 24.75 -30.08 8.04
C ARG D 1533 23.33 -30.41 8.49
N PHE D 1534 22.55 -29.40 8.88
CA PHE D 1534 21.25 -29.77 9.43
C PHE D 1534 20.26 -30.17 8.35
N THR D 1535 20.44 -29.72 7.10
CA THR D 1535 19.56 -30.19 6.04
C THR D 1535 19.74 -31.67 5.79
N LEU D 1536 20.97 -32.17 5.85
CA LEU D 1536 21.18 -33.60 5.89
C LEU D 1536 20.60 -34.20 7.15
N TRP D 1537 20.74 -33.49 8.28
CA TRP D 1537 20.19 -33.98 9.54
C TRP D 1537 18.67 -34.00 9.51
N TRP D 1538 18.05 -33.17 8.67
CA TRP D 1538 16.60 -33.13 8.52
C TRP D 1538 16.13 -33.79 7.22
N SER D 1539 16.93 -34.68 6.65
CA SER D 1539 16.59 -35.31 5.38
C SER D 1539 15.24 -36.03 5.39
N PRO D 1540 14.89 -36.84 6.40
CA PRO D 1540 13.61 -37.56 6.32
C PRO D 1540 12.40 -36.65 6.18
N THR D 1541 12.23 -35.69 7.09
CA THR D 1541 11.06 -34.82 7.04
C THR D 1541 11.11 -33.82 5.89
N ILE D 1542 12.26 -33.64 5.26
CA ILE D 1542 12.39 -32.68 4.17
C ILE D 1542 12.36 -33.35 2.79
N ASN D 1543 12.43 -34.67 2.72
CA ASN D 1543 12.38 -35.38 1.45
C ASN D 1543 11.16 -36.30 1.36
N ARG D 1544 10.05 -35.88 1.96
CA ARG D 1544 8.84 -36.68 1.93
C ARG D 1544 8.22 -36.67 0.53
N ALA D 1545 7.08 -37.37 0.41
CA ALA D 1545 6.34 -37.41 -0.85
C ALA D 1545 5.28 -36.32 -0.92
N ASN D 1546 4.50 -36.14 0.15
CA ASN D 1546 3.54 -35.06 0.18
C ASN D 1546 4.22 -33.70 0.13
N VAL D 1547 5.34 -33.56 0.83
CA VAL D 1547 6.17 -32.37 0.73
C VAL D 1547 6.98 -32.44 -0.56
N TYR D 1548 7.09 -31.31 -1.25
CA TYR D 1548 7.85 -31.22 -2.51
C TYR D 1548 7.32 -32.21 -3.55
N VAL D 1549 6.07 -32.01 -3.94
CA VAL D 1549 5.48 -32.83 -4.98
C VAL D 1549 6.17 -32.55 -6.32
N GLY D 1550 6.17 -33.54 -7.19
CA GLY D 1550 6.76 -33.40 -8.50
C GLY D 1550 7.37 -34.71 -8.96
N PHE D 1551 8.26 -34.58 -9.95
CA PHE D 1551 8.88 -35.77 -10.55
C PHE D 1551 9.89 -36.36 -9.56
N GLN D 1552 9.73 -37.66 -9.28
CA GLN D 1552 10.68 -38.36 -8.43
C GLN D 1552 12.00 -38.57 -9.16
N VAL D 1553 13.09 -38.62 -8.39
CA VAL D 1553 14.41 -38.81 -8.96
C VAL D 1553 15.30 -39.50 -7.94
N GLN D 1554 16.10 -40.45 -8.42
CA GLN D 1554 17.08 -41.15 -7.61
C GLN D 1554 18.48 -40.70 -8.01
N LEU D 1555 19.44 -40.99 -7.14
CA LEU D 1555 20.81 -40.56 -7.36
C LEU D 1555 21.45 -41.38 -8.49
N ASP D 1556 22.74 -41.12 -8.74
CA ASP D 1556 23.41 -41.70 -9.89
C ASP D 1556 23.50 -43.22 -9.79
N LEU D 1557 23.89 -43.74 -8.63
CA LEU D 1557 24.10 -45.18 -8.52
C LEU D 1557 23.59 -45.75 -7.20
N THR D 1558 22.69 -45.06 -6.50
CA THR D 1558 22.16 -45.51 -5.22
C THR D 1558 20.66 -45.70 -5.32
N GLY D 1559 20.04 -46.03 -4.19
CA GLY D 1559 18.62 -46.27 -4.14
C GLY D 1559 17.88 -45.29 -3.25
N ILE D 1560 18.29 -44.02 -3.29
CA ILE D 1560 17.64 -42.96 -2.52
C ILE D 1560 16.85 -42.10 -3.50
N PHE D 1561 15.54 -42.03 -3.28
CA PHE D 1561 14.66 -41.23 -4.13
C PHE D 1561 14.43 -39.87 -3.48
N MET D 1562 14.66 -38.82 -4.26
CA MET D 1562 14.51 -37.45 -3.79
C MET D 1562 13.48 -36.72 -4.65
N HIS D 1563 12.61 -35.96 -4.00
CA HIS D 1563 11.54 -35.21 -4.66
C HIS D 1563 11.93 -33.74 -4.66
N GLY D 1564 12.16 -33.19 -5.85
CA GLY D 1564 12.61 -31.82 -5.97
C GLY D 1564 14.11 -31.72 -5.78
N LYS D 1565 14.79 -31.01 -6.68
CA LYS D 1565 16.25 -30.93 -6.60
C LYS D 1565 16.65 -30.07 -5.42
N ILE D 1566 17.33 -30.67 -4.46
CA ILE D 1566 17.87 -29.97 -3.30
C ILE D 1566 19.39 -30.10 -3.36
N PRO D 1567 20.09 -29.06 -3.80
CA PRO D 1567 21.55 -29.18 -3.97
C PRO D 1567 22.28 -29.57 -2.71
N THR D 1568 21.87 -29.06 -1.55
CA THR D 1568 22.52 -29.43 -0.30
C THR D 1568 22.32 -30.91 0.00
N LEU D 1569 21.07 -31.38 -0.06
CA LEU D 1569 20.82 -32.80 0.18
C LEU D 1569 21.46 -33.67 -0.89
N LYS D 1570 21.43 -33.23 -2.15
CA LYS D 1570 22.04 -34.01 -3.22
C LYS D 1570 23.54 -34.19 -2.98
N ILE D 1571 24.23 -33.10 -2.67
CA ILE D 1571 25.67 -33.18 -2.47
C ILE D 1571 26.00 -33.97 -1.21
N SER D 1572 25.21 -33.80 -0.14
CA SER D 1572 25.44 -34.56 1.07
C SER D 1572 25.25 -36.05 0.84
N LEU D 1573 24.19 -36.41 0.11
CA LEU D 1573 23.93 -37.82 -0.17
C LEU D 1573 25.02 -38.43 -1.03
N ILE D 1574 25.48 -37.71 -2.07
CA ILE D 1574 26.52 -38.28 -2.91
C ILE D 1574 27.86 -38.31 -2.19
N GLN D 1575 28.06 -37.47 -1.16
CA GLN D 1575 29.23 -37.63 -0.31
C GLN D 1575 29.11 -38.88 0.57
N ILE D 1576 27.94 -39.07 1.18
CA ILE D 1576 27.77 -40.20 2.09
C ILE D 1576 27.85 -41.52 1.31
N PHE D 1577 27.21 -41.57 0.14
CA PHE D 1577 27.18 -42.79 -0.68
C PHE D 1577 28.28 -42.80 -1.75
N ARG D 1578 29.42 -42.18 -1.48
CA ARG D 1578 30.51 -42.15 -2.44
C ARG D 1578 31.11 -43.55 -2.62
N ALA D 1579 31.64 -43.79 -3.82
CA ALA D 1579 32.36 -45.03 -4.15
C ALA D 1579 31.44 -46.25 -4.04
N HIS D 1580 30.29 -46.18 -4.71
CA HIS D 1580 29.39 -47.32 -4.87
C HIS D 1580 29.01 -47.94 -3.53
N LEU D 1581 28.75 -47.07 -2.54
CA LEU D 1581 28.50 -47.57 -1.20
C LEU D 1581 27.25 -48.46 -1.15
N TRP D 1582 26.26 -48.18 -2.00
CA TRP D 1582 25.06 -49.03 -2.00
C TRP D 1582 25.38 -50.44 -2.47
N GLN D 1583 26.14 -50.56 -3.56
CA GLN D 1583 26.56 -51.88 -4.01
C GLN D 1583 27.43 -52.56 -2.96
N LYS D 1584 28.27 -51.80 -2.27
CA LYS D 1584 29.14 -52.36 -1.25
C LYS D 1584 28.33 -52.93 -0.09
N ILE D 1585 27.33 -52.18 0.40
CA ILE D 1585 26.53 -52.68 1.51
C ILE D 1585 25.67 -53.86 1.07
N HIS D 1586 25.18 -53.84 -0.17
CA HIS D 1586 24.42 -54.98 -0.67
C HIS D 1586 25.29 -56.23 -0.73
N GLU D 1587 26.52 -56.10 -1.23
CA GLU D 1587 27.43 -57.24 -1.27
C GLU D 1587 27.78 -57.71 0.13
N SER D 1588 27.97 -56.77 1.06
CA SER D 1588 28.27 -57.15 2.44
C SER D 1588 27.13 -57.95 3.06
N ILE D 1589 25.90 -57.49 2.87
CA ILE D 1589 24.77 -58.17 3.48
C ILE D 1589 24.55 -59.54 2.82
N VAL D 1590 24.72 -59.63 1.49
CA VAL D 1590 24.52 -60.92 0.84
C VAL D 1590 25.61 -61.89 1.24
N MET D 1591 26.85 -61.42 1.39
CA MET D 1591 27.93 -62.31 1.83
C MET D 1591 27.73 -62.75 3.27
N ASP D 1592 27.27 -61.85 4.14
CA ASP D 1592 26.98 -62.24 5.51
C ASP D 1592 25.87 -63.27 5.58
N LEU D 1593 24.82 -63.09 4.78
CA LEU D 1593 23.74 -64.07 4.75
C LEU D 1593 24.24 -65.42 4.24
N CYS D 1594 25.07 -65.41 3.19
CA CYS D 1594 25.62 -66.66 2.66
C CYS D 1594 26.48 -67.37 3.69
N GLN D 1595 27.34 -66.63 4.39
CA GLN D 1595 28.19 -67.24 5.40
C GLN D 1595 27.37 -67.81 6.55
N VAL D 1596 26.35 -67.07 7.00
CA VAL D 1596 25.50 -67.54 8.08
C VAL D 1596 24.77 -68.82 7.67
N PHE D 1597 24.22 -68.84 6.46
CA PHE D 1597 23.53 -70.03 5.99
C PHE D 1597 24.47 -71.21 5.86
N ASP D 1598 25.68 -70.98 5.36
CA ASP D 1598 26.65 -72.06 5.22
C ASP D 1598 27.08 -72.61 6.57
N GLN D 1599 27.22 -71.74 7.58
CA GLN D 1599 27.66 -72.20 8.89
C GLN D 1599 26.64 -73.15 9.51
N GLU D 1600 25.35 -72.83 9.39
CA GLU D 1600 24.27 -73.66 9.96
C GLU D 1600 23.60 -74.52 8.90
N LEU D 1601 24.36 -74.99 7.91
CA LEU D 1601 23.79 -75.78 6.82
C LEU D 1601 23.37 -77.18 7.26
N ASP D 1602 23.74 -77.61 8.45
CA ASP D 1602 23.40 -78.97 8.89
C ASP D 1602 21.90 -79.10 9.16
N ALA D 1603 21.39 -78.30 10.10
CA ALA D 1603 19.98 -78.39 10.45
C ALA D 1603 19.08 -77.91 9.32
N LEU D 1604 19.58 -77.09 8.42
CA LEU D 1604 18.79 -76.56 7.31
C LEU D 1604 18.78 -77.48 6.10
N GLU D 1605 19.49 -78.60 6.15
CA GLU D 1605 19.53 -79.57 5.04
C GLU D 1605 19.95 -78.89 3.74
N ILE D 1606 20.89 -77.96 3.85
CA ILE D 1606 21.31 -77.17 2.69
C ILE D 1606 22.31 -77.97 1.88
N GLU D 1607 21.94 -78.29 0.64
CA GLU D 1607 22.86 -78.94 -0.29
C GLU D 1607 23.73 -77.94 -1.02
N THR D 1608 23.13 -76.91 -1.60
CA THR D 1608 23.86 -75.84 -2.27
C THR D 1608 23.31 -74.51 -1.80
N VAL D 1609 24.21 -73.58 -1.47
CA VAL D 1609 23.85 -72.22 -1.08
C VAL D 1609 24.73 -71.29 -1.92
N GLN D 1610 24.18 -70.75 -3.00
CA GLN D 1610 24.96 -69.95 -3.94
C GLN D 1610 24.22 -68.66 -4.26
N LYS D 1611 24.82 -67.87 -5.16
CA LYS D 1611 24.23 -66.64 -5.65
C LYS D 1611 24.34 -66.60 -7.16
N GLU D 1612 23.33 -65.99 -7.80
CA GLU D 1612 23.30 -65.92 -9.25
C GLU D 1612 24.28 -64.85 -9.75
N THR D 1613 24.48 -64.83 -11.06
CA THR D 1613 25.34 -63.83 -11.70
C THR D 1613 24.59 -62.50 -11.78
N ILE D 1614 24.49 -61.86 -10.61
CA ILE D 1614 23.70 -60.64 -10.48
C ILE D 1614 24.38 -59.52 -11.26
N HIS D 1615 23.58 -58.79 -12.05
CA HIS D 1615 24.11 -57.65 -12.77
C HIS D 1615 24.54 -56.57 -11.77
N PRO D 1616 25.64 -55.87 -12.03
CA PRO D 1616 26.12 -54.89 -11.04
C PRO D 1616 25.10 -53.82 -10.68
N ARG D 1617 24.31 -53.38 -11.65
CA ARG D 1617 23.28 -52.37 -11.38
C ARG D 1617 22.05 -52.94 -10.70
N LYS D 1618 21.94 -54.26 -10.58
CA LYS D 1618 20.78 -54.88 -9.95
C LYS D 1618 20.78 -54.76 -8.44
N SER D 1619 21.74 -54.06 -7.84
CA SER D 1619 21.76 -53.86 -6.40
C SER D 1619 20.82 -52.74 -5.97
N TYR D 1620 20.82 -51.63 -6.70
CA TYR D 1620 19.95 -50.49 -6.41
C TYR D 1620 18.73 -50.44 -7.31
N LYS D 1621 18.48 -51.48 -8.10
CA LYS D 1621 17.34 -51.49 -9.00
C LYS D 1621 16.04 -51.48 -8.22
N MET D 1622 15.00 -50.88 -8.83
CA MET D 1622 13.70 -50.79 -8.18
C MET D 1622 13.09 -52.17 -7.97
N ASN D 1623 13.20 -53.05 -8.97
CA ASN D 1623 12.65 -54.39 -8.89
C ASN D 1623 13.77 -55.41 -8.88
N SER D 1624 13.65 -56.41 -8.02
CA SER D 1624 14.64 -57.47 -7.91
C SER D 1624 14.43 -58.52 -8.99
N SER D 1625 14.74 -58.18 -10.24
CA SER D 1625 14.56 -59.09 -11.36
C SER D 1625 15.44 -60.33 -11.20
N CYS D 1626 16.63 -60.15 -10.64
CA CYS D 1626 17.57 -61.24 -10.40
C CYS D 1626 17.58 -61.60 -8.93
N ALA D 1627 17.41 -62.88 -8.63
CA ALA D 1627 17.40 -63.34 -7.24
C ALA D 1627 18.77 -63.19 -6.63
N ASP D 1628 18.79 -62.92 -5.31
CA ASP D 1628 20.04 -62.67 -4.62
C ASP D 1628 20.73 -63.98 -4.21
N ILE D 1629 20.06 -64.79 -3.40
CA ILE D 1629 20.62 -66.03 -2.87
C ILE D 1629 19.71 -67.18 -3.25
N LEU D 1630 20.28 -68.24 -3.81
CA LEU D 1630 19.57 -69.47 -4.08
C LEU D 1630 20.06 -70.56 -3.14
N LEU D 1631 19.14 -71.39 -2.67
CA LEU D 1631 19.44 -72.47 -1.74
C LEU D 1631 18.66 -73.71 -2.18
N PHE D 1632 19.39 -74.74 -2.61
CA PHE D 1632 18.78 -76.01 -2.98
C PHE D 1632 19.06 -77.04 -1.89
N ALA D 1633 18.00 -77.68 -1.43
CA ALA D 1633 18.10 -78.70 -0.39
C ALA D 1633 18.37 -80.06 -1.03
N SER D 1634 18.24 -81.13 -0.25
CA SER D 1634 18.58 -82.46 -0.75
C SER D 1634 17.43 -83.08 -1.56
N TYR D 1635 16.30 -83.36 -0.90
CA TYR D 1635 15.18 -84.02 -1.56
C TYR D 1635 13.93 -83.15 -1.61
N LYS D 1636 13.46 -82.68 -0.46
CA LYS D 1636 12.22 -81.90 -0.38
C LYS D 1636 12.37 -80.84 0.69
N TRP D 1637 11.56 -79.80 0.58
CA TRP D 1637 11.59 -78.70 1.54
C TRP D 1637 10.19 -78.15 1.71
N ASN D 1638 9.64 -78.26 2.92
CA ASN D 1638 8.28 -77.83 3.20
C ASN D 1638 8.28 -76.34 3.55
N VAL D 1639 7.41 -75.59 2.87
CA VAL D 1639 7.29 -74.15 3.06
C VAL D 1639 5.83 -73.81 3.31
N SER D 1640 5.60 -72.93 4.28
CA SER D 1640 4.26 -72.50 4.65
C SER D 1640 3.85 -71.29 3.82
N ARG D 1641 2.68 -70.73 4.14
CA ARG D 1641 2.20 -69.56 3.43
C ARG D 1641 3.04 -68.34 3.78
N PRO D 1642 3.17 -67.38 2.85
CA PRO D 1642 3.94 -66.17 3.14
C PRO D 1642 3.33 -65.37 4.28
N SER D 1643 4.21 -64.74 5.07
CA SER D 1643 3.80 -63.93 6.21
C SER D 1643 4.98 -63.06 6.60
N LEU D 1644 4.83 -62.32 7.71
CA LEU D 1644 5.88 -61.48 8.24
C LEU D 1644 6.57 -62.17 9.41
N LEU D 1645 7.77 -61.66 9.74
CA LEU D 1645 8.57 -62.30 10.78
C LEU D 1645 7.93 -62.22 12.16
N ALA D 1646 7.01 -61.27 12.38
CA ALA D 1646 6.35 -61.16 13.67
C ALA D 1646 5.38 -62.31 13.92
N ASP D 1647 4.99 -63.04 12.89
CA ASP D 1647 4.04 -64.14 13.06
C ASP D 1647 4.70 -65.32 13.75
N SER D 1648 3.85 -66.20 14.29
CA SER D 1648 4.30 -67.40 14.99
C SER D 1648 3.74 -68.68 14.40
N LYS D 1649 2.49 -68.69 13.98
CA LYS D 1649 1.88 -69.89 13.42
C LYS D 1649 2.54 -70.27 12.09
N ASP D 1650 2.56 -71.57 11.82
CA ASP D 1650 3.16 -72.07 10.59
C ASP D 1650 2.53 -73.41 10.24
N VAL D 1651 2.20 -73.58 8.96
CA VAL D 1651 1.70 -74.85 8.43
C VAL D 1651 2.57 -75.18 7.21
N MET D 1652 3.63 -75.96 7.43
CA MET D 1652 4.60 -76.24 6.38
C MET D 1652 4.02 -77.05 5.23
N ASP D 1653 2.84 -77.66 5.40
CA ASP D 1653 2.23 -78.45 4.35
C ASP D 1653 1.65 -77.59 3.23
N SER D 1654 1.82 -76.27 3.28
CA SER D 1654 1.28 -75.41 2.23
C SER D 1654 1.93 -75.71 0.88
N THR D 1655 3.24 -75.91 0.87
CA THR D 1655 3.94 -76.23 -0.37
C THR D 1655 5.18 -77.06 -0.06
N THR D 1656 5.65 -77.79 -1.08
CA THR D 1656 6.84 -78.62 -0.97
C THR D 1656 7.69 -78.37 -2.22
N THR D 1657 8.83 -77.70 -2.03
CA THR D 1657 9.73 -77.36 -3.12
C THR D 1657 11.16 -77.75 -2.75
N GLN D 1658 11.96 -78.00 -3.77
CA GLN D 1658 13.37 -78.36 -3.59
C GLN D 1658 14.30 -77.16 -3.63
N LYS D 1659 13.80 -75.97 -3.95
CA LYS D 1659 14.61 -74.76 -4.02
C LYS D 1659 14.03 -73.69 -3.11
N TYR D 1660 14.85 -72.67 -2.86
CA TYR D 1660 14.47 -71.55 -2.01
C TYR D 1660 15.26 -70.32 -2.44
N TRP D 1661 14.63 -69.15 -2.32
CA TRP D 1661 15.27 -67.91 -2.70
C TRP D 1661 15.23 -66.92 -1.54
N ILE D 1662 16.29 -66.13 -1.42
CA ILE D 1662 16.39 -65.06 -0.43
C ILE D 1662 16.81 -63.79 -1.14
N ASP D 1663 16.05 -62.72 -0.92
CA ASP D 1663 16.32 -61.43 -1.56
C ASP D 1663 16.46 -60.36 -0.48
N ILE D 1664 17.46 -59.48 -0.66
CA ILE D 1664 17.73 -58.39 0.26
C ILE D 1664 17.33 -57.09 -0.43
N GLN D 1665 16.45 -56.33 0.20
CA GLN D 1665 15.96 -55.06 -0.33
C GLN D 1665 16.62 -53.92 0.44
N LEU D 1666 17.51 -53.19 -0.23
CA LEU D 1666 18.16 -52.03 0.36
C LEU D 1666 17.31 -50.81 0.07
N ARG D 1667 16.67 -50.26 1.10
CA ARG D 1667 15.76 -49.13 0.95
C ARG D 1667 16.14 -48.02 1.91
N TRP D 1668 15.81 -46.79 1.53
CA TRP D 1668 16.06 -45.60 2.33
C TRP D 1668 14.72 -45.03 2.75
N GLY D 1669 14.37 -45.23 4.03
CA GLY D 1669 13.08 -44.81 4.52
C GLY D 1669 13.00 -43.30 4.74
N ASP D 1670 11.85 -42.74 4.40
CA ASP D 1670 11.59 -41.32 4.60
C ASP D 1670 10.85 -41.12 5.92
N TYR D 1671 10.41 -39.89 6.17
CA TYR D 1671 9.66 -39.62 7.40
C TYR D 1671 8.26 -40.21 7.37
N ASP D 1672 7.72 -40.53 6.19
CA ASP D 1672 6.41 -41.12 6.06
C ASP D 1672 6.43 -42.53 5.49
N SER D 1673 7.50 -42.92 4.78
CA SER D 1673 7.63 -44.23 4.19
C SER D 1673 8.61 -45.11 4.95
N HIS D 1674 8.69 -44.93 6.27
CA HIS D 1674 9.60 -45.70 7.10
C HIS D 1674 8.96 -46.97 7.66
N ASP D 1675 7.72 -47.27 7.28
CA ASP D 1675 7.04 -48.48 7.72
C ASP D 1675 7.66 -49.68 7.01
N ILE D 1676 8.63 -50.32 7.66
CA ILE D 1676 9.37 -51.42 7.03
C ILE D 1676 8.44 -52.60 6.77
N GLU D 1677 7.61 -52.95 7.76
CA GLU D 1677 6.74 -54.12 7.63
C GLU D 1677 5.76 -53.95 6.48
N ARG D 1678 5.09 -52.79 6.41
CA ARG D 1678 4.19 -52.53 5.29
C ARG D 1678 4.94 -52.49 3.97
N TYR D 1679 6.12 -51.85 3.97
CA TYR D 1679 6.94 -51.83 2.76
C TYR D 1679 7.38 -53.24 2.38
N ALA D 1680 7.76 -54.05 3.37
CA ALA D 1680 8.16 -55.42 3.07
C ALA D 1680 7.02 -56.21 2.45
N ARG D 1681 5.82 -56.07 3.01
CA ARG D 1681 4.65 -56.77 2.47
C ARG D 1681 4.37 -56.33 1.03
N ALA D 1682 4.31 -55.02 0.81
CA ALA D 1682 3.99 -54.51 -0.52
C ALA D 1682 5.05 -54.92 -1.54
N LYS D 1683 6.33 -54.81 -1.16
CA LYS D 1683 7.40 -55.15 -2.08
C LYS D 1683 7.43 -56.64 -2.40
N PHE D 1684 7.20 -57.49 -1.39
CA PHE D 1684 7.13 -58.92 -1.64
C PHE D 1684 5.99 -59.25 -2.59
N LEU D 1685 4.81 -58.66 -2.34
CA LEU D 1685 3.66 -58.92 -3.20
C LEU D 1685 3.92 -58.47 -4.63
N ASP D 1686 4.54 -57.29 -4.79
CA ASP D 1686 4.78 -56.76 -6.12
C ASP D 1686 5.84 -57.57 -6.87
N TYR D 1687 6.96 -57.86 -6.21
CA TYR D 1687 8.08 -58.52 -6.89
C TYR D 1687 7.77 -59.98 -7.17
N THR D 1688 7.21 -60.69 -6.19
CA THR D 1688 6.90 -62.10 -6.38
C THR D 1688 5.85 -62.29 -7.47
N THR D 1689 4.82 -61.44 -7.47
CA THR D 1689 3.76 -61.49 -8.48
C THR D 1689 4.05 -60.43 -9.52
N ASP D 1690 4.95 -60.75 -10.45
CA ASP D 1690 5.31 -59.83 -11.52
C ASP D 1690 5.92 -60.64 -12.66
N ASN D 1691 5.65 -60.20 -13.89
CA ASN D 1691 6.21 -60.87 -15.07
C ASN D 1691 7.69 -60.55 -15.24
N MET D 1692 8.09 -59.30 -15.00
CA MET D 1692 9.47 -58.89 -15.20
C MET D 1692 10.41 -59.63 -14.25
N SER D 1693 10.02 -59.74 -12.99
CA SER D 1693 10.88 -60.42 -12.01
C SER D 1693 10.96 -61.91 -12.33
N ILE D 1694 12.18 -62.44 -12.30
CA ILE D 1694 12.44 -63.84 -12.60
C ILE D 1694 13.05 -64.48 -11.36
N TYR D 1695 12.31 -65.38 -10.72
CA TYR D 1695 12.78 -66.11 -9.56
C TYR D 1695 12.86 -67.60 -9.91
N PRO D 1696 14.03 -68.23 -9.77
CA PRO D 1696 14.12 -69.67 -10.08
C PRO D 1696 13.20 -70.52 -9.22
N SER D 1697 12.94 -70.11 -7.98
CA SER D 1697 12.04 -70.84 -7.10
C SER D 1697 10.81 -70.01 -6.76
N PRO D 1698 9.62 -70.61 -6.76
CA PRO D 1698 8.42 -69.86 -6.37
C PRO D 1698 8.26 -69.68 -4.88
N THR D 1699 9.07 -70.35 -4.06
CA THR D 1699 8.96 -70.28 -2.61
C THR D 1699 10.23 -69.67 -2.03
N GLY D 1700 10.06 -68.66 -1.19
CA GLY D 1700 11.20 -68.00 -0.57
C GLY D 1700 10.76 -66.82 0.26
N VAL D 1701 11.75 -66.09 0.76
CA VAL D 1701 11.51 -64.93 1.61
C VAL D 1701 12.37 -63.78 1.11
N LEU D 1702 11.80 -62.58 1.10
CA LEU D 1702 12.51 -61.37 0.73
C LEU D 1702 12.78 -60.56 1.99
N ILE D 1703 14.03 -60.14 2.17
CA ILE D 1703 14.44 -59.34 3.31
C ILE D 1703 14.60 -57.89 2.85
N ALA D 1704 14.41 -56.97 3.79
CA ALA D 1704 14.48 -55.55 3.52
C ALA D 1704 15.20 -54.85 4.66
N ILE D 1705 16.05 -53.89 4.31
CA ILE D 1705 16.81 -53.11 5.28
C ILE D 1705 16.55 -51.64 4.99
N ASP D 1706 15.93 -50.94 5.94
CA ASP D 1706 15.76 -49.50 5.87
C ASP D 1706 17.01 -48.85 6.42
N LEU D 1707 17.82 -48.27 5.53
CA LEU D 1707 19.09 -47.68 5.93
C LEU D 1707 18.88 -46.46 6.83
N ALA D 1708 18.01 -45.54 6.41
CA ALA D 1708 17.73 -44.38 7.24
C ALA D 1708 17.10 -44.77 8.56
N TYR D 1709 16.16 -45.71 8.54
CA TYR D 1709 15.59 -46.24 9.76
C TYR D 1709 16.48 -47.30 10.40
N ASN D 1710 17.41 -47.86 9.63
CA ASN D 1710 18.29 -48.94 10.10
C ASN D 1710 17.48 -50.10 10.66
N LEU D 1711 16.37 -50.41 9.99
CA LEU D 1711 15.42 -51.41 10.46
C LEU D 1711 15.44 -52.62 9.53
N HIS D 1712 15.53 -53.81 10.10
CA HIS D 1712 15.55 -55.04 9.33
C HIS D 1712 14.18 -55.70 9.38
N SER D 1713 13.75 -56.25 8.25
CA SER D 1713 12.48 -56.95 8.17
C SER D 1713 12.55 -58.02 7.09
N ALA D 1714 11.55 -58.89 7.06
CA ALA D 1714 11.49 -59.94 6.07
C ALA D 1714 10.04 -60.35 5.87
N TYR D 1715 9.77 -60.96 4.72
CA TYR D 1715 8.41 -61.37 4.40
C TYR D 1715 8.44 -62.50 3.39
N GLY D 1716 7.56 -63.48 3.57
CA GLY D 1716 7.40 -64.59 2.65
C GLY D 1716 7.45 -65.91 3.37
N ASN D 1717 7.80 -66.95 2.62
CA ASN D 1717 7.89 -68.30 3.17
C ASN D 1717 9.12 -68.43 4.06
N TRP D 1718 9.21 -69.56 4.76
CA TRP D 1718 10.35 -69.85 5.62
C TRP D 1718 10.72 -71.32 5.54
N PHE D 1719 12.00 -71.59 5.75
CA PHE D 1719 12.44 -72.96 5.96
C PHE D 1719 11.95 -73.46 7.31
N PRO D 1720 11.70 -74.76 7.44
CA PRO D 1720 11.27 -75.30 8.73
C PRO D 1720 12.29 -75.04 9.83
N GLY D 1721 11.90 -74.23 10.81
CA GLY D 1721 12.75 -73.92 11.93
C GLY D 1721 13.81 -72.86 11.68
N SER D 1722 13.82 -72.24 10.49
CA SER D 1722 14.82 -71.23 10.18
C SER D 1722 14.35 -69.80 10.49
N LYS D 1723 13.06 -69.60 10.72
CA LYS D 1723 12.54 -68.26 10.95
C LYS D 1723 13.21 -67.58 12.15
N PRO D 1724 13.28 -68.19 13.34
CA PRO D 1724 14.09 -67.57 14.41
C PRO D 1724 15.56 -67.47 14.04
N LEU D 1725 16.08 -68.45 13.29
CA LEU D 1725 17.48 -68.38 12.86
C LEU D 1725 17.71 -67.19 11.95
N ILE D 1726 16.81 -66.95 10.99
CA ILE D 1726 16.97 -65.81 10.09
C ILE D 1726 16.79 -64.51 10.84
N GLN D 1727 15.84 -64.45 11.78
CA GLN D 1727 15.67 -63.23 12.56
C GLN D 1727 16.93 -62.91 13.36
N GLN D 1728 17.49 -63.91 14.05
CA GLN D 1728 18.70 -63.69 14.84
C GLN D 1728 19.88 -63.32 13.95
N ALA D 1729 19.99 -63.96 12.78
CA ALA D 1729 21.07 -63.65 11.86
C ALA D 1729 20.96 -62.21 11.36
N MET D 1730 19.75 -61.78 11.00
CA MET D 1730 19.57 -60.40 10.55
C MET D 1730 19.92 -59.41 11.65
N ALA D 1731 19.46 -59.68 12.88
CA ALA D 1731 19.79 -58.78 13.99
C ALA D 1731 21.29 -58.72 14.22
N LYS D 1732 21.97 -59.87 14.24
CA LYS D 1732 23.40 -59.89 14.50
C LYS D 1732 24.18 -59.19 13.39
N ILE D 1733 23.80 -59.41 12.14
CA ILE D 1733 24.52 -58.79 11.03
C ILE D 1733 24.31 -57.28 11.05
N MET D 1734 23.05 -56.84 11.20
CA MET D 1734 22.77 -55.41 11.25
C MET D 1734 23.39 -54.75 12.47
N LYS D 1735 23.72 -55.53 13.51
CA LYS D 1735 24.38 -54.96 14.67
C LYS D 1735 25.80 -54.49 14.34
N ALA D 1736 26.57 -55.33 13.64
CA ALA D 1736 27.99 -55.06 13.41
C ALA D 1736 28.38 -55.37 11.97
N ASN D 1737 27.54 -55.00 11.01
CA ASN D 1737 27.93 -55.15 9.62
C ASN D 1737 29.06 -54.17 9.29
N PRO D 1738 30.07 -54.60 8.53
CA PRO D 1738 31.20 -53.68 8.23
C PRO D 1738 30.78 -52.46 7.42
N ALA D 1739 30.14 -52.68 6.28
CA ALA D 1739 29.72 -51.55 5.45
C ALA D 1739 28.68 -50.69 6.16
N LEU D 1740 27.78 -51.33 6.92
CA LEU D 1740 26.80 -50.56 7.69
C LEU D 1740 27.48 -49.71 8.76
N TYR D 1741 28.49 -50.27 9.42
CA TYR D 1741 29.23 -49.49 10.42
C TYR D 1741 29.97 -48.33 9.77
N VAL D 1742 30.54 -48.55 8.59
CA VAL D 1742 31.21 -47.48 7.87
C VAL D 1742 30.22 -46.39 7.48
N LEU D 1743 29.03 -46.79 7.02
CA LEU D 1743 28.00 -45.80 6.67
C LEU D 1743 27.56 -45.02 7.90
N ARG D 1744 27.40 -45.69 9.04
CA ARG D 1744 27.03 -44.99 10.26
C ARG D 1744 28.12 -43.99 10.67
N GLU D 1745 29.38 -44.39 10.56
CA GLU D 1745 30.48 -43.47 10.87
C GLU D 1745 30.48 -42.28 9.92
N ARG D 1746 30.22 -42.54 8.64
CA ARG D 1746 30.13 -41.46 7.66
C ARG D 1746 29.01 -40.50 8.01
N ILE D 1747 27.86 -41.02 8.42
CA ILE D 1747 26.75 -40.18 8.83
C ILE D 1747 27.12 -39.35 10.06
N ARG D 1748 27.76 -39.98 11.04
CA ARG D 1748 28.14 -39.27 12.26
C ARG D 1748 29.11 -38.15 11.96
N LYS D 1749 30.07 -38.39 11.07
CA LYS D 1749 31.02 -37.35 10.69
C LYS D 1749 30.35 -36.24 9.89
N GLY D 1750 29.51 -36.61 8.92
CA GLY D 1750 28.91 -35.61 8.05
C GLY D 1750 27.95 -34.68 8.78
N LEU D 1751 27.23 -35.22 9.75
CA LEU D 1751 26.29 -34.44 10.55
C LEU D 1751 26.94 -33.81 11.77
N GLN D 1752 28.25 -34.04 11.98
CA GLN D 1752 29.00 -33.48 13.09
C GLN D 1752 28.41 -33.87 14.45
N LEU D 1753 27.75 -35.02 14.53
CA LEU D 1753 27.24 -35.53 15.79
C LEU D 1753 28.29 -36.51 16.33
N TYR D 1754 29.15 -36.00 17.21
CA TYR D 1754 30.18 -36.85 17.79
C TYR D 1754 29.59 -37.83 18.76
N SER D 1755 30.08 -39.07 18.74
CA SER D 1755 29.56 -40.09 19.63
C SER D 1755 29.73 -39.66 21.08
N SER D 1756 28.75 -39.96 21.91
CA SER D 1756 28.82 -39.58 23.31
C SER D 1756 30.14 -40.04 23.91
N GLU D 1757 30.84 -39.12 24.56
CA GLU D 1757 32.15 -39.41 25.12
C GLU D 1757 32.05 -40.44 26.25
N PRO D 1758 32.95 -41.42 26.26
CA PRO D 1758 32.96 -42.43 27.32
C PRO D 1758 33.54 -41.88 28.63
N THR D 1759 33.26 -42.55 29.75
CA THR D 1759 33.77 -42.10 31.03
C THR D 1759 35.05 -42.84 31.40
N GLU D 1760 36.14 -42.11 31.55
CA GLU D 1760 37.41 -42.73 31.91
C GLU D 1760 37.35 -43.34 33.30
N PRO D 1761 37.97 -44.51 33.48
CA PRO D 1761 37.99 -45.17 34.79
C PRO D 1761 38.85 -44.39 35.77
N TYR D 1762 38.34 -43.26 36.25
CA TYR D 1762 39.08 -42.46 37.21
C TYR D 1762 39.45 -43.26 38.46
N LEU D 1763 38.72 -44.34 38.73
CA LEU D 1763 39.05 -45.21 39.85
C LEU D 1763 40.36 -45.94 39.58
N SER D 1764 41.13 -46.19 40.64
CA SER D 1764 42.40 -46.87 40.52
C SER D 1764 42.59 -48.00 41.52
N SER D 1765 41.58 -48.31 42.34
CA SER D 1765 41.70 -49.43 43.26
C SER D 1765 41.87 -50.75 42.51
N GLN D 1766 41.07 -50.95 41.47
CA GLN D 1766 41.26 -52.12 40.61
C GLN D 1766 42.51 -51.98 39.75
N ASN D 1767 42.81 -50.75 39.33
CA ASN D 1767 44.01 -50.52 38.51
C ASN D 1767 45.28 -50.81 39.31
N TYR D 1768 45.27 -50.47 40.60
CA TYR D 1768 46.46 -50.73 41.43
C TYR D 1768 46.76 -52.21 41.50
N GLY D 1769 45.75 -53.05 41.70
CA GLY D 1769 45.97 -54.49 41.68
C GLY D 1769 46.36 -54.98 40.30
N GLU D 1770 45.80 -54.38 39.25
CA GLU D 1770 46.11 -54.75 37.88
C GLU D 1770 47.19 -53.86 37.25
N LEU D 1771 48.02 -53.22 38.07
CA LEU D 1771 49.07 -52.36 37.54
C LEU D 1771 50.06 -53.17 36.71
N PHE D 1772 50.45 -54.36 37.19
CA PHE D 1772 51.34 -55.22 36.41
C PHE D 1772 50.68 -55.71 35.13
N SER D 1773 49.35 -55.80 35.11
CA SER D 1773 48.66 -56.23 33.90
C SER D 1773 48.77 -55.19 32.79
N ASN D 1774 48.83 -53.91 33.15
CA ASN D 1774 48.98 -52.87 32.14
C ASN D 1774 50.33 -52.99 31.45
N GLN D 1775 50.33 -52.86 30.13
CA GLN D 1775 51.57 -53.01 29.37
C GLN D 1775 52.53 -51.85 29.65
N ILE D 1776 52.04 -50.62 29.59
CA ILE D 1776 52.86 -49.43 29.85
C ILE D 1776 52.04 -48.45 30.67
N ILE D 1777 52.63 -47.93 31.74
CA ILE D 1777 51.96 -46.97 32.61
C ILE D 1777 53.03 -46.11 33.27
N TRP D 1778 52.68 -44.84 33.52
CA TRP D 1778 53.59 -43.91 34.18
C TRP D 1778 52.78 -42.86 34.91
N PHE D 1779 53.39 -42.29 35.94
CA PHE D 1779 52.78 -41.24 36.74
C PHE D 1779 53.80 -40.15 37.00
N VAL D 1780 53.33 -38.90 36.99
CA VAL D 1780 54.19 -37.75 37.21
C VAL D 1780 53.51 -36.81 38.19
N ASP D 1781 54.30 -36.25 39.12
CA ASP D 1781 53.79 -35.33 40.13
C ASP D 1781 53.92 -33.90 39.59
N ASP D 1782 52.77 -33.25 39.39
CA ASP D 1782 52.79 -31.89 38.87
C ASP D 1782 53.39 -30.90 39.87
N THR D 1783 53.13 -31.10 41.16
CA THR D 1783 53.67 -30.18 42.16
C THR D 1783 55.17 -30.23 42.25
N ASN D 1784 55.78 -31.40 41.96
CA ASN D 1784 57.23 -31.52 42.05
C ASN D 1784 57.92 -30.61 41.04
N VAL D 1785 57.39 -30.53 39.81
CA VAL D 1785 57.98 -29.66 38.81
C VAL D 1785 57.82 -28.19 39.22
N TYR D 1786 56.69 -27.86 39.82
CA TYR D 1786 56.43 -26.49 40.26
C TYR D 1786 56.87 -26.23 41.69
N ARG D 1787 57.49 -27.21 42.36
CA ARG D 1787 57.95 -27.02 43.72
C ARG D 1787 59.05 -25.97 43.78
N VAL D 1788 58.93 -25.05 44.72
CA VAL D 1788 59.88 -23.95 44.89
C VAL D 1788 60.32 -23.91 46.35
N THR D 1789 61.62 -24.04 46.58
CA THR D 1789 62.15 -23.93 47.94
C THR D 1789 62.00 -22.50 48.44
N ILE D 1790 61.58 -22.37 49.70
CA ILE D 1790 61.31 -21.08 50.31
C ILE D 1790 62.31 -20.86 51.45
N HIS D 1791 62.98 -19.71 51.45
CA HIS D 1791 63.91 -19.38 52.51
C HIS D 1791 63.14 -18.95 53.76
N LYS D 1792 63.86 -18.90 54.88
CA LYS D 1792 63.30 -18.49 56.15
C LYS D 1792 64.12 -17.35 56.73
N THR D 1793 63.46 -16.27 57.12
CA THR D 1793 64.12 -15.11 57.70
C THR D 1793 63.17 -14.41 58.65
N PHE D 1794 63.70 -13.94 59.78
CA PHE D 1794 62.87 -13.24 60.75
C PHE D 1794 62.33 -11.94 60.19
N GLU D 1795 63.18 -11.18 59.48
CA GLU D 1795 62.78 -9.91 58.90
C GLU D 1795 62.82 -9.89 57.38
N GLY D 1796 63.78 -10.57 56.77
CA GLY D 1796 63.85 -10.59 55.32
C GLY D 1796 62.71 -11.38 54.70
N ASN D 1797 62.34 -11.00 53.48
CA ASN D 1797 61.29 -11.69 52.76
C ASN D 1797 61.74 -13.10 52.39
N LEU D 1798 60.82 -14.05 52.50
CA LEU D 1798 61.12 -15.43 52.16
C LEU D 1798 61.43 -15.56 50.68
N THR D 1799 62.52 -16.26 50.36
CA THR D 1799 62.94 -16.44 48.97
C THR D 1799 62.37 -17.76 48.46
N THR D 1800 61.16 -17.69 47.91
CA THR D 1800 60.49 -18.87 47.35
C THR D 1800 61.00 -19.16 45.93
N LYS D 1801 62.32 -19.34 45.85
CA LYS D 1801 62.95 -19.59 44.57
C LYS D 1801 62.63 -21.01 44.09
N PRO D 1802 62.50 -21.22 42.78
CA PRO D 1802 62.25 -22.58 42.28
C PRO D 1802 63.42 -23.50 42.57
N ILE D 1803 63.10 -24.79 42.73
CA ILE D 1803 64.11 -25.78 43.06
C ILE D 1803 64.63 -26.43 41.79
N ASN D 1804 63.75 -27.10 41.04
CA ASN D 1804 64.15 -27.79 39.82
C ASN D 1804 62.91 -28.07 38.99
N GLY D 1805 63.14 -28.51 37.75
CA GLY D 1805 62.07 -28.83 36.84
C GLY D 1805 61.63 -30.28 36.84
N ALA D 1806 62.29 -31.14 37.63
CA ALA D 1806 61.91 -32.54 37.69
C ALA D 1806 60.52 -32.68 38.29
N ILE D 1807 59.71 -33.57 37.70
CA ILE D 1807 58.34 -33.79 38.15
C ILE D 1807 58.23 -35.03 39.05
N PHE D 1808 59.36 -35.62 39.44
CA PHE D 1808 59.38 -36.82 40.28
C PHE D 1808 58.53 -37.94 39.67
N ILE D 1809 58.62 -38.09 38.35
CA ILE D 1809 57.83 -39.08 37.66
C ILE D 1809 58.30 -40.49 38.04
N PHE D 1810 57.36 -41.42 38.05
CA PHE D 1810 57.65 -42.80 38.41
C PHE D 1810 56.81 -43.75 37.57
N ASN D 1811 57.29 -44.97 37.42
CA ASN D 1811 56.60 -46.00 36.63
C ASN D 1811 56.97 -47.36 37.19
N PRO D 1812 56.28 -47.82 38.23
CA PRO D 1812 56.60 -49.12 38.81
C PRO D 1812 56.44 -50.28 37.83
N ARG D 1813 55.46 -50.20 36.93
CA ARG D 1813 55.27 -51.27 35.95
C ARG D 1813 56.43 -51.33 34.96
N THR D 1814 57.08 -50.19 34.70
CA THR D 1814 58.21 -50.15 33.78
C THR D 1814 59.54 -50.49 34.45
N GLY D 1815 59.55 -50.71 35.76
CA GLY D 1815 60.79 -51.05 36.44
C GLY D 1815 61.80 -49.93 36.51
N GLN D 1816 61.37 -48.68 36.36
CA GLN D 1816 62.26 -47.53 36.39
C GLN D 1816 61.44 -46.28 36.69
N LEU D 1817 62.06 -45.12 36.56
CA LEU D 1817 61.38 -43.85 36.79
C LEU D 1817 61.94 -42.81 35.81
N PHE D 1818 61.15 -41.75 35.61
CA PHE D 1818 61.51 -40.67 34.71
C PHE D 1818 61.88 -39.44 35.52
N LEU D 1819 63.02 -38.83 35.18
CA LEU D 1819 63.51 -37.63 35.84
C LEU D 1819 63.64 -36.54 34.78
N LYS D 1820 62.54 -35.81 34.55
CA LYS D 1820 62.53 -34.72 33.58
C LYS D 1820 63.15 -33.48 34.24
N ILE D 1821 64.44 -33.57 34.51
CA ILE D 1821 65.15 -32.51 35.21
C ILE D 1821 65.27 -31.29 34.30
N ILE D 1822 64.85 -30.13 34.81
CA ILE D 1822 64.95 -28.87 34.09
C ILE D 1822 65.50 -27.82 35.04
N HIS D 1823 66.00 -26.73 34.46
CA HIS D 1823 66.54 -25.64 35.25
C HIS D 1823 65.45 -25.02 36.12
N THR D 1824 65.84 -24.58 37.32
CA THR D 1824 64.89 -23.97 38.24
C THR D 1824 64.27 -22.72 37.63
N SER D 1825 65.10 -21.87 37.02
CA SER D 1825 64.58 -20.69 36.33
C SER D 1825 63.67 -21.08 35.18
N VAL D 1826 64.05 -22.11 34.42
CA VAL D 1826 63.19 -22.61 33.35
C VAL D 1826 61.92 -23.23 33.93
N TRP D 1827 62.04 -23.88 35.09
CA TRP D 1827 60.86 -24.49 35.71
C TRP D 1827 59.84 -23.45 36.11
N ALA D 1828 60.30 -22.34 36.70
CA ALA D 1828 59.41 -21.28 37.15
C ALA D 1828 60.08 -19.94 36.88
N GLY D 1829 59.51 -19.16 35.97
CA GLY D 1829 60.04 -17.86 35.64
C GLY D 1829 59.61 -16.79 36.62
N GLN D 1830 60.09 -15.58 36.37
CA GLN D 1830 59.75 -14.45 37.24
C GLN D 1830 58.29 -14.06 37.06
N LYS D 1831 57.60 -13.87 38.17
CA LYS D 1831 56.17 -13.50 38.17
C LYS D 1831 55.34 -14.51 37.38
N ARG D 1832 55.67 -15.79 37.53
CA ARG D 1832 54.98 -16.87 36.82
C ARG D 1832 53.94 -17.47 37.76
N LEU D 1833 52.67 -17.42 37.35
CA LEU D 1833 51.60 -17.98 38.15
C LEU D 1833 51.61 -19.50 38.09
N GLY D 1834 50.84 -20.12 38.98
CA GLY D 1834 50.75 -21.57 38.98
C GLY D 1834 50.14 -22.12 37.70
N GLN D 1835 49.18 -21.40 37.14
CA GLN D 1835 48.60 -21.81 35.86
C GLN D 1835 49.62 -21.75 34.74
N LEU D 1836 50.47 -20.72 34.74
CA LEU D 1836 51.52 -20.62 33.72
C LEU D 1836 52.50 -21.78 33.83
N ALA D 1837 52.87 -22.15 35.05
CA ALA D 1837 53.77 -23.29 35.24
C ALA D 1837 53.10 -24.58 34.78
N LYS D 1838 51.81 -24.74 35.05
CA LYS D 1838 51.10 -25.94 34.60
C LYS D 1838 51.04 -26.02 33.08
N TRP D 1839 50.84 -24.87 32.41
CA TRP D 1839 50.82 -24.86 30.96
C TRP D 1839 52.18 -25.27 30.39
N LYS D 1840 53.26 -24.75 30.97
CA LYS D 1840 54.59 -25.14 30.52
C LYS D 1840 54.91 -26.60 30.85
N THR D 1841 54.42 -27.09 31.99
CA THR D 1841 54.65 -28.48 32.36
C THR D 1841 53.95 -29.43 31.39
N ALA D 1842 52.77 -29.02 30.88
CA ALA D 1842 52.06 -29.86 29.93
C ALA D 1842 52.86 -30.05 28.65
N GLU D 1843 53.52 -28.98 28.17
CA GLU D 1843 54.38 -29.10 27.00
C GLU D 1843 55.53 -30.06 27.26
N GLU D 1844 56.15 -29.96 28.44
CA GLU D 1844 57.23 -30.88 28.78
C GLU D 1844 56.72 -32.30 28.97
N VAL D 1845 55.50 -32.44 29.51
CA VAL D 1845 54.92 -33.77 29.70
C VAL D 1845 54.73 -34.46 28.36
N ALA D 1846 54.19 -33.73 27.38
CA ALA D 1846 54.03 -34.30 26.05
C ALA D 1846 55.38 -34.55 25.39
N ALA D 1847 56.37 -33.70 25.70
CA ALA D 1847 57.70 -33.88 25.13
C ALA D 1847 58.33 -35.20 25.58
N LEU D 1848 58.13 -35.56 26.85
CA LEU D 1848 58.66 -36.83 27.35
C LEU D 1848 58.03 -38.01 26.62
N ILE D 1849 56.72 -37.94 26.39
CA ILE D 1849 56.05 -39.00 25.63
C ILE D 1849 56.51 -38.98 24.18
N ARG D 1850 56.74 -37.79 23.62
CA ARG D 1850 57.18 -37.70 22.24
C ARG D 1850 58.56 -38.34 22.06
N SER D 1851 59.47 -38.10 23.00
CA SER D 1851 60.80 -38.70 22.90
C SER D 1851 60.73 -40.22 23.06
N LEU D 1852 59.90 -40.70 23.97
CA LEU D 1852 59.78 -42.14 24.19
C LEU D 1852 59.08 -42.81 23.01
N PRO D 1853 59.38 -44.08 22.75
CA PRO D 1853 58.65 -44.80 21.71
C PRO D 1853 57.19 -44.98 22.07
N VAL D 1854 56.36 -45.13 21.04
CA VAL D 1854 54.91 -45.23 21.25
C VAL D 1854 54.58 -46.44 22.11
N GLU D 1855 55.21 -47.58 21.81
CA GLU D 1855 55.02 -48.76 22.65
C GLU D 1855 55.56 -48.54 24.05
N GLU D 1856 56.73 -47.92 24.16
CA GLU D 1856 57.32 -47.67 25.48
C GLU D 1856 56.58 -46.56 26.22
N GLN D 1857 55.91 -45.68 25.49
CA GLN D 1857 55.15 -44.62 26.13
C GLN D 1857 54.02 -45.21 26.97
N PRO D 1858 53.69 -44.62 28.11
CA PRO D 1858 52.64 -45.19 28.97
C PRO D 1858 51.30 -45.29 28.24
N LYS D 1859 50.76 -46.51 28.19
CA LYS D 1859 49.45 -46.71 27.59
C LYS D 1859 48.38 -45.97 28.37
N GLN D 1860 48.47 -45.97 29.70
CA GLN D 1860 47.57 -45.22 30.56
C GLN D 1860 48.40 -44.32 31.46
N ILE D 1861 48.13 -43.02 31.40
CA ILE D 1861 48.85 -42.04 32.22
C ILE D 1861 47.97 -41.77 33.44
N ILE D 1862 48.20 -42.54 34.50
CA ILE D 1862 47.41 -42.43 35.72
C ILE D 1862 48.07 -41.38 36.60
N VAL D 1863 47.49 -40.18 36.60
CA VAL D 1863 47.96 -39.07 37.42
C VAL D 1863 46.83 -38.66 38.35
N THR D 1864 47.11 -38.64 39.66
CA THR D 1864 46.09 -38.29 40.64
C THR D 1864 45.67 -36.82 40.55
N ARG D 1865 46.49 -35.98 39.91
CA ARG D 1865 46.17 -34.55 39.77
C ARG D 1865 45.11 -34.40 38.68
N LYS D 1866 43.84 -34.45 39.10
CA LYS D 1866 42.74 -34.32 38.16
C LYS D 1866 42.75 -32.96 37.48
N GLY D 1867 43.06 -31.90 38.23
CA GLY D 1867 43.15 -30.58 37.64
C GLY D 1867 44.23 -30.51 36.58
N MET D 1868 45.39 -31.11 36.83
CA MET D 1868 46.46 -31.18 35.85
C MET D 1868 46.26 -32.31 34.84
N LEU D 1869 45.33 -33.22 35.09
CA LEU D 1869 45.09 -34.30 34.14
C LEU D 1869 44.53 -33.78 32.83
N ASP D 1870 43.62 -32.80 32.89
CA ASP D 1870 43.01 -32.27 31.67
C ASP D 1870 44.04 -31.64 30.74
N PRO D 1871 44.96 -30.76 31.18
CA PRO D 1871 46.03 -30.34 30.26
C PRO D 1871 46.89 -31.50 29.79
N LEU D 1872 47.14 -32.48 30.66
CA LEU D 1872 47.84 -33.69 30.22
C LEU D 1872 47.00 -34.47 29.21
N GLU D 1873 45.69 -34.56 29.46
CA GLU D 1873 44.80 -35.17 28.47
C GLU D 1873 44.78 -34.37 27.18
N VAL D 1874 44.77 -33.03 27.29
CA VAL D 1874 44.90 -32.19 26.11
C VAL D 1874 46.23 -32.42 25.44
N HIS D 1875 47.31 -32.52 26.23
CA HIS D 1875 48.61 -32.90 25.68
C HIS D 1875 48.56 -34.31 25.12
N LEU D 1876 47.81 -35.21 25.75
CA LEU D 1876 47.68 -36.57 25.26
C LEU D 1876 47.00 -36.64 23.91
N LEU D 1877 46.25 -35.59 23.51
CA LEU D 1877 45.64 -35.57 22.20
C LEU D 1877 46.68 -35.60 21.08
N ASP D 1878 47.91 -35.18 21.36
CA ASP D 1878 48.98 -35.30 20.38
C ASP D 1878 49.31 -36.76 20.08
N PHE D 1879 48.95 -37.66 20.99
CA PHE D 1879 49.17 -39.09 20.84
C PHE D 1879 47.83 -39.81 20.95
N PRO D 1880 47.07 -39.93 19.86
CA PRO D 1880 45.76 -40.60 19.94
C PRO D 1880 45.84 -42.05 20.39
N ASN D 1881 46.91 -42.76 20.04
CA ASN D 1881 47.02 -44.17 20.43
C ASN D 1881 47.06 -44.32 21.95
N ILE D 1882 47.81 -43.45 22.63
CA ILE D 1882 47.89 -43.52 24.08
C ILE D 1882 46.60 -42.98 24.70
N VAL D 1883 46.33 -43.40 25.94
CA VAL D 1883 45.13 -43.00 26.66
C VAL D 1883 45.52 -42.47 28.03
N ILE D 1884 44.66 -41.64 28.59
CA ILE D 1884 44.84 -41.05 29.91
C ILE D 1884 43.65 -41.42 30.76
N LYS D 1885 43.91 -42.01 31.92
CA LYS D 1885 42.88 -42.42 32.86
C LYS D 1885 43.12 -41.78 34.21
N GLY D 1886 42.05 -41.34 34.87
CA GLY D 1886 42.19 -40.75 36.19
C GLY D 1886 42.72 -41.76 37.19
N SER D 1887 43.56 -41.27 38.10
CA SER D 1887 44.19 -42.11 39.12
C SER D 1887 43.59 -41.77 40.47
N GLU D 1888 42.63 -42.59 40.91
CA GLU D 1888 42.09 -42.43 42.27
C GLU D 1888 43.17 -42.67 43.31
N LEU D 1889 44.01 -43.68 43.09
CA LEU D 1889 45.16 -43.91 43.96
C LEU D 1889 46.25 -42.87 43.68
N GLN D 1890 46.78 -42.27 44.74
CA GLN D 1890 47.78 -41.22 44.62
C GLN D 1890 49.12 -41.73 45.15
N LEU D 1891 50.12 -41.72 44.29
CA LEU D 1891 51.47 -42.15 44.69
C LEU D 1891 52.09 -41.10 45.60
N PRO D 1892 52.62 -41.50 46.76
CA PRO D 1892 53.22 -40.52 47.68
C PRO D 1892 54.53 -39.97 47.15
N PHE D 1893 54.45 -39.00 46.24
CA PHE D 1893 55.66 -38.40 45.66
C PHE D 1893 56.45 -37.57 46.67
N GLN D 1894 55.88 -37.28 47.84
CA GLN D 1894 56.60 -36.54 48.86
C GLN D 1894 57.77 -37.32 49.44
N ALA D 1895 57.83 -38.63 49.18
CA ALA D 1895 58.96 -39.42 49.67
C ALA D 1895 60.27 -38.96 49.05
N CYS D 1896 60.25 -38.61 47.76
CA CYS D 1896 61.46 -38.12 47.11
C CYS D 1896 61.95 -36.83 47.76
N LEU D 1897 61.04 -35.91 48.07
CA LEU D 1897 61.43 -34.70 48.79
C LEU D 1897 61.91 -35.04 50.20
N LYS D 1898 61.24 -35.97 50.87
CA LYS D 1898 61.64 -36.36 52.21
C LYS D 1898 63.01 -37.06 52.21
N VAL D 1899 63.24 -37.93 51.23
CA VAL D 1899 64.50 -38.66 51.17
C VAL D 1899 65.63 -37.72 50.81
N GLU D 1900 66.71 -37.77 51.60
CA GLU D 1900 67.86 -36.90 51.34
C GLU D 1900 68.53 -37.24 50.01
N LYS D 1901 68.63 -38.53 49.69
CA LYS D 1901 69.27 -38.93 48.43
C LYS D 1901 68.49 -38.39 47.24
N PHE D 1902 67.16 -38.50 47.26
CA PHE D 1902 66.35 -37.89 46.22
C PHE D 1902 66.24 -36.38 46.42
N GLY D 1903 66.29 -35.92 47.68
CA GLY D 1903 66.33 -34.49 47.93
C GLY D 1903 67.59 -33.84 47.38
N ASP D 1904 68.73 -34.52 47.52
CA ASP D 1904 69.94 -34.06 46.85
C ASP D 1904 69.79 -34.16 45.34
N LEU D 1905 69.11 -35.20 44.87
CA LEU D 1905 68.82 -35.31 43.44
C LEU D 1905 67.94 -34.17 42.96
N ILE D 1906 67.07 -33.66 43.82
CA ILE D 1906 66.26 -32.49 43.46
C ILE D 1906 67.16 -31.29 43.20
N LEU D 1907 68.15 -31.08 44.07
CA LEU D 1907 69.17 -30.07 43.80
C LEU D 1907 69.99 -30.45 42.57
N LYS D 1908 70.30 -31.74 42.43
CA LYS D 1908 71.02 -32.22 41.26
C LYS D 1908 70.16 -32.18 40.00
N ALA D 1909 68.86 -31.96 40.14
CA ALA D 1909 67.96 -31.84 38.98
C ALA D 1909 67.94 -30.43 38.42
N THR D 1910 68.73 -29.51 38.97
CA THR D 1910 68.80 -28.14 38.45
C THR D 1910 69.38 -28.07 37.05
N GLU D 1911 70.04 -29.12 36.58
CA GLU D 1911 70.54 -29.14 35.21
C GLU D 1911 69.37 -29.17 34.23
N PRO D 1912 69.39 -28.32 33.21
CA PRO D 1912 68.27 -28.29 32.26
C PRO D 1912 68.08 -29.59 31.49
N GLN D 1913 69.13 -30.39 31.35
CA GLN D 1913 69.02 -31.65 30.62
C GLN D 1913 68.27 -32.69 31.43
N MET D 1914 67.59 -33.58 30.72
CA MET D 1914 66.86 -34.67 31.38
C MET D 1914 67.81 -35.64 32.06
N VAL D 1915 67.38 -36.17 33.20
CA VAL D 1915 68.18 -37.08 34.00
C VAL D 1915 67.50 -38.45 34.01
N LEU D 1916 68.26 -39.45 34.43
CA LEU D 1916 67.78 -40.82 34.53
C LEU D 1916 67.60 -41.18 36.00
N PHE D 1917 66.38 -41.55 36.37
CA PHE D 1917 66.05 -41.94 37.74
C PHE D 1917 65.82 -43.44 37.78
N ASN D 1918 66.77 -44.18 38.35
CA ASN D 1918 66.64 -45.62 38.45
C ASN D 1918 65.61 -46.00 39.51
N LEU D 1919 65.01 -47.18 39.33
CA LEU D 1919 64.02 -47.67 40.27
C LEU D 1919 64.69 -48.07 41.58
N TYR D 1920 63.87 -48.18 42.63
CA TYR D 1920 64.38 -48.55 43.94
C TYR D 1920 64.90 -49.98 43.94
N ASP D 1921 65.99 -50.21 44.67
CA ASP D 1921 66.54 -51.55 44.78
C ASP D 1921 65.64 -52.47 45.58
N ASP D 1922 64.77 -51.92 46.44
CA ASP D 1922 63.81 -52.74 47.16
C ASP D 1922 62.84 -53.42 46.20
N TRP D 1923 62.42 -52.70 45.16
CA TRP D 1923 61.56 -53.30 44.14
C TRP D 1923 62.28 -54.44 43.43
N LEU D 1924 63.55 -54.25 43.08
CA LEU D 1924 64.32 -55.33 42.47
C LEU D 1924 64.55 -56.46 43.45
N LYS D 1925 64.80 -56.13 44.72
CA LYS D 1925 65.01 -57.16 45.74
C LYS D 1925 63.75 -58.00 45.93
N THR D 1926 62.58 -57.37 45.91
CA THR D 1926 61.33 -58.10 46.06
C THR D 1926 61.12 -59.05 44.89
N ILE D 1927 60.62 -60.25 45.20
CA ILE D 1927 60.42 -61.25 44.17
C ILE D 1927 59.28 -60.86 43.24
N SER D 1928 58.17 -60.37 43.81
CA SER D 1928 56.99 -60.02 43.03
C SER D 1928 57.07 -58.57 42.60
N SER D 1929 57.13 -58.33 41.29
CA SER D 1929 57.13 -56.97 40.77
C SER D 1929 55.81 -56.27 41.02
N TYR D 1930 54.70 -57.02 41.04
CA TYR D 1930 53.41 -56.43 41.36
C TYR D 1930 53.39 -55.90 42.80
N THR D 1931 53.94 -56.66 43.74
CA THR D 1931 54.04 -56.22 45.12
C THR D 1931 55.29 -55.38 45.37
N ALA D 1932 56.18 -55.26 44.39
CA ALA D 1932 57.36 -54.42 44.55
C ALA D 1932 56.98 -52.96 44.76
N PHE D 1933 56.01 -52.47 43.99
CA PHE D 1933 55.52 -51.12 44.19
C PHE D 1933 54.85 -50.97 45.55
N SER D 1934 54.07 -51.97 45.96
CA SER D 1934 53.38 -51.90 47.25
C SER D 1934 54.38 -51.80 48.41
N ARG D 1935 55.45 -52.58 48.36
CA ARG D 1935 56.49 -52.47 49.37
C ARG D 1935 57.15 -51.10 49.35
N LEU D 1936 57.45 -50.59 48.15
CA LEU D 1936 58.03 -49.25 48.03
C LEU D 1936 57.04 -48.18 48.46
N ILE D 1937 55.77 -48.33 48.08
CA ILE D 1937 54.77 -47.32 48.43
C ILE D 1937 54.50 -47.32 49.93
N LEU D 1938 54.51 -48.49 50.55
CA LEU D 1938 54.26 -48.56 51.99
C LEU D 1938 55.32 -47.80 52.77
N ILE D 1939 56.59 -47.95 52.39
CA ILE D 1939 57.65 -47.16 53.01
C ILE D 1939 57.51 -45.69 52.60
N LEU D 1940 57.19 -45.43 51.34
CA LEU D 1940 57.04 -44.05 50.87
C LEU D 1940 55.88 -43.35 51.55
N ARG D 1941 54.75 -44.03 51.70
CA ARG D 1941 53.58 -43.42 52.32
C ARG D 1941 53.86 -43.06 53.77
N ALA D 1942 54.54 -43.94 54.51
CA ALA D 1942 54.92 -43.62 55.88
C ALA D 1942 55.91 -42.46 55.92
N LEU D 1943 56.81 -42.40 54.93
CA LEU D 1943 57.74 -41.28 54.85
C LEU D 1943 57.00 -39.96 54.65
N HIS D 1944 55.96 -39.96 53.80
CA HIS D 1944 55.17 -38.75 53.61
C HIS D 1944 54.47 -38.35 54.90
N VAL D 1945 53.94 -39.32 55.64
CA VAL D 1945 53.31 -39.02 56.92
C VAL D 1945 54.36 -38.62 57.95
N ASN D 1946 55.48 -39.34 58.01
CA ASN D 1946 56.54 -39.04 58.96
C ASN D 1946 57.85 -39.54 58.36
N ASN D 1947 58.66 -38.61 57.84
CA ASN D 1947 59.93 -39.00 57.22
C ASN D 1947 60.92 -39.47 58.26
N ASP D 1948 61.06 -38.73 59.36
CA ASP D 1948 62.02 -39.11 60.40
C ASP D 1948 61.65 -40.45 61.04
N ARG D 1949 60.36 -40.67 61.30
CA ARG D 1949 59.93 -41.94 61.87
C ARG D 1949 60.11 -43.08 60.89
N ALA D 1950 59.95 -42.80 59.59
CA ALA D 1950 60.11 -43.84 58.57
C ALA D 1950 61.54 -44.38 58.55
N LYS D 1951 62.53 -43.49 58.66
CA LYS D 1951 63.92 -43.94 58.68
C LYS D 1951 64.20 -44.84 59.88
N VAL D 1952 63.67 -44.48 61.05
CA VAL D 1952 63.80 -45.33 62.22
C VAL D 1952 63.03 -46.63 62.02
N ILE D 1953 61.82 -46.54 61.46
CA ILE D 1953 61.02 -47.74 61.21
C ILE D 1953 61.69 -48.63 60.19
N LEU D 1954 62.24 -48.05 59.12
CA LEU D 1954 62.96 -48.82 58.12
C LEU D 1954 64.20 -49.45 58.74
N LYS D 1955 64.42 -50.72 58.43
CA LYS D 1955 65.56 -51.44 58.99
C LYS D 1955 66.86 -50.84 58.47
N PRO D 1956 67.85 -50.60 59.34
CA PRO D 1956 69.14 -50.10 58.86
C PRO D 1956 69.81 -51.02 57.87
N ASP D 1957 69.64 -52.33 58.02
CA ASP D 1957 70.19 -53.26 57.02
C ASP D 1957 69.55 -53.04 55.66
N LYS D 1958 68.22 -52.85 55.63
CA LYS D 1958 67.55 -52.50 54.38
C LYS D 1958 67.90 -51.08 53.95
N THR D 1959 68.08 -50.17 54.92
CA THR D 1959 68.42 -48.79 54.58
C THR D 1959 69.84 -48.68 54.03
N THR D 1960 70.78 -49.39 54.65
CA THR D 1960 72.17 -49.39 54.19
C THR D 1960 72.44 -50.52 53.21
N ILE D 1961 71.59 -50.61 52.17
CA ILE D 1961 71.75 -51.62 51.13
C ILE D 1961 71.69 -50.93 49.77
N THR D 1962 72.02 -49.63 49.75
CA THR D 1962 71.96 -48.87 48.52
C THR D 1962 72.98 -49.41 47.51
N GLU D 1963 72.52 -49.58 46.27
CA GLU D 1963 73.33 -50.06 45.17
C GLU D 1963 73.55 -48.96 44.15
N PRO D 1964 74.65 -49.00 43.40
CA PRO D 1964 74.88 -47.98 42.36
C PRO D 1964 73.84 -47.99 41.27
N HIS D 1965 73.08 -49.08 41.10
CA HIS D 1965 72.06 -49.18 40.09
C HIS D 1965 70.69 -48.69 40.55
N HIS D 1966 70.59 -48.19 41.79
CA HIS D 1966 69.31 -47.75 42.34
C HIS D 1966 69.50 -46.54 43.22
N ILE D 1967 68.59 -45.57 43.09
CA ILE D 1967 68.62 -44.40 43.97
C ILE D 1967 68.27 -44.79 45.40
N TRP D 1968 67.28 -45.66 45.57
CA TRP D 1968 66.84 -46.12 46.88
C TRP D 1968 67.42 -47.50 47.19
N PRO D 1969 67.69 -47.79 48.47
CA PRO D 1969 68.31 -49.07 48.82
C PRO D 1969 67.39 -50.27 48.62
N THR D 1970 67.88 -51.45 48.97
CA THR D 1970 67.15 -52.69 48.75
C THR D 1970 66.35 -53.08 49.99
N LEU D 1971 65.68 -54.22 49.92
CA LEU D 1971 64.85 -54.74 51.01
C LEU D 1971 65.20 -56.19 51.27
N THR D 1972 65.13 -56.59 52.53
CA THR D 1972 65.47 -57.96 52.93
C THR D 1972 64.23 -58.86 52.93
N ASP D 1973 63.50 -58.86 51.82
CA ASP D 1973 62.32 -59.68 51.62
C ASP D 1973 61.32 -59.56 52.78
N GLU D 1974 61.15 -60.65 53.52
CA GLU D 1974 60.17 -60.65 54.62
C GLU D 1974 60.62 -59.75 55.77
N GLU D 1975 61.94 -59.63 55.98
CA GLU D 1975 62.45 -58.80 57.06
C GLU D 1975 62.06 -57.34 56.85
N TRP D 1976 62.01 -56.89 55.60
CA TRP D 1976 61.59 -55.52 55.32
C TRP D 1976 60.14 -55.30 55.72
N ILE D 1977 59.28 -56.32 55.50
CA ILE D 1977 57.88 -56.20 55.87
C ILE D 1977 57.74 -55.99 57.38
N LYS D 1978 58.57 -56.69 58.16
CA LYS D 1978 58.59 -56.46 59.60
C LYS D 1978 59.02 -55.02 59.92
N VAL D 1979 60.03 -54.52 59.22
CA VAL D 1979 60.41 -53.12 59.35
C VAL D 1979 59.29 -52.23 58.83
N GLU D 1980 58.71 -52.58 57.68
CA GLU D 1980 57.59 -51.83 57.15
C GLU D 1980 56.36 -51.90 58.04
N VAL D 1981 56.25 -52.94 58.87
CA VAL D 1981 55.14 -53.01 59.83
C VAL D 1981 55.22 -51.85 60.80
N GLN D 1982 56.42 -51.52 61.27
CA GLN D 1982 56.60 -50.32 62.10
C GLN D 1982 56.25 -49.06 61.30
N LEU D 1983 56.65 -49.02 60.03
CA LEU D 1983 56.23 -47.93 59.16
C LEU D 1983 54.72 -47.95 58.98
N LYS D 1984 54.14 -49.13 58.82
CA LYS D 1984 52.68 -49.25 58.81
C LYS D 1984 52.10 -48.86 60.15
N ASP D 1985 52.75 -49.25 61.25
CA ASP D 1985 52.31 -48.82 62.57
C ASP D 1985 52.42 -47.32 62.73
N LEU D 1986 53.39 -46.69 62.08
CA LEU D 1986 53.49 -45.23 62.11
C LEU D 1986 52.24 -44.59 61.52
N ILE D 1987 51.77 -45.11 60.39
CA ILE D 1987 50.48 -44.66 59.86
C ILE D 1987 49.35 -45.07 60.79
N LEU D 1988 49.43 -46.28 61.35
CA LEU D 1988 48.42 -46.73 62.31
C LEU D 1988 48.42 -45.84 63.56
N ALA D 1989 49.60 -45.46 64.04
CA ALA D 1989 49.68 -44.52 65.16
C ALA D 1989 49.05 -43.19 64.79
N ASP D 1990 49.33 -42.71 63.57
CA ASP D 1990 48.65 -41.51 63.08
C ASP D 1990 47.15 -41.76 62.94
N TYR D 1991 46.77 -42.92 62.41
CA TYR D 1991 45.35 -43.27 62.32
C TYR D 1991 44.74 -43.45 63.70
N GLY D 1992 45.47 -44.09 64.62
CA GLY D 1992 44.95 -44.27 65.97
C GLY D 1992 44.79 -42.97 66.72
N LYS D 1993 45.76 -42.06 66.56
CA LYS D 1993 45.70 -40.80 67.30
C LYS D 1993 44.72 -39.83 66.65
N LYS D 1994 44.80 -39.64 65.35
CA LYS D 1994 43.96 -38.66 64.66
C LYS D 1994 42.55 -39.20 64.45
N ASN D 1995 42.43 -40.28 63.69
CA ASN D 1995 41.12 -40.87 63.45
C ASN D 1995 40.59 -41.56 64.70
N ASN D 1996 39.27 -41.66 64.78
CA ASN D 1996 38.64 -42.29 65.95
C ASN D 1996 39.04 -43.75 66.07
N VAL D 1997 39.18 -44.44 64.94
CA VAL D 1997 39.59 -45.85 64.97
C VAL D 1997 41.00 -45.97 65.54
N ASN D 1998 41.20 -46.97 66.38
CA ASN D 1998 42.48 -47.19 67.03
C ASN D 1998 43.53 -47.62 65.99
N VAL D 1999 44.78 -47.72 66.46
CA VAL D 1999 45.86 -48.12 65.57
C VAL D 1999 45.62 -49.54 65.04
N ALA D 2000 45.22 -50.45 65.92
CA ALA D 2000 44.88 -51.80 65.49
C ALA D 2000 43.60 -51.83 64.67
N SER D 2001 42.69 -50.88 64.91
CA SER D 2001 41.44 -50.84 64.17
C SER D 2001 41.67 -50.53 62.70
N LEU D 2002 42.77 -49.85 62.36
CA LEU D 2002 43.08 -49.54 60.98
C LEU D 2002 43.38 -50.82 60.22
N THR D 2003 42.47 -51.22 59.33
CA THR D 2003 42.62 -52.46 58.60
C THR D 2003 43.76 -52.36 57.58
N GLN D 2004 44.43 -53.49 57.36
CA GLN D 2004 45.54 -53.52 56.41
C GLN D 2004 45.04 -53.24 55.00
N SER D 2005 43.85 -53.73 54.65
CA SER D 2005 43.29 -53.45 53.33
C SER D 2005 43.07 -51.96 53.13
N GLU D 2006 42.53 -51.28 54.15
CA GLU D 2006 42.40 -49.83 54.07
C GLU D 2006 43.77 -49.16 54.15
N ILE D 2007 44.68 -49.70 54.95
CA ILE D 2007 46.03 -49.14 55.05
C ILE D 2007 46.75 -49.23 53.72
N ARG D 2008 46.62 -50.37 53.03
CA ARG D 2008 47.22 -50.52 51.71
C ARG D 2008 46.64 -49.51 50.73
N ASP D 2009 45.32 -49.32 50.77
CA ASP D 2009 44.70 -48.28 49.96
C ASP D 2009 45.17 -46.90 50.38
N ILE D 2010 45.30 -46.67 51.69
CA ILE D 2010 45.83 -45.40 52.18
C ILE D 2010 47.29 -45.24 51.79
N ILE D 2011 48.04 -46.34 51.78
CA ILE D 2011 49.43 -46.29 51.34
C ILE D 2011 49.51 -45.90 49.87
N LEU D 2012 48.63 -46.45 49.05
CA LEU D 2012 48.55 -46.08 47.64
C LEU D 2012 47.68 -44.86 47.40
N GLY D 2013 47.10 -44.28 48.45
CA GLY D 2013 46.28 -43.10 48.31
C GLY D 2013 45.01 -43.30 47.51
N MET D 2014 44.36 -44.45 47.67
CA MET D 2014 43.13 -44.72 46.93
C MET D 2014 42.02 -43.74 47.32
N GLU D 2015 41.91 -43.44 48.61
CA GLU D 2015 40.91 -42.48 49.06
C GLU D 2015 41.21 -41.09 48.53
N ILE D 2016 40.15 -40.32 48.28
CA ILE D 2016 40.29 -38.97 47.76
C ILE D 2016 40.91 -38.04 48.79
N GLU E 369 64.13 -55.89 -12.42
CA GLU E 369 63.01 -56.26 -13.26
C GLU E 369 62.73 -55.20 -14.32
N ASP E 370 63.55 -54.14 -14.32
CA ASP E 370 63.41 -53.04 -15.26
C ASP E 370 64.78 -52.77 -15.89
N PRO E 371 65.17 -53.58 -16.88
CA PRO E 371 66.45 -53.33 -17.56
C PRO E 371 66.51 -51.99 -18.26
N SER E 372 65.37 -51.50 -18.76
CA SER E 372 65.36 -50.20 -19.43
C SER E 372 65.69 -49.07 -18.46
N LEU E 373 65.23 -49.18 -17.21
CA LEU E 373 65.53 -48.18 -16.20
C LEU E 373 67.03 -48.09 -15.95
N LEU E 374 67.73 -49.23 -16.02
CA LEU E 374 69.19 -49.22 -15.88
C LEU E 374 69.84 -48.42 -17.01
N GLU E 375 69.34 -48.59 -18.24
CA GLU E 375 69.83 -47.78 -19.34
C GLU E 375 69.46 -46.31 -19.15
N TRP E 376 68.34 -46.04 -18.48
CA TRP E 376 67.93 -44.67 -18.20
C TRP E 376 68.64 -44.08 -16.98
N ASP E 377 69.43 -44.87 -16.26
CA ASP E 377 70.13 -44.40 -15.08
C ASP E 377 71.31 -43.49 -15.41
N ALA E 378 71.66 -43.33 -16.68
CA ALA E 378 72.79 -42.48 -17.05
C ALA E 378 72.56 -41.04 -16.62
N ASP E 379 71.35 -40.53 -16.84
CA ASP E 379 71.02 -39.17 -16.42
C ASP E 379 70.59 -39.18 -14.97
N ASP E 380 71.33 -38.46 -14.12
CA ASP E 380 71.07 -38.50 -12.68
C ASP E 380 69.82 -37.69 -12.32
N PHE E 381 69.65 -36.52 -12.92
CA PHE E 381 68.58 -35.60 -12.52
C PHE E 381 67.25 -36.10 -13.09
N ARG E 382 66.59 -36.96 -12.34
CA ARG E 382 65.33 -37.57 -12.79
C ARG E 382 64.17 -36.97 -12.01
N ILE E 383 63.15 -36.51 -12.73
CA ILE E 383 61.97 -35.86 -12.16
C ILE E 383 60.76 -36.75 -12.44
N PHE E 384 59.82 -36.77 -11.50
CA PHE E 384 58.60 -37.56 -11.62
C PHE E 384 57.47 -36.62 -11.99
N CYS E 385 56.92 -36.82 -13.19
CA CYS E 385 55.78 -36.05 -13.67
C CYS E 385 54.49 -36.80 -13.34
N GLY E 386 53.53 -36.08 -12.74
CA GLY E 386 52.29 -36.67 -12.32
C GLY E 386 51.10 -35.85 -12.78
N ASP E 387 49.92 -36.46 -12.64
CA ASP E 387 48.66 -35.90 -13.13
C ASP E 387 48.70 -35.74 -14.65
N LEU E 388 48.89 -36.87 -15.33
CA LEU E 388 48.95 -36.93 -16.78
C LEU E 388 47.66 -37.55 -17.31
N GLY E 389 47.04 -36.88 -18.29
CA GLY E 389 45.92 -37.50 -18.98
C GLY E 389 46.39 -38.70 -19.78
N ASN E 390 45.48 -39.68 -19.92
CA ASN E 390 45.83 -40.90 -20.65
C ASN E 390 46.20 -40.58 -22.09
N GLU E 391 45.40 -39.75 -22.76
CA GLU E 391 45.73 -39.32 -24.11
C GLU E 391 46.55 -38.04 -24.14
N VAL E 392 46.54 -37.27 -23.05
CA VAL E 392 47.26 -36.01 -23.01
C VAL E 392 48.76 -36.23 -23.07
N ASN E 393 49.27 -37.21 -22.32
CA ASN E 393 50.70 -37.48 -22.31
C ASN E 393 51.13 -38.15 -23.61
N ASP E 394 52.22 -37.66 -24.19
CA ASP E 394 52.72 -38.20 -25.45
C ASP E 394 54.18 -37.80 -25.60
N ASP E 395 54.83 -38.41 -26.60
CA ASP E 395 56.22 -38.08 -26.88
C ASP E 395 56.37 -36.63 -27.32
N ILE E 396 55.41 -36.13 -28.10
CA ILE E 396 55.44 -34.73 -28.53
C ILE E 396 55.30 -33.80 -27.33
N LEU E 397 54.48 -34.18 -26.35
CA LEU E 397 54.35 -33.38 -25.14
C LEU E 397 55.66 -33.33 -24.37
N ALA E 398 56.36 -34.47 -24.28
CA ALA E 398 57.67 -34.48 -23.63
C ALA E 398 58.68 -33.62 -24.39
N ARG E 399 58.65 -33.69 -25.72
CA ARG E 399 59.54 -32.85 -26.52
C ARG E 399 59.27 -31.37 -26.29
N ALA E 400 57.99 -30.98 -26.23
CA ALA E 400 57.65 -29.60 -25.89
C ALA E 400 58.10 -29.25 -24.48
N PHE E 401 58.10 -30.24 -23.58
CA PHE E 401 58.61 -30.03 -22.22
C PHE E 401 60.13 -30.08 -22.15
N SER E 402 60.81 -30.51 -23.22
CA SER E 402 62.26 -30.61 -23.24
C SER E 402 62.86 -29.24 -23.56
N ARG E 403 62.76 -28.33 -22.58
CA ARG E 403 63.29 -26.99 -22.77
C ARG E 403 64.82 -27.00 -22.75
N PHE E 404 65.42 -27.71 -21.79
CA PHE E 404 66.87 -27.76 -21.70
C PHE E 404 67.46 -28.62 -22.81
N PRO E 405 68.66 -28.28 -23.29
CA PRO E 405 69.24 -29.04 -24.42
C PRO E 405 69.57 -30.48 -24.09
N SER E 406 69.71 -30.83 -22.82
CA SER E 406 70.11 -32.20 -22.46
C SER E 406 69.04 -33.19 -22.86
N PHE E 407 69.48 -34.44 -23.09
CA PHE E 407 68.58 -35.49 -23.53
C PHE E 407 67.54 -35.79 -22.45
N LEU E 408 66.29 -35.93 -22.87
CA LEU E 408 65.17 -36.17 -21.97
C LEU E 408 64.80 -37.64 -21.98
N LYS E 409 63.73 -37.99 -21.25
CA LYS E 409 63.17 -39.33 -21.25
C LYS E 409 61.65 -39.22 -21.20
N ALA E 410 60.99 -39.78 -22.21
CA ALA E 410 59.55 -39.70 -22.33
C ALA E 410 58.83 -40.92 -21.78
N LYS E 411 59.53 -41.79 -21.06
CA LYS E 411 58.93 -43.01 -20.55
C LYS E 411 57.89 -42.69 -19.49
N VAL E 412 56.71 -43.29 -19.62
CA VAL E 412 55.62 -43.15 -18.66
C VAL E 412 54.97 -44.51 -18.48
N ILE E 413 54.63 -44.84 -17.24
CA ILE E 413 54.01 -46.13 -16.96
C ILE E 413 52.64 -46.19 -17.63
N ARG E 414 52.35 -47.32 -18.25
CA ARG E 414 51.11 -47.48 -19.01
C ARG E 414 50.68 -48.93 -18.98
N ASP E 415 49.41 -49.16 -19.33
CA ASP E 415 48.86 -50.51 -19.35
C ASP E 415 49.58 -51.36 -20.39
N LYS E 416 49.75 -52.65 -20.08
CA LYS E 416 50.46 -53.54 -20.98
C LYS E 416 49.71 -53.73 -22.29
N ARG E 417 48.39 -53.88 -22.23
CA ARG E 417 47.59 -54.16 -23.42
C ARG E 417 47.05 -52.89 -24.06
N THR E 418 46.23 -52.14 -23.31
CA THR E 418 45.57 -50.96 -23.85
C THR E 418 46.50 -49.76 -23.97
N GLY E 419 47.61 -49.75 -23.23
CA GLY E 419 48.52 -48.62 -23.28
C GLY E 419 48.06 -47.39 -22.54
N LYS E 420 46.95 -47.48 -21.78
CA LYS E 420 46.44 -46.34 -21.02
C LYS E 420 47.42 -46.00 -19.91
N THR E 421 48.07 -44.84 -20.01
CA THR E 421 49.02 -44.42 -18.99
C THR E 421 48.31 -44.19 -17.66
N LYS E 422 49.01 -44.53 -16.58
CA LYS E 422 48.48 -44.34 -15.24
C LYS E 422 48.61 -42.90 -14.74
N GLY E 423 49.28 -42.04 -15.51
CA GLY E 423 49.48 -40.66 -15.12
C GLY E 423 50.83 -40.34 -14.53
N TYR E 424 51.74 -41.32 -14.45
CA TYR E 424 53.06 -41.13 -13.88
C TYR E 424 54.11 -41.36 -14.96
N GLY E 425 54.98 -40.37 -15.14
CA GLY E 425 56.11 -40.52 -16.04
C GLY E 425 57.38 -40.05 -15.36
N PHE E 426 58.52 -40.35 -15.99
CA PHE E 426 59.82 -39.98 -15.48
C PHE E 426 60.63 -39.32 -16.58
N VAL E 427 61.20 -38.16 -16.29
CA VAL E 427 62.01 -37.41 -17.24
C VAL E 427 63.41 -37.27 -16.66
N SER E 428 64.40 -37.77 -17.39
CA SER E 428 65.78 -37.81 -16.92
C SER E 428 66.62 -36.80 -17.69
N PHE E 429 67.40 -35.99 -16.96
CA PHE E 429 68.31 -35.02 -17.53
C PHE E 429 69.67 -35.17 -16.85
N LYS E 430 70.72 -34.90 -17.62
CA LYS E 430 72.09 -34.98 -17.10
C LYS E 430 72.54 -33.70 -16.43
N ASP E 431 71.70 -32.66 -16.40
CA ASP E 431 72.08 -31.37 -15.84
C ASP E 431 71.25 -31.08 -14.59
N PRO E 432 71.82 -31.22 -13.39
CA PRO E 432 71.05 -30.87 -12.18
C PRO E 432 70.61 -29.41 -12.13
N SER E 433 71.36 -28.50 -12.75
CA SER E 433 70.92 -27.12 -12.84
C SER E 433 69.64 -27.00 -13.67
N ASP E 434 69.58 -27.73 -14.79
CA ASP E 434 68.34 -27.80 -15.56
C ASP E 434 67.23 -28.44 -14.75
N TYR E 435 67.57 -29.43 -13.93
CA TYR E 435 66.59 -30.03 -13.02
C TYR E 435 65.97 -28.98 -12.10
N VAL E 436 66.82 -28.19 -11.44
CA VAL E 436 66.32 -27.17 -10.52
C VAL E 436 65.51 -26.13 -11.27
N ARG E 437 65.98 -25.72 -12.45
CA ARG E 437 65.26 -24.72 -13.23
C ARG E 437 63.88 -25.22 -13.63
N ALA E 438 63.80 -26.47 -14.10
CA ALA E 438 62.52 -27.03 -14.53
C ALA E 438 61.62 -27.36 -13.36
N MET E 439 62.17 -27.50 -12.14
CA MET E 439 61.33 -27.78 -10.98
C MET E 439 60.30 -26.68 -10.77
N ARG E 440 60.69 -25.42 -10.97
CA ARG E 440 59.77 -24.30 -10.87
C ARG E 440 59.37 -23.74 -12.23
N GLU E 441 60.00 -24.18 -13.31
CA GLU E 441 59.66 -23.67 -14.64
C GLU E 441 58.34 -24.25 -15.13
N MET E 442 58.12 -25.54 -14.93
CA MET E 442 56.95 -26.23 -15.46
C MET E 442 56.12 -26.86 -14.34
N ASN E 443 55.87 -26.09 -13.29
CA ASN E 443 55.03 -26.53 -12.19
C ASN E 443 53.64 -25.90 -12.36
N GLY E 444 52.68 -26.72 -12.79
CA GLY E 444 51.32 -26.27 -12.98
C GLY E 444 50.96 -25.87 -14.39
N LYS E 445 51.93 -25.69 -15.28
CA LYS E 445 51.68 -25.33 -16.66
C LYS E 445 52.12 -26.47 -17.56
N TYR E 446 51.18 -26.99 -18.37
CA TYR E 446 51.49 -28.04 -19.32
C TYR E 446 50.60 -27.86 -20.54
N VAL E 447 51.12 -28.26 -21.70
CA VAL E 447 50.45 -27.97 -22.97
C VAL E 447 49.08 -28.62 -23.04
N GLY E 448 49.00 -29.89 -22.65
CA GLY E 448 47.76 -30.63 -22.77
C GLY E 448 46.74 -30.24 -21.73
N SER E 449 45.69 -31.07 -21.64
CA SER E 449 44.55 -30.75 -20.78
C SER E 449 44.93 -30.81 -19.30
N ARG E 450 45.38 -31.98 -18.84
CA ARG E 450 45.62 -32.17 -17.42
C ARG E 450 46.87 -31.40 -16.99
N PRO E 451 46.75 -30.50 -16.01
CA PRO E 451 47.94 -29.78 -15.54
C PRO E 451 48.97 -30.72 -14.94
N ILE E 452 50.23 -30.35 -15.07
CA ILE E 452 51.35 -31.21 -14.72
C ILE E 452 51.76 -30.96 -13.27
N LYS E 453 52.19 -32.01 -12.58
CA LYS E 453 52.81 -31.90 -11.28
C LYS E 453 54.22 -32.48 -11.34
N LEU E 454 55.15 -31.85 -10.64
CA LEU E 454 56.54 -32.28 -10.63
C LEU E 454 56.96 -32.66 -9.21
N ARG E 455 57.63 -33.80 -9.08
CA ARG E 455 58.09 -34.27 -7.78
C ARG E 455 59.52 -34.79 -7.91
N LYS E 456 60.29 -34.62 -6.84
CA LYS E 456 61.63 -35.19 -6.80
C LYS E 456 61.54 -36.71 -6.79
N SER E 457 62.13 -37.34 -7.80
CA SER E 457 62.01 -38.78 -7.98
C SER E 457 62.70 -39.50 -6.84
N MET E 458 61.91 -40.11 -5.95
CA MET E 458 62.43 -40.94 -4.87
C MET E 458 62.68 -42.38 -5.32
N TRP E 459 62.87 -42.59 -6.62
CA TRP E 459 63.02 -43.93 -7.16
C TRP E 459 64.22 -44.64 -6.54
N LYS E 460 64.05 -45.93 -6.27
CA LYS E 460 65.10 -46.76 -5.68
C LYS E 460 65.20 -48.06 -6.47
N ASP E 461 66.42 -48.58 -6.55
CA ASP E 461 66.65 -49.88 -7.13
C ASP E 461 66.69 -50.95 -6.04
N ARG E 462 66.72 -52.22 -6.47
CA ARG E 462 66.71 -53.32 -5.52
C ARG E 462 67.94 -53.31 -4.62
N ASN E 463 69.10 -52.93 -5.16
CA ASN E 463 70.30 -52.84 -4.33
C ASN E 463 70.14 -51.78 -3.25
N LEU E 464 69.57 -50.62 -3.59
CA LEU E 464 69.32 -49.59 -2.59
C LEU E 464 68.33 -50.08 -1.54
N ASP E 465 67.31 -50.84 -1.96
CA ASP E 465 66.35 -51.39 -1.02
C ASP E 465 67.02 -52.35 -0.06
N VAL E 466 67.91 -53.22 -0.56
CA VAL E 466 68.62 -54.15 0.30
C VAL E 466 69.53 -53.40 1.28
N VAL E 467 70.20 -52.36 0.79
CA VAL E 467 71.08 -51.56 1.65
C VAL E 467 70.26 -50.89 2.76
N ARG E 468 69.10 -50.33 2.40
CA ARG E 468 68.25 -49.69 3.39
C ARG E 468 67.73 -50.70 4.40
N LYS E 469 67.36 -51.90 3.95
CA LYS E 469 66.91 -52.93 4.87
C LYS E 469 68.02 -53.33 5.84
N LYS E 470 69.26 -53.44 5.33
CA LYS E 470 70.38 -53.77 6.20
C LYS E 470 70.65 -52.66 7.21
N GLN E 471 70.56 -51.40 6.77
CA GLN E 471 70.88 -50.27 7.64
C GLN E 471 69.71 -49.86 8.53
N LYS E 472 68.53 -50.46 8.36
CA LYS E 472 67.38 -50.10 9.18
C LYS E 472 67.59 -50.42 10.66
N GLU E 473 68.59 -51.22 11.00
CA GLU E 473 68.84 -51.55 12.40
C GLU E 473 69.17 -50.30 13.21
N LYS E 474 69.99 -49.41 12.65
CA LYS E 474 70.35 -48.17 13.32
C LYS E 474 70.64 -47.07 12.31
N ARG F 100 -25.29 66.24 18.59
CA ARG F 100 -26.25 66.15 19.68
C ARG F 100 -26.56 64.70 20.04
N ARG F 101 -27.56 64.13 19.37
CA ARG F 101 -27.94 62.75 19.63
C ARG F 101 -26.87 61.76 19.18
N SER F 102 -25.99 62.17 18.25
CA SER F 102 -24.95 61.26 17.78
C SER F 102 -24.01 60.84 18.88
N ARG F 103 -23.81 61.70 19.89
CA ARG F 103 -22.96 61.39 21.03
C ARG F 103 -23.69 61.41 22.36
N HIS F 104 -24.99 61.71 22.37
CA HIS F 104 -25.73 61.77 23.63
C HIS F 104 -25.81 60.41 24.30
N CYS F 105 -25.84 59.35 23.50
CA CYS F 105 -25.95 58.00 24.04
C CYS F 105 -24.66 57.61 24.75
N PRO F 106 -24.72 57.18 26.02
CA PRO F 106 -23.50 56.71 26.69
C PRO F 106 -22.92 55.44 26.07
N TYR F 107 -23.70 54.72 25.28
CA TYR F 107 -23.19 53.49 24.65
C TYR F 107 -22.04 53.79 23.70
N LEU F 108 -22.04 54.98 23.08
CA LEU F 108 -20.95 55.34 22.19
C LEU F 108 -19.62 55.41 22.96
N ASP F 109 -19.63 56.00 24.14
CA ASP F 109 -18.46 55.95 25.00
C ASP F 109 -18.20 54.51 25.46
N THR F 110 -19.25 53.77 25.77
CA THR F 110 -19.10 52.36 26.15
C THR F 110 -18.65 51.49 24.98
N ILE F 111 -18.83 51.95 23.75
CA ILE F 111 -18.40 51.21 22.58
C ILE F 111 -16.94 51.56 22.31
N ASN F 112 -16.05 50.59 22.49
CA ASN F 112 -14.62 50.77 22.26
C ASN F 112 -14.13 49.78 21.22
N ARG F 113 -13.06 50.16 20.53
CA ARG F 113 -12.47 49.31 19.48
C ARG F 113 -11.67 48.18 20.14
N SER F 114 -12.41 47.23 20.72
CA SER F 114 -11.76 46.08 21.34
C SER F 114 -11.03 45.24 20.30
N VAL F 115 -11.64 45.02 19.15
CA VAL F 115 -11.03 44.26 18.07
C VAL F 115 -11.28 45.01 16.76
N LEU F 116 -10.23 45.17 15.96
CA LEU F 116 -10.30 45.84 14.66
C LEU F 116 -10.22 44.77 13.58
N ASP F 117 -11.38 44.30 13.14
CA ASP F 117 -11.47 43.25 12.13
C ASP F 117 -11.75 43.79 10.74
N PHE F 118 -11.60 45.09 10.52
CA PHE F 118 -11.85 45.67 9.20
C PHE F 118 -10.85 45.18 8.16
N ASP F 119 -9.73 44.59 8.59
CA ASP F 119 -8.77 44.04 7.64
C ASP F 119 -9.38 42.90 6.84
N PHE F 120 -10.18 42.05 7.48
CA PHE F 120 -10.86 40.97 6.78
C PHE F 120 -11.94 41.53 5.86
N GLU F 121 -12.42 40.67 4.97
CA GLU F 121 -13.43 41.08 4.01
C GLU F 121 -14.72 41.48 4.72
N LYS F 122 -15.32 42.57 4.24
CA LYS F 122 -16.55 43.09 4.83
C LYS F 122 -17.73 42.26 4.34
N LEU F 123 -18.31 41.47 5.23
CA LEU F 123 -19.45 40.62 4.89
C LEU F 123 -20.32 40.43 6.12
N CYS F 124 -21.57 40.07 5.88
CA CYS F 124 -22.52 39.88 6.97
C CYS F 124 -22.14 38.67 7.81
N SER F 125 -22.25 38.83 9.14
CA SER F 125 -21.99 37.72 10.05
C SER F 125 -23.16 36.75 10.12
N ILE F 126 -24.35 37.16 9.70
CA ILE F 126 -25.52 36.29 9.74
C ILE F 126 -26.25 36.18 8.40
N SER F 127 -26.09 37.13 7.48
CA SER F 127 -26.80 37.10 6.22
C SER F 127 -25.93 36.72 5.03
N LEU F 128 -24.60 36.71 5.20
CA LEU F 128 -23.66 36.39 4.12
C LEU F 128 -23.88 37.29 2.91
N SER F 129 -24.14 38.56 3.16
CA SER F 129 -24.39 39.53 2.10
C SER F 129 -23.56 40.79 2.34
N HIS F 130 -23.04 41.37 1.26
CA HIS F 130 -22.21 42.56 1.36
C HIS F 130 -23.01 43.86 1.23
N ILE F 131 -24.33 43.78 1.04
CA ILE F 131 -25.15 44.96 0.89
C ILE F 131 -25.68 45.39 2.25
N ASN F 132 -25.48 46.68 2.58
CA ASN F 132 -25.95 47.26 3.84
C ASN F 132 -25.42 46.48 5.04
N ALA F 133 -24.12 46.16 5.02
CA ALA F 133 -23.49 45.39 6.08
C ALA F 133 -22.97 46.36 7.13
N TYR F 134 -23.79 46.62 8.15
CA TYR F 134 -23.40 47.50 9.24
C TYR F 134 -22.60 46.71 10.27
N ALA F 135 -21.54 47.34 10.78
CA ALA F 135 -20.62 46.69 11.71
C ALA F 135 -20.97 47.07 13.15
N CYS F 136 -20.81 46.12 14.05
CA CYS F 136 -21.06 46.36 15.46
C CYS F 136 -19.94 47.22 16.03
N LEU F 137 -20.28 48.43 16.49
CA LEU F 137 -19.27 49.34 17.01
C LEU F 137 -18.62 48.81 18.28
N VAL F 138 -19.37 48.07 19.09
CA VAL F 138 -18.87 47.52 20.35
C VAL F 138 -18.58 46.02 20.23
N CYS F 139 -19.54 45.26 19.71
CA CYS F 139 -19.35 43.82 19.59
C CYS F 139 -18.25 43.49 18.58
N GLY F 140 -18.20 44.21 17.46
CA GLY F 140 -17.20 43.99 16.45
C GLY F 140 -17.59 43.04 15.33
N LYS F 141 -18.88 42.74 15.18
CA LYS F 141 -19.36 41.85 14.13
C LYS F 141 -20.20 42.62 13.14
N TYR F 142 -19.97 42.36 11.85
CA TYR F 142 -20.67 43.05 10.77
C TYR F 142 -21.80 42.16 10.26
N PHE F 143 -23.03 42.69 10.28
CA PHE F 143 -24.20 41.98 9.80
C PHE F 143 -24.94 42.86 8.80
N GLN F 144 -25.60 42.21 7.83
CA GLN F 144 -26.28 42.93 6.77
C GLN F 144 -27.64 43.47 7.18
N GLY F 145 -28.11 43.18 8.38
CA GLY F 145 -29.42 43.62 8.81
C GLY F 145 -29.46 45.12 9.06
N ARG F 146 -30.67 45.60 9.32
CA ARG F 146 -30.93 46.99 9.65
C ARG F 146 -31.22 47.13 11.15
N GLY F 147 -31.34 48.40 11.57
CA GLY F 147 -31.51 48.69 12.99
C GLY F 147 -32.84 48.25 13.57
N LEU F 148 -33.84 48.01 12.72
CA LEU F 148 -35.17 47.63 13.17
C LEU F 148 -35.62 46.38 12.42
N LYS F 149 -35.99 45.34 13.17
CA LYS F 149 -36.57 44.12 12.63
C LYS F 149 -35.69 43.50 11.53
N SER F 150 -34.45 43.21 11.91
CA SER F 150 -33.50 42.59 11.00
C SER F 150 -32.33 42.03 11.81
N HIS F 151 -31.29 41.59 11.12
CA HIS F 151 -30.14 40.98 11.79
C HIS F 151 -29.43 41.97 12.70
N ALA F 152 -29.22 43.19 12.22
CA ALA F 152 -28.57 44.19 13.06
C ALA F 152 -29.41 44.57 14.26
N TYR F 153 -30.75 44.59 14.10
CA TYR F 153 -31.62 44.83 15.25
C TYR F 153 -31.46 43.74 16.29
N ILE F 154 -31.39 42.48 15.85
CA ILE F 154 -31.20 41.37 16.76
C ILE F 154 -29.85 41.48 17.47
N HIS F 155 -28.80 41.83 16.72
CA HIS F 155 -27.48 41.99 17.33
C HIS F 155 -27.47 43.10 18.37
N SER F 156 -28.11 44.23 18.05
CA SER F 156 -28.18 45.34 18.99
C SER F 156 -28.97 44.97 20.24
N VAL F 157 -30.07 44.23 20.08
CA VAL F 157 -30.88 43.85 21.22
C VAL F 157 -30.25 42.71 22.03
N GLN F 158 -29.30 41.99 21.45
CA GLN F 158 -28.60 40.92 22.15
C GLN F 158 -27.26 41.37 22.72
N PHE F 159 -26.38 41.92 21.89
CA PHE F 159 -25.10 42.41 22.34
C PHE F 159 -25.20 43.68 23.17
N SER F 160 -26.39 44.30 23.22
CA SER F 160 -26.66 45.53 23.95
C SER F 160 -25.89 46.72 23.39
N HIS F 161 -25.19 46.56 22.27
CA HIS F 161 -24.45 47.64 21.64
C HIS F 161 -25.43 48.56 20.94
N HIS F 162 -25.77 49.67 21.59
CA HIS F 162 -26.70 50.64 21.02
C HIS F 162 -26.09 51.42 19.85
N VAL F 163 -24.79 51.27 19.60
CA VAL F 163 -24.10 51.98 18.53
C VAL F 163 -23.55 50.95 17.55
N PHE F 164 -23.76 51.21 16.26
CA PHE F 164 -23.26 50.33 15.21
C PHE F 164 -22.93 51.17 13.98
N LEU F 165 -21.69 51.05 13.52
CA LEU F 165 -21.23 51.84 12.37
C LEU F 165 -21.91 51.37 11.08
N ASN F 166 -22.18 52.33 10.20
CA ASN F 166 -22.86 52.03 8.95
C ASN F 166 -21.92 51.33 7.98
N LEU F 167 -22.51 50.72 6.95
CA LEU F 167 -21.74 49.97 5.96
C LEU F 167 -20.83 50.89 5.15
N HIS F 168 -21.34 52.04 4.72
CA HIS F 168 -20.59 52.95 3.86
C HIS F 168 -20.21 54.24 4.59
N THR F 169 -21.19 54.94 5.18
CA THR F 169 -20.90 56.18 5.89
C THR F 169 -20.19 55.94 7.22
N LEU F 170 -20.20 54.70 7.73
CA LEU F 170 -19.59 54.35 9.00
C LEU F 170 -20.13 55.25 10.13
N LYS F 171 -21.46 55.24 10.24
CA LYS F 171 -22.17 56.07 11.20
C LYS F 171 -22.66 55.17 12.33
N PHE F 172 -22.06 55.34 13.51
CA PHE F 172 -22.47 54.57 14.68
C PHE F 172 -23.91 54.91 15.05
N TYR F 173 -24.67 53.89 15.45
CA TYR F 173 -26.07 54.09 15.80
C TYR F 173 -26.20 55.01 17.02
N CYS F 174 -26.72 56.21 16.80
CA CYS F 174 -26.92 57.14 17.91
C CYS F 174 -27.94 56.60 18.90
N LEU F 175 -29.03 56.05 18.39
CA LEU F 175 -30.02 55.35 19.17
C LEU F 175 -29.87 53.85 18.96
N PRO F 176 -30.34 53.02 19.91
CA PRO F 176 -30.23 51.57 19.72
C PRO F 176 -30.84 51.06 18.42
N ASP F 177 -31.97 51.65 18.00
CA ASP F 177 -32.61 51.25 16.76
C ASP F 177 -33.07 52.42 15.89
N ASN F 178 -33.18 53.64 16.41
CA ASN F 178 -33.85 54.70 15.67
C ASN F 178 -32.95 55.30 14.59
N TYR F 179 -31.84 55.92 14.99
CA TYR F 179 -31.01 56.69 14.07
C TYR F 179 -29.56 56.26 14.18
N GLU F 180 -28.82 56.45 13.07
CA GLU F 180 -27.41 56.08 12.98
C GLU F 180 -26.58 57.31 12.59
N ILE F 181 -26.02 57.97 13.60
CA ILE F 181 -25.20 59.16 13.41
C ILE F 181 -23.95 58.98 14.26
N ILE F 182 -22.77 59.01 13.62
CA ILE F 182 -21.53 58.75 14.34
C ILE F 182 -21.10 60.00 15.12
N ASP F 183 -20.17 59.80 16.04
CA ASP F 183 -19.59 60.86 16.85
C ASP F 183 -18.13 61.04 16.44
N SER F 184 -17.72 62.28 16.23
CA SER F 184 -16.36 62.57 15.77
C SER F 184 -15.31 62.28 16.85
N SER F 185 -15.74 62.05 18.09
CA SER F 185 -14.79 61.80 19.17
C SER F 185 -13.96 60.55 18.91
N LEU F 186 -14.60 59.49 18.42
CA LEU F 186 -13.93 58.22 18.14
C LEU F 186 -13.72 58.04 16.63
N GLU F 187 -13.39 59.13 15.94
CA GLU F 187 -13.20 59.09 14.49
C GLU F 187 -11.88 58.46 14.08
N ASP F 188 -11.10 57.90 15.01
CA ASP F 188 -9.84 57.26 14.65
C ASP F 188 -10.08 56.07 13.74
N ILE F 189 -11.06 55.23 14.07
CA ILE F 189 -11.38 54.08 13.23
C ILE F 189 -11.95 54.54 11.89
N THR F 190 -12.73 55.62 11.90
CA THR F 190 -13.27 56.14 10.65
C THR F 190 -12.16 56.63 9.73
N TYR F 191 -11.15 57.31 10.27
CA TYR F 191 -10.02 57.73 9.46
C TYR F 191 -9.17 56.55 9.02
N VAL F 192 -9.05 55.52 9.85
CA VAL F 192 -8.28 54.34 9.48
C VAL F 192 -8.93 53.62 8.32
N LEU F 193 -10.26 53.45 8.37
CA LEU F 193 -10.97 52.77 7.30
C LEU F 193 -11.18 53.63 6.06
N LYS F 194 -10.88 54.92 6.14
CA LYS F 194 -11.07 55.83 5.01
C LYS F 194 -9.77 56.59 4.74
N PRO F 195 -8.91 56.08 3.85
CA PRO F 195 -7.70 56.82 3.48
C PRO F 195 -8.02 58.04 2.63
N THR F 196 -7.84 59.24 3.19
CA THR F 196 -8.20 60.49 2.53
C THR F 196 -7.05 61.49 2.63
N PHE F 197 -5.84 61.03 2.31
CA PHE F 197 -4.66 61.88 2.33
C PHE F 197 -4.45 62.45 0.93
N THR F 198 -4.73 63.74 0.76
CA THR F 198 -4.56 64.40 -0.52
C THR F 198 -3.07 64.63 -0.80
N LYS F 199 -2.79 65.27 -1.93
CA LYS F 199 -1.40 65.52 -2.32
C LYS F 199 -0.69 66.41 -1.30
N GLN F 200 -1.39 67.44 -0.80
CA GLN F 200 -0.82 68.25 0.27
C GLN F 200 -0.59 67.42 1.53
N GLN F 201 -1.54 66.54 1.85
CA GLN F 201 -1.34 65.61 2.96
C GLN F 201 -0.33 64.53 2.60
N ILE F 202 -0.22 64.18 1.31
CA ILE F 202 0.78 63.22 0.88
C ILE F 202 2.19 63.75 1.11
N ALA F 203 2.38 65.06 0.94
CA ALA F 203 3.67 65.67 1.25
C ALA F 203 4.03 65.46 2.72
N ASN F 204 3.05 65.62 3.61
CA ASN F 204 3.26 65.28 5.01
C ASN F 204 3.53 63.78 5.17
N LEU F 205 2.81 62.94 4.43
CA LEU F 205 3.09 61.51 4.43
C LEU F 205 4.46 61.23 3.83
N ASP F 206 4.86 62.00 2.82
CA ASP F 206 6.20 61.87 2.26
C ASP F 206 7.27 62.33 3.25
N LYS F 207 6.89 63.14 4.24
CA LYS F 207 7.81 63.56 5.30
C LYS F 207 7.79 62.51 6.42
N GLN F 208 8.35 61.34 6.10
CA GLN F 208 8.36 60.22 7.02
C GLN F 208 9.27 60.43 8.21
N ALA F 209 10.10 61.48 8.20
CA ALA F 209 11.01 61.72 9.32
C ALA F 209 10.26 61.96 10.62
N LYS F 210 9.04 62.50 10.54
CA LYS F 210 8.24 62.69 11.74
C LYS F 210 7.85 61.35 12.34
N LEU F 211 7.79 61.30 13.67
CA LEU F 211 7.43 60.07 14.37
C LEU F 211 5.94 59.81 14.25
N SER F 212 5.54 59.08 13.21
CA SER F 212 4.14 58.81 12.93
C SER F 212 3.67 57.60 13.75
N ARG F 213 3.54 57.84 15.06
CA ARG F 213 3.04 56.80 15.95
C ARG F 213 1.58 56.49 15.62
N ALA F 214 1.25 55.20 15.61
CA ALA F 214 -0.10 54.77 15.28
C ALA F 214 -1.04 55.01 16.45
N TYR F 215 -2.29 54.57 16.30
CA TYR F 215 -3.26 54.70 17.38
C TYR F 215 -2.85 53.89 18.60
N ASP F 216 -2.31 52.69 18.38
CA ASP F 216 -1.84 51.82 19.45
C ASP F 216 -0.41 52.13 19.88
N GLY F 217 0.26 53.07 19.23
CA GLY F 217 1.61 53.45 19.59
C GLY F 217 2.72 52.75 18.84
N THR F 218 2.40 52.06 17.74
CA THR F 218 3.40 51.35 16.97
C THR F 218 4.04 52.32 15.96
N THR F 219 4.84 51.78 15.04
CA THR F 219 5.50 52.56 14.00
C THR F 219 4.74 52.42 12.70
N TYR F 220 4.33 53.55 12.12
CA TYR F 220 3.55 53.50 10.88
C TYR F 220 4.34 52.87 9.75
N LEU F 221 5.60 53.26 9.57
CA LEU F 221 6.47 52.77 8.51
C LEU F 221 5.76 52.89 7.16
N PRO F 222 5.65 54.11 6.61
CA PRO F 222 4.90 54.28 5.35
C PRO F 222 5.45 53.44 4.21
N GLY F 223 4.66 52.46 3.77
CA GLY F 223 5.07 51.56 2.72
C GLY F 223 5.91 50.38 3.17
N ILE F 224 6.48 50.44 4.36
CA ILE F 224 7.35 49.37 4.86
C ILE F 224 6.81 48.86 6.18
N VAL F 225 5.49 48.96 6.36
CA VAL F 225 4.85 48.48 7.58
C VAL F 225 4.95 46.97 7.64
N GLY F 226 5.35 46.44 8.80
CA GLY F 226 5.49 45.01 8.98
C GLY F 226 4.15 44.30 9.12
N LEU F 227 3.31 44.41 8.11
CA LEU F 227 1.99 43.80 8.15
C LEU F 227 2.11 42.27 8.14
N ASN F 228 1.10 41.62 8.72
CA ASN F 228 1.08 40.17 8.76
C ASN F 228 0.98 39.60 7.34
N ASN F 229 1.62 38.45 7.14
CA ASN F 229 1.63 37.77 5.85
C ASN F 229 1.08 36.36 6.02
N ILE F 230 0.56 35.83 4.91
CA ILE F 230 0.01 34.48 4.94
C ILE F 230 1.11 33.46 5.21
N LYS F 231 0.73 32.34 5.80
CA LYS F 231 1.70 31.29 6.11
C LYS F 231 2.35 30.76 4.82
N ALA F 232 1.55 30.55 3.79
CA ALA F 232 2.05 30.16 2.48
C ALA F 232 2.01 31.34 1.53
N ASN F 233 2.86 31.27 0.49
CA ASN F 233 2.99 32.34 -0.50
C ASN F 233 3.36 33.67 0.14
N ASP F 234 4.16 33.63 1.21
CA ASP F 234 4.65 34.85 1.83
C ASP F 234 5.51 35.68 0.89
N TYR F 235 6.06 35.05 -0.15
CA TYR F 235 6.82 35.80 -1.15
C TYR F 235 5.94 36.80 -1.88
N ALA F 236 4.69 36.43 -2.15
CA ALA F 236 3.76 37.36 -2.77
C ALA F 236 3.49 38.56 -1.87
N ASN F 237 3.31 38.32 -0.57
CA ASN F 237 3.10 39.41 0.37
C ASN F 237 4.33 40.31 0.45
N ALA F 238 5.53 39.70 0.45
CA ALA F 238 6.76 40.50 0.47
C ALA F 238 6.88 41.35 -0.80
N VAL F 239 6.53 40.77 -1.95
CA VAL F 239 6.58 41.53 -3.20
C VAL F 239 5.60 42.69 -3.17
N LEU F 240 4.39 42.44 -2.65
CA LEU F 240 3.40 43.51 -2.55
C LEU F 240 3.89 44.62 -1.62
N GLN F 241 4.48 44.24 -0.48
CA GLN F 241 5.00 45.24 0.45
C GLN F 241 6.12 46.05 -0.18
N ALA F 242 7.03 45.38 -0.91
CA ALA F 242 8.11 46.09 -1.58
C ALA F 242 7.57 47.05 -2.63
N LEU F 243 6.57 46.62 -3.39
CA LEU F 243 5.91 47.52 -4.34
C LEU F 243 5.23 48.67 -3.61
N SER F 244 4.58 48.38 -2.48
CA SER F 244 3.95 49.43 -1.69
C SER F 244 4.98 50.29 -0.97
N ASN F 245 6.24 49.84 -0.87
CA ASN F 245 7.27 50.62 -0.20
C ASN F 245 7.64 51.88 -0.97
N VAL F 246 7.30 51.95 -2.25
CA VAL F 246 7.56 53.14 -3.05
C VAL F 246 6.53 54.20 -2.71
N PRO F 247 6.94 55.39 -2.28
CA PRO F 247 5.98 56.47 -2.03
C PRO F 247 5.18 56.84 -3.26
N PRO F 248 5.74 56.76 -4.49
CA PRO F 248 4.87 56.92 -5.66
C PRO F 248 3.71 55.93 -5.70
N LEU F 249 3.94 54.68 -5.30
CA LEU F 249 2.86 53.70 -5.28
C LEU F 249 1.78 54.10 -4.28
N ARG F 250 2.18 54.54 -3.09
CA ARG F 250 1.21 54.98 -2.10
C ARG F 250 0.44 56.21 -2.59
N ASN F 251 1.12 57.13 -3.26
CA ASN F 251 0.44 58.31 -3.80
C ASN F 251 -0.56 57.93 -4.87
N TYR F 252 -0.19 57.00 -5.76
CA TYR F 252 -1.11 56.54 -6.79
C TYR F 252 -2.31 55.82 -6.18
N PHE F 253 -2.08 55.02 -5.13
CA PHE F 253 -3.18 54.33 -4.49
C PHE F 253 -4.11 55.31 -3.79
N LEU F 254 -3.56 56.34 -3.14
CA LEU F 254 -4.38 57.31 -2.44
C LEU F 254 -5.21 58.17 -3.38
N GLU F 255 -4.86 58.21 -4.67
CA GLU F 255 -5.62 58.98 -5.67
C GLU F 255 -6.82 58.15 -6.14
N GLU F 256 -7.79 58.01 -5.24
CA GLU F 256 -8.99 57.24 -5.55
C GLU F 256 -9.76 57.85 -6.70
N ASP F 257 -9.86 59.18 -6.74
CA ASP F 257 -10.54 59.84 -7.84
C ASP F 257 -9.86 59.54 -9.16
N ASN F 258 -8.53 59.58 -9.20
CA ASN F 258 -7.80 59.17 -10.38
C ASN F 258 -8.03 57.69 -10.69
N TYR F 259 -8.03 56.85 -9.64
CA TYR F 259 -8.30 55.44 -9.84
C TYR F 259 -9.72 55.19 -10.32
N LYS F 260 -10.69 55.91 -9.75
CA LYS F 260 -12.08 55.75 -10.15
C LYS F 260 -12.36 56.36 -11.53
N ASN F 261 -11.44 57.16 -12.06
CA ASN F 261 -11.66 57.76 -13.38
C ASN F 261 -11.75 56.69 -14.46
N ILE F 262 -10.91 55.66 -14.37
CA ILE F 262 -10.92 54.60 -15.37
C ILE F 262 -12.17 53.76 -15.20
N LYS F 263 -12.91 53.56 -16.30
CA LYS F 263 -14.12 52.77 -16.26
C LYS F 263 -13.79 51.29 -16.02
N ARG F 264 -14.59 50.65 -15.17
CA ARG F 264 -14.39 49.25 -14.85
C ARG F 264 -15.38 48.42 -15.65
N PRO F 265 -14.93 47.61 -16.62
CA PRO F 265 -15.86 46.77 -17.38
C PRO F 265 -16.58 45.79 -16.47
N PRO F 266 -17.89 45.60 -16.66
CA PRO F 266 -18.62 44.64 -15.83
C PRO F 266 -18.13 43.21 -15.98
N GLY F 267 -17.69 42.82 -17.17
CA GLY F 267 -17.30 41.44 -17.39
C GLY F 267 -16.08 41.02 -16.60
N ASP F 268 -15.06 41.88 -16.55
CA ASP F 268 -13.80 41.56 -15.90
C ASP F 268 -13.84 42.00 -14.44
N ILE F 269 -13.41 41.10 -13.55
CA ILE F 269 -13.31 41.41 -12.13
C ILE F 269 -11.92 41.91 -11.74
N MET F 270 -11.02 42.08 -12.72
CA MET F 270 -9.66 42.53 -12.41
C MET F 270 -9.67 43.95 -11.84
N PHE F 271 -10.52 44.82 -12.38
CA PHE F 271 -10.55 46.20 -11.91
C PHE F 271 -10.97 46.29 -10.45
N LEU F 272 -11.99 45.52 -10.05
CA LEU F 272 -12.45 45.55 -8.67
C LEU F 272 -11.39 45.02 -7.72
N LEU F 273 -10.72 43.93 -8.10
CA LEU F 273 -9.66 43.38 -7.24
C LEU F 273 -8.49 44.35 -7.13
N VAL F 274 -8.13 45.00 -8.24
CA VAL F 274 -7.05 45.98 -8.21
C VAL F 274 -7.43 47.16 -7.31
N GLN F 275 -8.69 47.62 -7.40
CA GLN F 275 -9.13 48.72 -6.55
C GLN F 275 -9.09 48.33 -5.08
N ARG F 276 -9.55 47.11 -4.76
CA ARG F 276 -9.52 46.65 -3.38
C ARG F 276 -8.10 46.56 -2.85
N PHE F 277 -7.18 46.02 -3.66
CA PHE F 277 -5.78 45.91 -3.24
C PHE F 277 -5.16 47.28 -3.05
N GLY F 278 -5.46 48.23 -3.94
CA GLY F 278 -4.95 49.57 -3.79
C GLY F 278 -5.48 50.26 -2.55
N GLU F 279 -6.77 50.07 -2.26
CA GLU F 279 -7.36 50.63 -1.05
C GLU F 279 -6.71 50.04 0.19
N LEU F 280 -6.48 48.72 0.20
CA LEU F 280 -5.82 48.10 1.33
C LEU F 280 -4.40 48.62 1.51
N MET F 281 -3.67 48.78 0.41
CA MET F 281 -2.31 49.31 0.49
C MET F 281 -2.31 50.74 1.00
N ARG F 282 -3.24 51.57 0.53
CA ARG F 282 -3.32 52.95 0.99
C ARG F 282 -3.67 53.00 2.48
N LYS F 283 -4.57 52.13 2.93
CA LYS F 283 -4.91 52.07 4.35
C LYS F 283 -3.69 51.64 5.17
N LEU F 284 -2.92 50.68 4.67
CA LEU F 284 -1.71 50.27 5.37
C LEU F 284 -0.69 51.41 5.45
N TRP F 285 -0.52 52.15 4.35
CA TRP F 285 0.41 53.27 4.34
C TRP F 285 -0.14 54.52 5.00
N ASN F 286 -1.45 54.59 5.24
CA ASN F 286 -2.03 55.75 5.88
C ASN F 286 -1.60 55.82 7.34
N PRO F 287 -1.31 57.02 7.86
CA PRO F 287 -0.95 57.14 9.28
C PRO F 287 -2.09 56.84 10.23
N ARG F 288 -3.34 56.85 9.74
CA ARG F 288 -4.49 56.62 10.60
C ARG F 288 -4.60 55.18 11.08
N ASN F 289 -3.79 54.27 10.55
CA ASN F 289 -3.86 52.88 10.95
C ASN F 289 -3.51 52.73 12.43
N PHE F 290 -4.05 51.67 13.04
CA PHE F 290 -3.90 51.42 14.46
C PHE F 290 -3.00 50.24 14.80
N LYS F 291 -3.15 49.12 14.10
CA LYS F 291 -2.38 47.92 14.35
C LYS F 291 -1.31 47.77 13.26
N ALA F 292 -0.08 47.50 13.68
CA ALA F 292 1.00 47.30 12.72
C ALA F 292 0.74 46.08 11.84
N HIS F 293 0.27 45.00 12.42
CA HIS F 293 -0.04 43.79 11.67
C HIS F 293 -1.37 43.98 10.95
N VAL F 294 -1.37 43.77 9.63
CA VAL F 294 -2.56 43.90 8.80
C VAL F 294 -2.83 42.55 8.15
N SER F 295 -4.06 42.07 8.27
CA SER F 295 -4.42 40.77 7.72
C SER F 295 -4.47 40.86 6.19
N PRO F 296 -3.69 40.04 5.47
CA PRO F 296 -3.75 40.07 4.01
C PRO F 296 -4.79 39.14 3.44
N HIS F 297 -5.72 38.67 4.29
CA HIS F 297 -6.70 37.69 3.86
C HIS F 297 -7.55 38.23 2.71
N GLU F 298 -8.03 39.47 2.84
CA GLU F 298 -8.76 40.09 1.74
C GLU F 298 -7.86 40.28 0.52
N MET F 299 -6.64 40.75 0.75
CA MET F 299 -5.70 40.94 -0.36
C MET F 299 -5.35 39.61 -1.01
N LEU F 300 -5.11 38.57 -0.21
CA LEU F 300 -4.79 37.26 -0.76
C LEU F 300 -5.95 36.69 -1.57
N GLN F 301 -7.18 36.84 -1.05
CA GLN F 301 -8.35 36.37 -1.79
C GLN F 301 -8.51 37.12 -3.10
N ALA F 302 -8.32 38.43 -3.07
CA ALA F 302 -8.42 39.22 -4.30
C ALA F 302 -7.36 38.82 -5.31
N VAL F 303 -6.14 38.57 -4.84
CA VAL F 303 -5.06 38.16 -5.75
C VAL F 303 -5.38 36.80 -6.34
N VAL F 304 -5.87 35.87 -5.53
CA VAL F 304 -6.18 34.53 -6.02
C VAL F 304 -7.30 34.58 -7.05
N LEU F 305 -8.34 35.36 -6.77
CA LEU F 305 -9.48 35.43 -7.69
C LEU F 305 -9.11 36.13 -8.98
N CYS F 306 -8.37 37.25 -8.90
CA CYS F 306 -8.06 38.03 -10.09
C CYS F 306 -7.08 37.29 -11.00
N SER F 307 -6.06 36.66 -10.43
CA SER F 307 -4.99 36.03 -11.20
C SER F 307 -5.31 34.60 -11.61
N LYS F 308 -6.59 34.22 -11.60
CA LYS F 308 -7.02 32.88 -12.00
C LYS F 308 -6.29 31.81 -11.18
N LYS F 309 -6.22 32.04 -9.87
CA LYS F 309 -5.63 31.17 -8.87
C LYS F 309 -4.11 31.08 -8.98
N THR F 310 -3.48 31.74 -9.94
CA THR F 310 -2.03 31.73 -10.04
C THR F 310 -1.43 32.52 -8.90
N PHE F 311 -0.31 32.03 -8.37
CA PHE F 311 0.37 32.63 -7.22
C PHE F 311 -0.58 32.77 -6.03
N GLN F 312 -1.41 31.76 -5.82
CA GLN F 312 -2.39 31.79 -4.75
C GLN F 312 -1.70 31.68 -3.39
N ILE F 313 -2.40 32.15 -2.36
CA ILE F 313 -1.87 32.09 -1.00
C ILE F 313 -1.90 30.68 -0.42
N THR F 314 -2.54 29.73 -1.10
CA THR F 314 -2.60 28.37 -0.58
C THR F 314 -1.21 27.72 -0.55
N LYS F 315 -0.40 27.95 -1.58
CA LYS F 315 0.93 27.37 -1.67
C LYS F 315 1.95 28.45 -1.96
N GLN F 316 3.20 28.20 -1.57
CA GLN F 316 4.27 29.16 -1.77
C GLN F 316 4.47 29.43 -3.26
N GLY F 317 4.55 30.70 -3.61
CA GLY F 317 4.71 31.10 -5.00
C GLY F 317 6.04 31.78 -5.22
N ASP F 318 6.57 31.66 -6.45
CA ASP F 318 7.82 32.30 -6.80
C ASP F 318 7.66 33.81 -6.81
N GLY F 319 8.68 34.50 -6.30
CA GLY F 319 8.61 35.96 -6.24
C GLY F 319 8.57 36.61 -7.61
N VAL F 320 9.39 36.12 -8.54
CA VAL F 320 9.46 36.72 -9.87
C VAL F 320 8.14 36.54 -10.61
N ASP F 321 7.57 35.34 -10.58
CA ASP F 321 6.31 35.08 -11.27
C ASP F 321 5.18 35.89 -10.64
N PHE F 322 5.12 35.96 -9.31
CA PHE F 322 4.08 36.74 -8.65
C PHE F 322 4.21 38.23 -8.97
N LEU F 323 5.44 38.74 -8.99
CA LEU F 323 5.65 40.15 -9.33
C LEU F 323 5.25 40.43 -10.77
N SER F 324 5.60 39.54 -11.69
CA SER F 324 5.22 39.73 -13.09
C SER F 324 3.71 39.69 -13.25
N TRP F 325 3.04 38.75 -12.58
CA TRP F 325 1.58 38.68 -12.66
C TRP F 325 0.92 39.93 -12.08
N PHE F 326 1.44 40.42 -10.94
CA PHE F 326 0.89 41.62 -10.35
C PHE F 326 1.10 42.84 -11.24
N LEU F 327 2.27 42.94 -11.87
CA LEU F 327 2.53 44.05 -12.78
C LEU F 327 1.61 43.99 -13.99
N ASN F 328 1.41 42.80 -14.54
CA ASN F 328 0.50 42.65 -15.68
C ASN F 328 -0.93 43.02 -15.29
N ALA F 329 -1.37 42.58 -14.11
CA ALA F 329 -2.71 42.92 -13.64
C ALA F 329 -2.87 44.42 -13.43
N LEU F 330 -1.86 45.07 -12.85
CA LEU F 330 -1.91 46.52 -12.67
C LEU F 330 -1.95 47.24 -13.99
N HIS F 331 -1.17 46.78 -14.98
CA HIS F 331 -1.21 47.38 -16.30
C HIS F 331 -2.58 47.22 -16.95
N SER F 332 -3.17 46.03 -16.80
CA SER F 332 -4.50 45.80 -17.36
C SER F 332 -5.55 46.68 -16.68
N ALA F 333 -5.42 46.89 -15.37
CA ALA F 333 -6.38 47.70 -14.65
C ALA F 333 -6.38 49.15 -15.14
N LEU F 334 -5.20 49.71 -15.39
CA LEU F 334 -5.10 51.09 -15.85
C LEU F 334 -5.17 51.20 -17.38
N GLY F 335 -4.72 50.18 -18.10
CA GLY F 335 -4.81 50.18 -19.55
C GLY F 335 -6.12 49.60 -20.05
N GLY F 336 -6.29 49.63 -21.37
CA GLY F 336 -7.47 49.08 -21.99
C GLY F 336 -7.99 49.88 -23.15
N THR F 337 -9.32 50.00 -23.26
CA THR F 337 -9.96 50.69 -24.37
C THR F 337 -9.80 52.19 -24.30
N LYS F 338 -9.36 52.74 -23.17
CA LYS F 338 -9.21 54.18 -23.05
C LYS F 338 -8.07 54.68 -23.93
N LYS F 339 -8.11 55.98 -24.23
CA LYS F 339 -7.07 56.59 -25.05
C LYS F 339 -5.70 56.52 -24.38
N LYS F 340 -5.68 56.45 -23.05
CA LYS F 340 -4.43 56.32 -22.29
C LYS F 340 -4.02 54.85 -22.26
N LYS F 341 -3.55 54.37 -23.42
CA LYS F 341 -3.15 52.97 -23.53
C LYS F 341 -1.97 52.66 -22.62
N LYS F 342 -1.02 53.58 -22.51
CA LYS F 342 0.14 53.40 -21.64
C LYS F 342 -0.32 53.51 -20.19
N THR F 343 -0.50 52.37 -19.53
CA THR F 343 -0.94 52.35 -18.15
C THR F 343 0.11 53.00 -17.25
N ILE F 344 -0.37 53.68 -16.20
CA ILE F 344 0.54 54.36 -15.29
C ILE F 344 1.47 53.38 -14.60
N VAL F 345 0.94 52.25 -14.15
CA VAL F 345 1.78 51.22 -13.54
C VAL F 345 2.74 50.65 -14.57
N THR F 346 2.25 50.39 -15.78
CA THR F 346 3.13 49.89 -16.84
C THR F 346 4.17 50.93 -17.23
N ASP F 347 3.76 52.17 -17.46
CA ASP F 347 4.68 53.20 -17.90
C ASP F 347 5.69 53.58 -16.81
N VAL F 348 5.37 53.33 -15.55
CA VAL F 348 6.31 53.63 -14.47
C VAL F 348 7.54 52.72 -14.56
N PHE F 349 7.33 51.47 -14.98
CA PHE F 349 8.41 50.47 -15.07
C PHE F 349 8.33 49.74 -16.40
N GLN F 350 8.20 50.49 -17.49
CA GLN F 350 8.07 49.87 -18.80
C GLN F 350 9.42 49.45 -19.36
N GLY F 351 10.29 50.41 -19.65
CA GLY F 351 11.57 50.13 -20.26
C GLY F 351 11.44 49.77 -21.73
N SER F 352 12.60 49.65 -22.39
CA SER F 352 12.62 49.27 -23.80
C SER F 352 14.00 48.76 -24.14
N MET F 353 14.08 47.53 -24.66
CA MET F 353 15.35 46.93 -25.05
C MET F 353 15.37 46.76 -26.57
N ARG F 354 16.39 47.33 -27.21
CA ARG F 354 16.56 47.20 -28.66
C ARG F 354 17.50 46.03 -28.97
N ILE F 355 17.03 44.83 -28.60
CA ILE F 355 17.81 43.61 -28.76
C ILE F 355 17.85 43.27 -30.24
N PHE F 356 19.01 43.48 -30.87
CA PHE F 356 19.20 43.15 -32.28
C PHE F 356 19.40 41.64 -32.41
N THR F 357 18.31 40.92 -32.16
CA THR F 357 18.36 39.46 -32.12
C THR F 357 18.81 38.88 -33.44
N LYS F 358 19.76 37.95 -33.39
CA LYS F 358 20.30 37.30 -34.57
C LYS F 358 20.02 35.81 -34.49
N LYS F 359 19.41 35.26 -35.54
CA LYS F 359 19.13 33.83 -35.62
C LYS F 359 20.38 33.10 -36.12
N LEU F 360 21.38 33.04 -35.24
CA LEU F 360 22.65 32.45 -35.61
C LEU F 360 22.48 30.96 -35.90
N PRO F 361 23.30 30.41 -36.79
CA PRO F 361 23.14 29.00 -37.17
C PRO F 361 23.38 28.05 -36.00
N HIS F 362 22.80 26.86 -36.11
CA HIS F 362 22.94 25.85 -35.08
C HIS F 362 24.39 25.40 -34.98
N PRO F 363 24.83 24.97 -33.79
CA PRO F 363 26.21 24.51 -33.65
C PRO F 363 26.57 23.32 -34.53
N ASP F 364 25.60 22.44 -34.81
CA ASP F 364 25.87 21.28 -35.64
C ASP F 364 26.15 21.66 -37.10
N LEU F 365 25.81 22.88 -37.49
CA LEU F 365 26.06 23.32 -38.86
C LEU F 365 27.55 23.57 -39.07
N PRO F 366 28.17 22.94 -40.07
CA PRO F 366 29.62 23.16 -40.29
C PRO F 366 29.94 24.56 -40.79
N ALA F 367 31.22 24.80 -41.09
CA ALA F 367 31.63 26.12 -41.55
C ALA F 367 30.97 26.48 -42.87
N GLU F 368 30.86 25.51 -43.79
CA GLU F 368 30.17 25.77 -45.05
C GLU F 368 28.71 26.12 -44.83
N GLU F 369 28.03 25.39 -43.94
CA GLU F 369 26.65 25.69 -43.63
C GLU F 369 26.52 27.06 -42.95
N LYS F 370 27.47 27.40 -42.09
CA LYS F 370 27.46 28.72 -41.46
C LYS F 370 27.61 29.82 -42.50
N GLU F 371 28.51 29.63 -43.47
CA GLU F 371 28.68 30.61 -44.53
C GLU F 371 27.43 30.73 -45.38
N GLN F 372 26.79 29.60 -45.69
CA GLN F 372 25.55 29.63 -46.45
C GLN F 372 24.45 30.37 -45.70
N LEU F 373 24.34 30.12 -44.39
CA LEU F 373 23.34 30.83 -43.59
C LEU F 373 23.64 32.33 -43.52
N LEU F 374 24.92 32.69 -43.40
CA LEU F 374 25.27 34.11 -43.40
C LEU F 374 24.95 34.76 -44.72
N HIS F 375 25.18 34.05 -45.83
CA HIS F 375 24.78 34.56 -47.14
C HIS F 375 23.26 34.65 -47.27
N ASN F 376 22.54 33.81 -46.53
CA ASN F 376 21.09 33.84 -46.49
C ASN F 376 20.54 34.77 -45.42
N ASP F 377 21.43 35.53 -44.76
CA ASP F 377 21.04 36.49 -43.72
C ASP F 377 20.33 35.81 -42.55
N GLU F 378 20.68 34.56 -42.27
CA GLU F 378 20.10 33.87 -41.12
C GLU F 378 20.58 34.48 -39.82
N TYR F 379 21.88 34.72 -39.69
CA TYR F 379 22.48 35.32 -38.50
C TYR F 379 22.38 36.84 -38.47
N GLN F 380 21.54 37.43 -39.32
CA GLN F 380 21.38 38.87 -39.33
C GLN F 380 20.70 39.34 -38.05
N GLU F 381 21.18 40.46 -37.51
CA GLU F 381 20.63 41.01 -36.29
C GLU F 381 19.29 41.68 -36.58
N THR F 382 18.27 41.33 -35.79
CA THR F 382 16.93 41.89 -35.93
C THR F 382 16.52 42.49 -34.60
N MET F 383 16.16 43.78 -34.62
CA MET F 383 15.75 44.46 -33.40
C MET F 383 14.50 43.81 -32.81
N VAL F 384 14.53 43.57 -31.50
CA VAL F 384 13.41 42.92 -30.84
C VAL F 384 12.43 43.93 -30.26
N GLU F 385 12.91 45.09 -29.79
CA GLU F 385 12.08 46.11 -29.16
C GLU F 385 11.30 45.52 -27.99
N SER F 386 11.97 44.67 -27.21
CA SER F 386 11.32 44.02 -26.08
C SER F 386 10.89 45.05 -25.04
N THR F 387 9.75 44.81 -24.41
CA THR F 387 9.25 45.71 -23.37
C THR F 387 10.20 45.75 -22.18
N PHE F 388 10.56 44.56 -21.66
CA PHE F 388 11.48 44.44 -20.53
C PHE F 388 10.97 45.26 -19.34
N MET F 389 9.80 44.87 -18.83
CA MET F 389 9.21 45.56 -17.70
C MET F 389 10.10 45.50 -16.47
N TYR F 390 10.68 44.32 -16.20
CA TYR F 390 11.64 44.16 -15.12
C TYR F 390 12.85 43.42 -15.66
N LEU F 391 14.04 43.98 -15.44
CA LEU F 391 15.26 43.34 -15.89
C LEU F 391 15.46 42.02 -15.15
N THR F 392 15.94 41.02 -15.88
CA THR F 392 16.17 39.68 -15.33
C THR F 392 17.65 39.34 -15.54
N LEU F 393 18.45 39.50 -14.48
CA LEU F 393 19.88 39.24 -14.55
C LEU F 393 20.17 37.90 -13.89
N ASP F 394 20.77 36.99 -14.64
CA ASP F 394 21.03 35.63 -14.17
C ASP F 394 22.43 35.53 -13.60
N LEU F 395 22.55 34.90 -12.43
CA LEU F 395 23.83 34.72 -11.80
C LEU F 395 24.68 33.71 -12.58
N PRO F 396 26.01 33.79 -12.45
CA PRO F 396 26.86 32.82 -13.17
C PRO F 396 26.74 31.41 -12.61
N THR F 397 27.53 30.49 -13.16
CA THR F 397 27.44 29.08 -12.77
C THR F 397 27.88 28.89 -11.32
N ALA F 398 27.22 27.95 -10.66
CA ALA F 398 27.56 27.64 -9.27
C ALA F 398 28.90 26.89 -9.21
N PRO F 399 29.64 27.02 -8.10
CA PRO F 399 30.92 26.31 -7.96
C PRO F 399 30.70 24.84 -7.64
N LEU F 400 30.99 23.98 -8.61
CA LEU F 400 30.81 22.54 -8.41
C LEU F 400 31.75 22.03 -7.32
N TYR F 401 33.01 22.45 -7.34
CA TYR F 401 33.99 22.04 -6.35
C TYR F 401 34.54 23.28 -5.66
N LYS F 402 34.53 23.26 -4.32
CA LYS F 402 35.03 24.37 -3.54
C LYS F 402 36.56 24.27 -3.44
N ASP F 403 37.26 25.32 -3.86
CA ASP F 403 38.72 25.31 -3.93
C ASP F 403 39.37 26.07 -2.78
N GLU F 404 38.98 27.33 -2.55
CA GLU F 404 39.55 28.12 -1.48
C GLU F 404 39.24 27.49 -0.11
N LYS F 405 37.95 27.41 0.22
CA LYS F 405 37.49 26.77 1.44
C LYS F 405 36.57 25.62 1.03
N GLU F 406 36.99 24.39 1.34
CA GLU F 406 36.22 23.22 0.91
C GLU F 406 34.85 23.17 1.57
N GLN F 407 34.71 23.78 2.75
CA GLN F 407 33.41 23.78 3.42
C GLN F 407 32.35 24.50 2.62
N LEU F 408 32.70 25.68 2.07
CA LEU F 408 31.77 26.44 1.25
C LEU F 408 32.51 27.51 0.44
N ILE F 409 32.27 27.54 -0.87
CA ILE F 409 32.85 28.54 -1.75
C ILE F 409 31.71 29.43 -2.25
N ILE F 410 31.83 30.73 -2.02
CA ILE F 410 30.80 31.69 -2.43
C ILE F 410 31.37 32.56 -3.54
N PRO F 411 31.03 32.29 -4.80
CA PRO F 411 31.52 33.13 -5.92
C PRO F 411 30.67 34.40 -6.10
N GLN F 412 31.02 35.42 -5.31
CA GLN F 412 30.30 36.68 -5.37
C GLN F 412 30.39 37.29 -6.76
N VAL F 413 29.24 37.69 -7.29
CA VAL F 413 29.15 38.26 -8.64
C VAL F 413 29.24 39.77 -8.52
N PRO F 414 30.21 40.41 -9.18
CA PRO F 414 30.29 41.87 -9.13
C PRO F 414 29.05 42.51 -9.76
N LEU F 415 28.71 43.70 -9.25
CA LEU F 415 27.54 44.43 -9.76
C LEU F 415 27.69 44.78 -11.24
N PHE F 416 28.92 44.77 -11.77
CA PHE F 416 29.12 45.02 -13.19
C PHE F 416 28.50 43.94 -14.06
N ASN F 417 28.22 42.76 -13.50
CA ASN F 417 27.56 41.71 -14.26
C ASN F 417 26.17 42.17 -14.70
N ILE F 418 25.45 42.85 -13.81
CA ILE F 418 24.17 43.47 -14.21
C ILE F 418 24.43 44.56 -15.25
N LEU F 419 25.46 45.37 -15.04
CA LEU F 419 25.84 46.39 -16.01
C LEU F 419 26.48 45.80 -17.27
N ALA F 420 26.81 44.51 -17.25
CA ALA F 420 27.38 43.87 -18.43
C ALA F 420 26.35 43.62 -19.53
N LYS F 421 25.06 43.87 -19.25
CA LYS F 421 24.03 43.65 -20.25
C LYS F 421 24.20 44.54 -21.47
N PHE F 422 24.99 45.60 -21.36
CA PHE F 422 25.26 46.45 -22.53
C PHE F 422 25.98 45.68 -23.62
N ASN F 423 26.99 44.91 -23.25
CA ASN F 423 27.79 44.15 -24.21
C ASN F 423 27.78 42.65 -23.96
N GLY F 424 27.78 42.23 -22.68
CA GLY F 424 27.74 40.80 -22.39
C GLY F 424 26.47 40.14 -22.86
N ILE F 425 25.32 40.78 -22.59
CA ILE F 425 24.07 40.30 -23.16
C ILE F 425 24.07 40.49 -24.67
N THR F 426 24.70 41.55 -25.16
CA THR F 426 24.81 41.75 -26.60
C THR F 426 25.71 40.70 -27.24
N GLU F 427 26.53 40.01 -26.46
CA GLU F 427 27.39 38.94 -26.96
C GLU F 427 26.81 37.55 -26.71
N LYS F 428 25.59 37.45 -26.18
CA LYS F 428 24.99 36.16 -25.90
C LYS F 428 24.59 35.47 -27.19
N GLU F 429 25.05 34.24 -27.38
CA GLU F 429 24.84 33.46 -28.59
C GLU F 429 24.35 32.06 -28.24
N TYR F 430 23.31 31.99 -27.41
CA TYR F 430 22.88 30.74 -26.80
C TYR F 430 21.37 30.66 -26.77
N LYS F 431 20.85 29.45 -27.00
CA LYS F 431 19.41 29.21 -26.94
C LYS F 431 19.18 27.74 -26.63
N THR F 432 17.98 27.46 -26.11
CA THR F 432 17.60 26.08 -25.79
C THR F 432 17.11 25.31 -26.99
N TYR F 433 16.82 25.97 -28.10
CA TYR F 433 16.36 25.30 -29.31
C TYR F 433 17.54 24.71 -30.06
N LYS F 434 17.24 24.06 -31.19
CA LYS F 434 18.30 23.46 -32.01
C LYS F 434 19.25 24.53 -32.55
N GLU F 435 18.70 25.65 -33.02
CA GLU F 435 19.51 26.75 -33.54
C GLU F 435 19.99 27.61 -32.38
N ASN F 436 21.29 27.87 -32.34
CA ASN F 436 21.88 28.70 -31.28
C ASN F 436 21.56 30.15 -31.56
N PHE F 437 20.46 30.62 -30.97
CA PHE F 437 20.02 32.00 -31.21
C PHE F 437 20.95 33.00 -30.52
N LEU F 438 21.34 34.02 -31.28
CA LEU F 438 22.14 35.12 -30.74
C LEU F 438 21.20 36.21 -30.27
N LYS F 439 21.13 36.41 -28.95
CA LYS F 439 20.20 37.39 -28.39
C LYS F 439 20.60 38.81 -28.77
N ARG F 440 21.88 39.14 -28.58
CA ARG F 440 22.40 40.48 -28.86
C ARG F 440 21.56 41.55 -28.17
N PHE F 441 21.27 41.31 -26.90
CA PHE F 441 20.40 42.21 -26.15
C PHE F 441 21.06 43.58 -25.95
N GLN F 442 20.26 44.63 -26.13
CA GLN F 442 20.74 46.00 -25.97
C GLN F 442 19.59 46.83 -25.42
N LEU F 443 19.67 47.18 -24.14
CA LEU F 443 18.62 47.97 -23.51
C LEU F 443 18.72 49.42 -23.97
N THR F 444 17.71 49.88 -24.73
CA THR F 444 17.73 51.23 -25.27
C THR F 444 17.30 52.26 -24.24
N LYS F 445 16.07 52.14 -23.75
CA LYS F 445 15.50 53.09 -22.80
C LYS F 445 15.36 52.42 -21.44
N LEU F 446 16.05 52.96 -20.44
CA LEU F 446 16.00 52.43 -19.09
C LEU F 446 14.89 53.10 -18.31
N PRO F 447 13.94 52.35 -17.73
CA PRO F 447 12.84 52.97 -17.00
C PRO F 447 13.34 53.62 -15.72
N PRO F 448 12.63 54.63 -15.21
CA PRO F 448 13.06 55.25 -13.94
C PRO F 448 13.13 54.26 -12.79
N TYR F 449 12.23 53.28 -12.76
CA TYR F 449 12.26 52.23 -11.76
C TYR F 449 12.91 50.98 -12.34
N LEU F 450 13.97 50.52 -11.69
CA LEU F 450 14.72 49.34 -12.13
C LEU F 450 14.41 48.19 -11.19
N ILE F 451 13.80 47.14 -11.72
CA ILE F 451 13.44 45.96 -10.96
C ILE F 451 14.29 44.81 -11.50
N PHE F 452 15.35 44.48 -10.76
CA PHE F 452 16.27 43.42 -11.15
C PHE F 452 15.88 42.12 -10.47
N CYS F 453 15.73 41.06 -11.26
CA CYS F 453 15.41 39.73 -10.76
C CYS F 453 16.64 38.85 -10.92
N ILE F 454 17.13 38.31 -9.79
CA ILE F 454 18.31 37.47 -9.82
C ILE F 454 18.00 36.14 -10.51
N LYS F 455 16.80 35.61 -10.30
CA LYS F 455 16.40 34.31 -10.84
C LYS F 455 17.38 33.22 -10.43
N ARG F 456 17.71 33.20 -9.14
CA ARG F 456 18.66 32.21 -8.63
C ARG F 456 18.12 30.79 -8.83
N PHE F 457 16.83 30.59 -8.61
CA PHE F 457 16.21 29.29 -8.85
C PHE F 457 16.24 28.97 -10.34
N THR F 458 16.63 27.75 -10.67
CA THR F 458 16.67 27.29 -12.04
C THR F 458 16.51 25.77 -12.05
N LYS F 459 15.76 25.27 -13.03
CA LYS F 459 15.46 23.85 -13.09
C LYS F 459 16.57 23.09 -13.80
N ASN F 460 17.19 22.14 -13.11
CA ASN F 460 18.19 21.27 -13.70
C ASN F 460 17.48 20.12 -14.43
N ASN F 461 18.25 19.12 -14.84
CA ASN F 461 17.66 17.97 -15.52
C ASN F 461 16.74 17.16 -14.61
N PHE F 462 16.94 17.24 -13.30
CA PHE F 462 16.13 16.47 -12.35
C PHE F 462 15.33 17.36 -11.41
N PHE F 463 15.98 18.30 -10.73
CA PHE F 463 15.31 19.12 -9.73
C PHE F 463 15.74 20.58 -9.89
N VAL F 464 14.91 21.47 -9.37
CA VAL F 464 15.18 22.91 -9.44
C VAL F 464 16.04 23.30 -8.24
N GLU F 465 17.17 23.94 -8.51
CA GLU F 465 18.12 24.34 -7.48
C GLU F 465 18.41 25.83 -7.61
N LYS F 466 18.84 26.43 -6.51
CA LYS F 466 19.14 27.86 -6.45
C LYS F 466 20.63 28.06 -6.22
N ASN F 467 21.22 28.98 -6.98
CA ASN F 467 22.63 29.30 -6.81
C ASN F 467 22.83 30.10 -5.54
N PRO F 468 23.69 29.66 -4.62
CA PRO F 468 23.87 30.39 -3.35
C PRO F 468 24.89 31.50 -3.44
N THR F 469 25.27 31.89 -4.66
CA THR F 469 26.26 32.94 -4.85
C THR F 469 25.79 34.24 -4.24
N ILE F 470 26.71 34.95 -3.58
CA ILE F 470 26.38 36.22 -2.95
C ILE F 470 26.05 37.26 -4.00
N VAL F 471 25.18 38.20 -3.63
CA VAL F 471 24.77 39.26 -4.56
C VAL F 471 25.95 40.18 -4.87
N ASN F 472 26.65 40.63 -3.82
CA ASN F 472 27.81 41.52 -3.97
C ASN F 472 27.45 42.77 -4.78
N PHE F 473 26.28 43.34 -4.49
CA PHE F 473 25.81 44.52 -5.20
C PHE F 473 25.84 45.72 -4.27
N PRO F 474 26.78 46.66 -4.45
CA PRO F 474 26.81 47.85 -3.60
C PRO F 474 25.59 48.73 -3.84
N ILE F 475 25.19 49.45 -2.79
CA ILE F 475 24.06 50.37 -2.86
C ILE F 475 24.65 51.75 -3.05
N THR F 476 24.82 52.14 -4.32
CA THR F 476 25.39 53.44 -4.67
C THR F 476 24.95 53.78 -6.08
N ASN F 477 25.59 54.79 -6.66
CA ASN F 477 25.27 55.20 -8.02
C ASN F 477 25.67 54.11 -9.02
N VAL F 478 24.94 54.05 -10.12
CA VAL F 478 25.19 53.07 -11.17
C VAL F 478 25.34 53.80 -12.50
N ASP F 479 26.00 53.12 -13.45
CA ASP F 479 26.20 53.68 -14.78
C ASP F 479 25.85 52.70 -15.89
N LEU F 480 24.98 51.73 -15.61
CA LEU F 480 24.60 50.76 -16.63
C LEU F 480 23.78 51.42 -17.74
N ARG F 481 22.99 52.44 -17.41
CA ARG F 481 22.22 53.15 -18.43
C ARG F 481 23.14 53.82 -19.44
N GLU F 482 24.20 54.46 -18.95
CA GLU F 482 25.18 55.05 -19.86
C GLU F 482 25.90 53.99 -20.67
N TYR F 483 26.23 52.86 -20.02
CA TYR F 483 26.88 51.76 -20.74
C TYR F 483 25.95 51.17 -21.80
N LEU F 484 24.67 51.02 -21.47
CA LEU F 484 23.72 50.48 -22.44
C LEU F 484 23.59 51.37 -23.66
N SER F 485 23.52 52.68 -23.44
CA SER F 485 23.43 53.64 -24.55
C SER F 485 24.15 54.91 -24.11
N GLU F 486 25.29 55.20 -24.74
CA GLU F 486 26.07 56.37 -24.36
C GLU F 486 25.29 57.66 -24.64
N GLU F 487 24.60 57.73 -25.77
CA GLU F 487 23.84 58.93 -26.12
C GLU F 487 22.64 59.14 -25.20
N VAL F 488 22.13 58.07 -24.59
CA VAL F 488 20.97 58.20 -23.71
C VAL F 488 21.30 58.88 -22.39
N GLN F 489 22.57 59.13 -22.11
CA GLN F 489 22.94 59.81 -20.87
C GLN F 489 22.33 61.19 -20.77
N ALA F 490 22.20 61.89 -21.91
CA ALA F 490 21.54 63.19 -21.90
C ALA F 490 20.07 63.05 -21.50
N VAL F 491 19.39 62.04 -22.03
CA VAL F 491 17.99 61.82 -21.65
C VAL F 491 17.90 61.32 -20.21
N HIS F 492 18.80 60.40 -19.83
CA HIS F 492 18.82 59.85 -18.47
C HIS F 492 19.85 60.62 -17.65
N LYS F 493 19.46 61.84 -17.26
CA LYS F 493 20.35 62.68 -16.45
C LYS F 493 20.59 62.07 -15.08
N ASN F 494 19.55 61.52 -14.46
CA ASN F 494 19.65 60.96 -13.10
C ASN F 494 19.94 59.47 -13.21
N THR F 495 21.20 59.16 -13.51
CA THR F 495 21.64 57.77 -13.60
C THR F 495 22.03 57.18 -12.24
N THR F 496 22.13 58.01 -11.20
CA THR F 496 22.51 57.53 -9.87
C THR F 496 21.28 56.93 -9.20
N TYR F 497 21.12 55.62 -9.37
CA TYR F 497 19.99 54.89 -8.82
C TYR F 497 20.46 54.08 -7.62
N ASP F 498 19.77 54.24 -6.50
CA ASP F 498 20.06 53.51 -5.27
C ASP F 498 19.04 52.40 -5.07
N LEU F 499 19.52 51.24 -4.60
CA LEU F 499 18.66 50.07 -4.42
C LEU F 499 17.70 50.34 -3.28
N ILE F 500 16.45 50.69 -3.63
CA ILE F 500 15.47 51.09 -2.63
C ILE F 500 15.09 49.91 -1.75
N ALA F 501 14.75 48.77 -2.35
CA ALA F 501 14.22 47.64 -1.61
C ALA F 501 14.77 46.33 -2.17
N ASN F 502 15.44 45.56 -1.33
CA ASN F 502 16.00 44.27 -1.73
C ASN F 502 15.37 43.16 -0.92
N ILE F 503 14.87 42.13 -1.61
CA ILE F 503 14.24 40.98 -0.99
C ILE F 503 15.08 39.74 -1.31
N VAL F 504 15.42 38.98 -0.28
CA VAL F 504 16.28 37.81 -0.40
C VAL F 504 15.54 36.60 0.16
N HIS F 505 15.56 35.50 -0.59
CA HIS F 505 15.03 34.24 -0.10
C HIS F 505 15.98 33.63 0.92
N ASP F 506 15.45 32.66 1.68
CA ASP F 506 16.23 32.00 2.72
C ASP F 506 15.69 30.60 2.93
N GLY F 507 16.57 29.69 3.35
CA GLY F 507 16.19 28.32 3.61
C GLY F 507 16.27 27.45 2.38
N LYS F 508 15.82 26.21 2.55
CA LYS F 508 15.83 25.25 1.46
C LYS F 508 14.83 25.66 0.38
N PRO F 509 15.08 25.26 -0.87
CA PRO F 509 14.13 25.61 -1.95
C PRO F 509 12.73 25.08 -1.72
N SER F 510 12.59 23.92 -1.07
CA SER F 510 11.26 23.37 -0.82
C SER F 510 10.56 24.13 0.30
N GLU F 511 11.13 24.10 1.50
CA GLU F 511 10.58 24.83 2.65
C GLU F 511 11.42 26.08 2.89
N GLY F 512 11.09 27.13 2.15
CA GLY F 512 11.84 28.37 2.25
C GLY F 512 10.98 29.58 2.56
N SER F 513 11.61 30.66 2.99
CA SER F 513 10.92 31.91 3.27
C SER F 513 11.64 33.08 2.61
N TYR F 514 11.20 34.31 2.87
CA TYR F 514 11.82 35.48 2.29
C TYR F 514 11.90 36.59 3.34
N ARG F 515 12.88 37.48 3.15
CA ARG F 515 13.04 38.64 4.02
C ARG F 515 13.54 39.80 3.18
N ILE F 516 12.99 40.99 3.44
CA ILE F 516 13.28 42.15 2.61
C ILE F 516 13.73 43.31 3.49
N HIS F 517 14.46 44.24 2.86
CA HIS F 517 14.89 45.47 3.50
C HIS F 517 14.62 46.62 2.53
N VAL F 518 13.93 47.64 3.01
CA VAL F 518 13.53 48.77 2.17
C VAL F 518 13.92 50.08 2.84
N LEU F 519 14.19 51.08 2.01
CA LEU F 519 14.58 52.41 2.47
C LEU F 519 13.50 53.41 2.08
N HIS F 520 13.06 54.21 3.06
CA HIS F 520 12.12 55.27 2.77
C HIS F 520 12.75 56.30 1.85
N HIS F 521 12.01 56.70 0.81
CA HIS F 521 12.53 57.67 -0.14
C HIS F 521 12.78 59.01 0.55
N GLY F 522 13.96 59.57 0.32
CA GLY F 522 14.34 60.82 0.97
C GLY F 522 14.94 60.59 2.34
N THR F 523 14.17 59.96 3.23
CA THR F 523 14.65 59.69 4.58
C THR F 523 15.84 58.73 4.55
N GLY F 524 15.78 57.69 3.73
CA GLY F 524 16.86 56.73 3.65
C GLY F 524 17.06 55.90 4.91
N LYS F 525 15.97 55.42 5.51
CA LYS F 525 16.08 54.61 6.72
C LYS F 525 16.79 53.29 6.44
N TRP F 526 16.54 52.67 5.28
CA TRP F 526 17.16 51.41 4.90
C TRP F 526 16.92 50.32 5.94
N TYR F 527 15.68 50.24 6.43
CA TYR F 527 15.34 49.33 7.50
C TYR F 527 14.75 48.04 6.95
N GLU F 528 14.92 46.96 7.70
CA GLU F 528 14.36 45.67 7.30
C GLU F 528 12.85 45.68 7.49
N LEU F 529 12.12 45.20 6.48
CA LEU F 529 10.67 45.17 6.52
C LEU F 529 10.11 44.02 7.35
N GLN F 530 10.96 43.13 7.86
CA GLN F 530 10.50 42.04 8.71
C GLN F 530 9.82 42.60 9.95
N ASP F 531 8.72 41.95 10.35
CA ASP F 531 7.94 42.44 11.48
C ASP F 531 8.76 42.42 12.77
N LEU F 532 9.51 41.35 13.00
CA LEU F 532 10.32 41.27 14.20
C LEU F 532 11.50 42.23 14.15
N GLN F 533 12.22 42.25 13.02
CA GLN F 533 13.36 43.15 12.84
C GLN F 533 12.89 44.36 12.02
N VAL F 534 12.17 45.25 12.69
CA VAL F 534 11.64 46.43 12.01
C VAL F 534 12.77 47.40 11.68
N THR F 535 13.70 47.61 12.61
CA THR F 535 14.77 48.58 12.45
C THR F 535 16.08 47.83 12.23
N ASP F 536 16.59 47.89 11.00
CA ASP F 536 17.90 47.32 10.67
C ASP F 536 18.48 48.15 9.52
N ILE F 537 19.30 49.13 9.85
CA ILE F 537 19.78 50.08 8.85
C ILE F 537 21.04 49.55 8.17
N LEU F 538 22.01 49.07 8.96
CA LEU F 538 23.26 48.59 8.38
C LEU F 538 23.00 47.35 7.52
N PRO F 539 23.77 47.18 6.45
CA PRO F 539 23.53 46.02 5.57
C PRO F 539 23.63 44.69 6.29
N GLN F 540 24.58 44.55 7.23
CA GLN F 540 24.78 43.30 7.98
C GLN F 540 24.90 42.11 7.03
N MET F 541 25.79 42.26 6.05
CA MET F 541 26.00 41.26 5.00
C MET F 541 24.70 40.98 4.23
N ILE F 542 24.02 42.06 3.85
CA ILE F 542 22.79 41.94 3.07
C ILE F 542 23.07 41.29 1.72
N THR F 543 24.16 41.71 1.06
CA THR F 543 24.52 41.15 -0.23
C THR F 543 25.08 39.73 -0.14
N LEU F 544 25.40 39.26 1.07
CA LEU F 544 25.89 37.89 1.22
C LEU F 544 24.83 36.87 0.84
N SER F 545 23.58 37.11 1.25
CA SER F 545 22.49 36.20 0.91
C SER F 545 22.10 36.37 -0.56
N GLU F 546 21.47 35.34 -1.10
CA GLU F 546 21.02 35.36 -2.49
C GLU F 546 19.78 36.24 -2.63
N ALA F 547 19.99 37.52 -2.91
CA ALA F 547 18.88 38.46 -3.04
C ALA F 547 17.94 38.03 -4.15
N TYR F 548 16.69 37.73 -3.78
CA TYR F 548 15.72 37.26 -4.75
C TYR F 548 15.42 38.33 -5.80
N ILE F 549 15.28 39.58 -5.37
CA ILE F 549 14.95 40.67 -6.29
C ILE F 549 15.41 41.98 -5.66
N GLN F 550 15.64 42.98 -6.50
CA GLN F 550 15.99 44.32 -6.05
C GLN F 550 15.18 45.34 -6.84
N ILE F 551 14.83 46.44 -6.17
CA ILE F 551 14.06 47.52 -6.76
C ILE F 551 14.77 48.83 -6.43
N TRP F 552 15.07 49.61 -7.46
CA TRP F 552 15.78 50.87 -7.31
C TRP F 552 15.06 51.96 -8.09
N LYS F 553 15.24 53.21 -7.66
CA LYS F 553 14.63 54.37 -8.29
C LYS F 553 15.72 55.22 -8.91
N ARG F 554 15.42 55.78 -10.10
CA ARG F 554 16.40 56.62 -10.79
C ARG F 554 16.74 57.85 -9.96
N ARG F 555 15.74 58.49 -9.37
CA ARG F 555 15.92 59.68 -8.53
C ARG F 555 16.67 60.78 -9.27
N LYS G 699 3.78 -76.29 10.92
CA LYS G 699 5.04 -76.07 11.61
C LYS G 699 5.74 -77.39 11.93
N GLU G 700 5.65 -77.80 13.20
CA GLU G 700 6.25 -79.04 13.69
C GLU G 700 7.77 -79.04 13.54
N LYS G 701 8.37 -77.88 13.31
CA LYS G 701 9.82 -77.77 13.15
C LYS G 701 10.41 -77.30 14.48
N ASP G 702 10.57 -78.26 15.40
CA ASP G 702 11.11 -77.97 16.73
C ASP G 702 12.62 -77.80 16.60
N GLY G 703 13.02 -76.61 16.17
CA GLY G 703 14.42 -76.29 15.97
C GLY G 703 15.11 -75.88 17.26
N TYR G 704 16.36 -75.45 17.11
CA TYR G 704 17.19 -75.01 18.22
C TYR G 704 17.71 -73.61 17.94
N LYS G 705 18.08 -72.91 19.02
CA LYS G 705 18.63 -71.57 18.90
C LYS G 705 19.95 -71.61 18.14
N PRO G 706 20.10 -70.87 17.05
CA PRO G 706 21.35 -70.95 16.28
C PRO G 706 22.53 -70.39 17.06
N ASP G 707 23.70 -71.00 16.83
CA ASP G 707 24.95 -70.56 17.41
C ASP G 707 25.80 -69.76 16.43
N VAL G 708 25.25 -69.39 15.29
CA VAL G 708 26.00 -68.67 14.27
C VAL G 708 26.09 -67.20 14.66
N LYS G 709 27.31 -66.68 14.75
CA LYS G 709 27.56 -65.30 15.11
C LYS G 709 28.37 -64.62 14.02
N ILE G 710 28.25 -63.29 13.95
CA ILE G 710 28.96 -62.52 12.95
C ILE G 710 30.45 -62.53 13.27
N GLU G 711 31.27 -62.93 12.29
CA GLU G 711 32.71 -62.97 12.48
C GLU G 711 33.39 -62.83 11.12
N TYR G 712 34.56 -62.20 11.13
CA TYR G 712 35.32 -61.96 9.91
C TYR G 712 36.75 -62.42 10.14
N VAL G 713 37.27 -63.23 9.22
CA VAL G 713 38.55 -63.92 9.39
C VAL G 713 39.49 -63.50 8.27
N ASP G 714 40.68 -63.05 8.65
CA ASP G 714 41.72 -62.69 7.71
C ASP G 714 42.69 -63.85 7.52
N GLU G 715 43.83 -63.59 6.88
CA GLU G 715 44.82 -64.63 6.68
C GLU G 715 45.34 -65.18 8.00
N THR G 716 45.61 -64.30 8.96
CA THR G 716 46.06 -64.74 10.28
C THR G 716 44.91 -65.21 11.18
N GLY G 717 43.66 -64.98 10.77
CA GLY G 717 42.51 -65.42 11.52
C GLY G 717 42.08 -64.51 12.64
N ARG G 718 42.78 -63.40 12.87
CA ARG G 718 42.39 -62.47 13.93
C ARG G 718 41.12 -61.73 13.53
N LYS G 719 40.34 -61.34 14.53
CA LYS G 719 39.09 -60.61 14.29
C LYS G 719 39.42 -59.19 13.83
N LEU G 720 39.13 -58.91 12.56
CA LEU G 720 39.46 -57.62 11.99
C LEU G 720 38.53 -56.54 12.52
N THR G 721 39.05 -55.30 12.55
CA THR G 721 38.20 -54.16 12.83
C THR G 721 37.28 -53.90 11.64
N PRO G 722 36.11 -53.29 11.87
CA PRO G 722 35.20 -53.02 10.74
C PRO G 722 35.83 -52.18 9.65
N LYS G 723 36.73 -51.25 9.99
CA LYS G 723 37.43 -50.50 8.96
C LYS G 723 38.26 -51.40 8.07
N GLU G 724 38.99 -52.35 8.67
CA GLU G 724 39.75 -53.31 7.88
C GLU G 724 38.84 -54.20 7.06
N ALA G 725 37.69 -54.58 7.63
CA ALA G 725 36.74 -55.40 6.88
C ALA G 725 36.24 -54.67 5.64
N PHE G 726 35.89 -53.38 5.79
CA PHE G 726 35.46 -52.60 4.64
C PHE G 726 36.60 -52.38 3.65
N ARG G 727 37.83 -52.24 4.14
CA ARG G 727 38.97 -52.14 3.25
C ARG G 727 39.11 -53.38 2.39
N GLN G 728 38.98 -54.56 3.02
CA GLN G 728 39.01 -55.81 2.27
C GLN G 728 37.85 -55.90 1.29
N LEU G 729 36.66 -55.47 1.72
CA LEU G 729 35.51 -55.44 0.83
C LEU G 729 35.81 -54.64 -0.44
N SER G 730 36.29 -53.41 -0.25
CA SER G 730 36.54 -52.54 -1.40
C SER G 730 37.68 -53.05 -2.27
N HIS G 731 38.72 -53.61 -1.65
CA HIS G 731 39.82 -54.18 -2.42
C HIS G 731 39.35 -55.33 -3.29
N ARG G 732 38.51 -56.20 -2.74
CA ARG G 732 37.92 -57.26 -3.55
C ARG G 732 37.01 -56.69 -4.64
N PHE G 733 36.26 -55.65 -4.31
CA PHE G 733 35.28 -55.11 -5.25
C PHE G 733 35.95 -54.50 -6.47
N HIS G 734 36.95 -53.64 -6.25
CA HIS G 734 37.67 -53.04 -7.37
C HIS G 734 38.63 -54.02 -8.04
N GLY G 735 38.85 -55.19 -7.45
CA GLY G 735 39.73 -56.19 -8.03
C GLY G 735 41.20 -55.97 -7.74
N LYS G 736 41.56 -54.93 -7.00
CA LYS G 736 42.95 -54.64 -6.68
C LYS G 736 43.03 -54.01 -5.30
N GLY G 737 44.16 -54.24 -4.63
CA GLY G 737 44.38 -53.74 -3.30
C GLY G 737 45.14 -52.43 -3.27
N SER G 738 45.85 -52.19 -2.18
CA SER G 738 46.61 -50.97 -2.01
C SER G 738 47.92 -51.05 -2.80
N GLY G 739 48.67 -49.95 -2.79
CA GLY G 739 49.93 -49.89 -3.49
C GLY G 739 51.06 -50.53 -2.70
N LYS G 740 52.25 -50.53 -3.31
CA LYS G 740 53.41 -51.16 -2.69
C LYS G 740 53.79 -50.44 -1.40
N MET G 741 53.84 -49.11 -1.43
CA MET G 741 54.19 -48.35 -0.24
C MET G 741 53.17 -48.56 0.87
N LYS G 742 51.88 -48.58 0.52
CA LYS G 742 50.86 -48.83 1.52
C LYS G 742 50.99 -50.23 2.12
N THR G 743 51.32 -51.22 1.30
CA THR G 743 51.53 -52.57 1.83
C THR G 743 52.73 -52.62 2.76
N GLU G 744 53.81 -51.92 2.41
CA GLU G 744 54.96 -51.87 3.30
C GLU G 744 54.61 -51.21 4.63
N ARG G 745 53.85 -50.12 4.57
CA ARG G 745 53.41 -49.47 5.81
C ARG G 745 52.53 -50.40 6.64
N ARG G 746 51.63 -51.12 5.98
CA ARG G 746 50.73 -52.02 6.70
C ARG G 746 51.51 -53.16 7.36
N MET G 747 52.47 -53.75 6.65
CA MET G 747 53.24 -54.83 7.25
C MET G 747 54.15 -54.31 8.35
N LYS G 748 54.68 -53.09 8.22
CA LYS G 748 55.45 -52.50 9.31
C LYS G 748 54.58 -52.30 10.55
N LYS G 749 53.36 -51.81 10.35
CA LYS G 749 52.43 -51.64 11.47
C LYS G 749 52.09 -52.98 12.11
N LEU G 750 51.87 -54.01 11.29
CA LEU G 750 51.58 -55.34 11.82
C LEU G 750 52.76 -55.88 12.62
N ASP G 751 53.98 -55.70 12.12
CA ASP G 751 55.16 -56.14 12.86
C ASP G 751 55.31 -55.40 14.17
N GLU G 752 55.04 -54.08 14.16
CA GLU G 752 55.12 -53.31 15.40
C GLU G 752 54.07 -53.79 16.41
N GLU G 753 52.86 -54.06 15.94
CA GLU G 753 51.82 -54.57 16.83
C GLU G 753 52.19 -55.92 17.40
N ALA G 754 52.75 -56.81 16.56
CA ALA G 754 53.17 -58.12 17.04
C ALA G 754 54.28 -58.01 18.08
N LEU G 755 55.24 -57.11 17.84
CA LEU G 755 56.32 -56.92 18.82
C LEU G 755 55.78 -56.35 20.12
N LEU G 756 54.84 -55.42 20.05
CA LEU G 756 54.25 -54.86 21.26
C LEU G 756 53.47 -55.91 22.03
N LYS G 757 52.75 -56.77 21.31
CA LYS G 757 51.98 -57.83 21.98
C LYS G 757 52.89 -58.82 22.70
N LYS G 758 54.06 -59.10 22.11
CA LYS G 758 55.00 -60.02 22.73
C LYS G 758 55.59 -59.46 24.02
N MET G 759 55.56 -58.14 24.21
CA MET G 759 56.09 -57.53 25.42
C MET G 759 54.96 -57.10 26.36
N LEU G 766 62.90 -53.04 27.97
CA LEU G 766 64.13 -52.39 27.55
C LEU G 766 64.81 -51.69 28.73
N GLY G 767 64.16 -51.71 29.90
CA GLY G 767 64.72 -51.09 31.08
C GLY G 767 65.84 -51.88 31.74
N THR G 768 65.95 -53.17 31.44
CA THR G 768 67.03 -53.97 32.02
C THR G 768 68.40 -53.48 31.55
N VAL G 769 68.51 -53.16 30.27
CA VAL G 769 69.77 -52.64 29.74
C VAL G 769 70.12 -51.31 30.39
N ALA G 770 69.11 -50.44 30.56
CA ALA G 770 69.34 -49.15 31.20
C ALA G 770 69.80 -49.33 32.64
N LEU G 771 69.17 -50.26 33.37
CA LEU G 771 69.57 -50.51 34.75
C LEU G 771 70.99 -51.06 34.82
N LEU G 772 71.33 -51.99 33.92
CA LEU G 772 72.68 -52.54 33.89
C LEU G 772 73.71 -51.46 33.59
N GLN G 773 73.41 -50.56 32.65
CA GLN G 773 74.31 -49.46 32.35
C GLN G 773 74.45 -48.50 33.53
N GLU G 774 73.34 -48.20 34.20
CA GLU G 774 73.39 -47.30 35.34
C GLU G 774 74.07 -47.93 36.55
N LYS G 775 74.16 -49.25 36.60
CA LYS G 775 74.90 -49.90 37.69
C LYS G 775 76.35 -49.45 37.70
N GLN G 776 76.99 -49.41 36.53
CA GLN G 776 78.34 -48.85 36.44
C GLN G 776 78.30 -47.35 36.68
N LYS G 777 79.28 -46.85 37.41
CA LYS G 777 79.37 -45.43 37.73
C LYS G 777 79.71 -44.60 36.49
N MET H 116 -36.46 38.36 -40.01
CA MET H 116 -36.75 38.02 -38.63
C MET H 116 -36.92 39.28 -37.79
N ASP H 117 -36.79 40.44 -38.43
CA ASP H 117 -36.99 41.71 -37.72
C ASP H 117 -38.43 41.88 -37.26
N PHE H 118 -39.37 41.12 -37.84
CA PHE H 118 -40.75 41.17 -37.38
C PHE H 118 -40.89 40.74 -35.92
N LEU H 119 -39.95 39.94 -35.41
CA LEU H 119 -39.98 39.58 -34.00
C LEU H 119 -39.82 40.82 -33.11
N ALA H 120 -38.89 41.70 -33.48
CA ALA H 120 -38.75 42.95 -32.75
C ALA H 120 -39.86 43.94 -33.07
N ASP H 121 -40.35 43.92 -34.31
CA ASP H 121 -41.42 44.83 -34.70
C ASP H 121 -42.71 44.56 -33.91
N LEU H 122 -43.04 43.28 -33.74
CA LEU H 122 -44.27 42.92 -33.01
C LEU H 122 -44.17 43.25 -31.53
N MET H 123 -42.96 43.35 -30.98
CA MET H 123 -42.82 43.71 -29.57
C MET H 123 -43.32 45.12 -29.28
N ASP H 124 -43.27 46.00 -30.29
CA ASP H 124 -43.77 47.36 -30.09
C ASP H 124 -45.27 47.37 -29.84
N ASN H 125 -46.01 46.54 -30.58
CA ASN H 125 -47.47 46.47 -30.42
C ASN H 125 -47.79 45.82 -29.08
N SER H 126 -48.21 46.64 -28.12
CA SER H 126 -48.50 46.12 -26.78
C SER H 126 -49.73 45.22 -26.76
N GLU H 127 -50.56 45.24 -27.80
CA GLU H 127 -51.76 44.42 -27.84
C GLU H 127 -51.54 43.07 -28.52
N LEU H 128 -50.36 42.84 -29.09
CA LEU H 128 -50.06 41.58 -29.76
C LEU H 128 -49.22 40.64 -28.91
N ILE H 129 -48.86 41.04 -27.70
CA ILE H 129 -48.08 40.22 -26.78
C ILE H 129 -49.03 39.35 -25.97
N ARG H 130 -48.62 38.12 -25.71
CA ARG H 130 -49.41 37.18 -24.90
C ARG H 130 -48.50 36.61 -23.82
N ASN H 131 -48.42 37.30 -22.68
CA ASN H 131 -47.62 36.84 -21.56
C ASN H 131 -48.30 35.62 -20.92
N VAL H 132 -47.68 34.46 -21.04
CA VAL H 132 -48.26 33.22 -20.54
C VAL H 132 -47.16 32.38 -19.90
N THR H 133 -47.52 31.69 -18.82
CA THR H 133 -46.63 30.73 -18.17
C THR H 133 -47.28 29.36 -18.19
N LEU H 134 -46.45 28.33 -18.37
CA LEU H 134 -46.94 26.96 -18.49
C LEU H 134 -46.83 26.24 -17.14
N CYS H 135 -47.62 25.18 -17.02
CA CYS H 135 -47.57 24.28 -15.88
C CYS H 135 -47.69 22.86 -16.39
N GLY H 136 -47.19 21.91 -15.61
CA GLY H 136 -47.20 20.52 -16.03
C GLY H 136 -47.24 19.56 -14.87
N HIS H 137 -47.90 18.42 -15.09
CA HIS H 137 -47.84 17.33 -14.13
C HIS H 137 -46.40 16.82 -14.00
N LEU H 138 -45.72 16.64 -15.12
CA LEU H 138 -44.31 16.31 -15.17
C LEU H 138 -43.65 17.17 -16.23
N HIS H 139 -42.41 17.58 -15.98
CA HIS H 139 -41.71 18.50 -16.88
C HIS H 139 -41.56 17.93 -18.29
N HIS H 140 -41.62 16.61 -18.44
CA HIS H 140 -41.51 16.01 -19.77
C HIS H 140 -42.64 16.46 -20.68
N GLY H 141 -43.87 16.50 -20.17
CA GLY H 141 -45.00 16.85 -21.02
C GLY H 141 -44.97 18.29 -21.48
N LYS H 142 -44.75 19.23 -20.57
CA LYS H 142 -44.72 20.63 -20.93
C LYS H 142 -43.56 20.96 -21.85
N THR H 143 -42.37 20.40 -21.56
CA THR H 143 -41.21 20.66 -22.39
C THR H 143 -41.37 20.05 -23.78
N CYS H 144 -42.06 18.91 -23.89
CA CYS H 144 -42.34 18.37 -25.21
C CYS H 144 -43.19 19.33 -26.04
N PHE H 145 -44.20 19.94 -25.41
CA PHE H 145 -45.02 20.92 -26.10
C PHE H 145 -44.21 22.14 -26.49
N VAL H 146 -43.33 22.61 -25.60
CA VAL H 146 -42.49 23.76 -25.90
C VAL H 146 -41.55 23.45 -27.06
N ASP H 147 -41.01 22.23 -27.09
CA ASP H 147 -40.12 21.83 -28.17
C ASP H 147 -40.88 21.73 -29.49
N CYS H 148 -42.12 21.24 -29.45
CA CYS H 148 -42.94 21.22 -30.66
C CYS H 148 -43.19 22.64 -31.16
N LEU H 149 -43.49 23.56 -30.24
CA LEU H 149 -43.68 24.96 -30.63
C LEU H 149 -42.42 25.55 -31.25
N ILE H 150 -41.26 25.25 -30.66
CA ILE H 150 -40.00 25.77 -31.17
C ILE H 150 -39.71 25.20 -32.56
N GLU H 151 -39.96 23.90 -32.75
CA GLU H 151 -39.75 23.30 -34.05
C GLU H 151 -40.68 23.90 -35.10
N GLN H 152 -41.93 24.16 -34.73
CA GLN H 152 -42.85 24.83 -35.65
C GLN H 152 -42.37 26.22 -36.00
N THR H 153 -41.92 26.98 -35.00
CA THR H 153 -41.44 28.34 -35.25
C THR H 153 -40.08 28.34 -35.92
N HIS H 154 -39.16 27.50 -35.45
CA HIS H 154 -37.81 27.45 -35.99
C HIS H 154 -37.62 26.20 -36.84
N PRO H 155 -37.55 26.31 -38.17
CA PRO H 155 -37.40 25.11 -39.00
C PRO H 155 -36.00 24.50 -38.93
N GLU H 156 -35.01 25.21 -38.40
CA GLU H 156 -33.66 24.67 -38.35
C GLU H 156 -33.54 23.54 -37.34
N ILE H 157 -34.11 23.72 -36.16
CA ILE H 157 -34.02 22.72 -35.10
C ILE H 157 -35.06 21.64 -35.35
N ARG H 158 -34.62 20.40 -35.45
CA ARG H 158 -35.50 19.25 -35.67
C ARG H 158 -35.20 18.20 -34.60
N LYS H 159 -36.24 17.70 -33.95
CA LYS H 159 -36.06 16.71 -32.90
C LYS H 159 -35.58 15.39 -33.49
N ARG H 160 -34.62 14.76 -32.81
CA ARG H 160 -34.09 13.49 -33.25
C ARG H 160 -35.09 12.37 -33.01
N TYR H 161 -34.98 11.31 -33.81
CA TYR H 161 -35.88 10.18 -33.66
C TYR H 161 -35.67 9.46 -32.33
N ASP H 162 -34.42 9.40 -31.86
CA ASP H 162 -34.11 8.65 -30.65
C ASP H 162 -34.68 9.36 -29.41
N GLN H 163 -34.46 10.67 -29.31
CA GLN H 163 -34.89 11.41 -28.14
C GLN H 163 -35.36 12.80 -28.56
N ASP H 164 -36.22 13.39 -27.73
CA ASP H 164 -36.73 14.73 -27.99
C ASP H 164 -35.64 15.77 -27.78
N LEU H 165 -35.78 16.90 -28.49
CA LEU H 165 -34.79 17.96 -28.38
C LEU H 165 -34.77 18.56 -26.98
N CYS H 166 -35.95 18.82 -26.41
CA CYS H 166 -36.09 19.41 -25.07
C CYS H 166 -35.32 20.72 -24.97
N TYR H 167 -35.74 21.68 -25.79
CA TYR H 167 -35.08 22.98 -25.82
C TYR H 167 -35.28 23.78 -24.53
N THR H 168 -36.26 23.42 -23.71
CA THR H 168 -36.50 24.13 -22.46
C THR H 168 -35.60 23.65 -21.33
N ASP H 169 -34.83 22.58 -21.55
CA ASP H 169 -33.91 22.06 -20.53
C ASP H 169 -32.52 22.59 -20.81
N ILE H 170 -32.30 23.86 -20.43
CA ILE H 170 -31.02 24.50 -20.67
C ILE H 170 -29.93 23.87 -19.81
N LEU H 171 -30.22 23.62 -18.53
CA LEU H 171 -29.24 23.06 -17.62
C LEU H 171 -28.89 21.63 -18.01
N PHE H 172 -27.61 21.27 -17.84
CA PHE H 172 -27.20 19.90 -18.09
C PHE H 172 -27.71 18.95 -17.02
N THR H 173 -27.93 19.44 -15.81
CA THR H 173 -28.48 18.61 -14.74
C THR H 173 -29.86 18.11 -15.12
N GLU H 174 -30.71 18.99 -15.67
CA GLU H 174 -32.04 18.57 -16.11
C GLU H 174 -31.95 17.61 -17.29
N GLN H 175 -30.99 17.84 -18.19
CA GLN H 175 -30.85 16.97 -19.35
C GLN H 175 -30.45 15.56 -18.94
N GLU H 176 -29.54 15.44 -17.97
CA GLU H 176 -29.09 14.11 -17.54
C GLU H 176 -30.11 13.44 -16.63
N ARG H 177 -30.68 14.18 -15.67
CA ARG H 177 -31.65 13.60 -14.75
C ARG H 177 -32.98 13.31 -15.42
N GLY H 178 -33.37 14.12 -16.40
CA GLY H 178 -34.64 13.97 -17.07
C GLY H 178 -35.77 14.80 -16.52
N VAL H 179 -35.56 15.47 -15.37
CA VAL H 179 -36.56 16.35 -14.77
C VAL H 179 -36.05 17.78 -14.90
N GLY H 180 -36.90 18.66 -15.43
CA GLY H 180 -36.50 20.04 -15.59
C GLY H 180 -36.17 20.70 -14.27
N ILE H 181 -35.13 21.54 -14.28
CA ILE H 181 -34.59 22.15 -13.08
C ILE H 181 -35.05 23.60 -12.94
N LYS H 182 -34.72 24.44 -13.92
CA LYS H 182 -35.05 25.86 -13.87
C LYS H 182 -36.04 26.21 -14.98
N SER H 183 -36.92 27.16 -14.69
CA SER H 183 -37.90 27.59 -15.68
C SER H 183 -37.21 28.25 -16.86
N THR H 184 -37.67 27.93 -18.06
CA THR H 184 -37.11 28.48 -19.28
C THR H 184 -38.10 29.44 -19.92
N PRO H 185 -37.87 30.75 -19.87
CA PRO H 185 -38.80 31.72 -20.51
C PRO H 185 -38.44 31.99 -21.97
N VAL H 186 -38.81 31.05 -22.84
CA VAL H 186 -38.40 31.09 -24.24
C VAL H 186 -39.61 30.77 -25.12
N THR H 187 -39.87 31.64 -26.08
CA THR H 187 -40.91 31.42 -27.09
C THR H 187 -40.69 32.44 -28.21
N VAL H 188 -41.65 32.52 -29.13
CA VAL H 188 -41.43 33.18 -30.41
C VAL H 188 -42.74 33.76 -30.94
N VAL H 189 -42.68 34.42 -32.10
CA VAL H 189 -43.91 34.83 -32.78
C VAL H 189 -44.53 33.61 -33.44
N LEU H 190 -45.82 33.39 -33.18
CA LEU H 190 -46.53 32.24 -33.71
C LEU H 190 -47.78 32.68 -34.46
N PRO H 191 -48.11 32.01 -35.56
CA PRO H 191 -49.27 32.40 -36.36
C PRO H 191 -50.57 31.88 -35.73
N ASP H 192 -51.69 32.21 -36.38
CA ASP H 192 -53.00 31.78 -35.94
C ASP H 192 -53.86 31.49 -37.16
N THR H 193 -54.88 30.66 -36.96
CA THR H 193 -55.76 30.28 -38.06
C THR H 193 -56.55 31.48 -38.57
N LYS H 194 -57.21 32.21 -37.66
CA LYS H 194 -58.01 33.36 -38.02
C LYS H 194 -57.36 34.68 -37.63
N GLY H 195 -56.09 34.65 -37.22
CA GLY H 195 -55.41 35.86 -36.80
C GLY H 195 -53.96 35.86 -37.27
N LYS H 196 -53.34 37.02 -37.15
CA LYS H 196 -51.95 37.18 -37.54
C LYS H 196 -51.03 36.61 -36.46
N SER H 197 -49.74 36.66 -36.71
CA SER H 197 -48.77 36.13 -35.76
C SER H 197 -48.68 37.03 -34.54
N TYR H 198 -48.75 36.41 -33.35
CA TYR H 198 -48.58 37.10 -32.08
C TYR H 198 -47.31 36.61 -31.42
N LEU H 199 -46.58 37.52 -30.79
CA LEU H 199 -45.29 37.18 -30.18
C LEU H 199 -45.53 36.49 -28.85
N PHE H 200 -45.76 35.18 -28.90
CA PHE H 200 -45.91 34.41 -27.68
C PHE H 200 -44.59 34.35 -26.93
N ASN H 201 -44.64 34.57 -25.62
CA ASN H 201 -43.52 34.37 -24.72
C ASN H 201 -43.97 33.48 -23.56
N ILE H 202 -43.41 32.28 -23.50
CA ILE H 202 -43.86 31.25 -22.58
C ILE H 202 -42.71 30.85 -21.66
N MET H 203 -42.98 30.84 -20.36
CA MET H 203 -41.99 30.45 -19.35
C MET H 203 -42.32 29.03 -18.91
N ASP H 204 -41.71 28.05 -19.58
CA ASP H 204 -41.90 26.65 -19.21
C ASP H 204 -41.41 26.42 -17.78
N THR H 205 -42.23 25.73 -16.99
CA THR H 205 -41.95 25.51 -15.58
C THR H 205 -41.68 24.04 -15.31
N PRO H 206 -40.89 23.73 -14.28
CA PRO H 206 -40.63 22.32 -13.95
C PRO H 206 -41.88 21.62 -13.43
N GLY H 207 -41.91 20.31 -13.61
CA GLY H 207 -43.05 19.51 -13.24
C GLY H 207 -42.88 18.70 -11.98
N HIS H 208 -42.26 19.30 -10.96
CA HIS H 208 -42.06 18.64 -9.68
C HIS H 208 -42.77 19.43 -8.59
N VAL H 209 -43.15 18.72 -7.52
CA VAL H 209 -43.91 19.36 -6.44
C VAL H 209 -43.07 20.45 -5.77
N ASN H 210 -41.82 20.12 -5.42
CA ASN H 210 -40.93 21.12 -4.83
C ASN H 210 -40.52 22.17 -5.86
N PHE H 211 -40.12 21.72 -7.04
CA PHE H 211 -39.67 22.64 -8.09
C PHE H 211 -40.79 23.57 -8.53
N SER H 212 -42.05 23.25 -8.22
CA SER H 212 -43.15 24.14 -8.51
C SER H 212 -42.98 25.49 -7.83
N ASP H 213 -42.19 25.55 -6.76
CA ASP H 213 -41.89 26.84 -6.14
C ASP H 213 -41.26 27.79 -7.14
N GLU H 214 -40.40 27.28 -8.02
CA GLU H 214 -39.84 28.10 -9.08
C GLU H 214 -40.94 28.63 -9.99
N VAL H 215 -41.93 27.79 -10.28
CA VAL H 215 -43.07 28.23 -11.10
C VAL H 215 -43.78 29.40 -10.44
N THR H 216 -43.70 29.49 -9.10
CA THR H 216 -44.30 30.62 -8.40
C THR H 216 -43.76 31.95 -8.92
N ALA H 217 -42.47 31.98 -9.26
CA ALA H 217 -41.90 33.18 -9.86
C ALA H 217 -42.62 33.53 -11.16
N GLY H 218 -42.87 32.53 -12.00
CA GLY H 218 -43.64 32.75 -13.21
C GLY H 218 -45.02 33.32 -12.95
N LEU H 219 -45.56 33.08 -11.75
CA LEU H 219 -46.85 33.66 -11.39
C LEU H 219 -46.83 35.17 -11.52
N ARG H 220 -45.69 35.81 -11.24
CA ARG H 220 -45.57 37.25 -11.42
C ARG H 220 -44.99 37.62 -12.77
N ILE H 221 -44.46 36.65 -13.52
CA ILE H 221 -43.95 36.96 -14.85
C ILE H 221 -45.08 37.25 -15.82
N SER H 222 -46.16 36.47 -15.75
CA SER H 222 -47.29 36.61 -16.65
C SER H 222 -48.59 36.55 -15.86
N ASP H 223 -49.69 36.91 -16.53
CA ASP H 223 -51.02 36.92 -15.94
C ASP H 223 -51.91 35.82 -16.49
N GLY H 224 -51.33 34.79 -17.10
CA GLY H 224 -52.10 33.70 -17.63
C GLY H 224 -51.36 32.37 -17.56
N VAL H 225 -52.01 31.34 -17.01
CA VAL H 225 -51.41 30.04 -16.84
C VAL H 225 -52.10 29.06 -17.78
N VAL H 226 -51.35 28.55 -18.76
CA VAL H 226 -51.87 27.52 -19.67
C VAL H 226 -51.54 26.18 -19.03
N LEU H 227 -52.43 25.75 -18.14
CA LEU H 227 -52.20 24.51 -17.39
C LEU H 227 -52.24 23.30 -18.32
N PHE H 228 -51.48 22.28 -17.95
CA PHE H 228 -51.41 21.02 -18.69
C PHE H 228 -51.83 19.88 -17.78
N ILE H 229 -52.64 18.97 -18.32
CA ILE H 229 -53.06 17.77 -17.61
C ILE H 229 -52.91 16.58 -18.54
N ASP H 230 -52.25 15.53 -18.07
CA ASP H 230 -52.08 14.33 -18.87
C ASP H 230 -53.42 13.61 -19.03
N ALA H 231 -53.68 13.14 -20.25
CA ALA H 231 -54.93 12.45 -20.51
C ALA H 231 -55.03 11.15 -19.72
N ALA H 232 -53.99 10.32 -19.79
CA ALA H 232 -54.00 9.05 -19.09
C ALA H 232 -53.88 9.26 -17.58
N GLU H 233 -52.93 10.09 -17.15
CA GLU H 233 -52.69 10.29 -15.73
C GLU H 233 -53.86 11.03 -15.08
N GLY H 234 -54.43 12.02 -15.77
CA GLY H 234 -55.50 12.79 -15.19
C GLY H 234 -55.00 13.84 -14.22
N VAL H 235 -55.83 14.18 -13.24
CA VAL H 235 -55.48 15.19 -12.25
C VAL H 235 -54.38 14.65 -11.35
N MET H 236 -53.45 15.54 -10.98
CA MET H 236 -52.35 15.20 -10.09
C MET H 236 -52.27 16.22 -8.97
N LEU H 237 -51.50 15.87 -7.94
CA LEU H 237 -51.33 16.78 -6.81
C LEU H 237 -50.65 18.07 -7.25
N ASN H 238 -49.61 17.96 -8.09
CA ASN H 238 -48.94 19.16 -8.59
C ASN H 238 -49.89 20.01 -9.43
N THR H 239 -50.68 19.38 -10.29
CA THR H 239 -51.63 20.13 -11.11
C THR H 239 -52.68 20.83 -10.25
N GLU H 240 -53.22 20.13 -9.26
CA GLU H 240 -54.22 20.73 -8.39
C GLU H 240 -53.63 21.90 -7.60
N ARG H 241 -52.42 21.73 -7.07
CA ARG H 241 -51.77 22.80 -6.33
C ARG H 241 -51.51 24.00 -7.22
N LEU H 242 -51.05 23.76 -8.45
CA LEU H 242 -50.80 24.86 -9.38
C LEU H 242 -52.08 25.58 -9.74
N ILE H 243 -53.17 24.83 -9.95
CA ILE H 243 -54.45 25.45 -10.29
C ILE H 243 -54.95 26.31 -9.13
N LYS H 244 -54.85 25.79 -7.90
CA LYS H 244 -55.29 26.56 -6.75
C LYS H 244 -54.45 27.82 -6.58
N HIS H 245 -53.12 27.69 -6.75
CA HIS H 245 -52.25 28.84 -6.60
C HIS H 245 -52.52 29.89 -7.67
N ALA H 246 -52.76 29.45 -8.91
CA ALA H 246 -53.09 30.39 -9.98
C ALA H 246 -54.42 31.09 -9.72
N VAL H 247 -55.41 30.35 -9.22
CA VAL H 247 -56.69 30.95 -8.89
C VAL H 247 -56.52 32.00 -7.80
N GLN H 248 -55.72 31.69 -6.79
CA GLN H 248 -55.41 32.68 -5.75
C GLN H 248 -54.54 33.81 -6.28
N GLU H 249 -53.90 33.62 -7.44
CA GLU H 249 -53.04 34.62 -8.04
C GLU H 249 -53.77 35.49 -9.07
N ARG H 250 -55.05 35.24 -9.30
CA ARG H 250 -55.89 36.06 -10.18
C ARG H 250 -55.32 36.09 -11.60
N LEU H 251 -55.24 34.91 -12.21
CA LEU H 251 -54.74 34.76 -13.57
C LEU H 251 -55.65 33.85 -14.36
N ALA H 252 -55.65 34.04 -15.68
CA ALA H 252 -56.45 33.22 -16.57
C ALA H 252 -55.89 31.80 -16.65
N VAL H 253 -56.80 30.84 -16.80
CA VAL H 253 -56.44 29.43 -16.84
C VAL H 253 -57.03 28.82 -18.11
N THR H 254 -56.17 28.23 -18.94
CA THR H 254 -56.59 27.54 -20.15
C THR H 254 -56.00 26.14 -20.11
N VAL H 255 -56.85 25.13 -19.98
CA VAL H 255 -56.39 23.77 -19.76
C VAL H 255 -55.99 23.12 -21.08
N CYS H 256 -55.02 22.21 -21.00
CA CYS H 256 -54.55 21.48 -22.16
C CYS H 256 -54.52 19.99 -21.82
N ILE H 257 -55.36 19.21 -22.50
CA ILE H 257 -55.35 17.76 -22.34
C ILE H 257 -54.08 17.24 -23.00
N ASN H 258 -53.11 16.83 -22.20
CA ASN H 258 -51.81 16.40 -22.67
C ASN H 258 -51.74 14.89 -22.80
N LYS H 259 -50.86 14.43 -23.70
CA LYS H 259 -50.68 13.01 -23.97
C LYS H 259 -51.99 12.35 -24.38
N ILE H 260 -52.66 12.96 -25.36
CA ILE H 260 -53.91 12.40 -25.87
C ILE H 260 -53.65 11.06 -26.55
N ASP H 261 -52.45 10.86 -27.08
CA ASP H 261 -52.10 9.58 -27.69
C ASP H 261 -52.06 8.44 -26.68
N ARG H 262 -51.90 8.75 -25.39
CA ARG H 262 -51.88 7.71 -24.38
C ARG H 262 -53.21 6.97 -24.31
N LEU H 263 -54.31 7.72 -24.29
CA LEU H 263 -55.63 7.08 -24.34
C LEU H 263 -55.84 6.38 -25.68
N ILE H 264 -55.39 7.00 -26.76
CA ILE H 264 -55.58 6.41 -28.08
C ILE H 264 -54.72 5.16 -28.25
N LEU H 265 -53.44 5.26 -27.90
CA LEU H 265 -52.48 4.19 -28.16
C LEU H 265 -52.17 3.35 -26.93
N GLU H 266 -51.70 3.99 -25.85
CA GLU H 266 -51.26 3.24 -24.68
C GLU H 266 -52.40 2.45 -24.07
N LEU H 267 -53.54 3.11 -23.81
CA LEU H 267 -54.66 2.43 -23.21
C LEU H 267 -55.51 1.69 -24.23
N LYS H 268 -55.53 2.15 -25.48
CA LYS H 268 -56.35 1.55 -26.54
C LYS H 268 -57.83 1.52 -26.14
N LEU H 269 -58.26 2.56 -25.44
CA LEU H 269 -59.65 2.64 -24.97
C LEU H 269 -60.59 2.87 -26.16
N PRO H 270 -61.86 2.47 -26.01
CA PRO H 270 -62.82 2.77 -27.06
C PRO H 270 -63.01 4.27 -27.20
N PRO H 271 -63.33 4.75 -28.41
CA PRO H 271 -63.47 6.21 -28.61
C PRO H 271 -64.50 6.84 -27.70
N THR H 272 -65.65 6.19 -27.51
CA THR H 272 -66.66 6.72 -26.59
C THR H 272 -66.12 6.76 -25.17
N ASP H 273 -65.46 5.68 -24.74
CA ASP H 273 -64.90 5.65 -23.39
C ASP H 273 -63.82 6.71 -23.23
N ALA H 274 -63.00 6.91 -24.26
CA ALA H 274 -61.99 7.97 -24.21
C ALA H 274 -62.63 9.35 -24.07
N TYR H 275 -63.70 9.60 -24.83
CA TYR H 275 -64.39 10.87 -24.69
C TYR H 275 -64.97 11.05 -23.30
N TYR H 276 -65.56 9.98 -22.74
CA TYR H 276 -66.10 10.07 -21.40
C TYR H 276 -65.00 10.35 -20.37
N LYS H 277 -63.84 9.72 -20.53
CA LYS H 277 -62.72 9.97 -19.62
C LYS H 277 -62.25 11.42 -19.73
N LEU H 278 -62.14 11.94 -20.96
CA LEU H 278 -61.73 13.32 -21.14
C LEU H 278 -62.74 14.28 -20.54
N ARG H 279 -64.03 13.99 -20.71
CA ARG H 279 -65.07 14.83 -20.12
C ARG H 279 -65.01 14.78 -18.61
N HIS H 280 -64.74 13.60 -18.03
CA HIS H 280 -64.60 13.49 -16.59
C HIS H 280 -63.41 14.30 -16.08
N ILE H 281 -62.29 14.26 -16.81
CA ILE H 281 -61.13 15.05 -16.42
C ILE H 281 -61.44 16.54 -16.47
N VAL H 282 -62.12 16.97 -17.54
CA VAL H 282 -62.49 18.38 -17.67
C VAL H 282 -63.43 18.80 -16.55
N ASP H 283 -64.39 17.93 -16.22
CA ASP H 283 -65.32 18.22 -15.14
C ASP H 283 -64.62 18.32 -13.80
N GLU H 284 -63.66 17.43 -13.54
CA GLU H 284 -62.89 17.50 -12.30
C GLU H 284 -62.09 18.79 -12.23
N VAL H 285 -61.47 19.18 -13.35
CA VAL H 285 -60.73 20.44 -13.38
C VAL H 285 -61.65 21.62 -13.11
N ASN H 286 -62.83 21.61 -13.73
CA ASN H 286 -63.79 22.70 -13.52
C ASN H 286 -64.27 22.75 -12.08
N GLY H 287 -64.51 21.59 -11.47
CA GLY H 287 -64.91 21.56 -10.08
C GLY H 287 -63.83 22.09 -9.16
N LEU H 288 -62.57 21.71 -9.42
CA LEU H 288 -61.47 22.24 -8.63
C LEU H 288 -61.35 23.75 -8.78
N ILE H 289 -61.49 24.25 -10.01
CA ILE H 289 -61.41 25.69 -10.24
C ILE H 289 -62.54 26.41 -9.52
N SER H 290 -63.76 25.87 -9.58
CA SER H 290 -64.89 26.49 -8.91
C SER H 290 -64.72 26.48 -7.40
N MET H 291 -64.17 25.40 -6.85
CA MET H 291 -63.87 25.37 -5.42
C MET H 291 -62.83 26.42 -5.06
N TYR H 292 -61.81 26.58 -5.90
CA TYR H 292 -60.74 27.54 -5.60
C TYR H 292 -61.24 28.97 -5.75
N SER H 293 -61.94 29.27 -6.84
CA SER H 293 -62.38 30.64 -7.13
C SER H 293 -63.85 30.63 -7.51
N THR H 294 -64.55 31.70 -7.13
CA THR H 294 -65.98 31.85 -7.38
C THR H 294 -66.28 32.74 -8.57
N ASP H 295 -65.28 33.10 -9.36
CA ASP H 295 -65.50 33.96 -10.52
C ASP H 295 -66.34 33.25 -11.57
N GLU H 296 -67.15 34.04 -12.28
CA GLU H 296 -68.02 33.48 -13.30
C GLU H 296 -67.24 32.99 -14.52
N ASN H 297 -65.99 33.42 -14.68
CA ASN H 297 -65.17 32.97 -15.79
C ASN H 297 -64.56 31.58 -15.57
N LEU H 298 -64.99 30.87 -14.53
CA LEU H 298 -64.44 29.55 -14.24
C LEU H 298 -64.90 28.49 -15.22
N ILE H 299 -65.87 28.80 -16.09
CA ILE H 299 -66.36 27.81 -17.05
C ILE H 299 -65.26 27.51 -18.06
N LEU H 300 -64.92 26.23 -18.20
CA LEU H 300 -63.90 25.79 -19.13
C LEU H 300 -64.42 24.58 -19.91
N SER H 301 -64.36 24.66 -21.22
CA SER H 301 -64.86 23.62 -22.10
C SER H 301 -64.37 23.90 -23.52
N PRO H 302 -64.30 22.89 -24.38
CA PRO H 302 -63.93 23.15 -25.77
C PRO H 302 -64.88 24.11 -26.48
N LEU H 303 -66.16 24.08 -26.13
CA LEU H 303 -67.09 25.08 -26.66
C LEU H 303 -66.74 26.47 -26.17
N LEU H 304 -66.41 26.61 -24.88
CA LEU H 304 -65.97 27.89 -24.35
C LEU H 304 -64.58 28.28 -24.84
N GLY H 305 -63.78 27.31 -25.26
CA GLY H 305 -62.45 27.59 -25.76
C GLY H 305 -61.34 27.54 -24.74
N ASN H 306 -61.59 26.98 -23.56
CA ASN H 306 -60.59 26.90 -22.51
C ASN H 306 -59.90 25.54 -22.44
N VAL H 307 -60.19 24.63 -23.37
CA VAL H 307 -59.60 23.30 -23.38
C VAL H 307 -58.98 23.06 -24.75
N CYS H 308 -57.68 22.77 -24.76
CA CYS H 308 -56.97 22.45 -26.00
C CYS H 308 -56.43 21.03 -25.88
N PHE H 309 -56.76 20.18 -26.85
CA PHE H 309 -56.31 18.78 -26.83
C PHE H 309 -54.96 18.73 -27.55
N SER H 310 -53.88 18.64 -26.77
CA SER H 310 -52.52 18.69 -27.31
C SER H 310 -51.74 17.55 -26.69
N SER H 311 -51.53 16.48 -27.46
CA SER H 311 -50.81 15.32 -26.95
C SER H 311 -49.35 15.66 -26.63
N SER H 312 -48.80 16.67 -27.31
CA SER H 312 -47.40 17.09 -27.24
C SER H 312 -46.45 16.05 -27.80
N GLN H 313 -46.97 14.90 -28.24
CA GLN H 313 -46.19 13.87 -28.91
C GLN H 313 -46.75 13.69 -30.32
N TYR H 314 -45.85 13.48 -31.28
CA TYR H 314 -46.16 13.41 -32.71
C TYR H 314 -46.70 14.73 -33.26
N SER H 315 -46.61 15.81 -32.49
CA SER H 315 -47.11 17.13 -32.89
C SER H 315 -48.60 17.06 -33.24
N ILE H 316 -49.39 16.58 -32.28
CA ILE H 316 -50.84 16.46 -32.45
C ILE H 316 -51.53 17.38 -31.44
N CYS H 317 -51.82 18.60 -31.86
CA CYS H 317 -52.51 19.58 -31.02
C CYS H 317 -53.64 20.22 -31.81
N PHE H 318 -54.76 20.46 -31.13
CA PHE H 318 -55.92 21.02 -31.80
C PHE H 318 -56.91 21.49 -30.74
N THR H 319 -57.98 22.13 -31.22
CA THR H 319 -59.17 22.44 -30.44
C THR H 319 -60.38 22.11 -31.29
N LEU H 320 -61.58 22.44 -30.78
CA LEU H 320 -62.77 22.31 -31.61
C LEU H 320 -62.70 23.24 -32.81
N GLY H 321 -62.22 24.47 -32.60
CA GLY H 321 -62.07 25.40 -33.70
C GLY H 321 -61.05 24.94 -34.73
N SER H 322 -59.95 24.33 -34.25
CA SER H 322 -58.96 23.81 -35.18
C SER H 322 -59.53 22.70 -36.05
N PHE H 323 -60.30 21.79 -35.44
CA PHE H 323 -60.93 20.72 -36.21
C PHE H 323 -61.94 21.28 -37.20
N ALA H 324 -62.71 22.30 -36.78
CA ALA H 324 -63.67 22.91 -37.69
C ALA H 324 -62.96 23.59 -38.86
N LYS H 325 -61.86 24.26 -38.60
CA LYS H 325 -61.09 24.89 -39.66
C LYS H 325 -60.52 23.85 -40.62
N ILE H 326 -60.05 22.72 -40.08
CA ILE H 326 -59.56 21.64 -40.91
C ILE H 326 -60.68 21.11 -41.79
N TYR H 327 -61.88 20.95 -41.22
CA TYR H 327 -63.02 20.49 -42.00
C TYR H 327 -63.36 21.47 -43.12
N ALA H 328 -63.34 22.77 -42.81
CA ALA H 328 -63.63 23.78 -43.82
C ALA H 328 -62.59 23.75 -44.94
N ASP H 329 -61.32 23.60 -44.58
CA ASP H 329 -60.26 23.54 -45.58
C ASP H 329 -60.40 22.30 -46.46
N THR H 330 -60.78 21.16 -45.85
CA THR H 330 -60.90 19.92 -46.61
C THR H 330 -61.99 20.02 -47.67
N PHE H 331 -63.19 20.45 -47.27
CA PHE H 331 -64.30 20.57 -48.20
C PHE H 331 -65.34 21.50 -47.60
N GLY H 332 -66.18 22.05 -48.48
CA GLY H 332 -67.27 22.89 -48.05
C GLY H 332 -66.81 24.27 -47.60
N ASP H 333 -67.77 25.02 -47.08
CA ASP H 333 -67.53 26.37 -46.56
C ASP H 333 -68.27 26.58 -45.25
N ILE H 334 -68.27 25.55 -44.40
CA ILE H 334 -68.98 25.62 -43.13
C ILE H 334 -68.27 26.59 -42.20
N ASN H 335 -69.05 27.44 -41.52
CA ASN H 335 -68.49 28.36 -40.56
C ASN H 335 -67.85 27.60 -39.41
N TYR H 336 -66.54 27.81 -39.23
CA TYR H 336 -65.80 27.03 -38.23
C TYR H 336 -66.24 27.35 -36.81
N GLN H 337 -66.59 28.61 -36.53
CA GLN H 337 -66.99 28.98 -35.18
C GLN H 337 -68.26 28.25 -34.75
N GLU H 338 -69.27 28.22 -35.62
CA GLU H 338 -70.51 27.54 -35.29
C GLU H 338 -70.29 26.04 -35.14
N PHE H 339 -69.52 25.45 -36.04
CA PHE H 339 -69.25 24.02 -35.97
C PHE H 339 -68.53 23.66 -34.68
N ALA H 340 -67.55 24.48 -34.29
CA ALA H 340 -66.86 24.24 -33.02
C ALA H 340 -67.81 24.39 -31.85
N LYS H 341 -68.70 25.39 -31.90
CA LYS H 341 -69.67 25.58 -30.82
C LYS H 341 -70.63 24.40 -30.73
N ARG H 342 -70.88 23.71 -31.85
CA ARG H 342 -71.83 22.60 -31.86
C ARG H 342 -71.16 21.26 -31.57
N LEU H 343 -70.02 20.97 -32.17
CA LEU H 343 -69.42 19.65 -32.08
C LEU H 343 -68.60 19.45 -30.80
N TRP H 344 -68.42 20.49 -30.00
CA TRP H 344 -67.53 20.39 -28.84
C TRP H 344 -68.08 19.43 -27.80
N GLY H 345 -69.35 19.60 -27.43
CA GLY H 345 -69.96 18.82 -26.37
C GLY H 345 -70.56 17.52 -26.85
N ASP H 346 -71.51 17.01 -26.07
CA ASP H 346 -72.24 15.78 -26.36
C ASP H 346 -73.61 16.07 -26.97
N ILE H 347 -73.71 17.09 -27.80
CA ILE H 347 -74.99 17.51 -28.35
C ILE H 347 -75.56 16.56 -29.39
N TYR H 348 -74.78 15.57 -29.83
CA TYR H 348 -75.20 14.58 -30.81
C TYR H 348 -75.45 15.17 -32.20
N PHE H 349 -75.24 14.36 -33.24
CA PHE H 349 -75.42 14.79 -34.61
C PHE H 349 -76.45 13.89 -35.29
N ASN H 350 -77.42 14.52 -35.95
CA ASN H 350 -78.44 13.79 -36.69
C ASN H 350 -78.09 13.81 -38.18
N PRO H 351 -77.81 12.66 -38.80
CA PRO H 351 -77.52 12.67 -40.23
C PRO H 351 -78.73 12.95 -41.09
N LYS H 352 -79.89 12.38 -40.74
CA LYS H 352 -81.12 12.67 -41.48
C LYS H 352 -81.44 14.15 -41.42
N THR H 353 -81.45 14.73 -40.21
CA THR H 353 -81.54 16.17 -40.07
C THR H 353 -80.23 16.86 -40.42
N ARG H 354 -79.12 16.13 -40.35
CA ARG H 354 -77.79 16.65 -40.69
C ARG H 354 -77.47 17.89 -39.88
N LYS H 355 -77.70 17.82 -38.58
CA LYS H 355 -77.50 18.98 -37.72
C LYS H 355 -77.26 18.53 -36.29
N PHE H 356 -76.71 19.43 -35.49
CA PHE H 356 -76.50 19.18 -34.06
C PHE H 356 -77.86 19.08 -33.38
N THR H 357 -78.24 17.88 -32.98
CA THR H 357 -79.57 17.61 -32.43
C THR H 357 -79.43 17.16 -30.98
N LYS H 358 -79.63 18.10 -30.05
CA LYS H 358 -79.45 17.83 -28.64
C LYS H 358 -80.37 16.73 -28.12
N LYS H 359 -81.48 16.47 -28.81
CA LYS H 359 -82.41 15.43 -28.38
C LYS H 359 -81.89 14.02 -28.60
N ALA H 360 -80.78 13.86 -29.32
CA ALA H 360 -80.19 12.57 -29.64
C ALA H 360 -81.22 11.69 -30.36
N PRO H 361 -81.60 12.03 -31.59
CA PRO H 361 -82.65 11.27 -32.27
C PRO H 361 -82.21 9.88 -32.71
N THR H 362 -81.02 9.78 -33.29
CA THR H 362 -80.52 8.50 -33.77
C THR H 362 -80.20 7.57 -32.61
N SER H 363 -80.58 6.30 -32.75
CA SER H 363 -80.44 5.35 -31.66
C SER H 363 -78.97 4.99 -31.42
N SER H 364 -78.24 4.67 -32.49
CA SER H 364 -76.88 4.14 -32.39
C SER H 364 -75.82 5.18 -32.75
N SER H 365 -76.19 6.46 -32.79
CA SER H 365 -75.23 7.49 -33.13
C SER H 365 -74.28 7.77 -31.97
N GLN H 366 -73.11 8.30 -32.29
CA GLN H 366 -72.14 8.74 -31.32
C GLN H 366 -72.16 10.25 -31.19
N ARG H 367 -71.67 10.76 -30.08
CA ARG H 367 -71.65 12.19 -29.85
C ARG H 367 -70.81 12.89 -30.91
N SER H 368 -71.09 14.19 -31.11
CA SER H 368 -70.46 14.93 -32.20
C SER H 368 -68.94 14.94 -32.06
N PHE H 369 -68.44 15.19 -30.86
CA PHE H 369 -66.99 15.17 -30.64
C PHE H 369 -66.42 13.78 -30.89
N VAL H 370 -67.11 12.74 -30.40
CA VAL H 370 -66.63 11.38 -30.61
C VAL H 370 -66.74 10.99 -32.07
N GLU H 371 -67.81 11.39 -32.75
CA GLU H 371 -68.04 10.94 -34.11
C GLU H 371 -67.13 11.64 -35.11
N PHE H 372 -66.91 12.95 -34.95
CA PHE H 372 -66.26 13.75 -35.97
C PHE H 372 -64.86 14.21 -35.59
N ILE H 373 -64.47 14.13 -34.32
CA ILE H 373 -63.16 14.59 -33.86
C ILE H 373 -62.28 13.43 -33.40
N LEU H 374 -62.74 12.70 -32.38
CA LEU H 374 -61.94 11.60 -31.84
C LEU H 374 -61.84 10.44 -32.83
N GLU H 375 -62.94 10.15 -33.54
CA GLU H 375 -62.94 9.01 -34.46
C GLU H 375 -61.93 9.17 -35.60
N PRO H 376 -61.81 10.31 -36.28
CA PRO H 376 -60.77 10.41 -37.31
C PRO H 376 -59.36 10.23 -36.76
N LEU H 377 -59.08 10.78 -35.58
CA LEU H 377 -57.75 10.60 -34.98
C LEU H 377 -57.50 9.13 -34.67
N TYR H 378 -58.51 8.43 -34.12
CA TYR H 378 -58.37 7.01 -33.85
C TYR H 378 -58.13 6.22 -35.13
N LYS H 379 -58.87 6.56 -36.19
CA LYS H 379 -58.69 5.84 -37.46
C LYS H 379 -57.31 6.07 -38.02
N ILE H 380 -56.80 7.31 -37.97
CA ILE H 380 -55.47 7.60 -38.48
C ILE H 380 -54.42 6.86 -37.66
N LEU H 381 -54.55 6.86 -36.34
CA LEU H 381 -53.59 6.17 -35.49
C LEU H 381 -53.61 4.67 -35.74
N ALA H 382 -54.81 4.09 -35.90
CA ALA H 382 -54.92 2.67 -36.18
C ALA H 382 -54.31 2.31 -37.53
N GLN H 383 -54.55 3.15 -38.55
CA GLN H 383 -53.96 2.89 -39.86
C GLN H 383 -52.44 2.96 -39.80
N VAL H 384 -51.90 3.95 -39.10
CA VAL H 384 -50.45 4.12 -39.05
C VAL H 384 -49.81 3.00 -38.25
N VAL H 385 -50.20 2.85 -36.99
CA VAL H 385 -49.59 1.84 -36.12
C VAL H 385 -49.93 0.43 -36.58
N GLY H 386 -51.14 0.21 -37.10
CA GLY H 386 -51.57 -1.13 -37.40
C GLY H 386 -50.70 -1.84 -38.41
N ASP H 387 -50.42 -1.16 -39.53
CA ASP H 387 -49.61 -1.75 -40.59
C ASP H 387 -49.27 -0.68 -41.62
N VAL H 388 -48.22 -0.94 -42.39
CA VAL H 388 -47.92 -0.08 -43.53
C VAL H 388 -49.01 -0.21 -44.58
N ASP H 389 -49.55 -1.41 -44.76
CA ASP H 389 -50.69 -1.59 -45.65
C ASP H 389 -51.96 -0.99 -45.07
N THR H 390 -52.06 -0.91 -43.74
CA THR H 390 -53.18 -0.22 -43.13
C THR H 390 -53.13 1.27 -43.43
N SER H 391 -51.95 1.89 -43.26
CA SER H 391 -51.73 3.27 -43.69
C SER H 391 -51.24 3.30 -45.14
N LEU H 392 -52.05 2.68 -46.00
CA LEU H 392 -51.71 2.54 -47.40
C LEU H 392 -51.71 3.91 -48.08
N PRO H 393 -51.04 4.02 -49.24
CA PRO H 393 -51.14 5.27 -50.01
C PRO H 393 -52.57 5.64 -50.36
N ARG H 394 -53.45 4.66 -50.53
CA ARG H 394 -54.87 4.98 -50.73
C ARG H 394 -55.45 5.69 -49.51
N THR H 395 -55.15 5.19 -48.31
CA THR H 395 -55.62 5.85 -47.09
C THR H 395 -55.01 7.24 -46.96
N LEU H 396 -53.73 7.38 -47.30
CA LEU H 396 -53.08 8.69 -47.22
C LEU H 396 -53.74 9.68 -48.18
N ASP H 397 -54.04 9.24 -49.41
CA ASP H 397 -54.72 10.10 -50.36
C ASP H 397 -56.13 10.46 -49.87
N GLU H 398 -56.83 9.50 -49.28
CA GLU H 398 -58.13 9.80 -48.67
C GLU H 398 -57.99 10.84 -47.56
N LEU H 399 -56.86 10.83 -46.86
CA LEU H 399 -56.56 11.85 -45.86
C LEU H 399 -55.92 13.09 -46.48
N GLY H 400 -55.70 13.11 -47.78
CA GLY H 400 -55.11 14.25 -48.44
C GLY H 400 -53.65 14.50 -48.08
N ILE H 401 -52.86 13.45 -47.97
CA ILE H 401 -51.43 13.55 -47.69
C ILE H 401 -50.68 12.59 -48.58
N HIS H 402 -49.56 13.05 -49.15
CA HIS H 402 -48.74 12.24 -50.05
C HIS H 402 -47.31 12.24 -49.50
N LEU H 403 -47.03 11.32 -48.56
CA LEU H 403 -45.70 11.19 -48.01
C LEU H 403 -44.77 10.50 -48.99
N THR H 404 -43.50 10.88 -48.95
CA THR H 404 -42.50 10.28 -49.82
C THR H 404 -42.17 8.87 -49.35
N LYS H 405 -41.48 8.13 -50.22
CA LYS H 405 -41.09 6.76 -49.90
C LYS H 405 -40.15 6.73 -48.70
N GLU H 406 -39.28 7.74 -48.57
CA GLU H 406 -38.37 7.80 -47.43
C GLU H 406 -39.13 7.93 -46.13
N GLU H 407 -40.17 8.77 -46.11
CA GLU H 407 -40.97 8.92 -44.89
C GLU H 407 -41.69 7.64 -44.54
N LEU H 408 -42.10 6.86 -45.55
CA LEU H 408 -42.77 5.59 -45.30
C LEU H 408 -41.80 4.54 -44.77
N LYS H 409 -40.53 4.61 -45.18
CA LYS H 409 -39.54 3.64 -44.76
C LYS H 409 -39.11 3.82 -43.31
N LEU H 410 -39.50 4.93 -42.66
CA LEU H 410 -39.12 5.17 -41.29
C LEU H 410 -39.87 4.22 -40.35
N ASN H 411 -39.46 4.23 -39.08
CA ASN H 411 -40.08 3.38 -38.08
C ASN H 411 -41.49 3.88 -37.76
N ILE H 412 -42.19 3.13 -36.92
CA ILE H 412 -43.59 3.44 -36.62
C ILE H 412 -43.71 4.79 -35.93
N ARG H 413 -42.87 5.04 -34.92
CA ARG H 413 -42.94 6.30 -34.20
C ARG H 413 -42.62 7.51 -35.07
N PRO H 414 -41.51 7.54 -35.83
CA PRO H 414 -41.30 8.70 -36.71
C PRO H 414 -42.37 8.85 -37.77
N LEU H 415 -42.87 7.75 -38.33
CA LEU H 415 -43.93 7.85 -39.34
C LEU H 415 -45.19 8.44 -38.75
N LEU H 416 -45.59 8.00 -37.56
CA LEU H 416 -46.75 8.56 -36.89
C LEU H 416 -46.55 10.04 -36.57
N ARG H 417 -45.35 10.39 -36.11
CA ARG H 417 -45.06 11.79 -35.80
C ARG H 417 -45.18 12.66 -37.04
N LEU H 418 -44.59 12.22 -38.15
CA LEU H 418 -44.66 12.98 -39.39
C LEU H 418 -46.10 13.10 -39.89
N VAL H 419 -46.85 12.00 -39.83
CA VAL H 419 -48.23 12.02 -40.32
C VAL H 419 -49.07 12.98 -39.49
N CYS H 420 -48.96 12.90 -38.16
CA CYS H 420 -49.74 13.77 -37.29
C CYS H 420 -49.34 15.24 -37.47
N LYS H 421 -48.03 15.50 -37.60
CA LYS H 421 -47.59 16.88 -37.78
C LYS H 421 -48.09 17.47 -39.10
N LYS H 422 -48.00 16.69 -40.18
CA LYS H 422 -48.44 17.19 -41.48
C LYS H 422 -49.96 17.35 -41.53
N PHE H 423 -50.69 16.44 -40.88
CA PHE H 423 -52.14 16.47 -40.97
C PHE H 423 -52.75 17.57 -40.09
N PHE H 424 -52.15 17.85 -38.94
CA PHE H 424 -52.75 18.71 -37.95
C PHE H 424 -52.17 20.12 -37.94
N GLY H 425 -51.66 20.59 -39.07
CA GLY H 425 -51.22 21.98 -39.17
C GLY H 425 -50.00 22.27 -38.31
N GLU H 426 -49.96 23.46 -37.74
CA GLU H 426 -48.81 23.97 -36.99
C GLU H 426 -49.26 24.59 -35.67
N PHE H 427 -50.09 23.87 -34.92
CA PHE H 427 -50.50 24.26 -33.58
C PHE H 427 -51.26 25.57 -33.56
N THR H 428 -52.02 25.85 -34.63
CA THR H 428 -52.78 27.09 -34.70
C THR H 428 -53.89 27.13 -33.65
N GLY H 429 -54.44 25.96 -33.29
CA GLY H 429 -55.52 25.93 -32.31
C GLY H 429 -55.09 26.45 -30.95
N PHE H 430 -53.87 26.08 -30.52
CA PHE H 430 -53.37 26.58 -29.24
C PHE H 430 -53.22 28.10 -29.27
N VAL H 431 -52.71 28.65 -30.38
CA VAL H 431 -52.55 30.09 -30.49
C VAL H 431 -53.91 30.78 -30.45
N ASP H 432 -54.89 30.22 -31.16
CA ASP H 432 -56.22 30.81 -31.15
C ASP H 432 -56.84 30.77 -29.75
N MET H 433 -56.69 29.64 -29.06
CA MET H 433 -57.22 29.54 -27.70
C MET H 433 -56.55 30.53 -26.76
N CYS H 434 -55.24 30.69 -26.87
CA CYS H 434 -54.53 31.64 -26.03
C CYS H 434 -54.97 33.08 -26.32
N VAL H 435 -55.12 33.41 -27.61
CA VAL H 435 -55.52 34.76 -27.97
C VAL H 435 -56.94 35.04 -27.50
N GLN H 436 -57.80 34.02 -27.54
CA GLN H 436 -59.20 34.22 -27.16
C GLN H 436 -59.34 34.60 -25.68
N HIS H 437 -58.54 34.00 -24.82
CA HIS H 437 -58.72 34.14 -23.37
C HIS H 437 -57.56 34.85 -22.68
N ILE H 438 -56.33 34.48 -22.98
CA ILE H 438 -55.19 35.15 -22.36
C ILE H 438 -55.10 36.57 -22.90
N PRO H 439 -55.20 37.59 -22.04
CA PRO H 439 -55.28 38.96 -22.52
C PRO H 439 -53.90 39.51 -22.89
N SER H 440 -53.94 40.62 -23.64
CA SER H 440 -52.74 41.37 -23.93
C SER H 440 -52.25 42.07 -22.66
N PRO H 441 -50.96 42.39 -22.59
CA PRO H 441 -50.45 43.06 -21.38
C PRO H 441 -51.14 44.37 -21.07
N LYS H 442 -51.58 45.12 -22.09
CA LYS H 442 -52.31 46.35 -21.84
C LYS H 442 -53.61 46.07 -21.09
N VAL H 443 -54.35 45.06 -21.50
CA VAL H 443 -55.60 44.72 -20.82
C VAL H 443 -55.32 44.10 -19.45
N GLY H 444 -54.35 43.17 -19.39
CA GLY H 444 -54.09 42.41 -18.19
C GLY H 444 -53.20 43.05 -17.16
N ALA H 445 -52.68 44.25 -17.42
CA ALA H 445 -51.79 44.89 -16.46
C ALA H 445 -52.53 45.39 -15.23
N LYS H 446 -53.78 45.83 -15.41
CA LYS H 446 -54.54 46.38 -14.29
C LYS H 446 -54.76 45.36 -13.17
N PRO H 447 -55.25 44.14 -13.42
CA PRO H 447 -55.32 43.17 -12.30
C PRO H 447 -53.97 42.84 -11.72
N LYS H 448 -52.93 42.76 -12.55
CA LYS H 448 -51.59 42.51 -12.03
C LYS H 448 -51.09 43.68 -11.21
N ILE H 449 -51.42 44.91 -11.63
CA ILE H 449 -51.07 46.08 -10.83
C ILE H 449 -51.79 46.04 -9.49
N GLU H 450 -53.05 45.64 -9.49
CA GLU H 450 -53.80 45.55 -8.23
C GLU H 450 -53.22 44.50 -7.31
N HIS H 451 -52.82 43.35 -7.85
CA HIS H 451 -52.38 42.24 -7.02
C HIS H 451 -50.93 42.38 -6.59
N THR H 452 -50.01 42.41 -7.56
CA THR H 452 -48.59 42.37 -7.26
C THR H 452 -48.11 43.63 -6.53
N TYR H 453 -48.60 44.80 -6.94
CA TYR H 453 -48.12 46.05 -6.39
C TYR H 453 -48.66 46.27 -4.98
N THR H 454 -47.76 46.57 -4.05
CA THR H 454 -48.15 46.90 -2.69
C THR H 454 -48.43 48.38 -2.49
N GLY H 455 -48.15 49.21 -3.50
CA GLY H 455 -48.43 50.63 -3.44
C GLY H 455 -49.82 51.03 -3.88
N GLY H 456 -50.66 50.08 -4.26
CA GLY H 456 -52.01 50.36 -4.67
C GLY H 456 -52.10 50.88 -6.10
N VAL H 457 -53.16 50.49 -6.82
CA VAL H 457 -53.35 50.97 -8.17
C VAL H 457 -53.79 52.43 -8.20
N ASP H 458 -54.26 52.95 -7.07
CA ASP H 458 -54.72 54.34 -7.02
C ASP H 458 -53.58 55.34 -7.18
N SER H 459 -52.34 54.92 -7.02
CA SER H 459 -51.20 55.82 -7.19
C SER H 459 -51.12 56.30 -8.63
N ASP H 460 -50.68 57.54 -8.80
CA ASP H 460 -50.56 58.12 -10.14
C ASP H 460 -49.60 57.30 -11.00
N LEU H 461 -48.44 56.95 -10.44
CA LEU H 461 -47.54 56.04 -11.14
C LEU H 461 -48.18 54.66 -11.30
N GLY H 462 -48.87 54.19 -10.26
CA GLY H 462 -49.59 52.94 -10.39
C GLY H 462 -50.69 52.98 -11.43
N GLU H 463 -51.42 54.11 -11.48
CA GLU H 463 -52.46 54.26 -12.50
C GLU H 463 -51.85 54.28 -13.90
N ALA H 464 -50.72 54.96 -14.08
CA ALA H 464 -50.05 54.97 -15.37
C ALA H 464 -49.57 53.57 -15.76
N MET H 465 -49.04 52.83 -14.78
CA MET H 465 -48.63 51.45 -15.06
C MET H 465 -49.83 50.58 -15.44
N SER H 466 -50.98 50.83 -14.81
CA SER H 466 -52.19 50.08 -15.15
C SER H 466 -52.59 50.30 -16.60
N ASP H 467 -52.26 51.47 -17.16
CA ASP H 467 -52.49 51.73 -18.58
C ASP H 467 -51.38 51.16 -19.47
N CYS H 468 -50.27 50.72 -18.88
CA CYS H 468 -49.14 50.15 -19.61
C CYS H 468 -48.63 51.13 -20.68
N ASP H 469 -48.16 52.29 -20.21
CA ASP H 469 -47.68 53.34 -21.10
C ASP H 469 -46.18 53.16 -21.32
N PRO H 470 -45.74 52.83 -22.53
CA PRO H 470 -44.29 52.74 -22.79
C PRO H 470 -43.56 54.05 -22.57
N ASP H 471 -44.20 55.18 -22.83
CA ASP H 471 -43.57 56.49 -22.72
C ASP H 471 -43.70 57.09 -21.32
N GLY H 472 -44.30 56.37 -20.37
CA GLY H 472 -44.43 56.86 -19.02
C GLY H 472 -43.22 56.52 -18.18
N PRO H 473 -43.43 56.42 -16.87
CA PRO H 473 -42.31 56.06 -15.98
C PRO H 473 -41.87 54.63 -16.21
N LEU H 474 -40.60 54.36 -15.87
CA LEU H 474 -40.02 53.03 -16.03
C LEU H 474 -40.21 52.25 -14.73
N MET H 475 -40.95 51.16 -14.80
CA MET H 475 -41.22 50.30 -13.64
C MET H 475 -41.17 48.86 -14.11
N CYS H 476 -40.01 48.22 -13.94
CA CYS H 476 -39.81 46.83 -14.32
C CYS H 476 -39.52 46.01 -13.07
N HIS H 477 -40.23 44.89 -12.93
CA HIS H 477 -40.07 43.99 -11.78
C HIS H 477 -39.32 42.75 -12.24
N THR H 478 -38.10 42.57 -11.74
CA THR H 478 -37.28 41.41 -12.04
C THR H 478 -37.31 40.46 -10.86
N THR H 479 -37.69 39.20 -11.12
CA THR H 479 -37.78 38.21 -10.06
C THR H 479 -36.97 36.96 -10.41
N LYS H 480 -36.80 36.69 -11.70
CA LYS H 480 -36.03 35.53 -12.11
C LYS H 480 -34.55 35.89 -12.18
N MET H 481 -33.70 34.88 -11.96
CA MET H 481 -32.26 35.08 -11.93
C MET H 481 -31.62 33.99 -12.79
N TYR H 482 -30.78 34.39 -13.75
CA TYR H 482 -30.20 33.41 -14.65
C TYR H 482 -28.69 33.60 -14.75
N SER H 483 -27.96 32.50 -14.61
CA SER H 483 -26.50 32.54 -14.66
C SER H 483 -26.01 32.59 -16.10
N THR H 484 -24.92 33.32 -16.31
CA THR H 484 -24.28 33.37 -17.61
C THR H 484 -23.55 32.06 -17.89
N ASP H 485 -23.07 31.92 -19.13
CA ASP H 485 -22.36 30.70 -19.52
C ASP H 485 -21.10 30.51 -18.67
N ASP H 486 -20.33 31.59 -18.46
CA ASP H 486 -19.15 31.51 -17.63
C ASP H 486 -19.49 31.32 -16.14
N GLY H 487 -20.69 31.73 -15.73
CA GLY H 487 -21.10 31.60 -14.35
C GLY H 487 -20.59 32.69 -13.42
N VAL H 488 -19.72 33.57 -13.91
CA VAL H 488 -19.20 34.64 -13.06
C VAL H 488 -20.30 35.68 -12.78
N GLN H 489 -21.05 36.05 -13.81
CA GLN H 489 -22.07 37.09 -13.70
C GLN H 489 -23.46 36.49 -13.89
N PHE H 490 -24.46 37.22 -13.38
CA PHE H 490 -25.85 36.85 -13.48
C PHE H 490 -26.62 37.88 -14.30
N HIS H 491 -27.88 37.55 -14.60
CA HIS H 491 -28.78 38.42 -15.34
C HIS H 491 -30.17 38.34 -14.72
N ALA H 492 -30.77 39.50 -14.45
CA ALA H 492 -32.05 39.57 -13.76
C ALA H 492 -33.17 39.61 -14.79
N PHE H 493 -33.97 38.56 -14.84
CA PHE H 493 -35.07 38.43 -15.79
C PHE H 493 -36.36 38.90 -15.13
N GLY H 494 -37.08 39.78 -15.81
CA GLY H 494 -38.32 40.28 -15.25
C GLY H 494 -39.14 41.05 -16.24
N ARG H 495 -40.43 41.20 -15.93
CA ARG H 495 -41.34 41.95 -16.78
C ARG H 495 -41.15 43.45 -16.57
N VAL H 496 -41.27 44.20 -17.66
CA VAL H 496 -41.22 45.66 -17.62
C VAL H 496 -42.67 46.14 -17.64
N LEU H 497 -43.21 46.39 -16.44
CA LEU H 497 -44.61 46.81 -16.34
C LEU H 497 -44.84 48.14 -17.05
N SER H 498 -43.94 49.10 -16.84
CA SER H 498 -44.07 50.41 -17.44
C SER H 498 -42.70 50.91 -17.86
N GLY H 499 -42.69 51.75 -18.91
CA GLY H 499 -41.47 52.34 -19.40
C GLY H 499 -40.71 51.41 -20.34
N THR H 500 -39.68 51.99 -20.96
CA THR H 500 -38.81 51.26 -21.88
C THR H 500 -37.38 51.35 -21.38
N ILE H 501 -36.76 50.21 -21.15
CA ILE H 501 -35.38 50.16 -20.68
C ILE H 501 -34.44 50.22 -21.86
N HIS H 502 -33.40 51.05 -21.74
CA HIS H 502 -32.41 51.23 -22.79
C HIS H 502 -31.04 50.81 -22.30
N ALA H 503 -30.23 50.28 -23.22
CA ALA H 503 -28.89 49.86 -22.87
C ALA H 503 -28.05 51.05 -22.42
N GLY H 504 -27.37 50.89 -21.29
CA GLY H 504 -26.55 51.94 -20.73
C GLY H 504 -27.29 52.92 -19.84
N GLN H 505 -28.62 52.90 -19.84
CA GLN H 505 -29.38 53.82 -19.03
C GLN H 505 -29.30 53.44 -17.56
N PRO H 506 -28.86 54.33 -16.67
CA PRO H 506 -28.84 54.00 -15.25
C PRO H 506 -30.25 53.86 -14.69
N VAL H 507 -30.37 53.02 -13.67
CA VAL H 507 -31.66 52.76 -13.03
C VAL H 507 -31.42 52.39 -11.58
N LYS H 508 -32.36 52.76 -10.72
CA LYS H 508 -32.30 52.41 -9.30
C LYS H 508 -33.06 51.11 -9.08
N VAL H 509 -32.37 50.11 -8.56
CA VAL H 509 -32.93 48.77 -8.39
C VAL H 509 -33.31 48.64 -6.91
N LEU H 510 -34.56 48.98 -6.59
CA LEU H 510 -35.06 48.80 -5.24
C LEU H 510 -35.28 47.32 -4.96
N GLY H 511 -34.70 46.84 -3.87
CA GLY H 511 -34.77 45.44 -3.52
C GLY H 511 -36.12 45.05 -2.94
N GLU H 512 -36.26 43.75 -2.68
CA GLU H 512 -37.49 43.25 -2.09
C GLU H 512 -37.74 43.82 -0.70
N ASN H 513 -36.67 44.17 0.02
CA ASN H 513 -36.78 44.77 1.35
C ASN H 513 -36.78 46.29 1.31
N TYR H 514 -36.76 46.90 0.13
CA TYR H 514 -36.74 48.34 0.03
C TYR H 514 -38.04 48.94 0.56
N THR H 515 -37.91 50.09 1.22
CA THR H 515 -39.08 50.82 1.72
C THR H 515 -38.78 52.31 1.64
N LEU H 516 -39.85 53.11 1.63
CA LEU H 516 -39.70 54.56 1.60
C LEU H 516 -39.11 55.12 2.88
N GLU H 517 -39.05 54.33 3.95
CA GLU H 517 -38.47 54.81 5.20
C GLU H 517 -36.98 55.10 5.03
N ASP H 518 -36.26 54.21 4.34
CA ASP H 518 -34.82 54.36 4.13
C ASP H 518 -34.53 54.23 2.65
N GLU H 519 -33.88 55.25 2.07
CA GLU H 519 -33.50 55.21 0.67
C GLU H 519 -32.24 54.41 0.42
N GLU H 520 -31.48 54.07 1.47
CA GLU H 520 -30.25 53.30 1.31
C GLU H 520 -30.50 51.86 0.89
N ASP H 521 -31.74 51.37 0.97
CA ASP H 521 -32.05 50.00 0.59
C ASP H 521 -32.00 49.78 -0.92
N SER H 522 -31.88 50.85 -1.71
CA SER H 522 -31.80 50.76 -3.16
C SER H 522 -30.47 51.32 -3.64
N GLN H 523 -30.01 50.80 -4.77
CA GLN H 523 -28.74 51.24 -5.35
C GLN H 523 -28.93 51.48 -6.84
N ILE H 524 -28.11 52.37 -7.38
CA ILE H 524 -28.16 52.72 -8.80
C ILE H 524 -27.16 51.85 -9.55
N CYS H 525 -27.56 51.40 -10.74
CA CYS H 525 -26.70 50.55 -11.56
C CYS H 525 -27.04 50.76 -13.03
N THR H 526 -26.08 50.45 -13.88
CA THR H 526 -26.24 50.57 -15.32
C THR H 526 -26.69 49.24 -15.92
N VAL H 527 -27.47 49.33 -16.99
CA VAL H 527 -28.02 48.17 -17.68
C VAL H 527 -27.31 48.03 -19.02
N GLY H 528 -26.61 46.92 -19.21
CA GLY H 528 -25.91 46.66 -20.46
C GLY H 528 -26.83 46.12 -21.53
N ARG H 529 -26.35 45.13 -22.28
CA ARG H 529 -27.18 44.49 -23.29
C ARG H 529 -28.38 43.81 -22.65
N LEU H 530 -29.50 43.82 -23.37
CA LEU H 530 -30.76 43.38 -22.78
C LEU H 530 -31.00 41.88 -22.97
N TRP H 531 -30.76 41.37 -24.17
CA TRP H 531 -30.99 39.95 -24.47
C TRP H 531 -32.42 39.54 -24.14
N ILE H 532 -33.38 40.40 -24.51
CA ILE H 532 -34.78 40.13 -24.20
C ILE H 532 -35.26 38.89 -24.94
N SER H 533 -34.86 38.72 -26.19
CA SER H 533 -35.23 37.54 -26.95
C SER H 533 -34.48 36.32 -26.42
N VAL H 534 -35.22 35.24 -26.18
CA VAL H 534 -34.65 34.06 -25.54
C VAL H 534 -34.75 32.80 -26.41
N ALA H 535 -35.61 32.79 -27.44
CA ALA H 535 -35.77 31.60 -28.27
C ALA H 535 -34.43 31.17 -28.87
N ARG H 536 -33.69 32.12 -29.44
CA ARG H 536 -32.33 31.87 -29.89
C ARG H 536 -31.29 32.23 -28.82
N TYR H 537 -31.74 32.73 -27.67
CA TYR H 537 -30.84 33.07 -26.55
C TYR H 537 -29.81 34.11 -26.97
N HIS H 538 -30.19 35.01 -27.87
CA HIS H 538 -29.30 36.04 -28.39
C HIS H 538 -29.46 37.34 -27.61
N ILE H 539 -28.42 38.18 -27.68
CA ILE H 539 -28.37 39.41 -26.91
C ILE H 539 -28.39 40.62 -27.85
N GLU H 540 -29.03 40.47 -29.01
CA GLU H 540 -29.10 41.56 -29.97
C GLU H 540 -30.09 42.65 -29.58
N VAL H 541 -30.88 42.44 -28.52
CA VAL H 541 -31.89 43.42 -28.14
C VAL H 541 -31.21 44.65 -27.55
N ASN H 542 -31.63 45.83 -28.02
CA ASN H 542 -31.13 47.10 -27.52
C ASN H 542 -32.05 47.71 -26.47
N ARG H 543 -33.33 47.88 -26.78
CA ARG H 543 -34.31 48.40 -25.85
C ARG H 543 -35.59 47.59 -25.95
N VAL H 544 -36.28 47.48 -24.82
CA VAL H 544 -37.52 46.68 -24.75
C VAL H 544 -38.66 47.56 -24.24
N PRO H 545 -39.83 47.54 -24.90
CA PRO H 545 -40.94 48.36 -24.42
C PRO H 545 -41.60 47.79 -23.18
N ALA H 546 -42.57 48.51 -22.63
CA ALA H 546 -43.28 48.04 -21.44
C ALA H 546 -44.13 46.82 -21.77
N GLY H 547 -44.34 45.99 -20.76
CA GLY H 547 -45.15 44.80 -20.90
C GLY H 547 -44.42 43.60 -21.47
N ASN H 548 -43.13 43.73 -21.81
CA ASN H 548 -42.34 42.65 -22.36
C ASN H 548 -41.26 42.25 -21.37
N TRP H 549 -40.93 40.96 -21.35
CA TRP H 549 -39.91 40.45 -20.45
C TRP H 549 -38.52 40.87 -20.92
N VAL H 550 -37.72 41.38 -19.98
CA VAL H 550 -36.37 41.87 -20.25
C VAL H 550 -35.40 41.18 -19.32
N LEU H 551 -34.26 40.79 -19.86
CA LEU H 551 -33.19 40.15 -19.09
C LEU H 551 -32.09 41.17 -18.81
N ILE H 552 -32.38 42.04 -17.83
CA ILE H 552 -31.48 43.14 -17.52
C ILE H 552 -30.13 42.60 -17.05
N GLU H 553 -29.06 43.14 -17.62
CA GLU H 553 -27.70 42.73 -17.30
C GLU H 553 -26.96 43.85 -16.58
N GLY H 554 -26.20 43.48 -15.56
CA GLY H 554 -25.38 44.41 -14.82
C GLY H 554 -25.98 44.88 -13.50
N VAL H 555 -27.29 44.71 -13.33
CA VAL H 555 -27.95 45.09 -12.09
C VAL H 555 -28.13 43.90 -11.15
N ASP H 556 -27.46 42.77 -11.44
CA ASP H 556 -27.63 41.58 -10.63
C ASP H 556 -27.03 41.75 -9.23
N GLN H 557 -25.91 42.47 -9.12
CA GLN H 557 -25.23 42.58 -7.83
C GLN H 557 -26.08 43.24 -6.75
N PRO H 558 -26.72 44.40 -6.97
CA PRO H 558 -27.45 45.03 -5.86
C PRO H 558 -28.66 44.24 -5.37
N ILE H 559 -29.19 43.34 -6.18
CA ILE H 559 -30.48 42.69 -5.90
C ILE H 559 -30.27 41.20 -5.72
N VAL H 560 -30.98 40.62 -4.76
CA VAL H 560 -30.93 39.17 -4.56
C VAL H 560 -31.98 38.48 -5.43
N LYS H 561 -33.25 38.77 -5.18
CA LYS H 561 -34.34 38.19 -5.94
C LYS H 561 -35.60 39.00 -5.71
N THR H 562 -36.45 39.05 -6.74
CA THR H 562 -37.74 39.73 -6.69
C THR H 562 -37.58 41.20 -6.29
N ALA H 563 -36.88 41.95 -7.16
CA ALA H 563 -36.62 43.36 -6.94
C ALA H 563 -37.08 44.15 -8.16
N THR H 564 -37.46 45.40 -7.92
CA THR H 564 -38.04 46.26 -8.95
C THR H 564 -37.05 47.35 -9.32
N ILE H 565 -36.74 47.46 -10.60
CA ILE H 565 -35.91 48.54 -11.09
C ILE H 565 -36.80 49.68 -11.54
N THR H 566 -36.29 50.90 -11.43
CA THR H 566 -37.05 52.10 -11.80
C THR H 566 -36.10 53.16 -12.30
N GLU H 567 -36.68 54.15 -12.98
CA GLU H 567 -35.88 55.26 -13.49
C GLU H 567 -35.29 56.05 -12.33
N PRO H 568 -34.08 56.60 -12.50
CA PRO H 568 -33.39 57.25 -11.37
C PRO H 568 -34.09 58.49 -10.84
N ARG H 569 -34.38 59.45 -11.73
CA ARG H 569 -34.88 60.75 -11.31
C ARG H 569 -36.30 61.06 -11.76
N GLY H 570 -36.89 60.25 -12.64
CA GLY H 570 -38.24 60.53 -13.10
C GLY H 570 -39.27 60.46 -11.98
N ASN H 571 -39.14 59.47 -11.10
CA ASN H 571 -40.05 59.27 -9.98
C ASN H 571 -39.26 59.22 -8.68
N GLU H 572 -39.81 59.85 -7.64
CA GLU H 572 -39.18 59.87 -6.32
C GLU H 572 -40.07 59.25 -5.25
N GLU H 573 -41.21 58.67 -5.63
CA GLU H 573 -42.11 58.04 -4.67
C GLU H 573 -42.52 56.63 -5.06
N ALA H 574 -42.18 56.16 -6.26
CA ALA H 574 -42.53 54.80 -6.65
C ALA H 574 -41.78 53.79 -5.78
N GLN H 575 -42.50 52.76 -5.34
CA GLN H 575 -41.93 51.72 -4.49
C GLN H 575 -42.03 50.37 -5.19
N ILE H 576 -41.22 49.42 -4.71
CA ILE H 576 -41.19 48.10 -5.33
C ILE H 576 -42.50 47.37 -5.07
N PHE H 577 -42.75 46.35 -5.89
CA PHE H 577 -43.95 45.54 -5.74
C PHE H 577 -43.85 44.69 -4.48
N ARG H 578 -44.94 43.97 -4.18
CA ARG H 578 -44.99 43.17 -2.98
C ARG H 578 -43.98 42.02 -3.07
N PRO H 579 -43.43 41.60 -1.92
CA PRO H 579 -42.46 40.50 -1.93
C PRO H 579 -43.07 39.21 -2.47
N LEU H 580 -42.24 38.42 -3.14
CA LEU H 580 -42.70 37.16 -3.71
C LEU H 580 -43.10 36.18 -2.61
N LYS H 581 -44.21 35.47 -2.84
CA LYS H 581 -44.72 34.50 -1.89
C LYS H 581 -44.82 33.14 -2.59
N PHE H 582 -44.59 32.08 -1.80
CA PHE H 582 -44.60 30.72 -2.32
C PHE H 582 -45.62 29.88 -1.56
N ASN H 583 -46.25 28.95 -2.27
CA ASN H 583 -47.18 28.03 -1.64
C ASN H 583 -46.45 27.02 -0.77
N THR H 584 -45.35 26.45 -1.29
CA THR H 584 -44.56 25.50 -0.53
C THR H 584 -43.72 26.22 0.52
N THR H 585 -43.34 25.47 1.56
CA THR H 585 -42.52 25.98 2.64
C THR H 585 -41.27 25.12 2.77
N SER H 586 -40.10 25.78 2.78
CA SER H 586 -38.84 25.06 2.91
C SER H 586 -38.71 24.52 4.33
N VAL H 587 -38.73 23.20 4.46
CA VAL H 587 -38.67 22.55 5.77
C VAL H 587 -37.45 21.65 5.93
N ILE H 588 -36.76 21.29 4.85
CA ILE H 588 -35.60 20.41 4.91
C ILE H 588 -34.35 21.28 4.97
N LYS H 589 -33.61 21.19 6.07
CA LYS H 589 -32.41 21.99 6.26
C LYS H 589 -31.18 21.09 6.24
N ILE H 590 -30.12 21.58 5.62
CA ILE H 590 -28.87 20.83 5.49
C ILE H 590 -27.69 21.77 5.72
N ALA H 591 -26.72 21.29 6.49
CA ALA H 591 -25.53 22.08 6.79
C ALA H 591 -24.51 21.97 5.65
N VAL H 592 -23.72 23.02 5.49
CA VAL H 592 -22.69 23.10 4.47
C VAL H 592 -21.37 23.49 5.12
N GLU H 593 -20.31 22.73 4.85
CA GLU H 593 -18.98 23.09 5.27
C GLU H 593 -18.02 22.80 4.13
N PRO H 594 -16.90 23.51 4.06
CA PRO H 594 -15.86 23.16 3.10
C PRO H 594 -15.08 21.93 3.55
N VAL H 595 -14.44 21.28 2.58
CA VAL H 595 -13.53 20.19 2.91
C VAL H 595 -12.35 20.69 3.73
N ASN H 596 -11.78 21.82 3.32
CA ASN H 596 -10.80 22.55 4.12
C ASN H 596 -11.17 24.03 4.19
N PRO H 597 -11.02 24.63 5.38
CA PRO H 597 -11.39 26.05 5.54
C PRO H 597 -10.53 27.00 4.72
N SER H 598 -9.42 26.55 4.14
CA SER H 598 -8.48 27.46 3.49
C SER H 598 -9.16 28.28 2.40
N GLU H 599 -10.09 27.67 1.66
CA GLU H 599 -10.86 28.36 0.65
C GLU H 599 -12.34 28.43 1.03
N LEU H 600 -12.62 28.68 2.31
CA LEU H 600 -13.98 28.88 2.78
C LEU H 600 -14.72 30.01 2.06
N PRO H 601 -14.15 31.22 1.88
CA PRO H 601 -14.91 32.28 1.21
C PRO H 601 -15.34 31.92 -0.20
N LYS H 602 -14.50 31.20 -0.95
CA LYS H 602 -14.86 30.81 -2.31
C LYS H 602 -16.18 30.05 -2.32
N MET H 603 -16.28 29.01 -1.48
CA MET H 603 -17.55 28.30 -1.34
C MET H 603 -18.67 29.26 -0.96
N LEU H 604 -18.39 30.17 -0.03
CA LEU H 604 -19.39 31.16 0.35
C LEU H 604 -19.84 31.96 -0.86
N ASP H 605 -18.91 32.32 -1.74
CA ASP H 605 -19.28 32.98 -2.98
C ASP H 605 -20.31 32.16 -3.73
N GLY H 606 -20.03 30.87 -3.95
CA GLY H 606 -21.00 30.00 -4.58
C GLY H 606 -22.30 29.97 -3.82
N LEU H 607 -22.23 29.99 -2.48
CA LEU H 607 -23.44 30.02 -1.68
C LEU H 607 -24.30 31.22 -2.05
N ARG H 608 -23.67 32.39 -2.21
CA ARG H 608 -24.43 33.56 -2.64
C ARG H 608 -25.03 33.32 -4.03
N LYS H 609 -24.24 32.72 -4.93
CA LYS H 609 -24.77 32.38 -6.25
C LYS H 609 -25.95 31.42 -6.14
N VAL H 610 -25.98 30.60 -5.09
CA VAL H 610 -27.13 29.74 -4.86
C VAL H 610 -28.34 30.57 -4.43
N ASN H 611 -28.13 31.55 -3.55
CA ASN H 611 -29.25 32.31 -3.03
C ASN H 611 -29.94 33.11 -4.12
N LYS H 612 -29.16 33.72 -5.01
CA LYS H 612 -29.74 34.47 -6.12
C LYS H 612 -30.43 33.55 -7.11
N SER H 613 -29.81 32.41 -7.44
CA SER H 613 -30.33 31.56 -8.51
C SER H 613 -31.66 30.91 -8.13
N TYR H 614 -31.77 30.39 -6.90
CA TYR H 614 -32.96 29.68 -6.49
C TYR H 614 -33.74 30.48 -5.46
N PRO H 615 -34.90 31.05 -5.82
CA PRO H 615 -35.67 31.82 -4.83
C PRO H 615 -36.14 30.99 -3.65
N SER H 616 -36.46 29.71 -3.87
CA SER H 616 -36.97 28.89 -2.78
C SER H 616 -35.88 28.56 -1.76
N LEU H 617 -34.65 28.34 -2.22
CA LEU H 617 -33.56 28.02 -1.30
C LEU H 617 -33.27 29.21 -0.40
N THR H 618 -33.06 28.92 0.89
CA THR H 618 -32.79 29.96 1.88
C THR H 618 -31.46 29.65 2.55
N THR H 619 -30.48 30.54 2.37
CA THR H 619 -29.17 30.38 2.98
C THR H 619 -29.11 31.21 4.25
N LYS H 620 -28.85 30.55 5.38
CA LYS H 620 -28.80 31.23 6.67
C LYS H 620 -27.49 30.91 7.36
N VAL H 621 -26.81 31.94 7.87
CA VAL H 621 -25.58 31.76 8.62
C VAL H 621 -25.97 31.62 10.09
N GLU H 622 -25.98 30.38 10.57
CA GLU H 622 -26.38 30.10 11.94
C GLU H 622 -25.33 30.61 12.92
N GLU H 623 -25.78 30.87 14.15
CA GLU H 623 -24.88 31.35 15.19
C GLU H 623 -23.80 30.34 15.54
N SER H 624 -24.01 29.07 15.24
CA SER H 624 -23.02 28.03 15.50
C SER H 624 -21.95 27.95 14.42
N GLY H 625 -21.85 28.97 13.56
CA GLY H 625 -20.85 28.94 12.51
C GLY H 625 -21.13 27.99 11.39
N GLU H 626 -22.38 27.58 11.20
CA GLU H 626 -22.77 26.64 10.16
C GLU H 626 -23.66 27.34 9.15
N HIS H 627 -23.40 27.09 7.87
CA HIS H 627 -24.21 27.64 6.78
C HIS H 627 -25.31 26.63 6.45
N VAL H 628 -26.55 26.98 6.78
CA VAL H 628 -27.68 26.08 6.63
C VAL H 628 -28.47 26.47 5.38
N ILE H 629 -28.69 25.50 4.50
CA ILE H 629 -29.52 25.67 3.33
C ILE H 629 -30.88 25.05 3.60
N LEU H 630 -31.94 25.85 3.40
CA LEU H 630 -33.32 25.42 3.60
C LEU H 630 -33.95 25.22 2.23
N GLY H 631 -34.48 24.02 1.99
CA GLY H 631 -35.20 23.72 0.77
C GLY H 631 -36.47 22.95 1.08
N THR H 632 -37.24 22.69 0.03
CA THR H 632 -38.53 22.04 0.17
C THR H 632 -38.45 20.53 0.05
N GLY H 633 -37.76 20.01 -0.97
CA GLY H 633 -37.70 18.59 -1.21
C GLY H 633 -36.27 18.10 -1.28
N GLU H 634 -36.14 16.78 -1.13
CA GLU H 634 -34.81 16.15 -1.17
C GLU H 634 -34.17 16.34 -2.54
N LEU H 635 -34.93 16.10 -3.61
CA LEU H 635 -34.41 16.32 -4.96
C LEU H 635 -34.06 17.79 -5.17
N TYR H 636 -34.83 18.69 -4.56
CA TYR H 636 -34.53 20.12 -4.67
C TYR H 636 -33.15 20.43 -4.11
N LEU H 637 -32.87 19.97 -2.89
CA LEU H 637 -31.57 20.23 -2.27
C LEU H 637 -30.46 19.50 -3.00
N ASP H 638 -30.74 18.31 -3.55
CA ASP H 638 -29.72 17.61 -4.34
C ASP H 638 -29.33 18.42 -5.57
N CYS H 639 -30.32 18.98 -6.27
CA CYS H 639 -30.03 19.85 -7.41
C CYS H 639 -29.29 21.11 -6.96
N VAL H 640 -29.67 21.66 -5.80
CA VAL H 640 -28.97 22.81 -5.26
C VAL H 640 -27.49 22.51 -5.07
N MET H 641 -27.18 21.37 -4.44
CA MET H 641 -25.79 21.03 -4.18
C MET H 641 -25.04 20.70 -5.46
N HIS H 642 -25.70 20.06 -6.41
CA HIS H 642 -25.05 19.80 -7.69
C HIS H 642 -24.67 21.10 -8.40
N ASP H 643 -25.61 22.05 -8.44
CA ASP H 643 -25.31 23.34 -9.05
C ASP H 643 -24.21 24.08 -8.29
N LEU H 644 -24.24 23.99 -6.96
CA LEU H 644 -23.22 24.66 -6.15
C LEU H 644 -21.83 24.10 -6.44
N ARG H 645 -21.69 22.77 -6.41
CA ARG H 645 -20.37 22.17 -6.59
C ARG H 645 -19.88 22.32 -8.03
N LYS H 646 -20.75 22.01 -9.00
CA LYS H 646 -20.30 21.97 -10.39
C LYS H 646 -20.13 23.36 -10.99
N MET H 647 -21.00 24.30 -10.64
CA MET H 647 -21.02 25.59 -11.32
C MET H 647 -20.64 26.75 -10.40
N TYR H 648 -21.32 26.91 -9.27
CA TYR H 648 -21.16 28.13 -8.48
C TYR H 648 -19.92 28.11 -7.60
N SER H 649 -19.48 26.91 -7.18
CA SER H 649 -18.29 26.80 -6.33
C SER H 649 -17.65 25.45 -6.59
N GLU H 650 -16.53 25.44 -7.34
CA GLU H 650 -15.87 24.20 -7.70
C GLU H 650 -15.27 23.47 -6.51
N ILE H 651 -15.16 24.14 -5.35
CA ILE H 651 -14.65 23.48 -4.15
C ILE H 651 -15.55 22.32 -3.75
N ASP H 652 -14.94 21.21 -3.34
CA ASP H 652 -15.68 20.10 -2.78
C ASP H 652 -16.27 20.49 -1.44
N ILE H 653 -17.53 20.14 -1.21
CA ILE H 653 -18.29 20.59 -0.05
C ILE H 653 -18.75 19.36 0.74
N LYS H 654 -18.50 19.38 2.04
CA LYS H 654 -19.02 18.35 2.93
C LYS H 654 -20.35 18.81 3.53
N VAL H 655 -21.24 17.85 3.76
CA VAL H 655 -22.60 18.13 4.18
C VAL H 655 -22.91 17.38 5.47
N ALA H 656 -24.12 17.55 5.97
CA ALA H 656 -24.62 16.80 7.12
C ALA H 656 -25.88 16.05 6.72
N ASP H 657 -26.36 15.21 7.64
CA ASP H 657 -27.60 14.50 7.40
C ASP H 657 -28.75 15.50 7.34
N PRO H 658 -29.68 15.35 6.40
CA PRO H 658 -30.79 16.30 6.29
C PRO H 658 -31.61 16.35 7.58
N VAL H 659 -32.00 17.57 7.94
CA VAL H 659 -32.79 17.80 9.14
C VAL H 659 -34.02 18.62 8.76
N VAL H 660 -35.09 18.44 9.53
CA VAL H 660 -36.35 19.12 9.30
C VAL H 660 -36.49 20.25 10.32
N THR H 661 -36.83 21.44 9.83
CA THR H 661 -37.10 22.55 10.73
C THR H 661 -38.31 22.23 11.59
N PHE H 662 -38.17 22.45 12.89
CA PHE H 662 -39.19 22.07 13.85
C PHE H 662 -39.91 23.30 14.38
N CYS H 663 -41.12 23.08 14.90
CA CYS H 663 -41.94 24.13 15.45
C CYS H 663 -42.22 23.85 16.92
N GLU H 664 -42.52 24.90 17.67
CA GLU H 664 -42.85 24.80 19.08
C GLU H 664 -44.27 25.31 19.29
N THR H 665 -45.10 24.50 19.93
CA THR H 665 -46.52 24.82 20.12
C THR H 665 -46.91 24.60 21.57
N VAL H 666 -48.14 24.98 21.90
CA VAL H 666 -48.68 24.84 23.24
C VAL H 666 -49.98 24.03 23.18
N VAL H 667 -50.29 23.37 24.28
CA VAL H 667 -51.49 22.52 24.35
C VAL H 667 -52.34 22.97 25.53
N GLU H 668 -51.71 23.54 26.55
CA GLU H 668 -52.40 23.96 27.76
C GLU H 668 -52.07 25.41 28.06
N THR H 669 -52.96 26.05 28.82
CA THR H 669 -52.76 27.44 29.22
C THR H 669 -51.66 27.54 30.25
N SER H 670 -51.07 28.73 30.34
CA SER H 670 -50.00 28.97 31.29
C SER H 670 -50.52 28.88 32.72
N SER H 671 -49.76 28.19 33.58
CA SER H 671 -50.19 28.00 34.96
C SER H 671 -50.10 29.30 35.75
N LEU H 672 -48.98 30.02 35.64
CA LEU H 672 -48.76 31.25 36.37
C LEU H 672 -48.29 32.34 35.42
N LYS H 673 -48.60 33.58 35.76
CA LYS H 673 -48.18 34.71 34.95
C LYS H 673 -46.66 34.89 35.01
N CYS H 674 -46.10 35.43 33.93
CA CYS H 674 -44.66 35.67 33.86
C CYS H 674 -44.43 37.15 33.58
N PHE H 675 -43.58 37.78 34.40
CA PHE H 675 -43.33 39.21 34.31
C PHE H 675 -41.84 39.48 34.21
N ALA H 676 -41.48 40.44 33.35
CA ALA H 676 -40.10 40.90 33.23
C ALA H 676 -40.07 42.41 33.45
N GLU H 677 -39.07 42.87 34.19
CA GLU H 677 -38.96 44.27 34.57
C GLU H 677 -37.87 44.94 33.74
N THR H 678 -38.20 46.09 33.15
CA THR H 678 -37.21 46.87 32.43
C THR H 678 -36.18 47.43 33.41
N PRO H 679 -34.90 47.48 33.03
CA PRO H 679 -33.88 48.01 33.95
C PRO H 679 -34.15 49.42 34.42
N ASN H 680 -34.75 50.26 33.59
CA ASN H 680 -34.99 51.66 33.94
C ASN H 680 -36.11 51.75 34.97
N LYS H 681 -35.73 51.89 36.24
CA LYS H 681 -36.65 52.10 37.36
C LYS H 681 -37.66 50.96 37.50
N LYS H 682 -37.30 49.76 37.06
CA LYS H 682 -38.08 48.54 37.28
C LYS H 682 -39.50 48.68 36.73
N ASN H 683 -39.59 48.84 35.42
CA ASN H 683 -40.87 48.85 34.71
C ASN H 683 -41.15 47.44 34.23
N LYS H 684 -42.18 46.80 34.80
CA LYS H 684 -42.40 45.36 34.62
C LYS H 684 -43.68 45.11 33.84
N ILE H 685 -43.59 44.23 32.85
CA ILE H 685 -44.74 43.77 32.06
C ILE H 685 -44.97 42.30 32.37
N THR H 686 -46.22 41.95 32.66
CA THR H 686 -46.62 40.58 32.98
C THR H 686 -47.58 40.08 31.92
N MET H 687 -47.45 38.80 31.57
CA MET H 687 -48.26 38.21 30.52
C MET H 687 -48.48 36.74 30.80
N ILE H 688 -49.49 36.19 30.11
CA ILE H 688 -49.83 34.77 30.14
C ILE H 688 -50.09 34.33 28.71
N ALA H 689 -49.50 33.21 28.30
CA ALA H 689 -49.71 32.66 26.97
C ALA H 689 -50.68 31.50 27.04
N GLU H 690 -51.56 31.41 26.04
CA GLU H 690 -52.54 30.35 25.93
C GLU H 690 -52.49 29.75 24.53
N PRO H 691 -52.85 28.48 24.39
CA PRO H 691 -52.89 27.88 23.05
C PRO H 691 -53.93 28.57 22.18
N LEU H 692 -53.62 28.71 20.90
CA LEU H 692 -54.54 29.33 19.96
C LEU H 692 -55.76 28.44 19.74
N GLU H 693 -56.87 29.08 19.36
CA GLU H 693 -58.09 28.34 19.10
C GLU H 693 -57.89 27.41 17.91
N LYS H 694 -58.51 26.23 17.99
CA LYS H 694 -58.35 25.22 16.95
C LYS H 694 -58.86 25.74 15.61
N GLY H 695 -58.05 25.55 14.57
CA GLY H 695 -58.39 25.98 13.24
C GLY H 695 -58.00 27.40 12.90
N LEU H 696 -57.53 28.18 13.88
CA LEU H 696 -57.15 29.55 13.60
C LEU H 696 -55.80 29.66 12.90
N ALA H 697 -54.91 28.69 13.14
CA ALA H 697 -53.54 28.78 12.61
C ALA H 697 -53.53 28.81 11.09
N GLU H 698 -54.20 27.84 10.46
CA GLU H 698 -54.20 27.79 9.00
C GLU H 698 -55.02 28.94 8.41
N ASP H 699 -56.05 29.40 9.12
CA ASP H 699 -56.84 30.52 8.63
C ASP H 699 -56.00 31.79 8.57
N ILE H 700 -55.28 32.10 9.66
CA ILE H 700 -54.42 33.27 9.66
C ILE H 700 -53.28 33.11 8.66
N GLU H 701 -52.69 31.92 8.60
CA GLU H 701 -51.58 31.68 7.69
C GLU H 701 -51.98 31.75 6.23
N ASN H 702 -53.27 31.61 5.92
CA ASN H 702 -53.75 31.68 4.54
C ASN H 702 -54.09 33.10 4.11
N GLU H 703 -53.58 34.11 4.82
CA GLU H 703 -53.79 35.52 4.48
C GLU H 703 -55.27 35.89 4.49
N VAL H 704 -56.08 35.16 5.24
CA VAL H 704 -57.50 35.47 5.33
C VAL H 704 -57.72 36.82 6.01
N VAL H 705 -57.00 37.05 7.11
CA VAL H 705 -57.12 38.29 7.88
C VAL H 705 -55.73 38.85 8.09
N GLN H 706 -55.58 40.14 7.83
CA GLN H 706 -54.32 40.85 8.00
C GLN H 706 -54.43 41.87 9.12
N ILE H 707 -53.29 42.17 9.75
CA ILE H 707 -53.26 43.16 10.81
C ILE H 707 -53.62 44.55 10.29
N THR H 708 -53.40 44.80 9.00
CA THR H 708 -53.74 46.08 8.40
C THR H 708 -55.24 46.29 8.25
N TRP H 709 -56.05 45.26 8.49
CA TRP H 709 -57.49 45.38 8.39
C TRP H 709 -58.02 46.33 9.46
N ASN H 710 -59.21 46.88 9.19
CA ASN H 710 -59.84 47.77 10.16
C ASN H 710 -60.22 47.01 11.42
N ARG H 711 -60.20 47.72 12.55
CA ARG H 711 -60.49 47.09 13.83
C ARG H 711 -61.91 46.53 13.86
N LYS H 712 -62.88 47.27 13.32
CA LYS H 712 -64.25 46.80 13.29
C LYS H 712 -64.38 45.54 12.44
N LYS H 713 -63.71 45.51 11.28
CA LYS H 713 -63.79 44.33 10.42
C LYS H 713 -63.19 43.11 11.09
N LEU H 714 -62.03 43.26 11.72
CA LEU H 714 -61.41 42.14 12.42
C LEU H 714 -62.26 41.67 13.59
N GLY H 715 -62.85 42.62 14.33
CA GLY H 715 -63.74 42.24 15.41
C GLY H 715 -64.95 41.47 14.94
N GLU H 716 -65.55 41.92 13.83
CA GLU H 716 -66.69 41.21 13.26
C GLU H 716 -66.29 39.81 12.80
N PHE H 717 -65.12 39.69 12.15
CA PHE H 717 -64.66 38.38 11.71
C PHE H 717 -64.46 37.43 12.89
N PHE H 718 -63.83 37.93 13.96
CA PHE H 718 -63.55 37.07 15.10
C PHE H 718 -64.82 36.71 15.86
N GLN H 719 -65.78 37.64 15.93
CA GLN H 719 -67.04 37.33 16.60
C GLN H 719 -67.89 36.37 15.80
N THR H 720 -67.83 36.43 14.47
CA THR H 720 -68.65 35.55 13.64
C THR H 720 -68.02 34.17 13.50
N LYS H 721 -66.78 34.10 13.05
CA LYS H 721 -66.15 32.81 12.79
C LYS H 721 -65.75 32.10 14.08
N TYR H 722 -64.86 32.73 14.86
CA TYR H 722 -64.29 32.09 16.05
C TYR H 722 -64.97 32.52 17.34
N ASP H 723 -65.98 33.40 17.26
CA ASP H 723 -66.76 33.81 18.43
C ASP H 723 -65.87 34.39 19.53
N TRP H 724 -64.83 35.10 19.15
CA TRP H 724 -63.99 35.77 20.14
C TRP H 724 -64.68 36.99 20.71
N ASP H 725 -64.30 37.36 21.92
CA ASP H 725 -64.88 38.52 22.57
C ASP H 725 -64.53 39.79 21.80
N LEU H 726 -65.50 40.71 21.73
CA LEU H 726 -65.27 41.96 21.03
C LEU H 726 -64.18 42.78 21.69
N LEU H 727 -64.14 42.77 23.03
CA LEU H 727 -63.06 43.46 23.73
C LEU H 727 -61.70 42.83 23.41
N ALA H 728 -61.65 41.51 23.34
CA ALA H 728 -60.40 40.84 22.97
C ALA H 728 -59.99 41.19 21.54
N ALA H 729 -60.96 41.25 20.62
CA ALA H 729 -60.65 41.61 19.25
C ALA H 729 -60.15 43.05 19.15
N ARG H 730 -60.75 43.96 19.93
CA ARG H 730 -60.33 45.36 19.93
C ARG H 730 -58.94 45.56 20.51
N SER H 731 -58.38 44.54 21.17
CA SER H 731 -57.04 44.64 21.72
C SER H 731 -56.00 44.73 20.61
N ILE H 732 -54.85 45.29 20.95
CA ILE H 732 -53.75 45.38 19.99
C ILE H 732 -53.36 43.98 19.55
N TRP H 733 -53.35 43.75 18.24
CA TRP H 733 -53.10 42.45 17.67
C TRP H 733 -51.80 42.47 16.88
N ALA H 734 -50.99 41.43 17.07
CA ALA H 734 -49.70 41.30 16.39
C ALA H 734 -49.70 40.24 15.31
N PHE H 735 -50.13 39.02 15.62
CA PHE H 735 -50.24 37.92 14.66
C PHE H 735 -48.89 37.61 13.99
N GLY H 736 -47.85 37.47 14.82
CA GLY H 736 -46.54 37.10 14.35
C GLY H 736 -45.92 38.08 13.40
N PRO H 737 -44.85 37.65 12.72
CA PRO H 737 -44.18 38.53 11.75
C PRO H 737 -45.01 38.68 10.49
N ASP H 738 -45.06 39.92 9.98
CA ASP H 738 -45.76 40.25 8.74
C ASP H 738 -47.24 39.86 8.80
N ALA H 739 -47.82 39.84 10.00
CA ALA H 739 -49.23 39.54 10.22
C ALA H 739 -49.63 38.15 9.74
N THR H 740 -48.64 37.30 9.41
CA THR H 740 -48.91 35.96 8.92
C THR H 740 -48.52 34.86 9.89
N GLY H 741 -47.74 35.17 10.92
CA GLY H 741 -47.36 34.20 11.92
C GLY H 741 -48.57 33.66 12.67
N PRO H 742 -48.69 32.33 12.73
CA PRO H 742 -49.82 31.74 13.48
C PRO H 742 -49.85 32.14 14.94
N ASN H 743 -48.69 32.33 15.55
CA ASN H 743 -48.63 32.83 16.93
C ASN H 743 -49.12 34.26 16.95
N ILE H 744 -50.31 34.47 17.51
CA ILE H 744 -50.92 35.79 17.55
C ILE H 744 -50.70 36.36 18.95
N LEU H 745 -50.72 37.69 19.04
CA LEU H 745 -50.57 38.39 20.30
C LEU H 745 -51.71 39.38 20.45
N VAL H 746 -52.43 39.29 21.57
CA VAL H 746 -53.53 40.19 21.88
C VAL H 746 -53.20 40.91 23.19
N ASP H 747 -53.29 42.24 23.15
CA ASP H 747 -52.97 43.07 24.32
C ASP H 747 -54.24 43.22 25.17
N ASP H 748 -54.47 42.23 26.03
CA ASP H 748 -55.65 42.18 26.87
C ASP H 748 -55.54 43.04 28.12
N THR H 749 -54.61 43.99 28.16
CA THR H 749 -54.43 44.83 29.33
C THR H 749 -55.72 45.54 29.68
N LEU H 750 -56.05 45.56 30.97
CA LEU H 750 -57.31 46.13 31.41
C LEU H 750 -57.31 47.64 31.18
N PRO H 751 -58.35 48.19 30.54
CA PRO H 751 -58.41 49.64 30.35
C PRO H 751 -58.50 50.41 31.65
N SER H 752 -58.92 49.77 32.75
CA SER H 752 -58.97 50.45 34.04
C SER H 752 -57.58 50.93 34.46
N GLU H 753 -56.55 50.17 34.12
CA GLU H 753 -55.18 50.59 34.42
C GLU H 753 -54.80 51.81 33.60
N VAL H 754 -53.92 52.63 34.16
CA VAL H 754 -53.48 53.87 33.49
C VAL H 754 -52.41 53.63 32.46
N ASP H 755 -52.07 52.37 32.17
CA ASP H 755 -51.01 52.05 31.22
C ASP H 755 -51.47 52.05 29.77
N LYS H 756 -52.74 52.39 29.50
CA LYS H 756 -53.23 52.41 28.13
C LYS H 756 -52.45 53.41 27.29
N ALA H 757 -52.22 54.61 27.81
CA ALA H 757 -51.37 55.57 27.12
C ALA H 757 -49.94 55.05 26.99
N LEU H 758 -49.43 54.45 28.05
CA LEU H 758 -48.09 53.86 27.99
C LEU H 758 -48.05 52.70 27.00
N LEU H 759 -49.11 51.88 26.97
CA LEU H 759 -49.17 50.80 25.99
C LEU H 759 -49.17 51.34 24.56
N GLY H 760 -49.93 52.42 24.33
CA GLY H 760 -49.88 53.06 23.02
C GLY H 760 -48.50 53.60 22.70
N SER H 761 -47.80 54.11 23.70
CA SER H 761 -46.44 54.59 23.52
C SER H 761 -45.42 53.46 23.47
N VAL H 762 -45.80 52.23 23.83
CA VAL H 762 -44.91 51.08 23.80
C VAL H 762 -45.47 49.96 22.93
N LYS H 763 -46.48 50.26 22.09
CA LYS H 763 -47.06 49.24 21.24
C LYS H 763 -46.05 48.74 20.21
N ASP H 764 -45.27 49.65 19.63
CA ASP H 764 -44.28 49.26 18.63
C ASP H 764 -43.21 48.37 19.24
N SER H 765 -42.72 48.73 20.42
CA SER H 765 -41.71 47.91 21.09
C SER H 765 -42.26 46.53 21.44
N ILE H 766 -43.51 46.49 21.92
CA ILE H 766 -44.14 45.21 22.26
C ILE H 766 -44.27 44.34 21.02
N VAL H 767 -44.68 44.94 19.90
CA VAL H 767 -44.85 44.19 18.66
C VAL H 767 -43.50 43.67 18.17
N GLN H 768 -42.45 44.50 18.26
CA GLN H 768 -41.12 44.06 17.87
C GLN H 768 -40.64 42.90 18.74
N GLY H 769 -40.86 43.00 20.05
CA GLY H 769 -40.49 41.91 20.94
C GLY H 769 -41.25 40.63 20.63
N PHE H 770 -42.55 40.75 20.34
CA PHE H 770 -43.33 39.57 20.01
C PHE H 770 -42.88 38.93 18.72
N GLN H 771 -42.61 39.73 17.68
CA GLN H 771 -42.17 39.14 16.43
C GLN H 771 -40.78 38.52 16.56
N TRP H 772 -39.90 39.14 17.35
CA TRP H 772 -38.60 38.54 17.61
C TRP H 772 -38.73 37.21 18.34
N GLY H 773 -39.61 37.15 19.35
CA GLY H 773 -39.83 35.90 20.05
C GLY H 773 -40.45 34.84 19.16
N THR H 774 -41.33 35.26 18.25
CA THR H 774 -41.90 34.31 17.28
C THR H 774 -40.84 33.74 16.37
N ARG H 775 -39.91 34.60 15.90
CA ARG H 775 -38.85 34.10 15.05
C ARG H 775 -37.88 33.19 15.80
N GLU H 776 -37.58 33.53 17.06
CA GLU H 776 -36.65 32.75 17.89
C GLU H 776 -37.35 32.38 19.18
N GLY H 777 -37.75 31.12 19.31
CA GLY H 777 -38.45 30.65 20.48
C GLY H 777 -37.52 30.23 21.60
N PRO H 778 -38.10 29.74 22.70
CA PRO H 778 -37.25 29.29 23.82
C PRO H 778 -36.60 27.94 23.58
N LEU H 779 -37.27 27.03 22.87
CA LEU H 779 -36.74 25.71 22.57
C LEU H 779 -36.29 25.68 21.12
N CYS H 780 -35.00 25.40 20.91
CA CYS H 780 -34.41 25.28 19.57
C CYS H 780 -34.42 26.61 18.82
N ASP H 781 -34.94 27.66 19.46
CA ASP H 781 -34.98 29.01 18.88
C ASP H 781 -35.60 29.02 17.49
N GLU H 782 -36.50 28.07 17.22
CA GLU H 782 -37.12 27.95 15.93
C GLU H 782 -38.45 28.71 15.91
N LEU H 783 -39.19 28.57 14.80
CA LEU H 783 -40.47 29.23 14.67
C LEU H 783 -41.49 28.62 15.62
N ILE H 784 -42.34 29.47 16.18
CA ILE H 784 -43.41 29.05 17.08
C ILE H 784 -44.75 29.46 16.47
N ARG H 785 -45.72 28.56 16.51
CA ARG H 785 -47.00 28.77 15.85
C ARG H 785 -48.14 28.39 16.80
N ASN H 786 -49.31 28.96 16.52
CA ASN H 786 -50.55 28.66 17.25
C ASN H 786 -50.40 28.95 18.75
N VAL H 787 -49.83 30.11 19.06
CA VAL H 787 -49.69 30.58 20.44
C VAL H 787 -50.47 31.87 20.57
N LYS H 788 -51.47 31.88 21.46
CA LYS H 788 -52.28 33.07 21.70
C LYS H 788 -51.71 33.84 22.88
N PHE H 789 -50.63 34.56 22.61
CA PHE H 789 -49.96 35.33 23.65
C PHE H 789 -50.84 36.49 24.10
N LYS H 790 -51.31 36.41 25.35
CA LYS H 790 -52.17 37.43 25.93
C LYS H 790 -51.33 38.32 26.84
N ILE H 791 -51.21 39.59 26.47
CA ILE H 791 -50.45 40.58 27.25
C ILE H 791 -51.33 40.95 28.45
N LEU H 792 -51.02 40.36 29.62
CA LEU H 792 -51.88 40.53 30.78
C LEU H 792 -51.93 41.98 31.25
N ASP H 793 -50.76 42.58 31.48
CA ASP H 793 -50.69 43.95 31.99
C ASP H 793 -49.25 44.42 31.94
N ALA H 794 -49.06 45.70 32.25
CA ALA H 794 -47.72 46.28 32.30
C ALA H 794 -47.77 47.54 33.14
N VAL H 795 -46.83 47.66 34.09
CA VAL H 795 -46.67 48.86 34.91
C VAL H 795 -45.33 49.46 34.55
N VAL H 796 -45.36 50.72 34.09
CA VAL H 796 -44.17 51.41 33.63
C VAL H 796 -44.31 52.89 33.94
N ALA H 797 -43.20 53.53 34.29
CA ALA H 797 -43.20 54.97 34.53
C ALA H 797 -43.47 55.72 33.24
N GLN H 798 -44.33 56.74 33.32
CA GLN H 798 -44.70 57.51 32.15
C GLN H 798 -43.56 58.36 31.61
N GLU H 799 -42.48 58.51 32.36
CA GLU H 799 -41.35 59.32 31.90
C GLU H 799 -40.71 58.68 30.67
N PRO H 800 -40.50 59.45 29.59
CA PRO H 800 -39.86 58.87 28.40
C PRO H 800 -38.47 58.34 28.66
N LEU H 801 -37.75 58.90 29.63
CA LEU H 801 -36.41 58.40 29.95
C LEU H 801 -36.47 56.97 30.44
N HIS H 802 -37.44 56.64 31.28
CA HIS H 802 -37.62 55.27 31.74
C HIS H 802 -38.11 54.33 30.65
N ARG H 803 -38.59 54.86 29.53
CA ARG H 803 -39.10 54.03 28.43
C ARG H 803 -37.99 53.74 27.43
N GLY H 804 -36.96 53.07 27.91
CA GLY H 804 -35.84 52.68 27.06
C GLY H 804 -36.24 51.71 25.98
N GLY H 805 -35.93 52.03 24.73
CA GLY H 805 -36.33 51.17 23.63
C GLY H 805 -35.70 49.80 23.70
N GLY H 806 -34.42 49.74 24.08
CA GLY H 806 -33.73 48.47 24.19
C GLY H 806 -34.02 47.66 25.43
N GLN H 807 -34.81 48.21 26.36
CA GLN H 807 -35.16 47.51 27.59
C GLN H 807 -36.45 46.71 27.49
N ILE H 808 -37.19 46.84 26.38
CA ILE H 808 -38.48 46.20 26.23
C ILE H 808 -38.38 44.91 25.43
N ILE H 809 -37.74 44.95 24.26
CA ILE H 809 -37.69 43.77 23.39
C ILE H 809 -37.02 42.58 24.07
N PRO H 810 -35.85 42.72 24.72
CA PRO H 810 -35.33 41.57 25.48
C PRO H 810 -36.27 41.12 26.58
N THR H 811 -36.89 42.07 27.30
CA THR H 811 -37.86 41.71 28.32
C THR H 811 -39.08 41.03 27.70
N ALA H 812 -39.51 41.52 26.53
CA ALA H 812 -40.65 40.90 25.86
C ALA H 812 -40.35 39.46 25.47
N ARG H 813 -39.16 39.21 24.91
CA ARG H 813 -38.84 37.84 24.52
C ARG H 813 -38.61 36.95 25.74
N ARG H 814 -38.08 37.50 26.83
CA ARG H 814 -37.98 36.72 28.06
C ARG H 814 -39.36 36.34 28.58
N VAL H 815 -40.31 37.28 28.53
CA VAL H 815 -41.68 36.97 28.93
C VAL H 815 -42.26 35.90 28.01
N VAL H 816 -41.99 35.98 26.71
CA VAL H 816 -42.49 34.98 25.78
C VAL H 816 -41.94 33.60 26.13
N TYR H 817 -40.63 33.53 26.39
CA TYR H 817 -40.01 32.25 26.72
C TYR H 817 -40.58 31.69 28.01
N SER H 818 -40.75 32.54 29.04
CA SER H 818 -41.27 32.07 30.31
C SER H 818 -42.72 31.61 30.18
N ALA H 819 -43.53 32.34 29.41
CA ALA H 819 -44.91 31.95 29.20
C ALA H 819 -45.00 30.63 28.45
N PHE H 820 -44.15 30.45 27.44
CA PHE H 820 -44.13 29.17 26.72
C PHE H 820 -43.71 28.04 27.64
N LEU H 821 -42.74 28.30 28.52
CA LEU H 821 -42.39 27.31 29.54
C LEU H 821 -43.51 27.13 30.55
N MET H 822 -44.19 28.22 30.93
CA MET H 822 -45.31 28.11 31.86
C MET H 822 -46.43 27.28 31.27
N ALA H 823 -46.74 27.49 29.99
CA ALA H 823 -47.70 26.65 29.29
C ALA H 823 -47.07 25.32 28.94
N THR H 824 -47.91 24.37 28.52
CA THR H 824 -47.41 23.06 28.15
C THR H 824 -46.72 23.15 26.80
N PRO H 825 -45.43 22.84 26.70
CA PRO H 825 -44.72 22.92 25.42
C PRO H 825 -44.72 21.59 24.68
N ARG H 826 -44.85 21.67 23.36
CA ARG H 826 -44.83 20.50 22.50
C ARG H 826 -44.04 20.81 21.24
N LEU H 827 -43.42 19.77 20.69
CA LEU H 827 -42.73 19.88 19.41
C LEU H 827 -43.69 19.58 18.27
N MET H 828 -43.38 20.13 17.10
CA MET H 828 -44.24 19.98 15.93
C MET H 828 -43.37 19.74 14.71
N GLU H 829 -43.69 18.67 13.98
CA GLU H 829 -43.01 18.28 12.75
C GLU H 829 -43.90 18.55 11.54
N PRO H 830 -43.32 18.89 10.40
CA PRO H 830 -44.13 19.16 9.21
C PRO H 830 -44.51 17.87 8.50
N TYR H 831 -45.78 17.49 8.60
CA TYR H 831 -46.31 16.36 7.85
C TYR H 831 -46.43 16.74 6.38
N TYR H 832 -45.76 15.98 5.53
CA TYR H 832 -45.75 16.17 4.08
C TYR H 832 -46.88 15.37 3.47
N PHE H 833 -47.68 16.03 2.62
CA PHE H 833 -48.65 15.35 1.79
C PHE H 833 -47.94 14.64 0.64
N VAL H 834 -48.26 13.38 0.43
CA VAL H 834 -47.68 12.60 -0.67
C VAL H 834 -48.82 11.93 -1.44
N GLU H 835 -48.87 12.20 -2.75
CA GLU H 835 -49.86 11.58 -3.63
C GLU H 835 -49.17 10.47 -4.41
N VAL H 836 -48.97 9.35 -3.73
CA VAL H 836 -48.24 8.23 -4.31
C VAL H 836 -49.17 7.50 -5.27
N GLN H 837 -48.81 7.50 -6.55
CA GLN H 837 -49.54 6.74 -7.56
C GLN H 837 -48.85 5.40 -7.77
N ALA H 838 -49.63 4.33 -7.83
CA ALA H 838 -49.07 2.99 -7.88
C ALA H 838 -50.07 2.07 -8.55
N PRO H 839 -49.61 0.98 -9.15
CA PRO H 839 -50.55 -0.02 -9.67
C PRO H 839 -51.31 -0.70 -8.54
N ALA H 840 -52.46 -1.28 -8.91
CA ALA H 840 -53.38 -1.81 -7.90
C ALA H 840 -52.73 -2.89 -7.04
N ASP H 841 -51.99 -3.81 -7.67
CA ASP H 841 -51.44 -4.95 -6.95
C ASP H 841 -50.52 -4.49 -5.82
N CYS H 842 -49.69 -3.48 -6.08
CA CYS H 842 -48.76 -2.98 -5.08
C CYS H 842 -49.41 -2.06 -4.06
N VAL H 843 -50.69 -1.72 -4.23
CA VAL H 843 -51.31 -0.68 -3.40
C VAL H 843 -51.19 -1.02 -1.94
N SER H 844 -51.59 -2.24 -1.56
CA SER H 844 -51.46 -2.67 -0.17
C SER H 844 -50.01 -2.61 0.27
N ALA H 845 -49.10 -3.11 -0.58
CA ALA H 845 -47.68 -3.04 -0.27
C ALA H 845 -47.23 -1.60 -0.04
N VAL H 846 -47.83 -0.66 -0.78
CA VAL H 846 -47.50 0.74 -0.59
C VAL H 846 -47.80 1.15 0.84
N TYR H 847 -48.96 0.75 1.37
CA TYR H 847 -49.28 1.03 2.76
C TYR H 847 -48.21 0.48 3.69
N THR H 848 -47.68 -0.71 3.36
CA THR H 848 -46.61 -1.29 4.17
C THR H 848 -45.43 -0.33 4.29
N VAL H 849 -45.09 0.35 3.19
CA VAL H 849 -44.02 1.35 3.24
C VAL H 849 -44.37 2.43 4.26
N LEU H 850 -45.60 2.95 4.18
CA LEU H 850 -46.04 3.93 5.17
C LEU H 850 -46.06 3.34 6.57
N ALA H 851 -46.23 2.02 6.67
CA ALA H 851 -46.13 1.36 7.97
C ALA H 851 -44.71 1.49 8.54
N ARG H 852 -43.70 1.34 7.68
CA ARG H 852 -42.32 1.36 8.17
C ARG H 852 -41.87 2.78 8.50
N ARG H 853 -42.28 3.76 7.70
CA ARG H 853 -41.84 5.13 7.86
C ARG H 853 -42.82 5.97 8.68
N ARG H 854 -43.58 5.32 9.57
CA ARG H 854 -44.49 6.01 10.49
C ARG H 854 -45.50 6.87 9.72
N GLY H 855 -45.96 6.37 8.58
CA GLY H 855 -46.89 7.09 7.74
C GLY H 855 -48.33 6.70 8.02
N HIS H 856 -49.25 7.64 7.76
CA HIS H 856 -50.68 7.41 7.92
C HIS H 856 -51.37 7.68 6.59
N VAL H 857 -52.16 6.72 6.14
CA VAL H 857 -52.86 6.82 4.86
C VAL H 857 -54.10 7.67 5.07
N THR H 858 -54.20 8.78 4.33
CA THR H 858 -55.36 9.65 4.45
C THR H 858 -56.49 9.22 3.53
N GLN H 859 -56.18 8.86 2.30
CA GLN H 859 -57.20 8.44 1.34
C GLN H 859 -56.56 7.57 0.27
N ASP H 860 -57.40 6.82 -0.44
CA ASP H 860 -56.92 5.95 -1.51
C ASP H 860 -58.06 5.75 -2.50
N ALA H 861 -57.84 6.16 -3.76
CA ALA H 861 -58.86 6.03 -4.79
C ALA H 861 -58.24 5.54 -6.09
N PRO H 862 -58.96 4.72 -6.84
CA PRO H 862 -58.48 4.33 -8.17
C PRO H 862 -58.52 5.50 -9.14
N ILE H 863 -57.61 5.48 -10.11
CA ILE H 863 -57.55 6.54 -11.12
C ILE H 863 -58.67 6.31 -12.12
N PRO H 864 -59.57 7.28 -12.30
CA PRO H 864 -60.68 7.09 -13.26
C PRO H 864 -60.15 6.95 -14.68
N GLY H 865 -60.51 5.83 -15.32
CA GLY H 865 -60.09 5.56 -16.67
C GLY H 865 -58.67 5.04 -16.82
N SER H 866 -57.98 4.78 -15.70
CA SER H 866 -56.62 4.26 -15.74
C SER H 866 -56.48 3.13 -14.73
N PRO H 867 -55.74 2.08 -15.07
CA PRO H 867 -55.53 0.98 -14.11
C PRO H 867 -54.78 1.41 -12.86
N LEU H 868 -54.13 2.57 -12.88
CA LEU H 868 -53.34 3.01 -11.74
C LEU H 868 -54.26 3.36 -10.56
N TYR H 869 -53.63 3.76 -9.45
CA TYR H 869 -54.36 3.96 -8.20
C TYR H 869 -53.59 4.98 -7.37
N THR H 870 -54.26 6.07 -6.99
CA THR H 870 -53.63 7.12 -6.20
C THR H 870 -53.91 6.92 -4.72
N ILE H 871 -52.90 7.19 -3.90
CA ILE H 871 -53.01 7.12 -2.44
C ILE H 871 -52.45 8.40 -1.88
N LYS H 872 -53.29 9.15 -1.16
CA LYS H 872 -52.87 10.37 -0.48
C LYS H 872 -52.53 10.02 0.96
N ALA H 873 -51.29 10.28 1.35
CA ALA H 873 -50.80 9.95 2.67
C ALA H 873 -50.10 11.15 3.29
N PHE H 874 -49.91 11.10 4.61
CA PHE H 874 -49.36 12.20 5.39
C PHE H 874 -48.12 11.68 6.12
N ILE H 875 -46.96 11.82 5.50
CA ILE H 875 -45.72 11.26 6.03
C ILE H 875 -45.00 12.30 6.86
N PRO H 876 -44.61 12.00 8.10
CA PRO H 876 -43.80 12.95 8.87
C PRO H 876 -42.48 13.25 8.17
N ALA H 877 -42.03 14.50 8.29
CA ALA H 877 -40.82 14.92 7.59
C ALA H 877 -39.58 14.20 8.09
N ILE H 878 -39.56 13.82 9.37
CA ILE H 878 -38.39 13.13 9.92
C ILE H 878 -38.15 11.82 9.18
N ASP H 879 -39.22 11.07 8.90
CA ASP H 879 -39.11 9.84 8.15
C ASP H 879 -39.34 10.03 6.66
N SER H 880 -39.64 11.25 6.22
CA SER H 880 -39.89 11.50 4.81
C SER H 880 -38.63 11.46 3.97
N PHE H 881 -37.46 11.68 4.57
CA PHE H 881 -36.21 11.67 3.84
C PHE H 881 -35.94 10.29 3.25
N GLY H 882 -35.97 10.19 1.92
CA GLY H 882 -35.78 8.92 1.25
C GLY H 882 -37.03 8.05 1.18
N PHE H 883 -38.18 8.58 1.57
CA PHE H 883 -39.42 7.78 1.51
C PHE H 883 -39.73 7.37 0.08
N GLU H 884 -39.56 8.29 -0.87
CA GLU H 884 -39.83 7.97 -2.26
C GLU H 884 -38.90 6.87 -2.76
N THR H 885 -37.62 6.93 -2.36
CA THR H 885 -36.69 5.88 -2.75
C THR H 885 -37.11 4.53 -2.21
N ASP H 886 -37.52 4.47 -0.94
CA ASP H 886 -37.99 3.23 -0.35
C ASP H 886 -39.22 2.70 -1.08
N LEU H 887 -40.17 3.59 -1.39
CA LEU H 887 -41.39 3.17 -2.07
C LEU H 887 -41.08 2.64 -3.46
N ARG H 888 -40.17 3.29 -4.19
CA ARG H 888 -39.90 2.86 -5.56
C ARG H 888 -39.07 1.58 -5.59
N THR H 889 -38.09 1.45 -4.71
CA THR H 889 -37.27 0.24 -4.69
C THR H 889 -38.06 -0.95 -4.17
N HIS H 890 -38.84 -0.77 -3.11
CA HIS H 890 -39.61 -1.88 -2.55
C HIS H 890 -40.64 -2.39 -3.54
N THR H 891 -41.29 -1.49 -4.27
CA THR H 891 -42.23 -1.87 -5.32
C THR H 891 -41.52 -2.27 -6.61
N GLN H 892 -40.20 -2.43 -6.57
CA GLN H 892 -39.42 -2.92 -7.70
C GLN H 892 -39.60 -2.00 -8.92
N GLY H 893 -39.54 -0.69 -8.67
CA GLY H 893 -39.57 0.29 -9.73
C GLY H 893 -40.91 0.53 -10.38
N GLN H 894 -42.02 0.19 -9.70
CA GLN H 894 -43.35 0.40 -10.28
C GLN H 894 -44.02 1.64 -9.69
N ALA H 895 -44.17 1.68 -8.37
CA ALA H 895 -44.81 2.82 -7.73
C ALA H 895 -43.95 4.07 -7.83
N PHE H 896 -44.62 5.22 -7.93
CA PHE H 896 -43.96 6.51 -7.93
C PHE H 896 -44.67 7.44 -6.96
N SER H 897 -43.90 8.32 -6.32
CA SER H 897 -44.43 9.20 -5.29
C SER H 897 -43.97 10.62 -5.54
N LEU H 898 -44.63 11.56 -4.86
CA LEU H 898 -44.29 12.97 -4.92
C LEU H 898 -44.81 13.62 -3.65
N SER H 899 -43.92 14.17 -2.83
CA SER H 899 -44.26 14.66 -1.51
C SER H 899 -44.07 16.16 -1.43
N VAL H 900 -45.09 16.85 -0.93
CA VAL H 900 -45.06 18.29 -0.69
C VAL H 900 -45.54 18.53 0.73
N PHE H 901 -44.91 19.50 1.41
CA PHE H 901 -45.26 19.81 2.79
C PHE H 901 -46.73 20.20 2.88
N HIS H 902 -47.44 19.62 3.85
CA HIS H 902 -48.86 19.85 4.01
C HIS H 902 -49.18 20.66 5.26
N HIS H 903 -48.80 20.18 6.44
CA HIS H 903 -49.21 20.91 7.65
C HIS H 903 -48.37 20.50 8.84
N TRP H 904 -48.25 21.39 9.80
CA TRP H 904 -47.53 21.11 11.03
C TRP H 904 -48.38 20.25 11.95
N GLN H 905 -47.80 19.19 12.50
CA GLN H 905 -48.49 18.31 13.43
C GLN H 905 -47.65 18.14 14.69
N ILE H 906 -48.31 18.16 15.84
CA ILE H 906 -47.60 18.12 17.12
C ILE H 906 -46.92 16.77 17.29
N VAL H 907 -45.61 16.81 17.58
CA VAL H 907 -44.82 15.60 17.78
C VAL H 907 -45.15 15.02 19.15
N PRO H 908 -45.08 13.70 19.32
CA PRO H 908 -45.35 13.11 20.64
C PRO H 908 -44.23 13.42 21.63
N GLY H 909 -44.59 13.38 22.91
CA GLY H 909 -43.64 13.63 23.97
C GLY H 909 -43.59 15.08 24.40
N ASP H 910 -42.71 15.36 25.35
CA ASP H 910 -42.54 16.69 25.91
C ASP H 910 -41.10 17.16 25.70
N PRO H 911 -40.89 18.33 25.09
CA PRO H 911 -39.52 18.79 24.82
C PRO H 911 -38.64 18.89 26.06
N LEU H 912 -39.18 19.34 27.20
CA LEU H 912 -38.36 19.61 28.37
C LEU H 912 -38.50 18.56 29.47
N ASP H 913 -39.35 17.56 29.28
CA ASP H 913 -39.49 16.52 30.28
C ASP H 913 -38.21 15.69 30.36
N LYS H 914 -37.77 15.40 31.59
CA LYS H 914 -36.56 14.61 31.80
C LYS H 914 -36.80 13.18 31.34
N SER H 915 -36.25 12.82 30.19
CA SER H 915 -36.43 11.51 29.60
C SER H 915 -35.08 10.82 29.45
N ILE H 916 -35.13 9.53 29.14
CA ILE H 916 -33.92 8.75 28.96
C ILE H 916 -33.16 9.23 27.74
N VAL H 917 -31.85 9.43 27.88
CA VAL H 917 -31.03 9.85 26.77
C VAL H 917 -30.96 8.72 25.74
N ILE H 918 -31.20 9.05 24.48
CA ILE H 918 -31.22 8.05 23.43
C ILE H 918 -29.79 7.68 23.04
N ARG H 919 -29.66 6.49 22.45
CA ARG H 919 -28.37 6.04 21.97
C ARG H 919 -27.92 6.88 20.77
N PRO H 920 -26.60 7.06 20.58
CA PRO H 920 -26.13 7.90 19.48
C PRO H 920 -26.50 7.38 18.10
N LEU H 921 -26.77 6.07 17.96
CA LEU H 921 -27.07 5.49 16.66
C LEU H 921 -28.24 4.52 16.76
N GLU H 922 -29.30 4.92 17.47
CA GLU H 922 -30.47 4.08 17.61
C GLU H 922 -31.71 4.97 17.64
N PRO H 923 -32.75 4.65 16.87
CA PRO H 923 -33.97 5.44 16.92
C PRO H 923 -34.60 5.43 18.30
N GLN H 924 -35.12 6.58 18.70
CA GLN H 924 -35.71 6.73 20.03
C GLN H 924 -37.16 6.27 20.03
N PRO H 925 -37.68 5.85 21.18
CA PRO H 925 -39.11 5.52 21.28
C PRO H 925 -39.97 6.76 21.11
N ALA H 926 -41.21 6.53 20.66
CA ALA H 926 -42.12 7.61 20.33
C ALA H 926 -42.32 8.62 21.46
N PRO H 927 -42.52 8.24 22.72
CA PRO H 927 -42.66 9.26 23.77
C PRO H 927 -41.40 10.09 23.99
N HIS H 928 -40.23 9.59 23.59
CA HIS H 928 -38.97 10.27 23.85
C HIS H 928 -38.49 11.12 22.68
N LEU H 929 -39.25 11.17 21.58
CA LEU H 929 -38.80 11.90 20.40
C LEU H 929 -38.65 13.40 20.66
N ALA H 930 -39.62 13.98 21.38
CA ALA H 930 -39.65 15.44 21.53
C ALA H 930 -38.43 15.94 22.29
N ARG H 931 -38.10 15.29 23.42
CA ARG H 931 -36.99 15.76 24.24
C ARG H 931 -35.66 15.70 23.50
N GLU H 932 -35.43 14.59 22.79
CA GLU H 932 -34.14 14.45 22.10
C GLU H 932 -34.07 15.32 20.85
N PHE H 933 -35.20 15.49 20.15
CA PHE H 933 -35.26 16.51 19.10
C PHE H 933 -34.88 17.88 19.65
N MET H 934 -35.47 18.27 20.78
CA MET H 934 -35.21 19.60 21.33
C MET H 934 -33.74 19.74 21.72
N ILE H 935 -33.18 18.73 22.40
CA ILE H 935 -31.80 18.84 22.86
C ILE H 935 -30.84 18.88 21.67
N LYS H 936 -31.07 18.04 20.65
CA LYS H 936 -30.19 18.02 19.50
C LYS H 936 -30.28 19.33 18.71
N THR H 937 -31.50 19.86 18.54
CA THR H 937 -31.64 21.13 17.83
C THR H 937 -30.98 22.27 18.59
N ARG H 938 -31.16 22.32 19.91
CA ARG H 938 -30.53 23.37 20.70
C ARG H 938 -29.02 23.29 20.62
N ARG H 939 -28.46 22.08 20.72
CA ARG H 939 -27.01 21.95 20.67
C ARG H 939 -26.47 22.26 19.28
N ARG H 940 -27.15 21.81 18.23
CA ARG H 940 -26.70 22.07 16.87
C ARG H 940 -26.76 23.55 16.53
N LYS H 941 -27.80 24.24 16.99
CA LYS H 941 -27.92 25.67 16.74
C LYS H 941 -26.81 26.47 17.42
N GLY H 942 -26.17 25.90 18.44
CA GLY H 942 -25.11 26.57 19.16
C GLY H 942 -25.53 27.16 20.48
N LEU H 943 -26.82 27.23 20.76
CA LEU H 943 -27.30 27.74 22.05
C LEU H 943 -27.11 26.66 23.11
N SER H 944 -27.37 27.06 24.37
CA SER H 944 -27.26 26.12 25.48
C SER H 944 -28.23 24.96 25.29
N GLU H 945 -27.71 23.74 25.42
CA GLU H 945 -28.54 22.56 25.22
C GLU H 945 -29.61 22.44 26.30
N ASP H 946 -29.21 22.54 27.56
CA ASP H 946 -30.15 22.38 28.67
C ASP H 946 -31.17 23.52 28.67
N VAL H 947 -32.44 23.17 28.86
CA VAL H 947 -33.51 24.16 28.94
C VAL H 947 -33.70 24.54 30.40
N SER H 948 -33.56 25.84 30.69
CA SER H 948 -33.67 26.34 32.05
C SER H 948 -35.04 26.98 32.26
N ILE H 949 -35.74 26.53 33.29
CA ILE H 949 -37.04 27.11 33.61
C ILE H 949 -36.87 28.55 34.07
N SER H 950 -35.79 28.84 34.81
CA SER H 950 -35.54 30.20 35.25
C SER H 950 -35.31 31.13 34.05
N LYS H 951 -34.58 30.67 33.06
CA LYS H 951 -34.31 31.47 31.87
C LYS H 951 -35.58 31.63 31.02
N ASN K 130 34.93 -73.92 17.24
CA ASN K 130 34.44 -72.85 16.39
C ASN K 130 35.45 -72.49 15.30
N VAL K 131 35.04 -72.60 14.04
CA VAL K 131 35.89 -72.30 12.90
C VAL K 131 35.11 -71.41 11.93
N SER K 132 35.85 -70.70 11.10
CA SER K 132 35.24 -69.80 10.11
C SER K 132 36.22 -69.62 8.96
N GLN K 133 35.87 -70.16 7.80
CA GLN K 133 36.72 -70.03 6.62
C GLN K 133 36.69 -68.60 6.09
N LYS K 134 37.63 -68.30 5.21
CA LYS K 134 37.71 -66.98 4.61
C LYS K 134 36.50 -66.72 3.72
N ARG K 135 36.12 -65.44 3.63
CA ARG K 135 34.96 -65.03 2.85
C ARG K 135 35.43 -64.41 1.53
N LYS K 136 34.91 -64.94 0.42
CA LYS K 136 35.24 -64.43 -0.89
C LYS K 136 34.25 -63.34 -1.30
N TYR K 137 34.62 -62.59 -2.35
CA TYR K 137 33.79 -61.50 -2.82
C TYR K 137 33.94 -61.37 -4.33
N ARG K 138 33.00 -60.67 -4.95
CA ARG K 138 32.99 -60.50 -6.39
C ARG K 138 33.63 -59.17 -6.77
N GLN K 139 34.45 -59.20 -7.81
CA GLN K 139 35.13 -58.00 -8.31
C GLN K 139 34.35 -57.41 -9.48
N TYR K 140 33.27 -56.71 -9.14
CA TYR K 140 32.42 -56.12 -10.17
C TYR K 140 33.10 -54.95 -10.86
N MET K 141 33.91 -54.18 -10.12
CA MET K 141 34.53 -52.99 -10.67
C MET K 141 35.78 -53.35 -11.48
N ASN K 142 35.96 -52.66 -12.60
CA ASN K 142 37.12 -52.84 -13.47
C ASN K 142 37.26 -54.29 -13.94
N ARG K 143 36.14 -54.93 -14.21
CA ARG K 143 36.10 -56.31 -14.69
C ARG K 143 35.45 -56.33 -16.07
N LYS K 144 36.26 -56.54 -17.10
CA LYS K 144 35.78 -56.60 -18.47
C LYS K 144 35.49 -58.04 -18.92
N GLY K 145 35.64 -59.02 -18.04
CA GLY K 145 35.39 -60.40 -18.42
C GLY K 145 33.94 -60.66 -18.79
N GLY K 146 33.02 -60.13 -18.00
CA GLY K 146 31.60 -60.33 -18.26
C GLY K 146 30.79 -59.14 -17.76
N PHE K 147 29.67 -58.89 -18.45
CA PHE K 147 28.79 -57.80 -18.03
C PHE K 147 28.19 -58.07 -16.65
N ASN K 148 27.76 -59.30 -16.42
CA ASN K 148 27.23 -59.67 -15.11
C ASN K 148 28.35 -60.06 -14.16
N ARG K 149 28.12 -59.82 -12.88
CA ARG K 149 29.13 -60.12 -11.88
C ARG K 149 29.36 -61.64 -11.82
N PRO K 150 30.62 -62.08 -11.70
CA PRO K 150 30.89 -63.52 -11.63
C PRO K 150 30.37 -64.12 -10.34
N LEU K 151 30.01 -65.40 -10.41
CA LEU K 151 29.49 -66.12 -9.26
C LEU K 151 30.35 -67.35 -8.95
N PHE N 8 42.47 -12.06 -29.96
CA PHE N 8 43.43 -11.39 -30.82
C PHE N 8 42.75 -10.28 -31.62
N LEU N 9 42.42 -9.18 -30.94
CA LEU N 9 41.74 -8.07 -31.58
C LEU N 9 42.63 -7.41 -32.63
N GLY N 10 41.99 -6.94 -33.69
CA GLY N 10 42.71 -6.27 -34.77
C GLY N 10 43.26 -7.17 -35.84
N MET N 11 42.88 -8.46 -35.84
CA MET N 11 43.39 -9.38 -36.85
C MET N 11 42.29 -9.75 -37.84
N PRO N 12 42.62 -9.90 -39.12
CA PRO N 12 41.61 -10.30 -40.10
C PRO N 12 41.19 -11.75 -39.90
N ALA N 13 39.97 -12.05 -40.32
CA ALA N 13 39.44 -13.40 -40.20
C ALA N 13 39.70 -14.17 -41.49
N PRO N 14 40.51 -15.23 -41.46
CA PRO N 14 40.72 -16.03 -42.67
C PRO N 14 39.41 -16.68 -43.13
N LEU N 15 38.99 -16.31 -44.33
CA LEU N 15 37.75 -16.83 -44.88
C LEU N 15 37.91 -18.30 -45.27
N GLY N 16 36.81 -18.89 -45.73
CA GLY N 16 36.80 -20.28 -46.13
C GLY N 16 36.63 -21.27 -44.99
N TYR N 17 36.43 -20.80 -43.77
CA TYR N 17 36.25 -21.67 -42.62
C TYR N 17 35.05 -21.22 -41.82
N VAL N 18 34.22 -22.17 -41.41
CA VAL N 18 33.04 -21.88 -40.60
C VAL N 18 33.47 -21.71 -39.15
N PRO N 19 33.23 -20.54 -38.53
CA PRO N 19 33.64 -20.35 -37.14
C PRO N 19 32.98 -21.33 -36.17
N GLY N 20 31.73 -21.71 -36.41
CA GLY N 20 31.06 -22.65 -35.52
C GLY N 20 31.66 -24.04 -35.57
N LEU N 21 31.99 -24.52 -36.77
CA LEU N 21 32.48 -25.89 -36.92
C LEU N 21 33.97 -26.00 -36.63
N GLY N 22 34.75 -25.01 -37.07
CA GLY N 22 36.19 -25.08 -36.86
C GLY N 22 36.58 -25.07 -35.39
N ARG N 23 35.87 -24.30 -34.58
CA ARG N 23 36.16 -24.24 -33.15
C ARG N 23 35.87 -25.56 -32.46
N GLY N 24 34.92 -26.33 -32.99
CA GLY N 24 34.55 -27.60 -32.37
C GLY N 24 33.72 -27.42 -31.13
N ALA N 25 32.52 -26.88 -31.30
CA ALA N 25 31.60 -26.62 -30.19
C ALA N 25 30.41 -27.56 -30.27
N THR N 26 29.69 -27.65 -29.15
CA THR N 26 28.50 -28.48 -29.03
C THR N 26 27.26 -27.60 -28.91
N GLY N 27 26.22 -27.96 -29.64
CA GLY N 27 24.98 -27.20 -29.64
C GLY N 27 24.33 -27.10 -28.27
N PHE N 28 24.34 -25.90 -27.69
CA PHE N 28 23.74 -25.66 -26.37
C PHE N 28 22.23 -25.60 -26.53
N THR N 29 21.61 -26.77 -26.59
CA THR N 29 20.16 -26.88 -26.73
C THR N 29 19.53 -26.58 -25.37
N THR N 30 19.32 -25.29 -25.11
CA THR N 30 18.75 -24.89 -23.83
C THR N 30 17.30 -25.36 -23.69
N ARG N 31 16.49 -25.17 -24.74
CA ARG N 31 15.08 -25.53 -24.71
C ARG N 31 14.54 -25.46 -26.13
N SER N 32 13.66 -26.41 -26.46
CA SER N 32 13.01 -26.41 -27.76
C SER N 32 12.01 -25.26 -27.84
N ASP N 33 11.66 -24.90 -29.09
CA ASP N 33 10.75 -23.79 -29.37
C ASP N 33 11.24 -22.49 -28.74
N ILE N 34 12.56 -22.29 -28.75
CA ILE N 34 13.17 -21.07 -28.25
C ILE N 34 14.14 -20.55 -29.30
N GLY N 35 14.45 -21.39 -30.28
CA GLY N 35 15.34 -21.01 -31.37
C GLY N 35 14.81 -21.47 -32.71
N PRO N 36 15.24 -20.80 -33.77
CA PRO N 36 14.78 -21.20 -35.12
C PRO N 36 15.17 -22.62 -35.49
N ALA N 37 16.32 -23.09 -35.04
CA ALA N 37 16.80 -24.45 -35.32
C ALA N 37 16.82 -24.74 -36.82
N LYS N 96 13.94 -17.50 -55.89
CA LYS N 96 13.61 -18.73 -55.16
C LYS N 96 12.13 -18.75 -54.79
N ASP N 97 11.53 -19.94 -54.82
CA ASP N 97 10.13 -20.07 -54.45
C ASP N 97 9.91 -19.70 -52.98
N ASP N 98 10.79 -20.17 -52.10
CA ASP N 98 10.68 -19.82 -50.68
C ASP N 98 10.86 -18.31 -50.48
N GLU N 99 11.82 -17.71 -51.19
CA GLU N 99 12.02 -16.27 -51.08
C GLU N 99 10.81 -15.51 -51.58
N GLU N 100 10.23 -15.94 -52.70
CA GLU N 100 9.04 -15.28 -53.23
C GLU N 100 7.87 -15.41 -52.25
N ALA N 101 7.69 -16.58 -51.65
CA ALA N 101 6.62 -16.75 -50.67
C ALA N 101 6.85 -15.87 -49.46
N ASP N 102 8.10 -15.78 -48.98
CA ASP N 102 8.39 -14.91 -47.85
C ASP N 102 8.10 -13.47 -48.18
N ALA N 103 8.46 -13.03 -49.39
CA ALA N 103 8.16 -11.66 -49.81
C ALA N 103 6.66 -11.42 -49.87
N ILE N 104 5.90 -12.38 -50.40
CA ILE N 104 4.45 -12.23 -50.49
C ILE N 104 3.84 -12.14 -49.10
N TYR N 105 4.29 -12.98 -48.18
CA TYR N 105 3.74 -12.97 -46.83
C TYR N 105 4.12 -11.70 -46.09
N ALA N 106 5.34 -11.20 -46.30
CA ALA N 106 5.74 -9.92 -45.71
C ALA N 106 4.90 -8.78 -46.26
N ALA N 107 4.61 -8.82 -47.57
CA ALA N 107 3.75 -7.79 -48.17
C ALA N 107 2.35 -7.85 -47.57
N LEU N 108 1.82 -9.05 -47.38
CA LEU N 108 0.50 -9.19 -46.75
C LEU N 108 0.52 -8.66 -45.33
N ASP N 109 1.58 -8.95 -44.57
CA ASP N 109 1.68 -8.44 -43.21
C ASP N 109 1.76 -6.92 -43.18
N LYS N 110 2.52 -6.34 -44.11
CA LYS N 110 2.60 -4.88 -44.20
C LYS N 110 1.25 -4.28 -44.56
N ARG N 111 0.53 -4.91 -45.49
CA ARG N 111 -0.80 -4.43 -45.85
C ARG N 111 -1.75 -4.47 -44.65
N MET N 112 -1.68 -5.55 -43.86
CA MET N 112 -2.51 -5.64 -42.67
C MET N 112 -2.12 -4.57 -41.65
N ASP N 113 -0.82 -4.33 -41.48
CA ASP N 113 -0.36 -3.36 -40.49
C ASP N 113 -0.65 -1.92 -40.90
N GLU N 114 -0.77 -1.65 -42.20
CA GLU N 114 -0.99 -0.29 -42.68
C GLU N 114 -2.37 0.27 -42.33
N ARG N 115 -3.18 -0.46 -41.55
CA ARG N 115 -4.53 0.01 -41.25
C ARG N 115 -4.50 1.18 -40.27
N ARG N 116 -3.46 1.29 -39.44
CA ARG N 116 -3.41 2.29 -38.39
C ARG N 116 -2.04 2.98 -38.32
N LYS N 117 -1.16 2.71 -39.29
CA LYS N 117 0.22 3.18 -39.21
C LYS N 117 0.30 4.70 -39.16
N GLU N 118 -0.46 5.39 -40.00
CA GLU N 118 -0.28 6.83 -40.15
C GLU N 118 -0.66 7.58 -38.88
N ARG N 119 -1.84 7.30 -38.32
CA ARG N 119 -2.28 8.01 -37.12
C ARG N 119 -1.39 7.70 -35.93
N ARG N 120 -0.99 6.42 -35.77
CA ARG N 120 -0.11 6.05 -34.68
C ARG N 120 1.23 6.73 -34.80
N GLU N 121 1.79 6.78 -36.01
CA GLU N 121 3.07 7.45 -36.22
C GLU N 121 2.96 8.94 -35.92
N GLN N 122 1.88 9.59 -36.36
CA GLN N 122 1.71 11.02 -36.09
C GLN N 122 1.59 11.28 -34.60
N ARG N 123 0.81 10.47 -33.88
CA ARG N 123 0.67 10.66 -32.45
C ARG N 123 1.99 10.42 -31.73
N GLU N 124 2.74 9.39 -32.14
CA GLU N 124 4.03 9.14 -31.52
C GLU N 124 5.00 10.29 -31.77
N LYS N 125 5.00 10.83 -32.98
CA LYS N 125 5.87 11.97 -33.28
C LYS N 125 5.49 13.18 -32.44
N GLU N 126 4.20 13.45 -32.29
CA GLU N 126 3.76 14.57 -31.46
C GLU N 126 4.17 14.36 -30.00
N GLU N 127 4.00 13.15 -29.49
CA GLU N 127 4.38 12.87 -28.11
C GLU N 127 5.89 13.01 -27.92
N ILE N 128 6.68 12.54 -28.87
CA ILE N 128 8.14 12.67 -28.77
C ILE N 128 8.54 14.14 -28.81
N GLU N 129 7.91 14.93 -29.68
CA GLU N 129 8.21 16.35 -29.75
C GLU N 129 7.86 17.05 -28.43
N LYS N 130 6.72 16.68 -27.84
CA LYS N 130 6.35 17.25 -26.54
C LYS N 130 7.36 16.85 -25.47
N TYR N 131 7.83 15.60 -25.50
CA TYR N 131 8.80 15.14 -24.51
C TYR N 131 10.14 15.83 -24.66
N ARG N 132 10.54 16.15 -25.89
CA ARG N 132 11.84 16.79 -26.10
C ARG N 132 11.90 18.16 -25.44
N MET N 133 10.80 18.91 -25.47
CA MET N 133 10.78 20.23 -24.87
C MET N 133 11.00 20.16 -23.37
N GLU N 134 10.39 19.19 -22.70
CA GLU N 134 10.57 19.04 -21.26
C GLU N 134 12.01 18.66 -20.93
N ARG N 135 12.58 17.71 -21.68
CA ARG N 135 13.94 17.27 -21.46
C ARG N 135 14.56 16.79 -22.77
N PRO N 136 15.56 17.50 -23.30
CA PRO N 136 16.17 17.08 -24.56
C PRO N 136 17.18 15.96 -24.39
N LYS N 137 17.87 15.60 -25.48
CA LYS N 137 18.87 14.55 -25.44
C LYS N 137 20.06 14.98 -24.57
N ILE N 138 20.90 13.99 -24.24
CA ILE N 138 22.02 14.25 -23.33
C ILE N 138 23.00 15.23 -23.94
N GLN N 139 23.31 15.06 -25.24
CA GLN N 139 24.27 15.95 -25.89
C GLN N 139 23.70 17.34 -26.11
N GLN N 140 22.39 17.52 -25.96
CA GLN N 140 21.80 18.84 -26.15
C GLN N 140 22.16 19.80 -25.02
N GLN N 141 22.33 19.29 -23.80
CA GLN N 141 22.64 20.17 -22.68
C GLN N 141 24.03 20.79 -22.78
N PHE N 142 24.90 20.27 -23.64
CA PHE N 142 26.22 20.84 -23.84
C PHE N 142 26.56 20.98 -25.32
N SER N 143 25.53 21.25 -26.15
CA SER N 143 25.79 21.53 -27.56
C SER N 143 26.63 22.79 -27.73
N ASP N 144 26.35 23.82 -26.92
CA ASP N 144 27.17 25.03 -26.96
C ASP N 144 28.60 24.73 -26.54
N LEU N 145 28.77 23.87 -25.52
CA LEU N 145 30.12 23.55 -25.04
C LEU N 145 30.93 22.83 -26.12
N LYS N 146 30.32 21.84 -26.78
CA LYS N 146 31.04 21.15 -27.86
C LYS N 146 31.25 22.06 -29.06
N ARG N 147 30.36 23.05 -29.25
CA ARG N 147 30.60 24.06 -30.27
C ARG N 147 31.84 24.88 -29.95
N LYS N 148 32.01 25.23 -28.67
CA LYS N 148 33.19 25.97 -28.22
C LYS N 148 34.34 25.07 -27.81
N LEU N 149 34.15 23.74 -27.89
CA LEU N 149 35.23 22.83 -27.51
C LEU N 149 36.39 22.89 -28.48
N ALA N 150 36.11 23.05 -29.78
CA ALA N 150 37.16 23.10 -30.78
C ALA N 150 38.04 24.33 -30.67
N GLU N 151 37.64 25.34 -29.89
CA GLU N 151 38.44 26.55 -29.72
C GLU N 151 39.72 26.30 -28.93
N VAL N 152 39.85 25.16 -28.26
CA VAL N 152 41.08 24.85 -27.53
C VAL N 152 42.21 24.61 -28.53
N THR N 153 43.40 25.08 -28.18
CA THR N 153 44.55 24.96 -29.08
C THR N 153 45.01 23.49 -29.17
N GLU N 154 45.74 23.19 -30.24
CA GLU N 154 46.26 21.85 -30.42
C GLU N 154 47.24 21.48 -29.31
N GLU N 155 48.09 22.42 -28.91
CA GLU N 155 49.06 22.18 -27.84
C GLU N 155 48.42 22.09 -26.47
N GLU N 156 47.14 22.43 -26.35
CA GLU N 156 46.48 22.39 -25.04
C GLU N 156 46.21 20.96 -24.60
N TRP N 157 45.43 20.22 -25.39
CA TRP N 157 45.14 18.83 -25.06
C TRP N 157 46.35 17.93 -25.27
N LEU N 158 47.34 18.37 -26.05
CA LEU N 158 48.54 17.58 -26.25
C LEU N 158 49.29 17.39 -24.94
N SER N 159 49.35 18.45 -24.11
CA SER N 159 50.02 18.40 -22.82
C SER N 159 49.07 18.08 -21.68
N ILE N 160 48.01 17.32 -21.93
CA ILE N 160 47.08 16.95 -20.87
C ILE N 160 47.77 16.03 -19.88
N PRO N 161 47.74 16.32 -18.57
CA PRO N 161 48.43 15.47 -17.60
C PRO N 161 47.80 14.09 -17.54
N GLU N 162 48.59 13.08 -17.92
CA GLU N 162 48.09 11.70 -17.88
C GLU N 162 47.86 11.22 -16.46
N VAL N 163 48.58 11.78 -15.49
CA VAL N 163 48.40 11.37 -14.10
C VAL N 163 47.05 11.85 -13.59
N GLY N 164 46.54 11.18 -12.56
CA GLY N 164 45.27 11.55 -11.97
C GLY N 164 45.40 12.20 -10.61
N GLY N 236 36.81 42.66 -2.29
CA GLY N 236 35.94 41.53 -2.57
C GLY N 236 35.25 40.98 -1.35
N GLU N 237 34.95 39.68 -1.37
CA GLU N 237 34.30 39.03 -0.24
C GLU N 237 35.25 39.00 0.94
N LEU N 238 34.94 39.76 1.99
CA LEU N 238 35.78 39.81 3.17
C LEU N 238 35.66 38.52 3.96
N ASP N 239 36.39 38.45 5.08
CA ASP N 239 36.36 37.28 5.95
C ASP N 239 35.02 37.24 6.68
N MET N 240 34.09 36.44 6.17
CA MET N 240 32.78 36.34 6.79
C MET N 240 32.86 35.79 8.21
N ARG N 241 33.92 35.06 8.55
CA ARG N 241 34.11 34.56 9.91
C ARG N 241 34.35 35.68 10.91
N LYS N 242 34.65 36.91 10.45
CA LYS N 242 34.86 38.02 11.36
C LYS N 242 33.60 38.34 12.13
N ILE N 243 32.44 38.31 11.46
CA ILE N 243 31.18 38.58 12.14
C ILE N 243 30.91 37.53 13.21
N GLY N 244 31.16 36.26 12.87
CA GLY N 244 30.98 35.20 13.86
C GLY N 244 31.91 35.34 15.03
N GLN N 245 33.17 35.70 14.77
CA GLN N 245 34.13 35.90 15.86
C GLN N 245 33.70 37.07 16.76
N ALA N 246 33.21 38.15 16.15
CA ALA N 246 32.74 39.28 16.94
C ALA N 246 31.53 38.90 17.78
N ARG N 247 30.59 38.15 17.22
CA ARG N 247 29.43 37.71 17.98
C ARG N 247 29.84 36.80 19.13
N ASN N 248 30.76 35.87 18.89
CA ASN N 248 31.23 34.98 19.95
C ASN N 248 31.93 35.77 21.04
N THR N 249 32.76 36.76 20.66
CA THR N 249 33.42 37.58 21.65
C THR N 249 32.43 38.37 22.49
N LEU N 250 31.40 38.93 21.84
CA LEU N 250 30.38 39.68 22.58
C LEU N 250 29.63 38.76 23.54
N MET N 251 29.28 37.56 23.10
CA MET N 251 28.59 36.62 23.97
C MET N 251 29.46 36.22 25.15
N ASP N 252 30.75 35.97 24.91
CA ASP N 252 31.66 35.61 25.99
C ASP N 252 31.82 36.75 26.98
N MET N 253 31.93 37.98 26.48
CA MET N 253 32.04 39.13 27.37
C MET N 253 30.78 39.30 28.22
N ARG N 254 29.61 39.14 27.59
CA ARG N 254 28.36 39.26 28.34
C ARG N 254 28.26 38.17 29.40
N LEU N 255 28.66 36.94 29.06
CA LEU N 255 28.62 35.85 30.04
C LEU N 255 29.60 36.11 31.18
N SER N 256 30.80 36.60 30.87
CA SER N 256 31.75 36.92 31.92
C SER N 256 31.24 38.02 32.84
N GLN N 257 30.59 39.04 32.26
CA GLN N 257 30.00 40.09 33.08
C GLN N 257 28.88 39.55 33.96
N VAL N 258 28.05 38.66 33.41
CA VAL N 258 26.97 38.06 34.20
C VAL N 258 27.51 37.16 35.29
N SER N 259 28.72 36.62 35.09
CA SER N 259 29.32 35.74 36.09
C SER N 259 29.55 36.44 37.42
N ASP N 260 29.59 37.78 37.42
CA ASP N 260 29.77 38.52 38.67
C ASP N 260 28.62 38.26 39.64
N SER N 261 27.39 38.21 39.13
CA SER N 261 26.23 37.94 39.97
C SER N 261 26.21 36.53 40.52
N VAL N 262 27.03 35.63 40.00
CA VAL N 262 27.08 34.25 40.48
C VAL N 262 27.92 34.25 41.75
N SER N 263 27.25 34.28 42.90
CA SER N 263 27.96 34.27 44.18
C SER N 263 28.71 32.95 44.39
N GLY N 264 28.10 31.84 43.98
CA GLY N 264 28.71 30.54 44.17
C GLY N 264 29.56 30.07 43.01
N GLN N 265 29.96 31.01 42.15
CA GLN N 265 30.81 30.67 41.01
C GLN N 265 32.12 30.08 41.49
N THR N 266 32.53 28.97 40.86
CA THR N 266 33.71 28.23 41.28
C THR N 266 34.62 27.98 40.07
N VAL N 267 35.90 27.79 40.37
CA VAL N 267 36.92 27.50 39.36
C VAL N 267 37.78 26.36 39.85
N VAL N 268 38.81 26.02 39.08
CA VAL N 268 39.72 24.92 39.40
C VAL N 268 41.15 25.42 39.28
N ASP N 269 42.05 24.69 39.93
CA ASP N 269 43.47 25.04 39.91
C ASP N 269 44.34 23.81 40.10
N PRO O 36 -2.34 -27.32 7.50
CA PRO O 36 -2.00 -26.55 8.70
C PRO O 36 -0.53 -26.19 8.77
N THR O 37 0.33 -27.10 8.31
CA THR O 37 1.77 -26.88 8.33
C THR O 37 2.23 -25.90 7.26
N GLY O 38 1.36 -25.53 6.31
CA GLY O 38 1.79 -24.67 5.22
C GLY O 38 2.28 -23.32 5.70
N GLU O 39 1.58 -22.71 6.65
CA GLU O 39 1.98 -21.41 7.17
C GLU O 39 1.46 -21.28 8.60
N VAL O 40 2.07 -20.34 9.33
CA VAL O 40 1.65 -20.06 10.70
C VAL O 40 0.38 -19.21 10.67
N LEU O 41 -0.66 -19.69 11.34
CA LEU O 41 -1.93 -18.98 11.35
C LEU O 41 -1.84 -17.70 12.17
N SER O 42 -2.63 -16.70 11.79
CA SER O 42 -2.66 -15.45 12.51
C SER O 42 -3.23 -15.64 13.91
N LEU O 43 -2.75 -14.83 14.85
CA LEU O 43 -3.18 -14.96 16.24
C LEU O 43 -4.59 -14.41 16.45
N VAL O 44 -5.08 -13.57 15.54
CA VAL O 44 -6.38 -12.93 15.73
C VAL O 44 -7.49 -13.98 15.83
N GLY O 45 -7.38 -15.05 15.06
CA GLY O 45 -8.41 -16.09 15.10
C GLY O 45 -8.51 -16.77 16.46
N LYS O 46 -7.37 -17.06 17.07
CA LYS O 46 -7.32 -17.72 18.37
C LYS O 46 -6.95 -16.76 19.50
N LEU O 47 -7.24 -15.47 19.34
CA LEU O 47 -6.86 -14.49 20.36
C LEU O 47 -7.59 -14.75 21.66
N GLU O 48 -8.88 -15.07 21.59
CA GLU O 48 -9.68 -15.29 22.79
C GLU O 48 -9.46 -16.66 23.42
N GLY O 49 -8.48 -17.43 22.94
CA GLY O 49 -8.24 -18.75 23.50
C GLY O 49 -7.79 -18.70 24.95
N THR O 50 -6.85 -17.81 25.26
CA THR O 50 -6.30 -17.71 26.61
C THR O 50 -5.76 -16.30 26.81
N ARG O 51 -5.03 -16.11 27.89
CA ARG O 51 -4.46 -14.82 28.26
C ARG O 51 -2.94 -14.86 28.11
N MET O 52 -2.34 -13.67 28.11
CA MET O 52 -0.89 -13.57 28.06
C MET O 52 -0.28 -14.07 29.37
N GLY O 53 0.80 -14.83 29.25
CA GLY O 53 1.43 -15.41 30.43
C GLY O 53 0.53 -16.37 31.18
N ASP O 54 -0.26 -17.16 30.46
CA ASP O 54 -1.15 -18.11 31.11
C ASP O 54 -0.37 -19.17 31.87
N LYS O 55 0.69 -19.70 31.27
CA LYS O 55 1.52 -20.73 31.88
C LYS O 55 2.92 -20.19 32.19
N ALA O 56 3.01 -18.94 32.61
CA ALA O 56 4.29 -18.32 32.94
C ALA O 56 4.59 -18.57 34.41
N GLN O 57 5.64 -19.35 34.67
CA GLN O 57 6.05 -19.68 36.03
C GLN O 57 7.41 -19.06 36.34
N ARG O 58 7.57 -18.65 37.59
CA ARG O 58 8.82 -18.04 38.02
C ARG O 58 9.93 -19.09 38.11
N THR O 59 11.16 -18.61 38.15
CA THR O 59 12.33 -19.48 38.18
C THR O 59 12.74 -19.78 39.62
N LYS O 60 13.60 -20.79 39.76
CA LYS O 60 14.10 -21.22 41.06
C LYS O 60 15.61 -20.99 41.15
N PRO O 61 16.13 -20.68 42.33
CA PRO O 61 17.57 -20.48 42.48
C PRO O 61 18.35 -21.75 42.23
N GLN O 62 19.58 -21.58 41.76
CA GLN O 62 20.47 -22.69 41.46
C GLN O 62 21.46 -22.90 42.61
N MET O 63 21.77 -24.17 42.89
CA MET O 63 22.72 -24.53 43.94
C MET O 63 22.29 -23.97 45.29
N GLN O 64 20.99 -24.00 45.57
CA GLN O 64 20.49 -23.51 46.85
C GLN O 64 21.01 -24.37 47.99
N GLU O 65 21.00 -25.69 47.83
CA GLU O 65 21.49 -26.57 48.88
C GLU O 65 22.99 -26.37 49.12
N GLU O 66 23.77 -26.24 48.05
CA GLU O 66 25.20 -26.02 48.20
C GLU O 66 25.47 -24.68 48.90
N ARG O 67 24.75 -23.64 48.51
CA ARG O 67 24.93 -22.34 49.16
C ARG O 67 24.54 -22.40 50.63
N ARG O 68 23.47 -23.12 50.94
CA ARG O 68 23.07 -23.27 52.34
C ARG O 68 24.14 -24.02 53.13
N ALA O 69 24.74 -25.05 52.53
CA ALA O 69 25.80 -25.78 53.20
C ALA O 69 27.02 -24.90 53.46
N LYS O 70 27.42 -24.10 52.45
CA LYS O 70 28.53 -23.18 52.65
C LYS O 70 28.22 -22.16 53.74
N ARG O 71 26.99 -21.63 53.75
CA ARG O 71 26.60 -20.67 54.78
C ARG O 71 26.63 -21.31 56.17
N ARG O 72 26.15 -22.55 56.28
CA ARG O 72 26.17 -23.23 57.57
C ARG O 72 27.59 -23.47 58.04
N LYS O 73 28.48 -23.91 57.15
CA LYS O 73 29.87 -24.11 57.53
C LYS O 73 30.53 -22.81 57.95
N ARG O 74 30.27 -21.73 57.21
CA ARG O 74 30.85 -20.44 57.55
C ARG O 74 30.34 -19.93 58.89
N ASP O 75 29.05 -20.11 59.17
CA ASP O 75 28.49 -19.70 60.45
C ASP O 75 29.05 -20.53 61.59
N GLU O 76 29.25 -21.84 61.35
CA GLU O 76 29.85 -22.69 62.36
C GLU O 76 31.26 -22.22 62.70
N ASP O 77 32.07 -21.96 61.67
CA ASP O 77 33.42 -21.46 61.89
C ASP O 77 33.39 -20.11 62.60
N ARG O 78 32.45 -19.24 62.22
CA ARG O 78 32.38 -17.90 62.81
C ARG O 78 32.06 -17.97 64.30
N HIS O 79 31.06 -18.78 64.68
CA HIS O 79 30.71 -18.84 66.09
C HIS O 79 31.70 -19.65 66.89
N ASP O 80 32.48 -20.53 66.24
CA ASP O 80 33.58 -21.18 66.94
C ASP O 80 34.72 -20.22 67.20
N ILE O 81 35.01 -19.34 66.24
CA ILE O 81 36.09 -18.37 66.42
C ILE O 81 35.69 -17.31 67.45
N ASN O 82 34.45 -16.82 67.38
CA ASN O 82 34.02 -15.78 68.30
C ASN O 82 33.98 -16.28 69.74
N LYS O 83 33.51 -17.50 69.95
CA LYS O 83 33.44 -18.07 71.29
C LYS O 83 34.82 -18.50 71.77
N ILE O 195 57.13 -21.13 55.26
CA ILE O 195 58.10 -20.97 54.18
C ILE O 195 59.36 -21.77 54.48
N ASP O 196 59.18 -23.07 54.71
CA ASP O 196 60.30 -23.94 55.01
C ASP O 196 61.15 -24.18 53.77
N GLU O 197 62.35 -24.71 53.99
CA GLU O 197 63.31 -24.94 52.90
C GLU O 197 62.87 -26.05 51.96
N THR O 198 61.84 -26.80 52.30
CA THR O 198 61.36 -27.87 51.41
C THR O 198 60.83 -27.28 50.11
N TYR O 199 61.14 -27.96 49.00
CA TYR O 199 60.70 -27.47 47.69
C TYR O 199 59.19 -27.50 47.56
N GLY O 200 58.56 -28.58 48.03
CA GLY O 200 57.12 -28.75 47.95
C GLY O 200 56.33 -28.17 49.10
N VAL O 201 56.97 -27.43 50.00
CA VAL O 201 56.27 -26.85 51.14
C VAL O 201 55.23 -25.83 50.68
N ASN O 202 55.52 -25.10 49.61
CA ASN O 202 54.59 -24.10 49.11
C ASN O 202 53.32 -24.75 48.58
N VAL O 203 52.19 -24.08 48.78
CA VAL O 203 50.91 -24.61 48.33
C VAL O 203 50.81 -24.50 46.81
N GLN O 204 49.95 -25.34 46.24
CA GLN O 204 49.72 -25.37 44.79
C GLN O 204 48.66 -24.33 44.44
N PHE O 205 49.10 -23.23 43.85
CA PHE O 205 48.20 -22.15 43.46
C PHE O 205 47.68 -22.44 42.06
N GLU O 206 46.59 -23.19 41.99
CA GLU O 206 45.99 -23.57 40.70
C GLU O 206 45.15 -22.42 40.14
N GLY O 212 28.61 -16.13 36.66
CA GLY O 212 29.29 -15.26 37.60
C GLY O 212 28.34 -14.45 38.47
N ASP O 213 28.90 -13.57 39.29
CA ASP O 213 28.13 -12.71 40.19
C ASP O 213 27.21 -13.55 41.08
N GLU O 214 27.73 -14.65 41.60
CA GLU O 214 26.99 -15.56 42.47
C GLU O 214 27.62 -15.55 43.85
N ASP O 215 26.79 -15.37 44.87
CA ASP O 215 27.26 -15.35 46.26
C ASP O 215 27.37 -16.79 46.75
N VAL O 216 28.60 -17.30 46.80
CA VAL O 216 28.83 -18.66 47.27
C VAL O 216 28.42 -18.80 48.73
N TYR O 217 28.75 -17.79 49.55
CA TYR O 217 28.37 -17.82 50.96
C TYR O 217 26.86 -17.79 51.15
N GLY O 218 26.11 -17.36 50.14
CA GLY O 218 24.66 -17.33 50.22
C GLY O 218 24.11 -16.34 51.22
N GLU O 219 24.74 -15.17 51.35
CA GLU O 219 24.28 -14.12 52.24
C GLU O 219 24.16 -12.83 51.46
N VAL O 220 23.01 -12.15 51.59
CA VAL O 220 22.80 -10.89 50.89
C VAL O 220 23.67 -9.83 51.55
N ARG O 221 24.72 -9.41 50.85
CA ARG O 221 25.65 -8.42 51.39
C ARG O 221 24.96 -7.06 51.52
N GLU O 222 25.23 -6.37 52.64
CA GLU O 222 24.69 -5.05 52.90
C GLU O 222 25.78 -4.22 53.57
N GLU O 223 26.54 -3.48 52.77
CA GLU O 223 27.62 -2.66 53.29
C GLU O 223 27.20 -1.21 53.42
N GLU P 454 47.93 -3.38 -22.57
CA GLU P 454 46.90 -3.20 -21.56
C GLU P 454 45.65 -4.02 -21.88
N VAL P 455 44.78 -4.18 -20.89
CA VAL P 455 43.55 -4.95 -21.10
C VAL P 455 42.60 -4.19 -22.02
N TYR P 456 42.48 -2.88 -21.82
CA TYR P 456 41.54 -2.09 -22.62
C TYR P 456 42.04 -1.94 -24.05
N ALA P 457 41.09 -1.72 -24.95
CA ALA P 457 41.40 -1.57 -26.36
C ALA P 457 42.10 -0.24 -26.62
N PRO P 458 42.85 -0.14 -27.72
CA PRO P 458 43.52 1.12 -28.05
C PRO P 458 42.52 2.23 -28.34
N GLY P 459 43.07 3.43 -28.52
CA GLY P 459 42.23 4.60 -28.72
C GLY P 459 41.39 4.53 -29.97
N LEU P 460 41.95 4.00 -31.06
CA LEU P 460 41.19 3.89 -32.31
C LEU P 460 40.00 2.95 -32.14
N ASP P 461 40.20 1.82 -31.45
CA ASP P 461 39.10 0.90 -31.23
C ASP P 461 38.02 1.51 -30.35
N ILE P 462 38.43 2.27 -29.32
CA ILE P 462 37.46 2.95 -28.47
C ILE P 462 36.66 3.96 -29.26
N GLU P 463 37.34 4.74 -30.12
CA GLU P 463 36.65 5.71 -30.96
C GLU P 463 35.67 5.04 -31.90
N SER P 464 36.08 3.92 -32.52
CA SER P 464 35.17 3.21 -33.40
C SER P 464 33.96 2.67 -32.66
N SER P 465 34.18 2.11 -31.46
CA SER P 465 33.06 1.61 -30.67
C SER P 465 32.10 2.72 -30.28
N LEU P 466 32.64 3.88 -29.87
CA LEU P 466 31.79 5.00 -29.51
C LEU P 466 31.01 5.52 -30.72
N LYS P 467 31.66 5.56 -31.88
CA LYS P 467 30.96 5.98 -33.09
C LYS P 467 29.83 5.01 -33.45
N GLN P 468 30.09 3.71 -33.32
CA GLN P 468 29.05 2.73 -33.60
C GLN P 468 27.89 2.86 -32.62
N LEU P 469 28.20 3.06 -31.34
CA LEU P 469 27.15 3.24 -30.33
C LEU P 469 26.32 4.48 -30.63
N ALA P 470 26.97 5.58 -31.00
CA ALA P 470 26.24 6.80 -31.32
C ALA P 470 25.38 6.61 -32.56
N GLU P 471 25.89 5.90 -33.57
CA GLU P 471 25.12 5.69 -34.79
C GLU P 471 23.91 4.80 -34.55
N ARG P 472 24.06 3.78 -33.70
CA ARG P 472 22.95 2.87 -33.44
C ARG P 472 21.94 3.48 -32.48
N ARG P 473 22.39 3.83 -31.27
CA ARG P 473 21.51 4.43 -30.28
C ARG P 473 21.34 5.91 -30.61
N THR P 474 20.17 6.27 -31.15
CA THR P 474 19.90 7.63 -31.58
C THR P 474 19.18 8.46 -30.53
N ASP P 475 18.98 7.91 -29.32
CA ASP P 475 18.30 8.67 -28.27
C ASP P 475 19.11 9.89 -27.87
N ILE P 476 20.42 9.75 -27.74
CA ILE P 476 21.30 10.83 -27.32
C ILE P 476 22.34 11.17 -28.38
N PHE P 477 22.15 10.70 -29.61
CA PHE P 477 23.08 10.96 -30.69
C PHE P 477 22.31 11.07 -32.00
N GLY P 478 22.94 11.72 -32.98
CA GLY P 478 22.32 11.92 -34.27
C GLY P 478 21.46 13.16 -34.32
N VAL P 479 20.91 13.40 -35.52
CA VAL P 479 20.10 14.59 -35.73
C VAL P 479 18.78 14.49 -34.98
N GLU P 480 18.12 13.33 -35.05
CA GLU P 480 16.83 13.13 -34.41
C GLU P 480 16.81 11.79 -33.69
N GLU P 481 15.96 11.69 -32.67
CA GLU P 481 15.81 10.47 -31.88
C GLU P 481 14.70 9.64 -32.50
N THR P 482 15.09 8.70 -33.37
CA THR P 482 14.10 7.83 -34.02
C THR P 482 13.69 6.68 -33.13
N ALA P 483 14.65 5.83 -32.76
CA ALA P 483 14.38 4.68 -31.89
C ALA P 483 15.68 4.25 -31.25
N ILE P 484 15.57 3.38 -30.25
CA ILE P 484 16.75 2.87 -29.55
C ILE P 484 17.63 2.08 -30.51
N GLY P 485 17.02 1.19 -31.29
CA GLY P 485 17.76 0.37 -32.23
C GLY P 485 17.67 0.85 -33.66
N LYS P 486 17.26 2.10 -33.85
CA LYS P 486 17.10 2.64 -35.19
C LYS P 486 18.44 2.76 -35.90
N LYS P 487 18.52 2.27 -37.13
CA LYS P 487 19.73 2.40 -37.91
C LYS P 487 20.00 3.87 -38.26
N ILE P 488 18.95 4.60 -38.63
CA ILE P 488 19.06 6.02 -38.97
C ILE P 488 18.21 6.80 -37.99
N GLY P 489 18.82 7.79 -37.33
CA GLY P 489 18.11 8.59 -36.34
C GLY P 489 17.11 9.54 -36.96
C1 IHP Q . -24.84 -29.35 -7.90
C2 IHP Q . -25.18 -29.86 -9.32
C3 IHP Q . -24.23 -29.59 -10.51
C4 IHP Q . -22.75 -29.18 -10.19
C5 IHP Q . -22.39 -28.60 -8.78
C6 IHP Q . -23.34 -29.07 -7.64
O11 IHP Q . -25.69 -28.21 -7.55
P1 IHP Q . -26.90 -28.39 -6.47
O21 IHP Q . -28.16 -28.24 -7.31
O31 IHP Q . -26.67 -27.26 -5.49
O41 IHP Q . -26.68 -29.77 -5.91
O12 IHP Q . -26.48 -29.34 -9.67
P2 IHP Q . -27.76 -30.30 -9.69
O22 IHP Q . -27.78 -30.91 -8.31
O32 IHP Q . -28.91 -29.36 -9.97
O42 IHP Q . -27.48 -31.28 -10.79
O13 IHP Q . -24.86 -28.66 -11.43
P3 IHP Q . -25.70 -29.26 -12.68
O23 IHP Q . -27.13 -28.87 -12.39
O33 IHP Q . -25.11 -28.56 -13.88
O43 IHP Q . -25.43 -30.74 -12.63
O14 IHP Q . -22.30 -28.26 -11.21
P4 IHP Q . -21.36 -28.78 -12.42
O24 IHP Q . -22.28 -29.63 -13.25
O34 IHP Q . -20.93 -27.49 -13.09
O44 IHP Q . -20.25 -29.53 -11.73
O15 IHP Q . -22.17 -27.16 -8.75
P5 IHP Q . -20.83 -26.52 -8.09
O25 IHP Q . -19.85 -27.67 -8.10
O35 IHP Q . -20.47 -25.39 -9.02
O45 IHP Q . -21.27 -26.08 -6.71
O16 IHP Q . -23.27 -28.10 -6.59
P6 IHP Q . -22.65 -28.55 -5.19
O26 IHP Q . -21.26 -29.01 -5.54
O36 IHP Q . -22.70 -27.30 -4.35
O46 IHP Q . -23.58 -29.65 -4.73
#